data_5JJL
#
_entry.id   5JJL
#
_cell.length_a   69.091
_cell.length_b   199.071
_cell.length_c   111.666
_cell.angle_alpha   90.000
_cell.angle_beta   105.022
_cell.angle_gamma   90.000
#
_symmetry.space_group_name_H-M   'P 1 21 1'
#
loop_
_entity.id
_entity.type
_entity.pdbx_description
1 polymer 'Transcription termination factor Rho'
2 polymer "rU12: RNA (5'-R(P*UP*UP*UP*UP*UP*UP*U)-3')"
3 non-polymer "ADENOSINE-5'-DIPHOSPHATE"
4 non-polymer 'MAGNESIUM ION'
5 non-polymer 'BERYLLIUM TRIFLUORIDE ION'
6 water water
#
loop_
_entity_poly.entity_id
_entity_poly.type
_entity_poly.pdbx_seq_one_letter_code
_entity_poly.pdbx_strand_id
1 'polypeptide(L)'
;(MSE)GH(MSE)NLTELKNTPVSELITLGEN(MSE)GLENLAR(MSE)RKQDIIFAILKQHAKSGEDIFGDGVLEILQDG
FGFLRSADSSYLAGPDDIYVSPSQIRRFNLRTGDTISGKIRPPKEGERYFALLKVNEVNFDKPENARNKILFENLTPLHA
NSRLR(MSE)ERGNGSTEDLTARVLDLASPIGRGQRGLIVAPPKAGKT(MSE)LLQNIAQSIAYNHPDCVL(MSE)VLLI
DERPEEVTE(MSE)QRLVKGEVVASTFDEPASRHVQVAE(MSE)VIEKAKRLVEHKKDVIILLDSITRLARAYNTVVPAS
GKVLTGGVDANALHRPKRFFGAARNVEEGGSLTIIATALIDTGSK(MSE)DEVIYEEFKGTGN(MSE)ELHLSRKIAEKR
VFPAIDYNRSGTRKEELLTTQEELQK(MSE)WILRKIIHP(MSE)GEIDA(MSE)EFLINKLA(MSE)TKTNDDFFE
(MSE)(MSE)K
;
A,B,C,D,E,F
2 'polyribonucleotide' UUUUUUUUUUUU G
#
loop_
_chem_comp.id
_chem_comp.type
_chem_comp.name
_chem_comp.formula
ADP non-polymer ADENOSINE-5'-DIPHOSPHATE 'C10 H15 N5 O10 P2'
BEF non-polymer 'BERYLLIUM TRIFLUORIDE ION' 'Be F3 -1'
MG non-polymer 'MAGNESIUM ION' 'Mg 2'
U RNA linking URIDINE-5'-MONOPHOSPHATE 'C9 H13 N2 O9 P'
#
# COMPACT_ATOMS: atom_id res chain seq x y z
N MSE A 4 -7.78 63.87 -4.86
CA MSE A 4 -8.90 63.41 -4.04
C MSE A 4 -9.26 61.97 -4.40
O MSE A 4 -10.19 61.72 -5.16
CB MSE A 4 -10.11 64.32 -4.23
CG MSE A 4 -11.19 64.12 -3.19
SE MSE A 4 -10.58 64.63 -1.42
CE MSE A 4 -12.24 64.36 -0.47
N ASN A 5 -8.52 61.01 -3.83
CA ASN A 5 -8.68 59.60 -4.18
C ASN A 5 -9.10 58.81 -2.94
N LEU A 6 -10.03 57.87 -3.17
CA LEU A 6 -10.48 56.98 -2.11
C LEU A 6 -9.31 56.17 -1.53
N THR A 7 -8.51 55.58 -2.41
CA THR A 7 -7.37 54.79 -1.94
C THR A 7 -6.32 55.66 -1.27
N GLU A 8 -6.02 56.82 -1.87
CA GLU A 8 -5.01 57.72 -1.31
C GLU A 8 -5.35 58.12 0.11
N LEU A 9 -6.60 58.55 0.33
CA LEU A 9 -7.01 58.95 1.67
C LEU A 9 -6.95 57.79 2.65
N LYS A 10 -7.21 56.56 2.18
CA LYS A 10 -7.09 55.39 3.05
C LYS A 10 -5.65 55.09 3.41
N ASN A 11 -4.70 55.51 2.57
CA ASN A 11 -3.29 55.34 2.88
C ASN A 11 -2.73 56.53 3.65
N THR A 12 -3.35 57.69 3.53
CA THR A 12 -2.89 58.88 4.23
C THR A 12 -3.12 58.73 5.73
N PRO A 13 -2.14 59.08 6.57
CA PRO A 13 -2.32 58.90 8.02
C PRO A 13 -3.54 59.61 8.57
N VAL A 14 -4.15 59.00 9.60
CA VAL A 14 -5.38 59.53 10.19
C VAL A 14 -5.18 60.97 10.66
N SER A 15 -4.03 61.25 11.28
CA SER A 15 -3.76 62.60 11.78
C SER A 15 -3.84 63.63 10.67
N GLU A 16 -3.50 63.23 9.44
CA GLU A 16 -3.55 64.15 8.30
C GLU A 16 -4.99 64.39 7.86
N LEU A 17 -5.83 63.36 7.92
CA LEU A 17 -7.23 63.51 7.51
C LEU A 17 -7.98 64.42 8.47
N ILE A 18 -7.67 64.34 9.76
CA ILE A 18 -8.34 65.18 10.76
C ILE A 18 -8.11 66.65 10.47
N THR A 19 -6.87 67.02 10.14
CA THR A 19 -6.55 68.42 9.85
C THR A 19 -7.28 68.89 8.61
N LEU A 20 -7.28 68.08 7.56
CA LEU A 20 -7.97 68.45 6.32
C LEU A 20 -9.47 68.61 6.55
N GLY A 21 -10.05 67.76 7.40
CA GLY A 21 -11.47 67.81 7.68
C GLY A 21 -11.88 69.08 8.40
N ARG A 33 -13.52 56.98 13.26
CA ARG A 33 -12.46 56.12 12.74
C ARG A 33 -11.88 56.70 11.46
N LYS A 34 -11.09 55.88 10.74
CA LYS A 34 -10.51 56.30 9.48
C LYS A 34 -11.44 56.06 8.30
N GLN A 35 -12.37 55.11 8.42
CA GLN A 35 -13.34 54.88 7.36
C GLN A 35 -14.51 55.87 7.43
N ASP A 36 -14.85 56.34 8.63
CA ASP A 36 -15.93 57.30 8.77
C ASP A 36 -15.45 58.72 8.46
N ILE A 37 -14.17 59.01 8.70
CA ILE A 37 -13.64 60.34 8.39
C ILE A 37 -13.41 60.49 6.90
N ILE A 38 -12.98 59.42 6.22
CA ILE A 38 -12.76 59.50 4.79
C ILE A 38 -14.07 59.68 4.05
N PHE A 39 -15.17 59.20 4.64
CA PHE A 39 -16.48 59.36 4.03
C PHE A 39 -17.01 60.77 4.20
N ALA A 40 -16.85 61.35 5.40
CA ALA A 40 -17.29 62.72 5.64
C ALA A 40 -16.49 63.71 4.81
N ILE A 41 -15.26 63.37 4.44
CA ILE A 41 -14.45 64.26 3.62
C ILE A 41 -14.84 64.13 2.15
N LEU A 42 -15.16 62.92 1.70
CA LEU A 42 -15.59 62.74 0.31
C LEU A 42 -16.99 63.32 0.09
N LYS A 43 -17.91 63.11 1.03
CA LYS A 43 -19.25 63.67 0.92
C LYS A 43 -19.19 65.20 0.84
N GLN A 44 -18.34 65.82 1.65
CA GLN A 44 -18.22 67.27 1.64
C GLN A 44 -17.57 67.76 0.35
N HIS A 45 -16.61 67.00 -0.18
CA HIS A 45 -16.01 67.32 -1.46
C HIS A 45 -17.00 67.17 -2.62
N ALA A 46 -18.01 66.33 -2.43
CA ALA A 46 -19.04 66.15 -3.46
C ALA A 46 -20.00 67.34 -3.48
N LYS A 47 -20.32 67.89 -2.31
CA LYS A 47 -21.18 69.07 -2.25
C LYS A 47 -20.52 70.28 -2.89
N SER A 48 -19.19 70.32 -2.91
CA SER A 48 -18.47 71.39 -3.60
C SER A 48 -18.66 71.32 -5.11
N GLY A 49 -19.20 70.22 -5.63
CA GLY A 49 -19.26 69.98 -7.06
C GLY A 49 -18.02 69.34 -7.65
N GLU A 50 -16.93 69.27 -6.89
CA GLU A 50 -15.70 68.68 -7.39
C GLU A 50 -15.85 67.17 -7.54
N ASP A 51 -14.90 66.57 -8.24
CA ASP A 51 -14.96 65.16 -8.59
C ASP A 51 -14.32 64.30 -7.49
N ILE A 52 -14.86 63.09 -7.35
CA ILE A 52 -14.37 62.09 -6.41
C ILE A 52 -13.80 60.94 -7.22
N PHE A 53 -12.69 60.35 -6.75
CA PHE A 53 -12.00 59.30 -7.48
C PHE A 53 -11.84 58.05 -6.62
N GLY A 54 -11.68 56.91 -7.29
CA GLY A 54 -11.48 55.63 -6.63
C GLY A 54 -11.06 54.58 -7.64
N ASP A 55 -10.61 53.45 -7.12
CA ASP A 55 -10.08 52.39 -7.99
C ASP A 55 -10.03 51.06 -7.23
N GLY A 56 -9.77 50.00 -7.98
CA GLY A 56 -9.69 48.66 -7.42
C GLY A 56 -9.74 47.62 -8.52
N VAL A 57 -9.62 46.36 -8.11
CA VAL A 57 -9.62 45.22 -9.02
C VAL A 57 -11.02 44.62 -9.07
N LEU A 58 -11.59 44.55 -10.27
CA LEU A 58 -12.99 44.17 -10.44
C LEU A 58 -13.20 42.68 -10.18
N GLU A 59 -14.36 42.36 -9.59
CA GLU A 59 -14.80 40.98 -9.41
C GLU A 59 -16.29 40.90 -9.75
N ILE A 60 -16.61 40.26 -10.87
CA ILE A 60 -17.98 40.14 -11.32
C ILE A 60 -18.67 39.01 -10.56
N LEU A 61 -19.82 39.30 -9.97
CA LEU A 61 -20.57 38.30 -9.21
C LEU A 61 -21.59 37.60 -10.10
N GLN A 62 -22.24 36.58 -9.53
CA GLN A 62 -23.16 35.76 -10.30
C GLN A 62 -24.36 36.56 -10.80
N ASP A 63 -24.82 37.54 -10.02
CA ASP A 63 -26.00 38.31 -10.42
C ASP A 63 -25.74 39.17 -11.64
N GLY A 64 -24.49 39.59 -11.84
CA GLY A 64 -24.16 40.42 -12.98
C GLY A 64 -23.28 41.60 -12.62
N PHE A 65 -23.62 42.29 -11.53
CA PHE A 65 -22.84 43.43 -11.08
C PHE A 65 -21.50 42.97 -10.49
N GLY A 66 -20.65 43.95 -10.17
CA GLY A 66 -19.33 43.66 -9.63
C GLY A 66 -18.90 44.71 -8.64
N PHE A 67 -17.78 44.43 -7.97
CA PHE A 67 -17.20 45.31 -6.97
C PHE A 67 -15.71 45.48 -7.22
N LEU A 68 -15.20 46.68 -6.95
CA LEU A 68 -13.78 46.98 -7.08
C LEU A 68 -13.11 46.65 -5.75
N ARG A 69 -12.50 45.47 -5.68
CA ARG A 69 -11.86 45.03 -4.46
C ARG A 69 -10.56 45.79 -4.22
N SER A 70 -10.13 45.81 -2.96
CA SER A 70 -8.91 46.51 -2.55
C SER A 70 -7.80 45.50 -2.30
N ALA A 71 -6.59 45.86 -2.74
CA ALA A 71 -5.43 45.02 -2.49
C ALA A 71 -5.10 44.92 -1.00
N ASP A 72 -5.60 45.85 -0.20
CA ASP A 72 -5.38 45.80 1.25
C ASP A 72 -6.18 44.68 1.89
N SER A 73 -7.40 44.43 1.40
CA SER A 73 -8.23 43.35 1.88
C SER A 73 -7.95 42.03 1.17
N SER A 74 -6.77 41.89 0.55
CA SER A 74 -6.39 40.68 -0.18
C SER A 74 -7.40 40.38 -1.30
N TYR A 75 -7.93 41.44 -1.91
CA TYR A 75 -8.92 41.34 -2.99
C TYR A 75 -10.18 40.61 -2.54
N LEU A 76 -10.53 40.76 -1.26
CA LEU A 76 -11.74 40.18 -0.69
C LEU A 76 -12.78 41.26 -0.46
N ALA A 77 -13.96 40.85 0.00
CA ALA A 77 -15.06 41.77 0.22
C ALA A 77 -14.69 42.79 1.28
N GLY A 78 -14.83 44.07 0.92
CA GLY A 78 -14.54 45.15 1.83
C GLY A 78 -15.62 46.22 1.80
N PRO A 79 -15.75 46.98 2.89
CA PRO A 79 -16.76 48.05 2.93
C PRO A 79 -16.43 49.23 2.05
N ASP A 80 -15.21 49.33 1.54
CA ASP A 80 -14.77 50.43 0.71
C ASP A 80 -14.83 50.08 -0.78
N ASP A 81 -15.37 48.92 -1.13
CA ASP A 81 -15.45 48.51 -2.52
C ASP A 81 -16.45 49.37 -3.28
N ILE A 82 -16.22 49.52 -4.59
CA ILE A 82 -17.01 50.39 -5.45
C ILE A 82 -17.90 49.54 -6.34
N TYR A 83 -19.20 49.77 -6.28
CA TYR A 83 -20.15 49.04 -7.10
C TYR A 83 -19.93 49.34 -8.58
N VAL A 84 -20.11 48.33 -9.42
CA VAL A 84 -19.92 48.45 -10.86
C VAL A 84 -21.19 47.97 -11.55
N SER A 85 -21.81 48.84 -12.33
CA SER A 85 -23.07 48.52 -12.98
C SER A 85 -22.88 47.44 -14.03
N PRO A 86 -23.85 46.53 -14.20
CA PRO A 86 -23.75 45.55 -15.30
C PRO A 86 -23.65 46.18 -16.67
N SER A 87 -24.26 47.35 -16.85
CA SER A 87 -24.12 48.08 -18.12
C SER A 87 -22.68 48.49 -18.36
N GLN A 88 -21.97 48.88 -17.29
CA GLN A 88 -20.55 49.22 -17.43
C GLN A 88 -19.71 48.01 -17.77
N ILE A 89 -20.07 46.84 -17.26
CA ILE A 89 -19.33 45.62 -17.55
C ILE A 89 -19.50 45.24 -19.02
N ARG A 90 -20.73 45.24 -19.51
CA ARG A 90 -20.98 44.92 -20.90
C ARG A 90 -20.48 46.01 -21.84
N ARG A 91 -20.51 47.27 -21.39
CA ARG A 91 -20.10 48.37 -22.25
C ARG A 91 -18.62 48.29 -22.60
N PHE A 92 -17.77 47.99 -21.62
CA PHE A 92 -16.34 47.93 -21.80
C PHE A 92 -15.81 46.50 -21.84
N ASN A 93 -16.70 45.51 -21.97
CA ASN A 93 -16.32 44.09 -22.02
C ASN A 93 -15.43 43.72 -20.83
N LEU A 94 -15.78 44.21 -19.66
CA LEU A 94 -14.98 43.98 -18.47
C LEU A 94 -15.14 42.54 -17.99
N ARG A 95 -14.05 42.00 -17.42
CA ARG A 95 -14.05 40.68 -16.83
C ARG A 95 -13.35 40.73 -15.48
N THR A 96 -13.56 39.68 -14.69
CA THR A 96 -12.99 39.61 -13.34
C THR A 96 -11.48 39.71 -13.40
N GLY A 97 -10.92 40.69 -12.71
CA GLY A 97 -9.49 40.95 -12.70
C GLY A 97 -9.10 42.30 -13.27
N ASP A 98 -10.00 42.97 -13.99
CA ASP A 98 -9.69 44.26 -14.59
C ASP A 98 -9.52 45.33 -13.51
N THR A 99 -8.39 46.03 -13.54
CA THR A 99 -8.17 47.17 -12.66
C THR A 99 -8.89 48.39 -13.24
N ILE A 100 -9.75 49.01 -12.44
CA ILE A 100 -10.61 50.09 -12.90
C ILE A 100 -10.25 51.37 -12.17
N SER A 101 -10.13 52.48 -12.91
CA SER A 101 -9.90 53.80 -12.36
C SER A 101 -10.97 54.74 -12.91
N GLY A 102 -11.66 55.45 -12.03
CA GLY A 102 -12.71 56.35 -12.46
C GLY A 102 -13.26 57.16 -11.31
N LYS A 103 -14.29 57.95 -11.63
CA LYS A 103 -14.91 58.85 -10.66
C LYS A 103 -16.09 58.16 -9.97
N ILE A 104 -16.13 58.27 -8.64
CA ILE A 104 -17.14 57.60 -7.83
C ILE A 104 -17.98 58.65 -7.11
N ARG A 105 -19.09 58.21 -6.55
CA ARG A 105 -20.00 59.10 -5.84
C ARG A 105 -20.55 58.43 -4.60
N PRO A 106 -20.92 59.21 -3.58
CA PRO A 106 -21.41 58.61 -2.34
C PRO A 106 -22.68 57.82 -2.58
N PRO A 107 -22.92 56.78 -1.77
CA PRO A 107 -24.11 55.95 -1.99
C PRO A 107 -25.39 56.70 -1.69
N LYS A 108 -26.40 56.49 -2.54
CA LYS A 108 -27.71 57.12 -2.38
C LYS A 108 -28.38 56.64 -1.10
N GLU A 109 -29.54 57.23 -0.79
CA GLU A 109 -30.28 56.86 0.42
C GLU A 109 -30.95 55.50 0.27
N PHE A 114 -19.77 53.16 -2.22
CA PHE A 114 -19.56 54.10 -3.31
C PHE A 114 -19.89 53.46 -4.65
N ALA A 115 -20.40 54.27 -5.58
CA ALA A 115 -20.79 53.79 -6.90
C ALA A 115 -19.95 54.46 -7.97
N LEU A 116 -19.55 53.67 -8.96
CA LEU A 116 -18.71 54.17 -10.05
C LEU A 116 -19.58 54.87 -11.09
N LEU A 117 -19.37 56.18 -11.27
CA LEU A 117 -20.10 56.93 -12.28
C LEU A 117 -19.54 56.66 -13.68
N LYS A 118 -18.25 56.93 -13.87
CA LYS A 118 -17.59 56.76 -15.16
C LYS A 118 -16.19 56.18 -14.93
N VAL A 119 -15.75 55.35 -15.88
CA VAL A 119 -14.44 54.72 -15.81
C VAL A 119 -13.46 55.55 -16.64
N ASN A 120 -12.50 56.17 -15.97
CA ASN A 120 -11.50 56.97 -16.66
C ASN A 120 -10.39 56.12 -17.28
N GLU A 121 -10.16 54.92 -16.76
CA GLU A 121 -9.03 54.11 -17.21
C GLU A 121 -9.25 52.68 -16.76
N VAL A 122 -8.85 51.73 -17.60
CA VAL A 122 -8.98 50.29 -17.32
C VAL A 122 -7.66 49.62 -17.61
N ASN A 123 -7.12 48.91 -16.61
CA ASN A 123 -5.83 48.22 -16.74
C ASN A 123 -4.73 49.20 -17.15
N PHE A 124 -4.80 50.42 -16.64
CA PHE A 124 -3.86 51.49 -16.93
C PHE A 124 -3.84 51.85 -18.41
N ASP A 125 -4.90 51.51 -19.14
CA ASP A 125 -5.03 51.82 -20.56
C ASP A 125 -6.44 52.35 -20.81
N LYS A 126 -6.55 53.60 -21.25
CA LYS A 126 -7.86 54.20 -21.43
C LYS A 126 -8.69 53.39 -22.43
N PRO A 127 -9.99 53.19 -22.15
CA PRO A 127 -10.92 52.42 -22.99
C PRO A 127 -10.94 52.87 -24.45
N LYS A 133 -9.49 44.22 -27.44
CA LYS A 133 -8.29 43.47 -27.08
C LYS A 133 -8.52 41.97 -27.21
N ILE A 134 -7.46 41.24 -27.53
CA ILE A 134 -7.53 39.79 -27.66
C ILE A 134 -7.52 39.16 -26.27
N LEU A 135 -8.43 38.21 -26.04
CA LEU A 135 -8.53 37.57 -24.75
C LEU A 135 -7.29 36.73 -24.45
N PHE A 136 -7.08 36.47 -23.16
CA PHE A 136 -5.90 35.74 -22.72
C PHE A 136 -5.87 34.33 -23.30
N GLU A 137 -7.03 33.68 -23.39
CA GLU A 137 -7.08 32.31 -23.88
C GLU A 137 -6.70 32.23 -25.35
N ASN A 138 -6.92 33.30 -26.10
CA ASN A 138 -6.62 33.32 -27.53
C ASN A 138 -5.17 33.70 -27.82
N LEU A 139 -4.45 34.27 -26.84
CA LEU A 139 -3.08 34.69 -27.04
C LEU A 139 -2.21 33.51 -27.46
N THR A 140 -1.40 33.71 -28.49
CA THR A 140 -0.58 32.61 -29.01
C THR A 140 0.63 32.38 -28.11
N PRO A 141 0.83 31.17 -27.60
CA PRO A 141 1.93 30.92 -26.67
C PRO A 141 3.25 30.68 -27.38
N LEU A 142 4.34 30.95 -26.66
CA LEU A 142 5.68 30.77 -27.19
C LEU A 142 6.64 30.39 -26.06
N HIS A 143 7.82 29.94 -26.45
CA HIS A 143 8.88 29.66 -25.49
C HIS A 143 9.47 30.96 -24.96
N ALA A 144 9.88 30.95 -23.70
CA ALA A 144 10.52 32.12 -23.11
C ALA A 144 11.77 32.49 -23.88
N ASN A 145 11.76 33.67 -24.49
CA ASN A 145 12.89 34.13 -25.29
C ASN A 145 13.55 35.39 -24.74
N SER A 146 13.01 36.00 -23.69
CA SER A 146 13.57 37.20 -23.09
C SER A 146 14.13 36.83 -21.73
N ARG A 147 15.45 36.90 -21.60
CA ARG A 147 16.14 36.46 -20.39
C ARG A 147 15.88 37.41 -19.22
N LEU A 148 15.68 36.83 -18.04
CA LEU A 148 15.53 37.57 -16.79
C LEU A 148 16.68 37.18 -15.87
N ARG A 149 17.77 37.93 -15.95
CA ARG A 149 18.97 37.60 -15.20
C ARG A 149 18.77 37.85 -13.71
N MSE A 150 19.22 36.91 -12.89
CA MSE A 150 19.03 36.98 -11.45
C MSE A 150 20.18 37.69 -10.74
O MSE A 150 19.99 38.33 -9.71
CB MSE A 150 18.87 35.58 -10.87
CG MSE A 150 17.58 34.88 -11.29
SE MSE A 150 16.01 35.95 -10.86
CE MSE A 150 14.64 34.67 -11.39
N GLU A 151 21.38 37.55 -11.30
CA GLU A 151 22.57 38.11 -10.66
C GLU A 151 22.43 39.62 -10.48
N ARG A 152 22.84 40.08 -9.30
CA ARG A 152 22.86 41.51 -9.00
C ARG A 152 24.22 42.15 -9.25
N GLY A 153 25.31 41.39 -9.10
CA GLY A 153 26.64 41.91 -9.32
C GLY A 153 27.23 42.67 -8.16
N ASN A 154 26.58 42.67 -6.99
CA ASN A 154 27.10 43.39 -5.83
C ASN A 154 28.24 42.64 -5.14
N GLY A 155 28.36 41.34 -5.37
CA GLY A 155 29.40 40.54 -4.74
C GLY A 155 29.04 39.98 -3.38
N SER A 156 27.83 40.22 -2.90
CA SER A 156 27.41 39.72 -1.60
C SER A 156 27.24 38.21 -1.64
N THR A 157 27.08 37.61 -0.45
CA THR A 157 26.83 36.19 -0.37
C THR A 157 25.44 35.83 -0.89
N GLU A 158 24.49 36.75 -0.78
CA GLU A 158 23.16 36.50 -1.33
C GLU A 158 23.19 36.39 -2.84
N ASP A 159 24.14 37.08 -3.49
CA ASP A 159 24.23 37.03 -4.94
C ASP A 159 24.62 35.65 -5.44
N LEU A 160 25.32 34.86 -4.62
CA LEU A 160 25.68 33.49 -5.00
C LEU A 160 24.45 32.69 -5.38
N THR A 161 23.36 32.82 -4.61
CA THR A 161 22.12 32.13 -4.95
C THR A 161 21.61 32.55 -6.31
N ALA A 162 21.70 33.84 -6.62
CA ALA A 162 21.23 34.33 -7.92
C ALA A 162 22.21 33.98 -9.04
N ARG A 163 23.50 33.87 -8.72
CA ARG A 163 24.49 33.53 -9.75
C ARG A 163 24.40 32.06 -10.12
N VAL A 164 24.23 31.19 -9.12
CA VAL A 164 24.09 29.75 -9.40
C VAL A 164 22.82 29.48 -10.16
N LEU A 165 21.75 30.23 -9.86
CA LEU A 165 20.48 30.02 -10.54
C LEU A 165 20.58 30.35 -12.03
N ASP A 166 21.33 31.39 -12.36
CA ASP A 166 21.52 31.76 -13.77
C ASP A 166 22.22 30.65 -14.54
N LEU A 167 23.14 29.93 -13.89
CA LEU A 167 23.89 28.88 -14.57
C LEU A 167 23.10 27.58 -14.62
N ALA A 168 22.33 27.28 -13.58
CA ALA A 168 21.59 26.02 -13.52
C ALA A 168 20.26 26.11 -14.25
N SER A 169 19.45 27.14 -13.95
CA SER A 169 18.11 27.25 -14.51
C SER A 169 17.83 28.69 -14.90
N PRO A 170 18.22 29.09 -16.10
CA PRO A 170 17.90 30.45 -16.58
C PRO A 170 16.40 30.66 -16.69
N ILE A 171 15.93 31.81 -16.19
CA ILE A 171 14.50 32.12 -16.15
C ILE A 171 14.23 33.25 -17.13
N GLY A 172 13.21 33.06 -17.98
CA GLY A 172 12.78 34.06 -18.94
C GLY A 172 11.35 34.49 -18.70
N ARG A 173 10.92 35.44 -19.54
CA ARG A 173 9.57 35.97 -19.44
C ARG A 173 8.55 34.95 -19.94
N GLY A 174 7.52 34.72 -19.14
CA GLY A 174 6.57 33.67 -19.43
C GLY A 174 6.98 32.29 -18.96
N GLN A 175 8.01 32.21 -18.12
CA GLN A 175 8.50 30.93 -17.61
C GLN A 175 7.46 30.29 -16.71
N ARG A 176 7.41 28.95 -16.72
CA ARG A 176 6.48 28.17 -15.90
C ARG A 176 7.31 27.15 -15.14
N GLY A 177 7.95 27.60 -14.06
CA GLY A 177 8.89 26.79 -13.30
C GLY A 177 8.42 26.47 -11.89
N LEU A 178 9.13 25.51 -11.29
CA LEU A 178 8.84 25.05 -9.94
C LEU A 178 10.12 24.96 -9.12
N ILE A 179 10.00 25.22 -7.82
CA ILE A 179 11.11 25.07 -6.88
C ILE A 179 10.79 23.90 -5.97
N VAL A 180 11.13 22.69 -6.41
CA VAL A 180 10.75 21.46 -5.71
C VAL A 180 11.80 21.14 -4.66
N ALA A 181 11.34 20.80 -3.45
CA ALA A 181 12.23 20.41 -2.36
C ALA A 181 11.46 20.02 -1.11
N PRO A 182 12.00 19.12 -0.30
CA PRO A 182 11.37 18.78 0.98
C PRO A 182 11.45 19.96 1.94
N PRO A 183 10.75 19.89 3.07
CA PRO A 183 10.78 21.02 4.02
C PRO A 183 12.19 21.33 4.49
N LYS A 184 12.43 22.62 4.74
CA LYS A 184 13.68 23.15 5.28
C LYS A 184 14.83 23.13 4.27
N ALA A 185 14.56 22.78 3.01
CA ALA A 185 15.62 22.74 2.02
C ALA A 185 16.03 24.13 1.58
N GLY A 186 15.13 25.09 1.61
CA GLY A 186 15.46 26.45 1.21
C GLY A 186 14.61 26.99 0.09
N LYS A 187 13.36 26.52 -0.01
CA LYS A 187 12.49 26.94 -1.11
C LYS A 187 12.05 28.39 -0.94
N THR A 188 11.63 28.76 0.27
CA THR A 188 11.07 30.09 0.50
C THR A 188 12.13 31.17 0.31
N MSE A 189 13.29 31.01 0.95
CA MSE A 189 14.37 31.98 0.81
C MSE A 189 14.91 32.02 -0.62
O MSE A 189 15.43 33.05 -1.06
CB MSE A 189 15.49 31.67 1.79
CG MSE A 189 15.20 32.10 3.21
SE MSE A 189 16.76 31.97 4.36
CE MSE A 189 18.00 33.08 3.35
N LEU A 190 14.81 30.89 -1.31
CA LEU A 190 15.12 30.88 -2.75
C LEU A 190 14.16 31.82 -3.49
N LEU A 191 12.86 31.72 -3.18
CA LEU A 191 11.88 32.57 -3.82
C LEU A 191 12.07 34.03 -3.39
N GLN A 192 12.43 34.26 -2.12
CA GLN A 192 12.73 35.60 -1.67
C GLN A 192 13.91 36.19 -2.45
N ASN A 193 14.97 35.41 -2.60
CA ASN A 193 16.12 35.85 -3.37
C ASN A 193 15.75 36.14 -4.82
N ILE A 194 14.73 35.44 -5.34
CA ILE A 194 14.24 35.71 -6.68
C ILE A 194 13.48 37.02 -6.71
N ALA A 195 12.57 37.23 -5.75
CA ALA A 195 11.76 38.44 -5.73
C ALA A 195 12.63 39.69 -5.64
N GLN A 196 13.72 39.62 -4.87
CA GLN A 196 14.63 40.75 -4.78
C GLN A 196 15.36 40.98 -6.10
N SER A 197 15.70 39.90 -6.82
CA SER A 197 16.38 40.04 -8.10
C SER A 197 15.45 40.65 -9.14
N ILE A 198 14.16 40.30 -9.11
CA ILE A 198 13.20 40.85 -10.05
C ILE A 198 12.99 42.34 -9.80
N ALA A 199 12.97 42.75 -8.53
CA ALA A 199 12.73 44.14 -8.19
C ALA A 199 13.94 45.02 -8.46
N TYR A 200 15.15 44.48 -8.34
CA TYR A 200 16.36 45.24 -8.56
C TYR A 200 16.77 45.26 -10.03
N ASN A 201 16.57 44.16 -10.75
CA ASN A 201 17.00 44.07 -12.14
C ASN A 201 15.90 44.48 -13.12
N HIS A 202 14.65 44.10 -12.87
CA HIS A 202 13.55 44.33 -13.80
C HIS A 202 12.39 45.01 -13.08
N PRO A 203 12.52 46.30 -12.77
CA PRO A 203 11.37 47.03 -12.21
C PRO A 203 10.21 47.14 -13.17
N ASP A 204 10.46 46.98 -14.47
CA ASP A 204 9.41 47.08 -15.47
C ASP A 204 8.36 45.98 -15.31
N CYS A 205 8.77 44.81 -14.82
CA CYS A 205 7.86 43.70 -14.65
C CYS A 205 6.98 43.89 -13.42
N VAL A 206 5.71 43.49 -13.54
CA VAL A 206 4.77 43.60 -12.44
C VAL A 206 4.99 42.40 -11.52
N LEU A 207 5.56 42.65 -10.33
CA LEU A 207 5.90 41.59 -9.40
C LEU A 207 4.76 41.38 -8.41
N MSE A 208 4.27 40.14 -8.33
CA MSE A 208 3.23 39.77 -7.37
C MSE A 208 3.64 38.51 -6.60
O MSE A 208 3.76 37.43 -7.17
CB MSE A 208 1.89 39.54 -8.07
CG MSE A 208 1.23 40.80 -8.59
SE MSE A 208 -0.59 40.50 -9.23
CE MSE A 208 -0.21 39.24 -10.65
N VAL A 209 3.85 38.65 -5.29
CA VAL A 209 4.27 37.55 -4.43
C VAL A 209 3.03 36.99 -3.75
N LEU A 210 2.69 35.75 -4.08
CA LEU A 210 1.51 35.07 -3.52
C LEU A 210 1.97 34.00 -2.54
N LEU A 211 1.55 34.13 -1.28
CA LEU A 211 1.92 33.22 -0.21
C LEU A 211 0.66 32.53 0.31
N ILE A 212 0.53 31.23 0.05
CA ILE A 212 -0.67 30.48 0.35
C ILE A 212 -0.35 29.43 1.41
N ASP A 213 -1.08 29.48 2.53
CA ASP A 213 -1.05 28.43 3.56
C ASP A 213 0.34 28.25 4.15
N GLU A 214 1.08 29.35 4.28
CA GLU A 214 2.45 29.30 4.78
C GLU A 214 2.57 30.08 6.08
N ARG A 215 3.81 30.20 6.55
CA ARG A 215 4.07 30.75 7.87
C ARG A 215 3.77 32.24 7.90
N PRO A 216 3.21 32.75 9.01
CA PRO A 216 2.91 34.18 9.07
C PRO A 216 4.16 35.05 9.07
N GLU A 217 5.23 34.62 9.73
CA GLU A 217 6.46 35.41 9.78
C GLU A 217 7.01 35.64 8.38
N GLU A 218 6.94 34.63 7.52
CA GLU A 218 7.46 34.76 6.16
C GLU A 218 6.69 35.82 5.37
N VAL A 219 5.43 36.07 5.75
CA VAL A 219 4.67 37.15 5.14
C VAL A 219 5.27 38.50 5.53
N THR A 220 5.52 38.68 6.83
CA THR A 220 6.09 39.94 7.31
C THR A 220 7.49 40.15 6.75
N GLU A 221 8.30 39.09 6.70
CA GLU A 221 9.66 39.22 6.20
C GLU A 221 9.68 39.60 4.72
N MSE A 222 8.83 38.96 3.91
CA MSE A 222 8.75 39.25 2.48
C MSE A 222 8.35 40.69 2.22
O MSE A 222 8.94 41.35 1.36
CB MSE A 222 7.76 38.30 1.82
CG MSE A 222 7.70 38.44 0.31
SE MSE A 222 9.18 37.55 -0.58
CE MSE A 222 8.64 35.71 -0.26
N GLN A 223 7.35 41.17 2.96
CA GLN A 223 6.84 42.52 2.75
C GLN A 223 7.91 43.58 2.96
N ARG A 224 8.90 43.32 3.82
CA ARG A 224 9.85 44.33 4.20
C ARG A 224 11.13 44.33 3.36
N LEU A 225 11.40 43.25 2.63
CA LEU A 225 12.58 43.18 1.78
C LEU A 225 12.26 43.15 0.29
N VAL A 226 10.98 43.24 -0.09
CA VAL A 226 10.55 43.18 -1.48
C VAL A 226 9.87 44.49 -1.85
N LYS A 227 10.25 45.04 -3.00
CA LYS A 227 9.62 46.25 -3.53
C LYS A 227 8.55 45.84 -4.54
N GLY A 228 7.37 45.50 -4.01
CA GLY A 228 6.28 45.10 -4.86
C GLY A 228 5.07 44.69 -4.05
N GLU A 229 4.07 44.15 -4.75
CA GLU A 229 2.83 43.74 -4.11
C GLU A 229 2.96 42.35 -3.50
N VAL A 230 2.52 42.21 -2.25
CA VAL A 230 2.62 40.95 -1.50
C VAL A 230 1.22 40.58 -1.03
N VAL A 231 0.59 39.62 -1.71
CA VAL A 231 -0.70 39.09 -1.31
C VAL A 231 -0.47 37.76 -0.60
N ALA A 232 -1.00 37.63 0.62
CA ALA A 232 -0.71 36.48 1.46
C ALA A 232 -1.99 35.89 2.06
N SER A 233 -1.88 34.64 2.48
CA SER A 233 -2.99 33.92 3.10
C SER A 233 -2.40 32.82 3.98
N THR A 234 -2.16 33.16 5.25
CA THR A 234 -1.51 32.27 6.20
C THR A 234 -2.30 30.98 6.39
N PHE A 235 -1.61 29.95 6.91
CA PHE A 235 -2.28 28.72 7.32
C PHE A 235 -3.30 28.95 8.44
N ASP A 236 -3.29 30.11 9.08
CA ASP A 236 -4.36 30.46 10.02
C ASP A 236 -5.68 30.69 9.30
N GLU A 237 -5.65 30.97 8.02
CA GLU A 237 -6.81 31.24 7.20
C GLU A 237 -7.41 29.93 6.66
N PRO A 238 -8.71 29.93 6.41
CA PRO A 238 -9.35 28.74 5.83
C PRO A 238 -8.86 28.49 4.41
N ALA A 239 -9.09 27.26 3.95
CA ALA A 239 -8.75 26.91 2.58
C ALA A 239 -9.61 27.64 1.57
N SER A 240 -10.84 28.00 1.96
CA SER A 240 -11.72 28.75 1.07
C SER A 240 -11.16 30.14 0.80
N ARG A 241 -10.51 30.75 1.79
CA ARG A 241 -9.88 32.05 1.58
C ARG A 241 -8.64 31.93 0.69
N HIS A 242 -7.91 30.81 0.80
CA HIS A 242 -6.78 30.58 -0.08
C HIS A 242 -7.21 30.58 -1.55
N VAL A 243 -8.29 29.85 -1.85
CA VAL A 243 -8.75 29.71 -3.23
C VAL A 243 -9.18 31.08 -3.78
N GLN A 244 -10.01 31.79 -3.02
CA GLN A 244 -10.57 33.05 -3.50
C GLN A 244 -9.46 34.06 -3.81
N VAL A 245 -8.49 34.18 -2.90
CA VAL A 245 -7.38 35.11 -3.10
C VAL A 245 -6.56 34.70 -4.32
N ALA A 246 -6.27 33.40 -4.46
CA ALA A 246 -5.49 32.94 -5.60
C ALA A 246 -6.22 33.16 -6.91
N GLU A 247 -7.55 33.05 -6.91
CA GLU A 247 -8.31 33.25 -8.14
C GLU A 247 -8.29 34.71 -8.58
N MSE A 248 -8.40 35.63 -7.63
CA MSE A 248 -8.38 37.05 -7.95
C MSE A 248 -7.03 37.47 -8.52
O MSE A 248 -6.95 38.30 -9.43
CB MSE A 248 -8.72 37.88 -6.71
CG MSE A 248 -10.16 37.77 -6.24
SE MSE A 248 -11.41 38.58 -7.48
CE MSE A 248 -10.76 40.41 -7.42
N VAL A 249 -5.96 36.88 -7.99
CA VAL A 249 -4.61 37.22 -8.44
C VAL A 249 -4.38 36.70 -9.86
N ILE A 250 -4.66 35.41 -10.09
CA ILE A 250 -4.39 34.82 -11.40
C ILE A 250 -5.21 35.51 -12.48
N GLU A 251 -6.42 35.96 -12.14
CA GLU A 251 -7.25 36.64 -13.12
C GLU A 251 -6.77 38.06 -13.36
N LYS A 252 -6.30 38.74 -12.31
CA LYS A 252 -5.71 40.05 -12.49
C LYS A 252 -4.49 39.97 -13.41
N ALA A 253 -3.66 38.94 -13.23
CA ALA A 253 -2.51 38.76 -14.10
C ALA A 253 -2.94 38.52 -15.54
N LYS A 254 -3.93 37.65 -15.74
CA LYS A 254 -4.42 37.38 -17.09
C LYS A 254 -4.89 38.64 -17.78
N ARG A 255 -5.60 39.51 -17.06
CA ARG A 255 -6.08 40.76 -17.66
C ARG A 255 -4.92 41.66 -18.06
N LEU A 256 -3.88 41.73 -17.22
CA LEU A 256 -2.75 42.59 -17.52
C LEU A 256 -1.96 42.07 -18.72
N VAL A 257 -1.77 40.75 -18.79
CA VAL A 257 -1.07 40.15 -19.94
C VAL A 257 -1.81 40.47 -21.23
N GLU A 258 -3.14 40.55 -21.18
CA GLU A 258 -3.91 40.99 -22.34
C GLU A 258 -3.55 42.42 -22.76
N HIS A 259 -2.99 43.21 -21.84
CA HIS A 259 -2.55 44.57 -22.14
C HIS A 259 -1.05 44.65 -22.36
N LYS A 260 -0.45 43.59 -22.92
CA LYS A 260 0.97 43.55 -23.27
C LYS A 260 1.88 43.70 -22.05
N LYS A 261 1.36 43.43 -20.85
CA LYS A 261 2.13 43.59 -19.62
C LYS A 261 2.93 42.33 -19.30
N ASP A 262 4.12 42.54 -18.74
CA ASP A 262 4.97 41.44 -18.28
C ASP A 262 4.70 41.20 -16.80
N VAL A 263 3.99 40.12 -16.48
CA VAL A 263 3.57 39.81 -15.13
C VAL A 263 4.34 38.60 -14.62
N ILE A 264 4.77 38.66 -13.36
CA ILE A 264 5.51 37.57 -12.71
C ILE A 264 4.85 37.28 -11.37
N ILE A 265 4.41 36.04 -11.19
CA ILE A 265 3.76 35.59 -9.96
C ILE A 265 4.67 34.58 -9.28
N LEU A 266 5.03 34.86 -8.02
CA LEU A 266 5.88 33.98 -7.21
C LEU A 266 5.00 33.36 -6.13
N LEU A 267 4.60 32.11 -6.34
CA LEU A 267 3.70 31.42 -5.43
C LEU A 267 4.47 30.57 -4.44
N ASP A 268 3.97 30.50 -3.21
CA ASP A 268 4.56 29.70 -2.14
C ASP A 268 3.51 29.34 -1.10
N SER A 269 3.01 28.10 -1.14
CA SER A 269 3.47 27.12 -2.11
C SER A 269 2.33 26.64 -3.01
N ILE A 270 2.70 26.07 -4.17
CA ILE A 270 1.70 25.53 -5.08
C ILE A 270 1.10 24.25 -4.53
N THR A 271 1.85 23.52 -3.70
CA THR A 271 1.35 22.27 -3.15
C THR A 271 0.20 22.52 -2.17
N ARG A 272 0.38 23.47 -1.26
CA ARG A 272 -0.66 23.75 -0.27
C ARG A 272 -1.86 24.46 -0.90
N LEU A 273 -1.63 25.25 -1.95
CA LEU A 273 -2.75 25.82 -2.69
C LEU A 273 -3.61 24.73 -3.30
N ALA A 274 -2.97 23.68 -3.84
CA ALA A 274 -3.73 22.55 -4.38
C ALA A 274 -4.52 21.85 -3.30
N ARG A 275 -3.92 21.68 -2.11
CA ARG A 275 -4.67 21.14 -0.98
C ARG A 275 -5.93 21.95 -0.70
N ALA A 276 -5.83 23.27 -0.79
CA ALA A 276 -6.98 24.13 -0.56
C ALA A 276 -8.10 23.85 -1.55
N TYR A 277 -7.75 23.72 -2.83
CA TYR A 277 -8.74 23.36 -3.84
C TYR A 277 -9.43 22.05 -3.47
N ASN A 278 -8.66 21.06 -3.04
CA ASN A 278 -9.25 19.77 -2.67
C ASN A 278 -10.20 19.91 -1.48
N THR A 279 -9.86 20.79 -0.54
CA THR A 279 -10.68 20.96 0.65
C THR A 279 -12.00 21.67 0.33
N VAL A 280 -12.02 22.53 -0.69
CA VAL A 280 -13.18 23.35 -0.97
C VAL A 280 -14.17 22.64 -1.87
N VAL A 281 -13.68 22.02 -2.95
CA VAL A 281 -14.54 21.47 -4.01
C VAL A 281 -15.57 20.51 -3.42
N PRO A 282 -16.79 20.51 -3.96
CA PRO A 282 -17.78 19.53 -3.52
C PRO A 282 -17.45 18.14 -4.04
N ALA A 283 -17.76 17.14 -3.22
CA ALA A 283 -17.47 15.75 -3.58
C ALA A 283 -18.10 15.41 -4.92
N SER A 284 -17.25 15.04 -5.88
CA SER A 284 -17.71 14.62 -7.20
C SER A 284 -18.16 13.16 -7.23
N GLY A 285 -17.93 12.41 -6.16
CA GLY A 285 -18.22 10.99 -6.14
C GLY A 285 -17.03 10.10 -6.43
N LYS A 286 -15.87 10.67 -6.73
CA LYS A 286 -14.68 9.92 -7.10
C LYS A 286 -13.48 10.50 -6.38
N VAL A 287 -12.84 9.71 -5.52
CA VAL A 287 -11.65 10.13 -4.79
C VAL A 287 -10.47 9.30 -5.30
N LEU A 288 -9.41 9.98 -5.71
CA LEU A 288 -8.24 9.33 -6.28
C LEU A 288 -7.26 8.90 -5.19
N THR A 289 -6.13 8.33 -5.62
CA THR A 289 -5.11 7.89 -4.68
C THR A 289 -4.54 9.07 -3.90
N GLY A 290 -4.34 8.85 -2.60
CA GLY A 290 -3.86 9.88 -1.71
C GLY A 290 -4.94 10.67 -1.00
N GLY A 291 -6.20 10.41 -1.33
CA GLY A 291 -7.31 11.16 -0.75
C GLY A 291 -7.66 12.44 -1.48
N VAL A 292 -7.29 12.57 -2.75
CA VAL A 292 -7.55 13.80 -3.52
C VAL A 292 -8.72 13.56 -4.45
N ASP A 293 -9.70 14.45 -4.41
CA ASP A 293 -10.88 14.35 -5.25
C ASP A 293 -10.50 14.54 -6.72
N ALA A 294 -11.18 13.79 -7.60
CA ALA A 294 -10.84 13.81 -9.01
C ALA A 294 -11.06 15.18 -9.63
N ASN A 295 -12.01 15.95 -9.11
CA ASN A 295 -12.33 17.24 -9.72
C ASN A 295 -11.38 18.34 -9.27
N ALA A 296 -10.99 18.34 -7.99
CA ALA A 296 -10.17 19.43 -7.47
C ALA A 296 -8.80 19.48 -8.12
N LEU A 297 -8.26 18.33 -8.52
CA LEU A 297 -6.86 18.23 -8.89
C LEU A 297 -6.53 19.14 -10.07
N HIS A 298 -7.48 19.39 -10.96
CA HIS A 298 -7.20 20.09 -12.20
C HIS A 298 -7.37 21.61 -12.11
N ARG A 299 -7.99 22.11 -11.04
CA ARG A 299 -8.02 23.56 -10.82
C ARG A 299 -6.63 24.15 -10.57
N PRO A 300 -5.78 23.58 -9.72
CA PRO A 300 -4.43 24.15 -9.57
C PRO A 300 -3.60 24.00 -10.83
N LYS A 301 -3.79 22.93 -11.59
CA LYS A 301 -3.12 22.79 -12.88
C LYS A 301 -3.52 23.92 -13.84
N ARG A 302 -4.76 24.41 -13.73
CA ARG A 302 -5.17 25.56 -14.52
C ARG A 302 -4.48 26.84 -14.06
N PHE A 303 -4.15 26.94 -12.78
CA PHE A 303 -3.45 28.11 -12.26
C PHE A 303 -2.00 28.14 -12.75
N PHE A 304 -1.26 27.05 -12.48
CA PHE A 304 0.15 27.01 -12.84
C PHE A 304 0.35 26.99 -14.35
N GLY A 305 -0.48 26.23 -15.06
CA GLY A 305 -0.39 26.15 -16.51
C GLY A 305 -0.73 27.43 -17.23
N ALA A 306 -1.32 28.41 -16.53
CA ALA A 306 -1.66 29.68 -17.17
C ALA A 306 -0.41 30.44 -17.60
N ALA A 307 0.73 30.21 -16.95
CA ALA A 307 1.97 30.88 -17.31
C ALA A 307 2.37 30.55 -18.73
N ARG A 308 2.86 31.55 -19.46
CA ARG A 308 3.29 31.39 -20.85
C ARG A 308 3.82 32.72 -21.37
N ASN A 309 4.50 32.65 -22.51
CA ASN A 309 5.01 33.82 -23.21
C ASN A 309 4.10 34.14 -24.37
N VAL A 310 3.69 35.41 -24.48
CA VAL A 310 2.73 35.85 -25.49
C VAL A 310 3.48 36.54 -26.62
N GLU A 311 3.13 36.19 -27.86
CA GLU A 311 3.72 36.84 -29.03
C GLU A 311 3.18 38.24 -29.23
N GLU A 312 1.89 38.44 -28.94
CA GLU A 312 1.29 39.76 -29.09
C GLU A 312 1.99 40.80 -28.22
N GLY A 313 2.52 40.38 -27.09
CA GLY A 313 3.24 41.24 -26.17
C GLY A 313 3.01 40.82 -24.74
N GLY A 314 3.96 41.17 -23.88
CA GLY A 314 3.86 40.78 -22.49
C GLY A 314 4.00 39.28 -22.29
N SER A 315 3.80 38.86 -21.04
CA SER A 315 3.89 37.44 -20.68
C SER A 315 3.50 37.27 -19.21
N LEU A 316 3.21 36.03 -18.85
CA LEU A 316 2.86 35.65 -17.48
C LEU A 316 3.85 34.60 -16.99
N THR A 317 4.73 35.00 -16.06
CA THR A 317 5.71 34.10 -15.46
C THR A 317 5.19 33.61 -14.12
N ILE A 318 5.34 32.32 -13.86
CA ILE A 318 4.88 31.70 -12.62
C ILE A 318 5.98 30.80 -12.08
N ILE A 319 6.52 31.13 -10.91
CA ILE A 319 7.52 30.33 -10.21
C ILE A 319 6.95 29.99 -8.84
N ALA A 320 6.57 28.73 -8.64
CA ALA A 320 5.97 28.28 -7.40
C ALA A 320 6.84 27.22 -6.75
N THR A 321 6.73 27.12 -5.42
CA THR A 321 7.48 26.15 -4.64
C THR A 321 6.66 24.89 -4.45
N ALA A 322 7.25 23.74 -4.76
CA ALA A 322 6.58 22.45 -4.63
C ALA A 322 7.21 21.65 -3.48
N LEU A 323 6.38 20.85 -2.83
CA LEU A 323 6.79 20.10 -1.65
C LEU A 323 6.76 18.60 -1.95
N ILE A 324 7.79 17.89 -1.52
CA ILE A 324 7.92 16.46 -1.75
C ILE A 324 8.37 15.78 -0.45
N ASP A 325 8.42 14.46 -0.50
CA ASP A 325 8.78 13.63 0.65
C ASP A 325 7.89 13.93 1.85
N THR A 326 6.64 14.29 1.61
CA THR A 326 5.71 14.58 2.68
C THR A 326 5.09 13.34 3.29
N GLY A 327 5.32 12.17 2.71
CA GLY A 327 4.69 10.95 3.17
C GLY A 327 3.25 10.78 2.76
N SER A 328 2.66 11.78 2.11
CA SER A 328 1.26 11.74 1.68
C SER A 328 1.21 11.56 0.17
N LYS A 329 0.60 10.47 -0.27
CA LYS A 329 0.47 10.20 -1.70
C LYS A 329 -0.17 11.35 -2.45
N MSE A 330 -1.08 12.07 -1.80
CA MSE A 330 -1.74 13.23 -2.41
C MSE A 330 -0.75 14.21 -3.01
O MSE A 330 -0.86 14.57 -4.18
CB MSE A 330 -2.61 13.94 -1.37
CG MSE A 330 -3.05 15.32 -1.80
SE MSE A 330 -4.11 16.22 -0.44
CE MSE A 330 -5.61 15.00 -0.41
N ASP A 331 0.22 14.63 -2.19
CA ASP A 331 1.24 15.58 -2.64
C ASP A 331 1.94 15.07 -3.90
N GLU A 332 2.24 13.77 -3.94
CA GLU A 332 2.86 13.20 -5.13
C GLU A 332 1.95 13.34 -6.34
N VAL A 333 0.67 12.97 -6.19
CA VAL A 333 -0.29 13.11 -7.29
C VAL A 333 -0.36 14.56 -7.74
N ILE A 334 -0.38 15.49 -6.78
CA ILE A 334 -0.44 16.91 -7.10
C ILE A 334 0.80 17.34 -7.87
N TYR A 335 1.98 16.92 -7.38
CA TYR A 335 3.24 17.26 -8.02
C TYR A 335 3.38 16.66 -9.42
N GLU A 336 2.69 15.55 -9.69
CA GLU A 336 2.78 14.92 -11.01
C GLU A 336 2.06 15.76 -12.07
N GLU A 337 0.89 16.31 -11.74
CA GLU A 337 0.14 17.10 -12.70
C GLU A 337 0.82 18.44 -13.00
N PHE A 338 1.61 18.95 -12.07
CA PHE A 338 2.32 20.20 -12.27
C PHE A 338 3.62 19.99 -13.05
N LYS A 339 4.45 19.05 -12.57
CA LYS A 339 5.74 18.80 -13.20
C LYS A 339 5.61 18.57 -14.70
N GLY A 340 4.51 17.92 -15.13
CA GLY A 340 4.32 17.64 -16.53
C GLY A 340 4.08 18.86 -17.40
N THR A 341 3.60 19.96 -16.81
CA THR A 341 3.38 21.19 -17.55
C THR A 341 4.53 22.17 -17.44
N GLY A 342 5.26 22.16 -16.33
CA GLY A 342 6.33 23.12 -16.14
C GLY A 342 7.47 22.92 -17.12
N ASN A 343 8.10 24.03 -17.50
CA ASN A 343 9.26 24.03 -18.37
C ASN A 343 10.53 24.49 -17.67
N MSE A 344 10.50 24.60 -16.34
CA MSE A 344 11.66 25.00 -15.55
C MSE A 344 11.57 24.33 -14.19
O MSE A 344 10.49 24.25 -13.61
CB MSE A 344 11.73 26.52 -15.43
CG MSE A 344 12.89 27.07 -14.60
SE MSE A 344 12.59 26.99 -12.67
CE MSE A 344 14.15 27.98 -12.07
N GLU A 345 12.69 23.83 -13.67
CA GLU A 345 12.68 23.14 -12.39
C GLU A 345 13.96 23.40 -11.64
N LEU A 346 13.83 23.63 -10.33
CA LEU A 346 14.96 23.91 -9.45
C LEU A 346 14.79 23.08 -8.19
N HIS A 347 15.45 21.93 -8.13
CA HIS A 347 15.34 21.02 -7.01
C HIS A 347 16.35 21.36 -5.93
N LEU A 348 15.94 21.24 -4.67
CA LEU A 348 16.80 21.47 -3.52
C LEU A 348 16.84 20.23 -2.65
N SER A 349 18.04 19.88 -2.19
CA SER A 349 18.25 18.67 -1.41
C SER A 349 18.36 18.99 0.08
N ARG A 350 17.88 18.05 0.91
CA ARG A 350 18.04 18.20 2.35
C ARG A 350 19.46 17.89 2.80
N LYS A 351 20.11 16.92 2.16
CA LYS A 351 21.47 16.56 2.52
C LYS A 351 22.40 17.75 2.41
N ILE A 352 22.29 18.52 1.32
CA ILE A 352 23.14 19.69 1.14
C ILE A 352 22.79 20.76 2.17
N ALA A 353 21.50 20.94 2.45
CA ALA A 353 21.09 21.97 3.40
C ALA A 353 21.52 21.62 4.82
N GLU A 354 21.54 20.33 5.17
CA GLU A 354 21.95 19.91 6.50
C GLU A 354 23.45 20.08 6.73
N LYS A 355 24.24 20.19 5.66
CA LYS A 355 25.65 20.52 5.77
C LYS A 355 25.89 22.03 5.78
N ARG A 356 24.82 22.83 5.81
CA ARG A 356 24.91 24.30 5.81
C ARG A 356 25.51 24.83 4.52
N VAL A 357 25.34 24.10 3.42
CA VAL A 357 25.84 24.51 2.11
C VAL A 357 24.68 25.14 1.35
N PHE A 358 24.71 26.46 1.20
CA PHE A 358 23.65 27.17 0.50
C PHE A 358 24.17 27.93 -0.71
N PRO A 359 23.41 27.93 -1.81
CA PRO A 359 22.10 27.25 -1.93
C PRO A 359 22.24 25.74 -2.07
N ALA A 360 21.32 25.00 -1.43
CA ALA A 360 21.35 23.54 -1.46
C ALA A 360 20.63 23.04 -2.71
N ILE A 361 21.24 23.33 -3.85
CA ILE A 361 20.63 23.04 -5.16
C ILE A 361 21.20 21.74 -5.70
N ASP A 362 20.31 20.88 -6.20
CA ASP A 362 20.70 19.67 -6.91
C ASP A 362 21.02 20.08 -8.35
N TYR A 363 22.30 20.29 -8.63
CA TYR A 363 22.71 20.83 -9.92
C TYR A 363 22.30 19.92 -11.07
N ASN A 364 22.44 18.60 -10.89
CA ASN A 364 22.19 17.68 -12.00
C ASN A 364 20.71 17.63 -12.36
N ARG A 365 19.82 17.72 -11.37
CA ARG A 365 18.40 17.60 -11.65
C ARG A 365 17.76 18.90 -12.09
N SER A 366 18.21 20.04 -11.56
CA SER A 366 17.66 21.32 -11.95
C SER A 366 17.96 21.60 -13.43
N GLY A 367 17.17 22.51 -14.00
CA GLY A 367 17.37 22.88 -15.39
C GLY A 367 16.17 23.59 -15.95
N THR A 368 16.37 24.19 -17.12
CA THR A 368 15.36 24.95 -17.82
C THR A 368 15.29 24.53 -19.29
N ARG A 369 14.07 24.41 -19.81
CA ARG A 369 13.87 24.03 -21.20
C ARG A 369 14.08 25.22 -22.13
N LYS A 370 14.50 24.92 -23.35
CA LYS A 370 14.81 25.94 -24.36
C LYS A 370 15.74 27.01 -23.79
N GLU A 371 16.73 26.56 -23.02
CA GLU A 371 17.67 27.48 -22.40
C GLU A 371 18.52 28.22 -23.41
N GLU A 372 18.67 27.68 -24.62
CA GLU A 372 19.40 28.37 -25.67
C GLU A 372 18.72 29.66 -26.12
N LEU A 373 17.44 29.82 -25.80
CA LEU A 373 16.71 31.05 -26.09
C LEU A 373 16.87 32.11 -25.00
N LEU A 374 17.43 31.74 -23.85
CA LEU A 374 17.64 32.67 -22.75
C LEU A 374 19.11 33.01 -22.53
N THR A 375 20.01 32.48 -23.37
CA THR A 375 21.45 32.68 -23.19
C THR A 375 22.08 32.92 -24.55
N THR A 376 23.19 33.66 -24.55
CA THR A 376 23.99 33.79 -25.76
C THR A 376 24.72 32.47 -26.04
N GLN A 377 25.22 32.34 -27.27
CA GLN A 377 25.90 31.11 -27.66
C GLN A 377 27.10 30.83 -26.76
N GLU A 378 27.93 31.86 -26.53
CA GLU A 378 29.09 31.67 -25.67
C GLU A 378 28.69 31.45 -24.21
N GLU A 379 27.66 32.18 -23.75
CA GLU A 379 27.17 31.97 -22.39
C GLU A 379 26.66 30.55 -22.20
N LEU A 380 25.93 30.02 -23.21
CA LEU A 380 25.44 28.65 -23.12
C LEU A 380 26.57 27.65 -23.25
N GLN A 381 27.58 27.96 -24.06
CA GLN A 381 28.75 27.09 -24.16
C GLN A 381 29.44 26.96 -22.82
N LYS A 382 29.66 28.07 -22.12
CA LYS A 382 30.30 28.03 -20.82
C LYS A 382 29.46 27.25 -19.81
N MSE A 383 28.14 27.36 -19.91
CA MSE A 383 27.23 26.65 -19.01
C MSE A 383 27.28 25.14 -19.24
O MSE A 383 27.23 24.37 -18.30
CB MSE A 383 25.81 27.17 -19.17
CG MSE A 383 25.60 28.57 -18.60
SE MSE A 383 23.89 29.34 -19.12
CE MSE A 383 22.74 27.84 -18.66
N TRP A 384 27.38 24.74 -20.51
CA TRP A 384 27.47 23.32 -20.82
C TRP A 384 28.84 22.76 -20.46
N ILE A 385 29.91 23.53 -20.70
CA ILE A 385 31.24 23.12 -20.25
C ILE A 385 31.26 22.95 -18.74
N LEU A 386 30.70 23.92 -18.02
CA LEU A 386 30.57 23.81 -16.57
C LEU A 386 29.58 22.72 -16.16
N ARG A 387 28.71 22.30 -17.08
CA ARG A 387 27.74 21.25 -16.80
C ARG A 387 28.38 19.88 -16.78
N LYS A 388 29.28 19.61 -17.73
CA LYS A 388 29.91 18.30 -17.83
C LYS A 388 31.00 18.08 -16.80
N ILE A 389 31.52 19.15 -16.19
CA ILE A 389 32.53 19.02 -15.15
C ILE A 389 31.87 18.67 -13.82
N ILE A 390 30.72 19.28 -13.52
CA ILE A 390 30.04 19.08 -12.25
C ILE A 390 29.20 17.79 -12.26
N HIS A 391 28.73 17.37 -13.44
CA HIS A 391 27.90 16.18 -13.54
C HIS A 391 28.47 14.95 -12.83
N PRO A 392 29.73 14.56 -13.04
CA PRO A 392 30.22 13.35 -12.35
C PRO A 392 30.24 13.47 -10.83
N MSE A 393 30.19 14.67 -10.29
CA MSE A 393 30.30 14.88 -8.86
C MSE A 393 28.98 14.59 -8.14
O MSE A 393 27.91 14.62 -8.75
CB MSE A 393 30.73 16.32 -8.56
CG MSE A 393 31.88 16.81 -9.43
SE MSE A 393 32.41 18.64 -9.03
CE MSE A 393 33.06 18.36 -7.22
N GLY A 394 29.08 14.29 -6.84
CA GLY A 394 27.88 14.14 -6.03
C GLY A 394 27.24 15.49 -5.75
N GLU A 395 26.01 15.43 -5.23
CA GLU A 395 25.23 16.65 -5.05
C GLU A 395 25.90 17.61 -4.08
N ILE A 396 26.46 17.09 -2.97
CA ILE A 396 27.12 17.95 -2.00
C ILE A 396 28.40 18.53 -2.59
N ASP A 397 29.26 17.68 -3.16
CA ASP A 397 30.49 18.16 -3.76
C ASP A 397 30.22 19.06 -4.96
N ALA A 398 29.06 18.88 -5.62
CA ALA A 398 28.72 19.71 -6.76
C ALA A 398 28.55 21.17 -6.36
N MSE A 399 27.77 21.43 -5.32
CA MSE A 399 27.53 22.80 -4.87
C MSE A 399 28.77 23.41 -4.27
O MSE A 399 29.17 24.51 -4.67
CB MSE A 399 26.38 22.84 -3.86
CG MSE A 399 25.00 22.85 -4.50
SE MSE A 399 24.70 24.36 -5.71
CE MSE A 399 25.29 23.59 -7.40
N GLU A 400 29.41 22.70 -3.33
CA GLU A 400 30.64 23.19 -2.73
C GLU A 400 31.66 23.58 -3.79
N PHE A 401 31.78 22.79 -4.85
CA PHE A 401 32.68 23.12 -5.95
C PHE A 401 32.28 24.42 -6.62
N LEU A 402 31.02 24.51 -7.05
CA LEU A 402 30.56 25.70 -7.78
C LEU A 402 30.61 26.94 -6.91
N ILE A 403 30.29 26.81 -5.62
CA ILE A 403 30.29 27.96 -4.73
C ILE A 403 31.71 28.52 -4.56
N ASN A 404 32.68 27.64 -4.32
CA ASN A 404 34.04 28.09 -4.09
C ASN A 404 34.63 28.75 -5.34
N LYS A 405 34.22 28.30 -6.53
CA LYS A 405 34.74 28.88 -7.76
C LYS A 405 34.14 30.24 -8.03
N LEU A 406 32.81 30.36 -7.91
CA LEU A 406 32.15 31.64 -8.11
C LEU A 406 32.58 32.66 -7.06
N ALA A 407 32.98 32.18 -5.88
CA ALA A 407 33.44 33.10 -4.82
C ALA A 407 34.71 33.83 -5.23
N MSE A 408 35.55 33.20 -6.04
CA MSE A 408 36.79 33.82 -6.52
C MSE A 408 36.50 35.08 -7.33
O MSE A 408 37.34 35.97 -7.42
CB MSE A 408 37.59 32.83 -7.37
CG MSE A 408 37.98 31.55 -6.66
SE MSE A 408 38.87 30.30 -7.87
CE MSE A 408 39.35 28.91 -6.60
N THR A 409 35.31 35.13 -7.90
CA THR A 409 34.95 36.18 -8.85
C THR A 409 33.85 37.07 -8.28
N LYS A 410 33.80 38.31 -8.76
CA LYS A 410 32.74 39.24 -8.38
C LYS A 410 31.49 39.04 -9.22
N THR A 411 31.64 38.75 -10.52
CA THR A 411 30.52 38.64 -11.44
C THR A 411 30.66 37.39 -12.29
N ASN A 412 29.52 36.78 -12.63
CA ASN A 412 29.51 35.61 -13.51
C ASN A 412 30.30 35.87 -14.79
N ASP A 413 30.23 37.10 -15.30
CA ASP A 413 30.94 37.44 -16.54
C ASP A 413 32.45 37.41 -16.32
N ASP A 414 32.93 38.01 -15.23
CA ASP A 414 34.35 37.94 -14.93
C ASP A 414 34.78 36.50 -14.64
N PHE A 415 33.86 35.67 -14.16
CA PHE A 415 34.16 34.26 -14.00
C PHE A 415 34.21 33.56 -15.36
N PHE A 416 33.47 34.09 -16.34
CA PHE A 416 33.53 33.57 -17.70
C PHE A 416 34.82 33.96 -18.39
N GLU A 417 35.40 35.11 -18.03
CA GLU A 417 36.63 35.56 -18.66
C GLU A 417 37.82 34.71 -18.23
N MSE A 418 37.92 34.40 -16.94
CA MSE A 418 39.01 33.57 -16.44
C MSE A 418 38.77 32.11 -16.78
O MSE A 418 39.72 31.33 -16.87
CB MSE A 418 39.17 33.75 -14.92
CG MSE A 418 38.06 33.09 -14.10
SE MSE A 418 38.52 32.97 -12.20
CE MSE A 418 38.65 34.88 -11.80
N MSE A 419 37.51 31.73 -16.97
CA MSE A 419 37.16 30.37 -17.32
C MSE A 419 37.56 30.04 -18.75
O MSE A 419 37.80 28.89 -19.10
CB MSE A 419 35.66 30.13 -17.12
CG MSE A 419 35.18 28.72 -17.42
SE MSE A 419 33.25 28.53 -17.21
CE MSE A 419 33.09 26.66 -17.73
N MSE B 4 -11.79 35.63 51.43
CA MSE B 4 -11.85 34.17 51.42
C MSE B 4 -12.13 33.66 50.01
O MSE B 4 -13.23 33.84 49.48
CB MSE B 4 -12.92 33.67 52.40
CG MSE B 4 -12.72 32.24 52.86
SE MSE B 4 -14.03 31.70 54.21
CE MSE B 4 -13.20 30.04 54.80
N ASN B 5 -11.14 33.01 49.41
CA ASN B 5 -11.21 32.58 48.01
C ASN B 5 -11.59 31.10 47.92
N LEU B 6 -12.41 30.78 46.91
CA LEU B 6 -12.88 29.41 46.75
C LEU B 6 -11.73 28.47 46.41
N THR B 7 -10.88 28.85 45.45
CA THR B 7 -9.74 28.02 45.07
C THR B 7 -8.87 27.71 46.29
N GLU B 8 -8.61 28.71 47.13
CA GLU B 8 -7.84 28.49 48.35
C GLU B 8 -8.53 27.46 49.24
N LEU B 9 -9.86 27.50 49.31
CA LEU B 9 -10.60 26.59 50.18
C LEU B 9 -10.69 25.18 49.61
N LYS B 10 -10.47 25.00 48.31
CA LYS B 10 -10.46 23.66 47.74
C LYS B 10 -9.12 22.97 47.93
N ASN B 11 -8.04 23.74 48.07
CA ASN B 11 -6.74 23.16 48.32
C ASN B 11 -6.52 22.85 49.79
N THR B 12 -7.22 23.53 50.69
CA THR B 12 -7.01 23.30 52.10
C THR B 12 -7.61 21.95 52.51
N PRO B 13 -6.96 21.22 53.41
CA PRO B 13 -7.41 19.86 53.74
C PRO B 13 -8.77 19.86 54.43
N VAL B 14 -9.34 18.65 54.54
CA VAL B 14 -10.65 18.49 55.16
C VAL B 14 -10.60 18.85 56.64
N SER B 15 -9.47 18.59 57.30
CA SER B 15 -9.34 18.90 58.71
C SER B 15 -9.58 20.39 58.97
N GLU B 16 -9.13 21.25 58.05
CA GLU B 16 -9.36 22.67 58.19
C GLU B 16 -10.84 23.01 58.11
N LEU B 17 -11.56 22.39 57.17
CA LEU B 17 -12.99 22.64 57.04
C LEU B 17 -13.74 22.26 58.31
N ILE B 18 -13.24 21.26 59.03
CA ILE B 18 -13.85 20.86 60.29
C ILE B 18 -13.58 21.92 61.37
N THR B 19 -12.29 22.12 61.69
CA THR B 19 -11.91 23.09 62.72
C THR B 19 -12.47 24.47 62.40
N LEU B 20 -12.28 24.94 61.17
CA LEU B 20 -12.84 26.22 60.77
C LEU B 20 -14.37 26.18 60.82
N GLY B 21 -14.97 25.06 60.41
CA GLY B 21 -16.42 24.97 60.44
C GLY B 21 -17.00 25.11 61.83
N GLU B 22 -16.29 24.57 62.84
CA GLU B 22 -16.75 24.74 64.21
C GLU B 22 -16.64 26.19 64.64
N ASN B 23 -15.57 26.88 64.21
CA ASN B 23 -15.46 28.31 64.48
C ASN B 23 -16.54 29.10 63.74
N MSE B 24 -17.04 28.56 62.62
CA MSE B 24 -18.10 29.20 61.86
C MSE B 24 -19.45 29.03 62.55
O MSE B 24 -19.98 29.98 63.13
CB MSE B 24 -18.16 28.62 60.45
CG MSE B 24 -17.06 29.12 59.51
SE MSE B 24 -17.39 30.94 58.90
CE MSE B 24 -15.76 31.25 57.88
N ARG B 33 -19.77 16.32 52.48
CA ARG B 33 -18.71 16.29 51.48
C ARG B 33 -17.89 17.57 51.50
N LYS B 34 -16.74 17.54 50.82
CA LYS B 34 -15.90 18.73 50.75
C LYS B 34 -16.55 19.82 49.91
N GLN B 35 -17.33 19.44 48.89
CA GLN B 35 -18.05 20.41 48.08
C GLN B 35 -19.21 21.03 48.86
N ASP B 36 -19.82 20.27 49.76
CA ASP B 36 -20.93 20.79 50.56
C ASP B 36 -20.44 21.70 51.68
N ILE B 37 -19.36 21.30 52.38
CA ILE B 37 -18.85 22.10 53.49
C ILE B 37 -18.38 23.46 52.99
N ILE B 38 -17.51 23.47 51.98
CA ILE B 38 -17.02 24.72 51.41
C ILE B 38 -18.20 25.58 50.96
N PHE B 39 -19.21 24.95 50.36
CA PHE B 39 -20.40 25.69 49.94
C PHE B 39 -21.11 26.31 51.13
N ALA B 40 -21.16 25.59 52.26
CA ALA B 40 -21.84 26.12 53.43
C ALA B 40 -21.05 27.23 54.11
N ILE B 41 -19.72 27.05 54.20
CA ILE B 41 -18.87 28.07 54.81
C ILE B 41 -18.93 29.37 54.01
N LEU B 42 -18.84 29.27 52.69
CA LEU B 42 -18.93 30.46 51.85
C LEU B 42 -20.34 31.05 51.88
N LYS B 43 -21.36 30.20 51.97
CA LYS B 43 -22.74 30.68 52.02
C LYS B 43 -22.99 31.55 53.25
N GLN B 44 -22.39 31.19 54.38
CA GLN B 44 -22.50 31.95 55.61
C GLN B 44 -21.53 33.13 55.65
N HIS B 45 -20.58 33.19 54.73
CA HIS B 45 -19.69 34.34 54.63
C HIS B 45 -20.39 35.51 53.94
N ALA B 46 -21.39 35.24 53.09
CA ALA B 46 -22.12 36.29 52.40
C ALA B 46 -23.13 36.97 53.32
N LYS B 47 -23.81 36.19 54.16
CA LYS B 47 -24.77 36.77 55.10
C LYS B 47 -24.08 37.66 56.13
N SER B 48 -22.79 37.41 56.41
CA SER B 48 -22.02 38.28 57.29
C SER B 48 -21.66 39.61 56.64
N GLY B 49 -21.89 39.74 55.33
CA GLY B 49 -21.50 40.93 54.59
C GLY B 49 -20.12 40.88 53.99
N GLU B 50 -19.25 40.02 54.51
CA GLU B 50 -17.89 39.92 53.99
C GLU B 50 -17.90 39.39 52.56
N ASP B 51 -16.89 39.77 51.80
CA ASP B 51 -16.82 39.42 50.39
C ASP B 51 -16.23 38.02 50.20
N ILE B 52 -16.61 37.39 49.09
CA ILE B 52 -16.14 36.08 48.69
C ILE B 52 -15.42 36.21 47.36
N PHE B 53 -14.40 35.38 47.14
CA PHE B 53 -13.57 35.47 45.94
C PHE B 53 -13.41 34.10 45.30
N GLY B 54 -13.07 34.11 44.01
CA GLY B 54 -12.83 32.90 43.23
C GLY B 54 -12.11 33.22 41.94
N ASP B 55 -11.61 32.17 41.28
CA ASP B 55 -10.80 32.37 40.08
C ASP B 55 -10.87 31.12 39.19
N GLY B 56 -10.39 31.28 37.97
CA GLY B 56 -10.37 30.22 37.00
C GLY B 56 -10.15 30.76 35.59
N VAL B 57 -10.12 29.84 34.63
CA VAL B 57 -9.92 30.17 33.22
C VAL B 57 -11.27 30.15 32.51
N LEU B 58 -11.58 31.22 31.79
CA LEU B 58 -12.89 31.40 31.20
C LEU B 58 -13.07 30.54 29.94
N GLU B 59 -14.29 30.03 29.75
CA GLU B 59 -14.68 29.32 28.53
C GLU B 59 -16.06 29.79 28.13
N ILE B 60 -16.16 30.44 26.99
CA ILE B 60 -17.44 31.01 26.52
C ILE B 60 -18.20 29.94 25.74
N LEU B 61 -19.39 29.60 26.23
CA LEU B 61 -20.26 28.66 25.53
C LEU B 61 -20.97 29.36 24.38
N GLN B 62 -21.71 28.57 23.59
CA GLN B 62 -22.30 29.09 22.37
C GLN B 62 -23.45 30.06 22.65
N ASP B 63 -24.12 29.92 23.80
CA ASP B 63 -25.26 30.79 24.09
C ASP B 63 -24.84 32.22 24.38
N GLY B 64 -23.66 32.41 24.97
CA GLY B 64 -23.19 33.75 25.27
C GLY B 64 -22.51 33.85 26.62
N PHE B 65 -22.92 33.02 27.58
CA PHE B 65 -22.34 33.01 28.90
C PHE B 65 -21.12 32.11 28.94
N GLY B 66 -20.46 32.04 30.10
CA GLY B 66 -19.24 31.26 30.23
C GLY B 66 -19.06 30.75 31.65
N PHE B 67 -17.95 30.03 31.84
CA PHE B 67 -17.62 29.43 33.13
C PHE B 67 -16.12 29.50 33.36
N LEU B 68 -15.74 29.78 34.60
CA LEU B 68 -14.33 29.83 35.01
C LEU B 68 -13.89 28.42 35.38
N ARG B 69 -13.28 27.72 34.44
CA ARG B 69 -12.83 26.35 34.67
C ARG B 69 -11.66 26.34 35.65
N SER B 70 -11.45 25.18 36.26
CA SER B 70 -10.42 25.01 37.28
C SER B 70 -9.30 24.11 36.77
N ALA B 71 -8.08 24.42 37.22
CA ALA B 71 -6.91 23.67 36.76
C ALA B 71 -6.92 22.23 37.28
N ASP B 72 -7.49 22.00 38.46
CA ASP B 72 -7.53 20.65 39.01
C ASP B 72 -8.44 19.74 38.18
N SER B 73 -9.46 20.30 37.53
CA SER B 73 -10.29 19.55 36.60
C SER B 73 -9.73 19.56 35.19
N SER B 74 -8.45 19.93 35.04
CA SER B 74 -7.80 20.04 33.73
C SER B 74 -8.55 20.99 32.80
N TYR B 75 -9.13 22.04 33.38
CA TYR B 75 -9.87 23.07 32.64
C TYR B 75 -11.10 22.49 31.95
N LEU B 76 -11.63 21.40 32.50
CA LEU B 76 -12.89 20.82 32.04
C LEU B 76 -14.02 21.24 32.97
N ALA B 77 -15.24 20.86 32.60
CA ALA B 77 -16.42 21.21 33.38
C ALA B 77 -16.27 20.71 34.81
N GLY B 78 -16.57 21.58 35.77
CA GLY B 78 -16.42 21.24 37.17
C GLY B 78 -17.59 21.67 38.02
N PRO B 79 -17.80 20.98 39.14
CA PRO B 79 -18.92 21.33 40.02
C PRO B 79 -18.74 22.68 40.71
N ASP B 80 -17.51 23.16 40.85
CA ASP B 80 -17.22 24.41 41.53
C ASP B 80 -16.98 25.57 40.57
N ASP B 81 -17.23 25.37 39.28
CA ASP B 81 -16.99 26.40 38.28
C ASP B 81 -17.84 27.64 38.57
N ILE B 82 -17.33 28.80 38.15
CA ILE B 82 -17.95 30.08 38.44
C ILE B 82 -18.62 30.59 37.17
N TYR B 83 -19.94 30.79 37.25
CA TYR B 83 -20.69 31.32 36.12
C TYR B 83 -20.29 32.76 35.82
N VAL B 84 -20.18 33.08 34.53
CA VAL B 84 -19.77 34.40 34.08
C VAL B 84 -20.87 34.97 33.19
N SER B 85 -21.46 36.08 33.61
CA SER B 85 -22.57 36.68 32.89
C SER B 85 -22.13 37.15 31.51
N PRO B 86 -23.00 37.05 30.50
CA PRO B 86 -22.65 37.56 29.17
C PRO B 86 -22.36 39.05 29.16
N SER B 87 -23.02 39.82 30.04
CA SER B 87 -22.75 41.25 30.12
C SER B 87 -21.30 41.52 30.51
N GLN B 88 -20.78 40.74 31.47
CA GLN B 88 -19.39 40.90 31.87
C GLN B 88 -18.44 40.56 30.72
N ILE B 89 -18.85 39.65 29.84
CA ILE B 89 -18.02 39.31 28.69
C ILE B 89 -17.97 40.47 27.69
N ARG B 90 -19.09 41.15 27.49
CA ARG B 90 -19.11 42.28 26.57
C ARG B 90 -18.39 43.50 27.14
N ARG B 91 -18.48 43.70 28.46
CA ARG B 91 -17.96 44.93 29.06
C ARG B 91 -16.44 44.96 29.04
N PHE B 92 -15.79 43.81 29.03
CA PHE B 92 -14.34 43.73 29.03
C PHE B 92 -13.79 42.95 27.84
N ASN B 93 -14.64 42.60 26.87
CA ASN B 93 -14.24 41.86 25.67
C ASN B 93 -13.53 40.55 26.05
N LEU B 94 -14.06 39.88 27.07
CA LEU B 94 -13.47 38.64 27.53
C LEU B 94 -13.63 37.55 26.48
N ARG B 95 -12.64 36.67 26.38
CA ARG B 95 -12.68 35.55 25.45
C ARG B 95 -12.11 34.31 26.14
N THR B 96 -12.41 33.15 25.55
CA THR B 96 -11.99 31.87 26.12
C THR B 96 -10.48 31.85 26.33
N GLY B 97 -10.07 31.53 27.56
CA GLY B 97 -8.67 31.51 27.94
C GLY B 97 -8.29 32.55 28.97
N ASP B 98 -9.08 33.60 29.11
CA ASP B 98 -8.78 34.66 30.07
C ASP B 98 -8.80 34.11 31.50
N THR B 99 -7.71 34.36 32.23
CA THR B 99 -7.66 34.07 33.65
C THR B 99 -8.36 35.19 34.41
N ILE B 100 -9.33 34.85 35.25
CA ILE B 100 -10.20 35.83 35.89
C ILE B 100 -10.28 35.56 37.38
N SER B 101 -10.12 36.62 38.18
CA SER B 101 -10.33 36.59 39.62
C SER B 101 -11.31 37.70 39.98
N GLY B 102 -12.17 37.45 40.96
CA GLY B 102 -13.16 38.44 41.33
C GLY B 102 -14.02 37.95 42.48
N LYS B 103 -15.01 38.78 42.82
CA LYS B 103 -15.94 38.47 43.90
C LYS B 103 -17.04 37.54 43.39
N ILE B 104 -17.31 36.48 44.16
CA ILE B 104 -18.30 35.48 43.76
C ILE B 104 -19.40 35.41 44.81
N ARG B 105 -20.56 34.90 44.39
CA ARG B 105 -21.73 34.82 45.26
C ARG B 105 -22.36 33.43 45.17
N PRO B 106 -22.68 32.82 46.30
CA PRO B 106 -23.30 31.49 46.30
C PRO B 106 -24.60 31.46 45.51
N PRO B 107 -24.85 30.38 44.76
CA PRO B 107 -26.01 30.32 43.88
C PRO B 107 -27.32 30.51 44.63
N LYS B 108 -28.17 31.38 44.09
CA LYS B 108 -29.53 31.52 44.59
C LYS B 108 -30.36 30.30 44.18
N GLU B 109 -31.58 30.23 44.72
CA GLU B 109 -32.46 29.10 44.39
C GLU B 109 -32.77 29.10 42.90
N GLY B 110 -32.69 27.91 42.29
CA GLY B 110 -32.77 27.78 40.87
C GLY B 110 -31.42 27.82 40.15
N GLU B 111 -30.34 28.06 40.89
CA GLU B 111 -29.00 28.07 40.34
C GLU B 111 -28.20 26.91 40.91
N ARG B 112 -27.24 26.42 40.14
CA ARG B 112 -26.43 25.28 40.52
C ARG B 112 -24.95 25.61 40.64
N TYR B 113 -24.56 26.85 40.40
CA TYR B 113 -23.16 27.23 40.37
C TYR B 113 -22.98 28.63 40.97
N PHE B 114 -21.80 28.88 41.50
CA PHE B 114 -21.45 30.21 41.98
C PHE B 114 -21.44 31.19 40.80
N ALA B 115 -21.75 32.44 41.10
CA ALA B 115 -21.84 33.49 40.10
C ALA B 115 -20.76 34.54 40.31
N LEU B 116 -20.36 35.19 39.22
CA LEU B 116 -19.33 36.23 39.25
C LEU B 116 -20.00 37.58 39.36
N LEU B 117 -19.64 38.35 40.39
CA LEU B 117 -20.22 39.67 40.60
C LEU B 117 -19.48 40.73 39.80
N LYS B 118 -18.16 40.79 39.97
CA LYS B 118 -17.33 41.76 39.26
C LYS B 118 -15.92 41.21 39.16
N VAL B 119 -15.26 41.52 38.06
CA VAL B 119 -13.90 41.03 37.81
C VAL B 119 -12.90 41.96 38.46
N ASN B 120 -11.99 41.40 39.25
CA ASN B 120 -10.91 42.18 39.85
C ASN B 120 -9.67 42.18 38.97
N GLU B 121 -9.29 41.01 38.45
CA GLU B 121 -8.10 40.89 37.61
C GLU B 121 -8.42 40.04 36.39
N VAL B 122 -8.09 40.57 35.21
CA VAL B 122 -8.20 39.85 33.95
C VAL B 122 -6.78 39.64 33.43
N ASN B 123 -6.32 38.38 33.49
CA ASN B 123 -4.95 38.03 33.11
C ASN B 123 -3.94 38.77 33.98
N PHE B 124 -4.24 38.88 35.28
CA PHE B 124 -3.38 39.49 36.29
C PHE B 124 -3.17 40.98 36.08
N ASP B 125 -4.01 41.61 35.27
CA ASP B 125 -3.96 43.05 35.03
C ASP B 125 -5.31 43.67 35.37
N LYS B 126 -5.41 44.98 35.17
CA LYS B 126 -6.64 45.69 35.52
C LYS B 126 -7.68 45.51 34.42
N PRO B 127 -8.92 45.18 34.77
CA PRO B 127 -9.93 44.90 33.72
C PRO B 127 -10.14 46.05 32.75
N GLU B 128 -10.09 47.29 33.22
CA GLU B 128 -10.35 48.44 32.37
C GLU B 128 -9.30 48.60 31.28
N ASN B 129 -8.10 48.08 31.49
CA ASN B 129 -7.03 48.19 30.52
C ASN B 129 -6.99 47.05 29.53
N ALA B 130 -7.54 45.88 29.88
CA ALA B 130 -7.66 44.77 28.94
C ALA B 130 -8.86 44.90 28.03
N ARG B 131 -9.71 45.90 28.26
CA ARG B 131 -10.90 46.09 27.43
C ARG B 131 -10.52 46.37 25.97
N ASN B 132 -9.53 47.22 25.75
CA ASN B 132 -9.12 47.63 24.41
C ASN B 132 -7.66 47.24 24.18
N LYS B 133 -7.45 46.13 23.48
CA LYS B 133 -6.11 45.63 23.20
C LYS B 133 -6.11 44.96 21.83
N ILE B 134 -4.91 44.87 21.25
CA ILE B 134 -4.77 44.23 19.94
C ILE B 134 -4.90 42.72 20.11
N LEU B 135 -5.78 42.11 19.30
CA LEU B 135 -6.06 40.69 19.42
C LEU B 135 -4.87 39.85 18.95
N PHE B 136 -4.90 38.57 19.32
CA PHE B 136 -3.80 37.67 18.96
C PHE B 136 -3.72 37.47 17.45
N GLU B 137 -4.87 37.35 16.79
CA GLU B 137 -4.89 37.16 15.35
C GLU B 137 -4.42 38.39 14.59
N ASN B 138 -4.34 39.54 15.26
CA ASN B 138 -3.92 40.79 14.63
C ASN B 138 -2.48 41.15 14.93
N LEU B 139 -1.83 40.45 15.85
CA LEU B 139 -0.42 40.70 16.15
C LEU B 139 0.45 40.41 14.93
N THR B 140 1.45 41.26 14.70
CA THR B 140 2.29 41.08 13.51
C THR B 140 3.40 40.09 13.82
N PRO B 141 3.46 38.95 13.12
CA PRO B 141 4.41 37.90 13.45
C PRO B 141 5.82 38.24 12.96
N LEU B 142 6.80 37.57 13.58
CA LEU B 142 8.20 37.74 13.23
C LEU B 142 8.96 36.46 13.55
N HIS B 143 10.15 36.36 12.98
CA HIS B 143 11.06 35.28 13.36
C HIS B 143 11.67 35.57 14.73
N ALA B 144 11.91 34.51 15.48
CA ALA B 144 12.47 34.65 16.83
C ALA B 144 13.79 35.41 16.77
N ASN B 145 13.86 36.52 17.51
CA ASN B 145 15.05 37.35 17.57
C ASN B 145 15.58 37.53 18.99
N SER B 146 15.06 36.77 19.95
CA SER B 146 15.51 36.85 21.33
C SER B 146 15.90 35.45 21.79
N ARG B 147 17.17 35.27 22.13
CA ARG B 147 17.71 33.95 22.44
C ARG B 147 17.27 33.49 23.82
N LEU B 148 16.83 32.23 23.91
CA LEU B 148 16.50 31.57 25.17
C LEU B 148 17.59 30.53 25.44
N ARG B 149 18.69 30.98 26.04
CA ARG B 149 19.84 30.11 26.26
C ARG B 149 19.48 29.01 27.26
N MSE B 150 19.78 27.78 26.89
CA MSE B 150 19.40 26.60 27.68
C MSE B 150 20.49 26.19 28.67
O MSE B 150 20.20 25.56 29.68
CB MSE B 150 19.08 25.43 26.75
CG MSE B 150 18.00 25.76 25.73
SE MSE B 150 16.32 26.11 26.60
CE MSE B 150 16.21 24.41 27.50
N GLU B 151 21.73 26.56 28.35
CA GLU B 151 22.85 26.16 29.19
C GLU B 151 22.76 26.78 30.57
N ARG B 152 22.91 25.95 31.60
CA ARG B 152 22.93 26.43 32.98
C ARG B 152 24.33 26.89 33.39
N GLY B 153 25.35 26.14 33.00
CA GLY B 153 26.70 26.48 33.39
C GLY B 153 27.06 26.09 34.81
N ASN B 154 26.37 25.11 35.38
CA ASN B 154 26.68 24.64 36.73
C ASN B 154 27.65 23.47 36.75
N GLY B 155 27.96 22.88 35.59
CA GLY B 155 28.87 21.76 35.53
C GLY B 155 28.25 20.40 35.77
N SER B 156 26.93 20.30 35.74
CA SER B 156 26.25 19.05 35.97
C SER B 156 26.19 18.22 34.69
N THR B 157 26.06 16.90 34.85
CA THR B 157 25.94 16.01 33.70
C THR B 157 24.64 16.26 32.94
N GLU B 158 23.62 16.76 33.63
CA GLU B 158 22.36 17.11 32.96
C GLU B 158 22.51 18.32 32.06
N ASP B 159 23.51 19.16 32.32
CA ASP B 159 23.72 20.35 31.50
C ASP B 159 24.26 20.01 30.12
N LEU B 160 24.82 18.81 29.93
CA LEU B 160 25.31 18.41 28.62
C LEU B 160 24.19 18.46 27.57
N THR B 161 23.02 17.98 27.93
CA THR B 161 21.86 18.06 27.03
C THR B 161 21.59 19.51 26.64
N ALA B 162 21.61 20.42 27.61
CA ALA B 162 21.32 21.82 27.33
C ALA B 162 22.41 22.44 26.48
N ARG B 163 23.68 22.11 26.75
CA ARG B 163 24.79 22.68 25.99
C ARG B 163 24.78 22.22 24.54
N VAL B 164 24.65 20.91 24.32
CA VAL B 164 24.56 20.38 22.97
C VAL B 164 23.36 20.96 22.24
N LEU B 165 22.26 21.22 22.97
CA LEU B 165 21.08 21.80 22.36
C LEU B 165 21.33 23.22 21.88
N ASP B 166 22.07 24.01 22.66
CA ASP B 166 22.39 25.38 22.25
C ASP B 166 23.27 25.39 21.01
N LEU B 167 24.16 24.41 20.87
CA LEU B 167 25.05 24.35 19.72
C LEU B 167 24.36 23.79 18.48
N ALA B 168 23.45 22.84 18.66
CA ALA B 168 22.81 22.18 17.54
C ALA B 168 21.59 22.94 17.04
N SER B 169 20.74 23.43 17.93
CA SER B 169 19.50 24.09 17.53
C SER B 169 19.12 25.12 18.58
N PRO B 170 19.52 26.39 18.39
CA PRO B 170 19.16 27.43 19.35
C PRO B 170 17.65 27.68 19.38
N ILE B 171 17.12 27.91 20.58
CA ILE B 171 15.70 28.16 20.80
C ILE B 171 15.50 29.61 21.17
N GLY B 172 14.61 30.29 20.46
CA GLY B 172 14.28 31.68 20.71
C GLY B 172 12.83 31.86 21.12
N ARG B 173 12.53 33.07 21.59
CA ARG B 173 11.17 33.38 22.05
C ARG B 173 10.21 33.39 20.86
N GLY B 174 9.12 32.64 21.00
CA GLY B 174 8.21 32.43 19.90
C GLY B 174 8.58 31.30 18.96
N GLN B 175 9.56 30.49 19.32
CA GLN B 175 10.00 29.38 18.49
C GLN B 175 8.86 28.36 18.31
N ARG B 176 8.99 27.55 17.27
CA ARG B 176 7.98 26.57 16.90
C ARG B 176 8.71 25.27 16.54
N GLY B 177 9.26 24.62 17.57
CA GLY B 177 10.18 23.51 17.38
C GLY B 177 9.58 22.14 17.64
N LEU B 178 10.35 21.11 17.29
CA LEU B 178 9.94 19.71 17.44
C LEU B 178 11.10 18.88 17.96
N ILE B 179 10.80 17.99 18.90
CA ILE B 179 11.76 17.02 19.41
C ILE B 179 11.40 15.68 18.75
N VAL B 180 11.95 15.44 17.58
CA VAL B 180 11.57 14.29 16.75
C VAL B 180 12.46 13.11 17.09
N ALA B 181 11.84 11.94 17.33
CA ALA B 181 12.58 10.71 17.62
C ALA B 181 11.66 9.50 17.77
N PRO B 182 12.18 8.30 17.52
CA PRO B 182 11.40 7.08 17.76
C PRO B 182 11.19 6.83 19.23
N PRO B 183 10.35 5.84 19.60
CA PRO B 183 10.13 5.56 21.02
C PRO B 183 11.41 5.20 21.74
N LYS B 184 11.53 5.68 22.99
CA LYS B 184 12.65 5.39 23.90
C LYS B 184 13.95 6.04 23.46
N ALA B 185 13.88 7.04 22.57
CA ALA B 185 15.09 7.74 22.17
C ALA B 185 15.53 8.80 23.15
N GLY B 186 14.60 9.32 23.96
CA GLY B 186 14.92 10.32 24.96
C GLY B 186 14.19 11.63 24.76
N LYS B 187 12.99 11.58 24.17
CA LYS B 187 12.25 12.81 23.90
C LYS B 187 11.70 13.43 25.17
N THR B 188 11.14 12.63 26.06
CA THR B 188 10.49 13.17 27.25
C THR B 188 11.51 13.79 28.19
N MSE B 189 12.62 13.11 28.43
CA MSE B 189 13.67 13.65 29.29
C MSE B 189 14.38 14.84 28.65
O MSE B 189 14.83 15.75 29.33
CB MSE B 189 14.68 12.57 29.67
CG MSE B 189 14.17 11.59 30.71
SE MSE B 189 15.60 10.48 31.45
CE MSE B 189 16.74 11.89 32.16
N LEU B 190 14.49 14.82 27.32
CA LEU B 190 14.90 16.01 26.59
C LEU B 190 13.95 17.16 26.89
N LEU B 191 12.65 16.87 26.91
CA LEU B 191 11.65 17.88 27.22
C LEU B 191 11.75 18.31 28.69
N GLN B 192 11.97 17.35 29.59
CA GLN B 192 12.12 17.69 31.01
C GLN B 192 13.33 18.58 31.23
N ASN B 193 14.45 18.26 30.58
CA ASN B 193 15.64 19.10 30.70
C ASN B 193 15.35 20.52 30.22
N ILE B 194 14.54 20.66 29.17
CA ILE B 194 14.19 21.98 28.67
C ILE B 194 13.39 22.76 29.70
N ALA B 195 12.47 22.09 30.39
CA ALA B 195 11.67 22.74 31.41
C ALA B 195 12.54 23.28 32.54
N GLN B 196 13.55 22.51 32.96
CA GLN B 196 14.40 22.94 34.05
C GLN B 196 15.21 24.17 33.67
N SER B 197 15.73 24.21 32.44
CA SER B 197 16.53 25.36 32.02
C SER B 197 15.67 26.61 31.87
N ILE B 198 14.41 26.46 31.48
CA ILE B 198 13.51 27.61 31.40
C ILE B 198 13.25 28.18 32.79
N ALA B 199 13.00 27.32 33.77
CA ALA B 199 12.83 27.79 35.14
C ALA B 199 14.13 28.25 35.76
N TYR B 200 15.27 27.76 35.26
CA TYR B 200 16.58 28.13 35.80
C TYR B 200 17.04 29.47 35.26
N ASN B 201 16.93 29.67 33.94
CA ASN B 201 17.46 30.86 33.29
C ASN B 201 16.38 31.88 32.93
N HIS B 202 15.13 31.47 32.77
CA HIS B 202 14.07 32.37 32.33
C HIS B 202 12.87 32.27 33.26
N PRO B 203 13.00 32.74 34.51
CA PRO B 203 11.83 32.77 35.40
C PRO B 203 10.75 33.72 34.93
N ASP B 204 11.07 34.66 34.03
CA ASP B 204 10.11 35.63 33.56
C ASP B 204 9.06 34.99 32.66
N CYS B 205 9.43 33.99 31.89
CA CYS B 205 8.51 33.36 30.95
C CYS B 205 7.48 32.51 31.67
N VAL B 206 6.25 32.55 31.18
CA VAL B 206 5.16 31.74 31.71
C VAL B 206 5.31 30.33 31.16
N LEU B 207 5.71 29.38 32.01
CA LEU B 207 5.99 28.02 31.59
C LEU B 207 4.75 27.15 31.74
N MSE B 208 4.31 26.53 30.65
CA MSE B 208 3.23 25.56 30.67
C MSE B 208 3.69 24.22 30.09
O MSE B 208 4.36 24.20 29.06
CB MSE B 208 2.01 26.07 29.90
CG MSE B 208 1.49 27.42 30.34
SE MSE B 208 -0.25 27.78 29.54
CE MSE B 208 -0.22 29.72 29.62
N VAL B 209 3.32 23.12 30.74
CA VAL B 209 3.68 21.78 30.29
C VAL B 209 2.38 21.03 29.99
N LEU B 210 2.17 20.69 28.73
CA LEU B 210 0.97 19.98 28.28
C LEU B 210 1.36 18.55 27.93
N LEU B 211 0.84 17.58 28.68
CA LEU B 211 1.13 16.17 28.50
C LEU B 211 -0.10 15.50 27.90
N ILE B 212 0.01 15.05 26.65
CA ILE B 212 -1.13 14.52 25.91
C ILE B 212 -0.86 13.06 25.56
N ASP B 213 -1.71 12.16 26.06
CA ASP B 213 -1.73 10.76 25.66
C ASP B 213 -0.40 10.07 25.98
N GLU B 214 0.12 10.33 27.17
CA GLU B 214 1.40 9.76 27.56
C GLU B 214 1.31 9.02 28.88
N ARG B 215 2.46 8.65 29.44
CA ARG B 215 2.49 7.77 30.60
C ARG B 215 2.07 8.52 31.86
N PRO B 216 1.25 7.91 32.71
CA PRO B 216 0.82 8.59 33.94
C PRO B 216 1.97 8.87 34.90
N GLU B 217 2.97 7.99 34.96
CA GLU B 217 4.10 8.19 35.87
C GLU B 217 4.90 9.44 35.48
N GLU B 218 4.93 9.77 34.19
CA GLU B 218 5.63 10.97 33.75
C GLU B 218 4.88 12.24 34.09
N VAL B 219 3.56 12.14 34.31
CA VAL B 219 2.78 13.30 34.73
C VAL B 219 3.21 13.74 36.13
N THR B 220 3.09 12.84 37.10
CA THR B 220 3.45 13.17 38.47
C THR B 220 4.93 13.52 38.59
N GLU B 221 5.78 12.86 37.80
CA GLU B 221 7.20 13.18 37.81
C GLU B 221 7.44 14.61 37.33
N MSE B 222 6.80 14.98 36.22
CA MSE B 222 6.88 16.34 35.69
C MSE B 222 6.44 17.35 36.73
O MSE B 222 7.17 18.29 37.04
CB MSE B 222 6.03 16.47 34.43
CG MSE B 222 6.30 17.73 33.62
SE MSE B 222 7.97 17.61 32.62
CE MSE B 222 7.51 16.08 31.49
N GLN B 223 5.25 17.12 37.30
CA GLN B 223 4.69 18.04 38.29
C GLN B 223 5.64 18.38 39.41
N ARG B 224 6.54 17.47 39.76
CA ARG B 224 7.39 17.62 40.94
C ARG B 224 8.77 18.20 40.63
N LEU B 225 9.18 18.24 39.36
CA LEU B 225 10.48 18.79 39.00
C LEU B 225 10.41 20.08 38.20
N VAL B 226 9.22 20.48 37.74
CA VAL B 226 9.07 21.66 36.89
C VAL B 226 8.44 22.79 37.71
N LYS B 227 8.93 24.00 37.49
CA LYS B 227 8.43 25.19 38.18
C LYS B 227 7.51 25.93 37.20
N GLY B 228 6.30 25.41 37.07
CA GLY B 228 5.30 25.99 36.19
C GLY B 228 3.96 25.29 36.36
N GLU B 229 3.16 25.27 35.29
CA GLU B 229 1.86 24.60 35.30
C GLU B 229 1.93 23.35 34.46
N VAL B 230 1.37 22.26 34.98
CA VAL B 230 1.36 20.95 34.32
C VAL B 230 -0.10 20.57 34.05
N VAL B 231 -0.47 20.53 32.78
CA VAL B 231 -1.80 20.09 32.35
C VAL B 231 -1.62 18.77 31.60
N ALA B 232 -2.23 17.71 32.13
CA ALA B 232 -2.00 16.37 31.61
C ALA B 232 -3.31 15.69 31.24
N SER B 233 -3.21 14.75 30.28
CA SER B 233 -4.32 13.92 29.80
C SER B 233 -3.71 12.61 29.31
N THR B 234 -3.47 11.69 30.27
CA THR B 234 -2.75 10.45 30.00
C THR B 234 -3.50 9.60 28.97
N PHE B 235 -2.85 8.48 28.60
CA PHE B 235 -3.47 7.57 27.63
C PHE B 235 -4.65 6.81 28.18
N ASP B 236 -4.96 6.96 29.47
CA ASP B 236 -6.20 6.45 30.04
C ASP B 236 -7.40 7.30 29.68
N GLU B 237 -7.19 8.43 29.01
CA GLU B 237 -8.24 9.38 28.69
C GLU B 237 -8.63 9.28 27.22
N PRO B 238 -9.87 9.61 26.91
CA PRO B 238 -10.32 9.57 25.51
C PRO B 238 -9.65 10.65 24.69
N ALA B 239 -9.74 10.49 23.36
CA ALA B 239 -9.22 11.51 22.46
C ALA B 239 -10.04 12.79 22.53
N SER B 240 -11.33 12.67 22.85
CA SER B 240 -12.17 13.86 22.99
C SER B 240 -11.70 14.74 24.13
N ARG B 241 -11.21 14.13 25.22
CA ARG B 241 -10.69 14.90 26.34
C ARG B 241 -9.38 15.59 25.96
N HIS B 242 -8.51 14.88 25.24
CA HIS B 242 -7.25 15.46 24.81
C HIS B 242 -7.46 16.77 24.06
N VAL B 243 -8.34 16.76 23.06
CA VAL B 243 -8.61 17.95 22.26
C VAL B 243 -9.07 19.08 23.16
N GLN B 244 -10.12 18.84 23.95
CA GLN B 244 -10.71 19.89 24.77
C GLN B 244 -9.68 20.50 25.72
N VAL B 245 -8.91 19.64 26.40
CA VAL B 245 -7.88 20.12 27.30
C VAL B 245 -6.83 20.94 26.54
N ALA B 246 -6.42 20.45 25.37
CA ALA B 246 -5.43 21.16 24.57
C ALA B 246 -5.99 22.48 24.03
N GLU B 247 -7.28 22.50 23.69
CA GLU B 247 -7.91 23.73 23.20
C GLU B 247 -7.89 24.82 24.25
N MSE B 248 -8.11 24.45 25.52
CA MSE B 248 -8.14 25.42 26.60
C MSE B 248 -6.75 26.01 26.87
O MSE B 248 -6.61 27.21 27.12
CB MSE B 248 -8.70 24.78 27.87
CG MSE B 248 -10.19 24.46 27.80
SE MSE B 248 -11.30 26.05 27.72
CE MSE B 248 -10.81 26.84 29.43
N VAL B 249 -5.73 25.15 26.82
CA VAL B 249 -4.37 25.60 27.12
C VAL B 249 -3.87 26.55 26.03
N ILE B 250 -4.13 26.22 24.76
CA ILE B 250 -3.65 27.07 23.67
C ILE B 250 -4.36 28.41 23.68
N GLU B 251 -5.63 28.43 24.09
CA GLU B 251 -6.36 29.69 24.15
C GLU B 251 -5.92 30.54 25.33
N LYS B 252 -5.64 29.90 26.47
CA LYS B 252 -5.07 30.62 27.61
C LYS B 252 -3.73 31.24 27.25
N ALA B 253 -2.92 30.52 26.46
CA ALA B 253 -1.65 31.06 26.02
C ALA B 253 -1.83 32.29 25.14
N LYS B 254 -2.75 32.21 24.18
CA LYS B 254 -3.00 33.36 23.31
C LYS B 254 -3.41 34.59 24.09
N ARG B 255 -4.21 34.41 25.15
CA ARG B 255 -4.66 35.55 25.94
C ARG B 255 -3.48 36.22 26.64
N LEU B 256 -2.59 35.43 27.25
CA LEU B 256 -1.43 36.00 27.91
C LEU B 256 -0.50 36.70 26.92
N VAL B 257 -0.40 36.17 25.69
CA VAL B 257 0.39 36.84 24.66
C VAL B 257 -0.23 38.19 24.30
N GLU B 258 -1.56 38.28 24.32
CA GLU B 258 -2.22 39.56 24.12
C GLU B 258 -1.87 40.57 25.21
N HIS B 259 -1.38 40.09 26.36
CA HIS B 259 -0.90 40.93 27.43
C HIS B 259 0.62 41.09 27.43
N LYS B 260 1.26 40.90 26.27
CA LYS B 260 2.70 41.13 26.09
C LYS B 260 3.53 40.25 27.03
N LYS B 261 3.20 38.97 27.07
CA LYS B 261 3.91 38.03 27.92
C LYS B 261 4.50 36.89 27.09
N ASP B 262 5.67 36.41 27.53
CA ASP B 262 6.40 35.35 26.86
C ASP B 262 5.97 34.01 27.44
N VAL B 263 5.04 33.34 26.75
CA VAL B 263 4.52 32.05 27.19
C VAL B 263 5.22 30.93 26.43
N ILE B 264 5.60 29.88 27.14
CA ILE B 264 6.27 28.72 26.54
C ILE B 264 5.46 27.47 26.88
N ILE B 265 5.06 26.73 25.85
CA ILE B 265 4.29 25.50 26.01
C ILE B 265 5.16 24.33 25.56
N LEU B 266 5.38 23.37 26.46
CA LEU B 266 6.14 22.16 26.18
C LEU B 266 5.14 21.01 26.05
N LEU B 267 4.91 20.56 24.83
CA LEU B 267 3.90 19.55 24.54
C LEU B 267 4.56 18.19 24.35
N ASP B 268 3.87 17.15 24.85
CA ASP B 268 4.34 15.78 24.72
C ASP B 268 3.17 14.82 24.92
N SER B 269 2.71 14.21 23.82
CA SER B 269 3.30 14.41 22.50
C SER B 269 2.32 15.10 21.55
N ILE B 270 2.86 15.90 20.63
CA ILE B 270 2.03 16.54 19.62
C ILE B 270 1.59 15.55 18.55
N THR B 271 2.39 14.51 18.31
CA THR B 271 2.01 13.47 17.36
C THR B 271 0.75 12.76 17.82
N ARG B 272 0.69 12.40 19.11
CA ARG B 272 -0.50 11.76 19.65
C ARG B 272 -1.66 12.73 19.79
N LEU B 273 -1.36 14.03 19.92
CA LEU B 273 -2.42 15.03 19.88
C LEU B 273 -3.05 15.11 18.49
N ALA B 274 -2.21 15.04 17.45
CA ALA B 274 -2.74 14.99 16.09
C ALA B 274 -3.60 13.74 15.88
N ARG B 275 -3.19 12.62 16.47
CA ARG B 275 -4.03 11.42 16.43
C ARG B 275 -5.38 11.68 17.09
N ALA B 276 -5.37 12.36 18.24
CA ALA B 276 -6.62 12.67 18.92
C ALA B 276 -7.56 13.49 18.04
N TYR B 277 -7.01 14.47 17.32
CA TYR B 277 -7.83 15.24 16.38
C TYR B 277 -8.35 14.36 15.26
N ASN B 278 -7.53 13.40 14.80
CA ASN B 278 -7.95 12.51 13.73
C ASN B 278 -9.08 11.58 14.17
N THR B 279 -9.15 11.27 15.46
CA THR B 279 -10.23 10.43 15.98
C THR B 279 -11.54 11.20 16.09
N VAL B 280 -11.47 12.49 16.40
CA VAL B 280 -12.67 13.30 16.57
C VAL B 280 -13.15 13.94 15.27
N VAL B 281 -12.26 14.06 14.27
CA VAL B 281 -12.58 14.86 13.08
C VAL B 281 -13.73 14.21 12.32
N PRO B 282 -14.71 14.97 11.83
CA PRO B 282 -15.77 14.37 11.02
C PRO B 282 -15.24 13.81 9.71
N ALA B 283 -15.84 12.70 9.28
CA ALA B 283 -15.41 12.04 8.05
C ALA B 283 -15.73 12.92 6.85
N SER B 284 -14.70 13.23 6.05
CA SER B 284 -14.85 14.03 4.85
C SER B 284 -14.90 13.20 3.58
N GLY B 285 -14.74 11.88 3.68
CA GLY B 285 -14.67 11.02 2.52
C GLY B 285 -13.32 10.94 1.85
N LYS B 286 -12.33 11.70 2.34
CA LYS B 286 -11.00 11.74 1.77
C LYS B 286 -9.99 11.46 2.87
N VAL B 287 -9.21 10.39 2.71
CA VAL B 287 -8.27 9.94 3.73
C VAL B 287 -6.87 9.91 3.12
N LEU B 288 -5.94 10.61 3.75
CA LEU B 288 -4.55 10.64 3.32
C LEU B 288 -3.88 9.29 3.59
N THR B 289 -2.63 9.16 3.15
CA THR B 289 -1.88 7.94 3.36
C THR B 289 -1.56 7.76 4.84
N GLY B 290 -1.76 6.54 5.33
CA GLY B 290 -1.51 6.20 6.72
C GLY B 290 -2.74 6.16 7.60
N GLY B 291 -3.90 6.54 7.07
CA GLY B 291 -5.11 6.61 7.86
C GLY B 291 -5.47 7.99 8.37
N VAL B 292 -4.78 9.03 7.92
CA VAL B 292 -5.02 10.39 8.38
C VAL B 292 -6.09 11.02 7.50
N ASP B 293 -7.18 11.47 8.11
CA ASP B 293 -8.23 12.16 7.37
C ASP B 293 -7.66 13.43 6.75
N ALA B 294 -8.15 13.76 5.54
CA ALA B 294 -7.64 14.89 4.79
C ALA B 294 -7.90 16.23 5.48
N ASN B 295 -8.75 16.26 6.50
CA ASN B 295 -9.01 17.47 7.25
C ASN B 295 -8.62 17.38 8.72
N ALA B 296 -7.99 16.26 9.12
CA ALA B 296 -7.68 16.05 10.53
C ALA B 296 -6.52 16.91 11.00
N LEU B 297 -5.57 17.21 10.11
CA LEU B 297 -4.36 17.93 10.52
C LEU B 297 -4.57 19.43 10.62
N HIS B 298 -5.71 19.96 10.19
CA HIS B 298 -5.94 21.40 10.23
C HIS B 298 -5.92 21.93 11.66
N ARG B 299 -6.65 21.25 12.56
CA ARG B 299 -6.70 21.68 13.96
C ARG B 299 -5.33 21.67 14.62
N PRO B 300 -4.58 20.56 14.65
CA PRO B 300 -3.27 20.59 15.31
C PRO B 300 -2.26 21.47 14.59
N LYS B 301 -2.45 21.72 13.30
CA LYS B 301 -1.54 22.60 12.56
C LYS B 301 -1.71 24.05 13.00
N ARG B 302 -2.95 24.47 13.27
CA ARG B 302 -3.18 25.80 13.82
C ARG B 302 -2.86 25.86 15.31
N PHE B 303 -2.88 24.72 16.01
CA PHE B 303 -2.40 24.66 17.38
C PHE B 303 -0.89 24.88 17.42
N PHE B 304 -0.14 24.06 16.69
CA PHE B 304 1.31 24.21 16.62
C PHE B 304 1.69 25.53 15.98
N GLY B 305 0.98 25.92 14.90
CA GLY B 305 1.24 27.18 14.25
C GLY B 305 0.86 28.41 15.05
N ALA B 306 0.20 28.24 16.20
CA ALA B 306 -0.11 29.37 17.05
C ALA B 306 1.17 30.02 17.59
N ALA B 307 2.19 29.20 17.87
CA ALA B 307 3.47 29.72 18.34
C ALA B 307 4.05 30.72 17.34
N ARG B 308 4.58 31.83 17.86
CA ARG B 308 5.15 32.88 17.04
C ARG B 308 5.77 33.99 17.88
N ASN B 309 6.73 34.70 17.31
CA ASN B 309 7.33 35.88 17.93
C ASN B 309 6.55 37.11 17.51
N VAL B 310 6.18 37.95 18.47
CA VAL B 310 5.31 39.09 18.24
C VAL B 310 6.11 40.38 18.36
N GLU B 311 5.98 41.24 17.35
CA GLU B 311 6.66 42.54 17.37
C GLU B 311 6.10 43.44 18.47
N GLU B 312 4.78 43.39 18.69
CA GLU B 312 4.17 44.27 19.69
C GLU B 312 4.73 44.01 21.08
N GLY B 313 4.99 42.76 21.42
CA GLY B 313 5.52 42.39 22.71
C GLY B 313 5.06 41.01 23.12
N GLY B 314 5.92 40.30 23.85
CA GLY B 314 5.63 38.94 24.27
C GLY B 314 5.68 37.98 23.09
N SER B 315 5.53 36.70 23.40
CA SER B 315 5.59 35.67 22.36
C SER B 315 4.99 34.38 22.88
N LEU B 316 4.85 33.41 21.97
CA LEU B 316 4.34 32.08 22.29
C LEU B 316 5.30 31.06 21.71
N THR B 317 6.04 30.36 22.58
CA THR B 317 6.98 29.33 22.19
C THR B 317 6.36 27.96 22.39
N ILE B 318 6.59 27.05 21.45
CA ILE B 318 6.02 25.70 21.51
C ILE B 318 7.10 24.70 21.10
N ILE B 319 7.57 23.89 22.04
CA ILE B 319 8.50 22.80 21.80
C ILE B 319 7.76 21.50 22.07
N ALA B 320 7.41 20.78 21.00
CA ALA B 320 6.61 19.57 21.11
C ALA B 320 7.37 18.37 20.56
N THR B 321 7.19 17.22 21.19
CA THR B 321 7.83 15.99 20.77
C THR B 321 7.02 15.28 19.69
N ALA B 322 7.72 14.63 18.76
CA ALA B 322 7.09 13.95 17.65
C ALA B 322 7.68 12.56 17.47
N LEU B 323 6.84 11.63 17.00
CA LEU B 323 7.22 10.24 16.82
C LEU B 323 7.50 9.95 15.35
N ILE B 324 8.51 9.12 15.09
CA ILE B 324 8.86 8.65 13.77
C ILE B 324 9.31 7.21 13.86
N ASP B 325 9.40 6.55 12.70
CA ASP B 325 9.79 5.15 12.61
C ASP B 325 8.93 4.27 13.50
N THR B 326 7.63 4.57 13.53
CA THR B 326 6.68 3.77 14.30
C THR B 326 6.10 2.62 13.50
N GLY B 327 6.51 2.46 12.24
CA GLY B 327 5.88 1.50 11.35
C GLY B 327 4.55 1.94 10.79
N SER B 328 4.03 3.08 11.22
CA SER B 328 2.75 3.61 10.75
C SER B 328 3.00 4.84 9.89
N LYS B 329 2.58 4.77 8.62
CA LYS B 329 2.75 5.90 7.72
C LYS B 329 2.04 7.16 8.22
N MSE B 330 1.04 7.01 9.07
CA MSE B 330 0.34 8.14 9.67
C MSE B 330 1.31 9.10 10.36
O MSE B 330 1.29 10.30 10.10
CB MSE B 330 -0.71 7.65 10.67
CG MSE B 330 -1.16 8.70 11.68
SE MSE B 330 -2.60 8.09 12.84
CE MSE B 330 -3.94 7.69 11.48
N ASP B 331 2.15 8.55 11.24
CA ASP B 331 3.09 9.38 11.98
C ASP B 331 4.12 10.03 11.07
N GLU B 332 4.44 9.38 9.95
CA GLU B 332 5.34 10.00 8.98
C GLU B 332 4.68 11.21 8.31
N VAL B 333 3.39 11.10 8.00
CA VAL B 333 2.65 12.23 7.44
C VAL B 333 2.57 13.36 8.47
N ILE B 334 2.25 13.01 9.72
CA ILE B 334 2.10 14.02 10.77
C ILE B 334 3.42 14.75 10.99
N TYR B 335 4.52 13.99 11.11
CA TYR B 335 5.81 14.60 11.40
C TYR B 335 6.24 15.53 10.27
N GLU B 336 6.10 15.08 9.02
CA GLU B 336 6.53 15.90 7.89
C GLU B 336 5.65 17.13 7.73
N GLU B 337 4.39 17.05 8.16
CA GLU B 337 3.50 18.20 8.08
C GLU B 337 3.89 19.27 9.09
N PHE B 338 4.15 18.86 10.33
CA PHE B 338 4.61 19.80 11.35
C PHE B 338 5.99 20.35 11.03
N LYS B 339 6.80 19.58 10.30
CA LYS B 339 8.11 20.07 9.90
C LYS B 339 7.99 21.23 8.91
N GLY B 340 6.99 21.17 8.02
CA GLY B 340 6.67 22.28 7.14
C GLY B 340 5.94 23.42 7.79
N THR B 341 5.68 23.31 9.09
CA THR B 341 5.03 24.35 9.89
C THR B 341 5.99 25.00 10.87
N GLY B 342 6.81 24.21 11.56
CA GLY B 342 7.74 24.75 12.53
C GLY B 342 9.00 25.29 11.89
N ASN B 343 9.92 25.71 12.76
CA ASN B 343 11.18 26.29 12.32
C ASN B 343 12.34 25.88 13.23
N MSE B 344 12.22 24.75 13.92
CA MSE B 344 13.26 24.25 14.81
C MSE B 344 13.05 22.75 14.99
O MSE B 344 11.94 22.31 15.27
CB MSE B 344 13.24 24.98 16.15
CG MSE B 344 14.28 24.52 17.16
SE MSE B 344 13.80 22.87 18.12
CE MSE B 344 15.31 22.79 19.35
N GLU B 345 14.10 21.95 14.82
CA GLU B 345 13.95 20.50 14.87
C GLU B 345 15.18 19.89 15.53
N LEU B 346 14.94 19.07 16.56
CA LEU B 346 16.01 18.38 17.29
C LEU B 346 15.73 16.88 17.21
N HIS B 347 16.44 16.19 16.32
CA HIS B 347 16.24 14.76 16.14
C HIS B 347 17.07 13.97 17.15
N LEU B 348 16.50 12.88 17.65
CA LEU B 348 17.19 11.96 18.52
C LEU B 348 17.26 10.59 17.85
N SER B 349 18.41 9.95 17.97
CA SER B 349 18.68 8.71 17.24
C SER B 349 18.51 7.50 18.16
N ARG B 350 17.87 6.46 17.62
CA ARG B 350 17.68 5.23 18.39
C ARG B 350 18.99 4.46 18.53
N LYS B 351 19.79 4.40 17.45
CA LYS B 351 21.04 3.66 17.52
C LYS B 351 22.03 4.32 18.48
N ILE B 352 21.94 5.63 18.67
CA ILE B 352 22.77 6.29 19.69
C ILE B 352 22.24 5.97 21.08
N ALA B 353 20.92 6.03 21.26
CA ALA B 353 20.33 5.75 22.57
C ALA B 353 20.51 4.29 22.96
N GLU B 354 20.56 3.38 21.98
CA GLU B 354 20.78 1.97 22.28
C GLU B 354 22.21 1.69 22.71
N LYS B 355 23.16 2.52 22.27
CA LYS B 355 24.51 2.49 22.82
C LYS B 355 24.61 3.22 24.15
N ARG B 356 23.49 3.75 24.66
CA ARG B 356 23.42 4.44 25.95
C ARG B 356 24.24 5.72 25.95
N VAL B 357 24.30 6.40 24.80
CA VAL B 357 25.01 7.67 24.67
C VAL B 357 23.98 8.78 24.71
N PHE B 358 23.96 9.53 25.81
CA PHE B 358 23.01 10.62 25.97
C PHE B 358 23.73 11.96 26.17
N PRO B 359 23.21 13.03 25.54
CA PRO B 359 22.01 13.03 24.71
C PRO B 359 22.22 12.37 23.35
N ALA B 360 21.24 11.59 22.91
CA ALA B 360 21.33 10.88 21.64
C ALA B 360 20.86 11.76 20.48
N ILE B 361 21.53 12.90 20.32
CA ILE B 361 21.13 13.92 19.37
C ILE B 361 21.75 13.62 18.01
N ASP B 362 20.92 13.63 16.97
CA ASP B 362 21.37 13.54 15.58
C ASP B 362 21.79 14.94 15.15
N TYR B 363 23.09 15.24 15.33
CA TYR B 363 23.58 16.60 15.14
C TYR B 363 23.34 17.10 13.72
N ASN B 364 23.56 16.24 12.73
CA ASN B 364 23.52 16.70 11.34
C ASN B 364 22.11 17.07 10.90
N ARG B 365 21.11 16.34 11.37
CA ARG B 365 19.73 16.60 10.96
C ARG B 365 19.01 17.59 11.85
N SER B 366 19.60 18.00 12.97
CA SER B 366 19.01 19.00 13.84
C SER B 366 19.33 20.41 13.32
N GLY B 367 18.64 21.40 13.87
CA GLY B 367 18.93 22.78 13.52
C GLY B 367 17.70 23.66 13.71
N THR B 368 17.97 24.97 13.66
CA THR B 368 16.94 26.00 13.83
C THR B 368 17.03 27.00 12.68
N ARG B 369 15.87 27.43 12.19
CA ARG B 369 15.81 28.38 11.10
C ARG B 369 16.13 29.79 11.59
N LYS B 370 16.76 30.58 10.70
CA LYS B 370 17.15 31.95 11.01
C LYS B 370 17.95 32.02 12.30
N GLU B 371 18.85 31.06 12.49
CA GLU B 371 19.63 30.98 13.72
C GLU B 371 20.56 32.17 13.90
N GLU B 372 20.83 32.92 12.83
CA GLU B 372 21.65 34.13 12.94
C GLU B 372 20.96 35.22 13.74
N LEU B 373 19.65 35.13 13.93
CA LEU B 373 18.90 36.08 14.75
C LEU B 373 18.90 35.70 16.23
N LEU B 374 19.41 34.53 16.59
CA LEU B 374 19.44 34.06 17.96
C LEU B 374 20.86 33.90 18.50
N THR B 375 21.89 34.23 17.72
CA THR B 375 23.27 34.04 18.13
C THR B 375 24.09 35.25 17.69
N THR B 376 25.15 35.53 18.45
CA THR B 376 26.07 36.59 18.06
C THR B 376 26.87 36.16 16.82
N GLN B 377 27.43 37.16 16.14
CA GLN B 377 28.18 36.88 14.91
C GLN B 377 29.40 36.01 15.19
N GLU B 378 30.03 36.19 16.34
CA GLU B 378 31.14 35.34 16.73
C GLU B 378 30.67 33.95 17.12
N GLU B 379 29.56 33.88 17.86
CA GLU B 379 29.03 32.59 18.30
C GLU B 379 28.62 31.73 17.11
N LEU B 380 27.90 32.32 16.16
CA LEU B 380 27.45 31.57 14.99
C LEU B 380 28.63 31.07 14.17
N GLN B 381 29.70 31.85 14.10
CA GLN B 381 30.90 31.42 13.39
C GLN B 381 31.44 30.12 13.98
N LYS B 382 31.56 30.07 15.31
CA LYS B 382 32.10 28.88 15.96
C LYS B 382 31.16 27.69 15.83
N MSE B 383 29.85 27.94 15.84
CA MSE B 383 28.87 26.89 15.62
C MSE B 383 28.96 26.34 14.20
O MSE B 383 28.80 25.14 13.97
CB MSE B 383 27.46 27.40 15.89
CG MSE B 383 27.15 27.67 17.36
SE MSE B 383 25.45 28.59 17.61
CE MSE B 383 24.34 27.49 16.44
N TRP B 384 29.22 27.24 13.25
CA TRP B 384 29.37 26.84 11.86
C TRP B 384 30.63 26.02 11.65
N ILE B 385 31.73 26.41 12.28
CA ILE B 385 32.98 25.65 12.19
C ILE B 385 32.80 24.27 12.81
N LEU B 386 32.23 24.23 14.02
CA LEU B 386 31.96 22.95 14.67
C LEU B 386 31.02 22.09 13.85
N ARG B 387 30.16 22.71 13.04
CA ARG B 387 29.26 21.97 12.17
C ARG B 387 30.04 21.18 11.12
N LYS B 388 30.96 21.84 10.42
CA LYS B 388 31.70 21.19 9.35
C LYS B 388 32.57 20.06 9.87
N ILE B 389 33.05 20.15 11.11
CA ILE B 389 33.90 19.10 11.66
C ILE B 389 33.09 17.86 11.98
N ILE B 390 31.86 18.04 12.48
CA ILE B 390 31.05 16.92 12.93
C ILE B 390 30.36 16.22 11.75
N HIS B 391 30.01 16.97 10.71
CA HIS B 391 29.25 16.43 9.58
C HIS B 391 29.84 15.14 9.02
N PRO B 392 31.14 15.04 8.70
CA PRO B 392 31.65 13.77 8.14
C PRO B 392 31.53 12.60 9.09
N MSE B 393 31.38 12.83 10.39
CA MSE B 393 31.33 11.76 11.36
C MSE B 393 30.00 11.01 11.32
O MSE B 393 28.99 11.53 10.86
CB MSE B 393 31.55 12.31 12.78
CG MSE B 393 32.82 13.12 12.93
SE MSE B 393 33.01 13.83 14.75
CE MSE B 393 34.69 14.78 14.52
N GLY B 394 30.02 9.77 11.80
CA GLY B 394 28.79 9.01 11.96
C GLY B 394 27.99 9.51 13.15
N GLU B 395 26.75 9.04 13.22
CA GLU B 395 25.82 9.49 14.26
C GLU B 395 26.43 9.30 15.65
N ILE B 396 26.83 8.07 15.97
CA ILE B 396 27.35 7.77 17.30
C ILE B 396 28.66 8.50 17.55
N ASP B 397 29.61 8.36 16.62
CA ASP B 397 30.91 9.02 16.78
C ASP B 397 30.75 10.53 16.95
N ALA B 398 29.73 11.12 16.32
CA ALA B 398 29.52 12.55 16.45
C ALA B 398 29.22 12.94 17.90
N MSE B 399 28.30 12.23 18.54
CA MSE B 399 27.93 12.54 19.91
C MSE B 399 29.06 12.24 20.88
O MSE B 399 29.38 13.07 21.73
CB MSE B 399 26.67 11.78 20.31
CG MSE B 399 25.37 12.45 19.90
SE MSE B 399 25.18 14.27 20.63
CE MSE B 399 25.89 15.31 19.14
N GLU B 400 29.67 11.06 20.75
CA GLU B 400 30.81 10.72 21.60
C GLU B 400 31.94 11.71 21.46
N PHE B 401 32.09 12.31 20.28
CA PHE B 401 33.12 13.34 20.09
C PHE B 401 32.73 14.64 20.79
N LEU B 402 31.51 15.12 20.53
CA LEU B 402 31.10 16.41 21.08
C LEU B 402 30.91 16.34 22.59
N ILE B 403 30.34 15.25 23.10
CA ILE B 403 30.06 15.13 24.53
C ILE B 403 31.37 15.14 25.33
N ASN B 404 32.39 14.43 24.83
CA ASN B 404 33.66 14.36 25.55
C ASN B 404 34.39 15.70 25.54
N LYS B 405 34.36 16.41 24.41
CA LYS B 405 35.02 17.71 24.35
C LYS B 405 34.30 18.73 25.23
N LEU B 406 32.97 18.64 25.33
CA LEU B 406 32.24 19.51 26.23
C LEU B 406 32.46 19.11 27.68
N ALA B 407 32.73 17.83 27.94
CA ALA B 407 32.95 17.39 29.32
C ALA B 407 34.18 18.03 29.93
N MSE B 408 35.17 18.36 29.11
CA MSE B 408 36.39 19.01 29.59
C MSE B 408 36.12 20.41 30.10
O MSE B 408 36.89 20.98 30.87
CB MSE B 408 37.43 19.07 28.48
CG MSE B 408 37.76 17.73 27.84
SE MSE B 408 38.94 17.92 26.30
CE MSE B 408 39.18 16.04 25.87
N THR B 409 34.99 20.98 29.68
CA THR B 409 34.66 22.37 29.97
C THR B 409 33.34 22.44 30.73
N LYS B 410 33.18 23.54 31.49
CA LYS B 410 31.94 23.80 32.22
C LYS B 410 30.97 24.67 31.42
N THR B 411 31.47 25.54 30.55
CA THR B 411 30.61 26.43 29.76
C THR B 411 31.01 26.41 28.30
N ASN B 412 30.00 26.42 27.42
CA ASN B 412 30.27 26.42 25.97
C ASN B 412 31.19 27.55 25.56
N ASP B 413 31.23 28.64 26.34
CA ASP B 413 32.12 29.76 26.02
C ASP B 413 33.58 29.37 26.21
N ASP B 414 33.90 28.72 27.34
CA ASP B 414 35.27 28.24 27.52
C ASP B 414 35.61 27.13 26.53
N PHE B 415 34.59 26.39 26.06
CA PHE B 415 34.82 25.37 25.04
C PHE B 415 35.21 25.99 23.71
N PHE B 416 34.60 27.13 23.37
CA PHE B 416 34.99 27.85 22.16
C PHE B 416 36.39 28.43 22.26
N GLU B 417 36.86 28.69 23.48
CA GLU B 417 38.21 29.21 23.65
C GLU B 417 39.28 28.16 23.34
N MSE B 418 38.99 26.89 23.63
CA MSE B 418 39.91 25.81 23.32
C MSE B 418 39.97 25.53 21.83
O MSE B 418 40.90 24.90 21.34
CB MSE B 418 39.50 24.53 24.06
CG MSE B 418 39.73 24.56 25.55
SE MSE B 418 39.33 22.84 26.38
CE MSE B 418 39.90 23.24 28.20
N MSE B 419 38.96 26.01 21.11
CA MSE B 419 38.84 25.72 19.68
C MSE B 419 39.95 26.39 18.87
O MSE B 419 40.87 25.70 18.42
CB MSE B 419 37.46 26.15 19.16
CG MSE B 419 37.05 25.45 17.88
SE MSE B 419 35.13 25.57 17.55
CE MSE B 419 34.51 24.76 19.20
N LYS B 420 39.85 27.72 18.74
CA LYS B 420 40.77 28.56 17.96
C LYS B 420 41.61 27.83 16.90
N MSE C 4 -18.03 -26.82 53.43
CA MSE C 4 -18.99 -27.04 52.35
C MSE C 4 -18.98 -25.88 51.36
O MSE C 4 -19.77 -24.95 51.49
CB MSE C 4 -20.39 -27.25 52.91
CG MSE C 4 -21.38 -27.82 51.91
SE MSE C 4 -20.92 -29.63 51.37
CE MSE C 4 -22.47 -29.97 50.25
N ASN C 5 -18.08 -25.95 50.38
CA ASN C 5 -17.90 -24.86 49.41
C ASN C 5 -18.17 -25.37 48.00
N LEU C 6 -18.73 -24.48 47.18
CA LEU C 6 -19.10 -24.85 45.81
C LEU C 6 -17.87 -25.12 44.97
N THR C 7 -16.95 -24.16 44.88
CA THR C 7 -15.77 -24.32 44.03
C THR C 7 -14.90 -25.47 44.50
N GLU C 8 -14.90 -25.76 45.81
CA GLU C 8 -14.15 -26.90 46.31
C GLU C 8 -14.75 -28.22 45.80
N LEU C 9 -16.08 -28.28 45.71
CA LEU C 9 -16.72 -29.45 45.14
C LEU C 9 -16.47 -29.56 43.64
N LYS C 10 -16.33 -28.43 42.95
CA LYS C 10 -16.03 -28.45 41.53
C LYS C 10 -14.60 -28.93 41.27
N ASN C 11 -13.69 -28.71 42.23
CA ASN C 11 -12.31 -29.14 42.05
C ASN C 11 -12.14 -30.63 42.34
N THR C 12 -12.87 -31.15 43.33
CA THR C 12 -12.72 -32.55 43.69
C THR C 12 -13.18 -33.45 42.55
N PRO C 13 -12.54 -34.61 42.37
CA PRO C 13 -12.94 -35.51 41.28
C PRO C 13 -14.35 -36.05 41.47
N VAL C 14 -14.91 -36.57 40.37
CA VAL C 14 -16.27 -37.09 40.40
C VAL C 14 -16.34 -38.33 41.31
N SER C 15 -15.28 -39.12 41.36
CA SER C 15 -15.30 -40.34 42.18
C SER C 15 -15.54 -40.01 43.65
N GLU C 16 -14.82 -39.02 44.17
CA GLU C 16 -15.01 -38.62 45.56
C GLU C 16 -16.36 -37.93 45.76
N LEU C 17 -16.88 -37.29 44.72
CA LEU C 17 -18.17 -36.62 44.83
C LEU C 17 -19.32 -37.62 44.88
N ILE C 18 -19.28 -38.64 44.01
CA ILE C 18 -20.32 -39.67 44.01
C ILE C 18 -20.34 -40.41 45.35
N THR C 19 -19.16 -40.79 45.83
CA THR C 19 -19.06 -41.45 47.14
C THR C 19 -19.61 -40.55 48.24
N LEU C 20 -19.18 -39.29 48.25
CA LEU C 20 -19.66 -38.34 49.27
C LEU C 20 -21.17 -38.15 49.18
N GLY C 21 -21.71 -38.14 47.97
CA GLY C 21 -23.15 -37.98 47.82
C GLY C 21 -23.94 -39.20 48.29
N GLU C 22 -23.36 -40.39 48.14
CA GLU C 22 -24.03 -41.60 48.61
C GLU C 22 -24.04 -41.68 50.12
N ASN C 23 -23.05 -41.07 50.79
CA ASN C 23 -23.04 -41.06 52.25
C ASN C 23 -24.23 -40.30 52.80
N MSE C 24 -24.66 -39.25 52.12
CA MSE C 24 -25.81 -38.46 52.55
C MSE C 24 -27.13 -39.21 52.31
O MSE C 24 -28.14 -38.88 52.92
CB MSE C 24 -25.82 -37.11 51.83
CG MSE C 24 -24.70 -36.17 52.24
SE MSE C 24 -24.65 -34.56 51.14
CE MSE C 24 -23.46 -33.47 52.26
N GLY C 25 -27.09 -40.19 51.42
CA GLY C 25 -28.28 -40.95 51.09
C GLY C 25 -29.12 -40.31 50.01
N LEU C 26 -28.62 -40.33 48.77
CA LEU C 26 -29.25 -39.65 47.65
C LEU C 26 -29.60 -40.66 46.55
N GLU C 27 -30.36 -40.19 45.56
CA GLU C 27 -30.76 -41.02 44.44
C GLU C 27 -29.56 -41.28 43.52
N ASN C 28 -29.70 -42.33 42.70
CA ASN C 28 -28.63 -42.81 41.81
C ASN C 28 -27.86 -41.66 41.17
N LEU C 29 -26.53 -41.76 41.22
CA LEU C 29 -25.67 -40.74 40.64
C LEU C 29 -25.00 -41.28 39.39
N MSE C 32 -26.31 -39.31 36.35
CA MSE C 32 -26.42 -37.86 36.14
C MSE C 32 -25.05 -37.23 35.95
O MSE C 32 -24.04 -37.78 36.37
CB MSE C 32 -27.16 -37.21 37.32
CG MSE C 32 -26.60 -37.59 38.67
SE MSE C 32 -27.61 -36.81 40.15
CE MSE C 32 -29.31 -37.69 39.84
N ARG C 33 -25.04 -36.06 35.30
CA ARG C 33 -23.79 -35.38 34.98
C ARG C 33 -23.13 -34.85 36.24
N LYS C 34 -21.81 -34.63 36.13
CA LYS C 34 -21.02 -34.14 37.26
C LYS C 34 -21.62 -32.89 37.88
N GLN C 35 -22.09 -31.95 37.03
CA GLN C 35 -22.72 -30.73 37.53
C GLN C 35 -23.92 -31.04 38.41
N ASP C 36 -24.65 -32.12 38.10
CA ASP C 36 -25.82 -32.46 38.89
C ASP C 36 -25.43 -33.04 40.25
N ILE C 37 -24.36 -33.83 40.30
CA ILE C 37 -23.88 -34.38 41.57
C ILE C 37 -23.65 -33.25 42.57
N ILE C 38 -22.89 -32.23 42.16
CA ILE C 38 -22.62 -31.10 43.04
C ILE C 38 -23.91 -30.40 43.43
N PHE C 39 -24.80 -30.18 42.47
CA PHE C 39 -26.04 -29.47 42.75
C PHE C 39 -26.93 -30.26 43.72
N ALA C 40 -27.06 -31.58 43.50
CA ALA C 40 -27.87 -32.39 44.39
C ALA C 40 -27.25 -32.48 45.78
N ILE C 41 -25.91 -32.56 45.84
CA ILE C 41 -25.24 -32.62 47.14
C ILE C 41 -25.42 -31.31 47.90
N LEU C 42 -25.37 -30.17 47.19
CA LEU C 42 -25.54 -28.88 47.85
C LEU C 42 -26.95 -28.72 48.40
N LYS C 43 -27.95 -29.18 47.65
CA LYS C 43 -29.34 -29.06 48.10
C LYS C 43 -29.58 -29.87 49.37
N GLN C 44 -29.11 -31.12 49.37
CA GLN C 44 -29.30 -31.98 50.54
C GLN C 44 -28.64 -31.39 51.78
N HIS C 45 -27.45 -30.82 51.61
CA HIS C 45 -26.77 -30.16 52.72
C HIS C 45 -27.58 -28.96 53.23
N ALA C 46 -28.28 -28.26 52.34
CA ALA C 46 -29.11 -27.14 52.75
C ALA C 46 -30.33 -27.60 53.53
N LYS C 47 -30.88 -28.78 53.19
CA LYS C 47 -32.03 -29.30 53.91
C LYS C 47 -31.71 -29.54 55.37
N SER C 48 -30.48 -29.99 55.66
CA SER C 48 -30.08 -30.21 57.05
C SER C 48 -30.00 -28.93 57.85
N GLY C 49 -30.09 -27.77 57.21
CA GLY C 49 -29.92 -26.50 57.88
C GLY C 49 -28.50 -25.98 57.89
N GLU C 50 -27.54 -26.79 57.50
CA GLU C 50 -26.14 -26.36 57.47
C GLU C 50 -25.95 -25.25 56.44
N ASP C 51 -24.92 -24.43 56.66
CA ASP C 51 -24.65 -23.30 55.80
C ASP C 51 -23.91 -23.76 54.54
N ILE C 52 -24.08 -22.99 53.46
CA ILE C 52 -23.42 -23.23 52.19
C ILE C 52 -22.58 -22.01 51.84
N PHE C 53 -21.46 -22.23 51.15
CA PHE C 53 -20.54 -21.15 50.80
C PHE C 53 -20.14 -21.24 49.33
N GLY C 54 -19.90 -20.08 48.74
CA GLY C 54 -19.43 -19.96 47.38
C GLY C 54 -18.51 -18.75 47.23
N ASP C 55 -17.95 -18.58 46.04
CA ASP C 55 -17.01 -17.49 45.81
C ASP C 55 -16.73 -17.34 44.32
N GLY C 56 -16.10 -16.22 43.96
CA GLY C 56 -15.75 -15.91 42.60
C GLY C 56 -15.52 -14.43 42.42
N VAL C 57 -15.01 -14.08 41.23
CA VAL C 57 -14.73 -12.68 40.89
C VAL C 57 -15.99 -12.01 40.37
N LEU C 58 -16.25 -10.79 40.84
CA LEU C 58 -17.50 -10.10 40.54
C LEU C 58 -17.48 -9.48 39.14
N GLU C 59 -18.63 -9.53 38.48
CA GLU C 59 -18.84 -8.86 37.19
C GLU C 59 -20.20 -8.20 37.21
N ILE C 60 -20.23 -6.87 37.24
CA ILE C 60 -21.47 -6.12 37.35
C ILE C 60 -22.05 -5.91 35.95
N LEU C 61 -23.30 -6.33 35.76
CA LEU C 61 -23.98 -6.15 34.49
C LEU C 61 -24.51 -4.73 34.38
N GLN C 62 -25.14 -4.42 33.24
CA GLN C 62 -25.59 -3.06 32.98
C GLN C 62 -26.79 -2.68 33.84
N ASP C 63 -27.58 -3.67 34.26
CA ASP C 63 -28.80 -3.37 35.00
C ASP C 63 -28.53 -2.94 36.44
N GLY C 64 -27.33 -3.18 36.95
CA GLY C 64 -26.98 -2.83 38.31
C GLY C 64 -26.62 -4.02 39.19
N PHE C 65 -27.09 -5.21 38.84
CA PHE C 65 -26.75 -6.43 39.55
C PHE C 65 -25.55 -7.11 38.87
N GLY C 66 -25.03 -8.15 39.52
CA GLY C 66 -23.87 -8.84 39.00
C GLY C 66 -23.84 -10.30 39.41
N PHE C 67 -22.83 -11.00 38.92
CA PHE C 67 -22.61 -12.41 39.21
C PHE C 67 -21.15 -12.64 39.59
N LEU C 68 -20.91 -13.75 40.27
CA LEU C 68 -19.56 -14.13 40.71
C LEU C 68 -19.05 -15.21 39.76
N ARG C 69 -18.35 -14.78 38.72
CA ARG C 69 -17.78 -15.71 37.75
C ARG C 69 -16.74 -16.60 38.42
N SER C 70 -16.50 -17.74 37.80
CA SER C 70 -15.56 -18.73 38.33
C SER C 70 -14.38 -18.90 37.39
N ALA C 71 -13.25 -19.33 37.97
CA ALA C 71 -12.02 -19.46 37.19
C ALA C 71 -12.07 -20.62 36.23
N ASP C 72 -12.83 -21.68 36.55
CA ASP C 72 -12.96 -22.82 35.65
C ASP C 72 -13.68 -22.46 34.36
N SER C 73 -14.33 -21.30 34.29
CA SER C 73 -14.95 -20.80 33.08
C SER C 73 -14.20 -19.61 32.51
N SER C 74 -12.93 -19.43 32.90
CA SER C 74 -12.12 -18.27 32.50
C SER C 74 -12.81 -16.96 32.85
N TYR C 75 -13.57 -16.96 33.96
CA TYR C 75 -14.32 -15.80 34.43
C TYR C 75 -15.37 -15.35 33.41
N LEU C 76 -15.87 -16.29 32.62
CA LEU C 76 -16.98 -16.03 31.72
C LEU C 76 -18.28 -16.51 32.33
N ALA C 77 -19.38 -16.33 31.60
CA ALA C 77 -20.69 -16.74 32.08
C ALA C 77 -20.70 -18.25 32.36
N GLY C 78 -21.10 -18.61 33.58
CA GLY C 78 -21.11 -19.99 33.99
C GLY C 78 -22.42 -20.41 34.62
N PRO C 79 -22.70 -21.71 34.64
CA PRO C 79 -23.94 -22.19 35.23
C PRO C 79 -23.96 -22.09 36.75
N ASP C 80 -22.80 -22.08 37.40
CA ASP C 80 -22.71 -22.01 38.85
C ASP C 80 -22.40 -20.60 39.35
N ASP C 81 -22.72 -19.58 38.56
CA ASP C 81 -22.47 -18.20 38.96
C ASP C 81 -23.40 -17.81 40.11
N ILE C 82 -22.88 -16.98 41.01
CA ILE C 82 -23.60 -16.56 42.21
C ILE C 82 -24.12 -15.15 42.00
N TYR C 83 -25.44 -14.98 42.12
CA TYR C 83 -26.06 -13.67 41.92
C TYR C 83 -25.73 -12.73 43.08
N VAL C 84 -25.39 -11.49 42.74
CA VAL C 84 -25.08 -10.45 43.72
C VAL C 84 -26.07 -9.31 43.51
N SER C 85 -26.92 -9.08 44.50
CA SER C 85 -27.97 -8.08 44.38
C SER C 85 -27.36 -6.67 44.33
N PRO C 86 -28.03 -5.74 43.65
CA PRO C 86 -27.50 -4.35 43.61
C PRO C 86 -27.31 -3.73 44.98
N SER C 87 -28.22 -4.04 45.92
CA SER C 87 -28.09 -3.52 47.28
C SER C 87 -26.77 -3.96 47.92
N GLN C 88 -26.36 -5.20 47.66
CA GLN C 88 -25.08 -5.67 48.18
C GLN C 88 -23.92 -4.92 47.55
N ILE C 89 -24.03 -4.59 46.26
CA ILE C 89 -22.97 -3.86 45.57
C ILE C 89 -22.82 -2.46 46.14
N ARG C 90 -23.95 -1.78 46.37
CA ARG C 90 -23.90 -0.42 46.89
C ARG C 90 -23.37 -0.39 48.32
N ARG C 91 -23.70 -1.41 49.11
CA ARG C 91 -23.37 -1.38 50.54
C ARG C 91 -21.86 -1.43 50.76
N PHE C 92 -21.14 -2.17 49.93
CA PHE C 92 -19.70 -2.31 50.09
C PHE C 92 -18.92 -1.71 48.93
N ASN C 93 -19.56 -0.90 48.08
CA ASN C 93 -18.91 -0.23 46.95
C ASN C 93 -18.16 -1.22 46.08
N LEU C 94 -18.82 -2.31 45.75
CA LEU C 94 -18.21 -3.37 44.94
C LEU C 94 -18.14 -2.94 43.48
N ARG C 95 -17.08 -3.39 42.80
CA ARG C 95 -16.91 -3.13 41.37
C ARG C 95 -16.36 -4.37 40.70
N THR C 96 -16.47 -4.41 39.38
CA THR C 96 -16.04 -5.56 38.59
C THR C 96 -14.58 -5.89 38.88
N GLY C 97 -14.31 -7.15 39.19
CA GLY C 97 -13.00 -7.63 39.54
C GLY C 97 -12.84 -8.01 40.99
N ASP C 98 -13.74 -7.56 41.86
CA ASP C 98 -13.63 -7.85 43.29
C ASP C 98 -13.86 -9.33 43.55
N THR C 99 -12.87 -9.98 44.17
CA THR C 99 -13.02 -11.37 44.60
C THR C 99 -13.93 -11.41 45.82
N ILE C 100 -15.00 -12.20 45.74
CA ILE C 100 -16.04 -12.24 46.78
C ILE C 100 -16.20 -13.66 47.29
N SER C 101 -16.34 -13.80 48.61
CA SER C 101 -16.62 -15.07 49.26
C SER C 101 -17.69 -14.86 50.33
N GLY C 102 -18.66 -15.76 50.38
CA GLY C 102 -19.73 -15.62 51.36
C GLY C 102 -20.71 -16.78 51.28
N LYS C 103 -21.70 -16.72 52.18
CA LYS C 103 -22.73 -17.75 52.25
C LYS C 103 -23.71 -17.60 51.10
N ILE C 104 -24.18 -18.74 50.57
CA ILE C 104 -25.06 -18.77 49.40
C ILE C 104 -26.22 -19.74 49.65
N ARG C 105 -27.23 -19.63 48.81
CA ARG C 105 -28.43 -20.46 48.87
C ARG C 105 -28.80 -20.95 47.49
N PRO C 106 -29.34 -22.16 47.38
CA PRO C 106 -29.81 -22.67 46.08
C PRO C 106 -30.93 -21.81 45.54
N PRO C 107 -31.13 -21.83 44.22
CA PRO C 107 -32.18 -20.99 43.62
C PRO C 107 -33.57 -21.47 44.00
N LYS C 108 -34.45 -20.53 44.32
CA LYS C 108 -35.83 -20.83 44.66
C LYS C 108 -36.63 -21.15 43.39
N GLU C 109 -37.93 -21.35 43.57
CA GLU C 109 -38.83 -21.61 42.45
C GLU C 109 -38.93 -20.37 41.59
N GLY C 110 -38.62 -20.50 40.30
CA GLY C 110 -38.55 -19.37 39.40
C GLY C 110 -37.20 -18.71 39.32
N GLU C 111 -36.16 -19.32 39.90
CA GLU C 111 -34.81 -18.80 39.86
C GLU C 111 -33.90 -19.81 39.18
N ARG C 112 -32.78 -19.30 38.66
CA ARG C 112 -31.84 -20.14 37.94
C ARG C 112 -30.42 -20.07 38.47
N TYR C 113 -30.17 -19.32 39.53
CA TYR C 113 -28.81 -19.09 40.02
C TYR C 113 -28.77 -19.12 41.54
N PHE C 114 -27.62 -19.51 42.07
CA PHE C 114 -27.37 -19.40 43.50
C PHE C 114 -27.29 -17.93 43.90
N ALA C 115 -27.93 -17.59 45.02
CA ALA C 115 -27.97 -16.23 45.51
C ALA C 115 -26.99 -16.05 46.66
N LEU C 116 -26.51 -14.81 46.82
CA LEU C 116 -25.55 -14.47 47.86
C LEU C 116 -26.29 -13.89 49.06
N LEU C 117 -26.16 -14.53 50.21
CA LEU C 117 -26.83 -14.08 51.43
C LEU C 117 -25.99 -13.01 52.14
N LYS C 118 -24.76 -13.36 52.50
CA LYS C 118 -23.88 -12.47 53.24
C LYS C 118 -22.47 -12.60 52.71
N VAL C 119 -21.81 -11.47 52.51
CA VAL C 119 -20.45 -11.46 51.99
C VAL C 119 -19.46 -11.48 53.16
N ASN C 120 -18.67 -12.55 53.24
CA ASN C 120 -17.74 -12.70 54.34
C ASN C 120 -16.42 -11.99 54.04
N GLU C 121 -15.93 -12.07 52.81
CA GLU C 121 -14.60 -11.59 52.48
C GLU C 121 -14.62 -10.91 51.12
N VAL C 122 -14.09 -9.68 51.06
CA VAL C 122 -13.98 -8.92 49.82
C VAL C 122 -12.49 -8.69 49.56
N ASN C 123 -11.97 -9.36 48.54
CA ASN C 123 -10.54 -9.27 48.18
C ASN C 123 -9.65 -9.72 49.33
N PHE C 124 -10.03 -10.86 49.94
CA PHE C 124 -9.24 -11.45 51.03
C PHE C 124 -9.08 -10.50 52.20
N ASP C 125 -10.14 -9.77 52.53
CA ASP C 125 -10.10 -8.78 53.59
C ASP C 125 -11.52 -8.51 54.06
N LYS C 126 -11.62 -7.74 55.15
CA LYS C 126 -12.91 -7.44 55.74
C LYS C 126 -13.77 -6.64 54.74
N PRO C 127 -15.06 -6.95 54.65
CA PRO C 127 -15.93 -6.19 53.75
C PRO C 127 -15.99 -4.70 54.08
N GLU C 128 -15.93 -4.35 55.37
CA GLU C 128 -16.02 -2.95 55.76
C GLU C 128 -14.86 -2.14 55.20
N ASN C 129 -13.66 -2.72 55.18
CA ASN C 129 -12.50 -2.02 54.66
C ASN C 129 -12.63 -1.69 53.19
N ALA C 130 -13.48 -2.42 52.45
CA ALA C 130 -13.67 -2.15 51.04
C ALA C 130 -14.52 -0.91 50.79
N ARG C 131 -15.42 -0.58 51.71
CA ARG C 131 -16.27 0.60 51.53
C ARG C 131 -15.43 1.85 51.36
N ASN C 132 -14.51 2.11 52.28
CA ASN C 132 -13.61 3.26 52.21
C ASN C 132 -12.31 2.83 51.53
N LYS C 133 -12.06 3.36 50.34
CA LYS C 133 -10.87 3.00 49.58
C LYS C 133 -10.65 4.05 48.50
N ILE C 134 -9.41 4.10 48.01
CA ILE C 134 -9.03 4.99 46.92
C ILE C 134 -9.05 4.19 45.62
N LEU C 135 -9.81 4.66 44.65
CA LEU C 135 -9.99 3.93 43.41
C LEU C 135 -8.68 3.86 42.61
N PHE C 136 -8.60 2.86 41.74
CA PHE C 136 -7.40 2.65 40.94
C PHE C 136 -7.13 3.85 40.02
N GLU C 137 -8.20 4.46 39.50
CA GLU C 137 -8.04 5.61 38.62
C GLU C 137 -7.47 6.83 39.33
N ASN C 138 -7.57 6.88 40.66
CA ASN C 138 -7.11 8.02 41.43
C ASN C 138 -5.79 7.79 42.14
N LEU C 139 -5.24 6.57 42.06
CA LEU C 139 -3.93 6.29 42.65
C LEU C 139 -2.84 7.09 41.94
N THR C 140 -1.89 7.61 42.72
CA THR C 140 -0.83 8.44 42.15
C THR C 140 0.23 7.57 41.51
N PRO C 141 0.42 7.66 40.19
CA PRO C 141 1.38 6.80 39.51
C PRO C 141 2.81 7.17 39.86
N LEU C 142 3.74 6.24 39.57
CA LEU C 142 5.15 6.46 39.83
C LEU C 142 5.96 5.49 38.99
N HIS C 143 7.24 5.82 38.81
CA HIS C 143 8.18 4.88 38.21
C HIS C 143 8.55 3.79 39.22
N ALA C 144 8.88 2.61 38.69
CA ALA C 144 9.16 1.46 39.54
C ALA C 144 10.27 1.77 40.53
N ASN C 145 10.00 1.50 41.81
CA ASN C 145 10.96 1.73 42.88
C ASN C 145 11.59 0.43 43.37
N SER C 146 10.77 -0.50 43.87
CA SER C 146 11.28 -1.73 44.44
C SER C 146 11.69 -2.70 43.34
N ARG C 147 12.93 -3.18 43.42
CA ARG C 147 13.49 -4.07 42.41
C ARG C 147 12.99 -5.49 42.63
N LEU C 148 12.56 -6.14 41.55
CA LEU C 148 12.14 -7.54 41.57
C LEU C 148 13.26 -8.37 40.93
N ARG C 149 14.25 -8.71 41.74
CA ARG C 149 15.41 -9.45 41.24
C ARG C 149 15.00 -10.87 40.86
N MSE C 150 15.36 -11.28 39.64
CA MSE C 150 14.94 -12.57 39.12
C MSE C 150 15.97 -13.66 39.39
O MSE C 150 15.67 -14.85 39.28
CB MSE C 150 14.70 -12.46 37.61
CG MSE C 150 13.77 -11.33 37.22
SE MSE C 150 11.98 -11.61 37.91
CE MSE C 150 11.66 -13.31 37.04
N GLU C 151 17.18 -13.25 39.76
CA GLU C 151 18.29 -14.19 39.90
C GLU C 151 18.03 -15.17 41.04
N ARG C 152 17.97 -16.46 40.71
CA ARG C 152 17.87 -17.48 41.74
C ARG C 152 19.10 -17.49 42.63
N GLY C 153 20.28 -17.61 42.03
CA GLY C 153 21.51 -17.78 42.77
C GLY C 153 21.86 -19.22 43.09
N ASN C 154 21.01 -20.17 42.72
CA ASN C 154 21.25 -21.59 42.97
C ASN C 154 22.23 -22.22 41.98
N GLY C 155 22.90 -21.42 41.16
CA GLY C 155 23.81 -21.96 40.17
C GLY C 155 23.17 -22.85 39.14
N SER C 156 21.86 -22.72 38.94
CA SER C 156 21.14 -23.57 37.99
C SER C 156 21.44 -23.13 36.56
N THR C 157 21.32 -24.07 35.63
CA THR C 157 21.52 -23.75 34.23
C THR C 157 20.36 -22.93 33.67
N GLU C 158 19.15 -23.10 34.22
CA GLU C 158 18.03 -22.26 33.83
C GLU C 158 18.16 -20.86 34.40
N ASP C 159 18.89 -20.71 35.52
CA ASP C 159 19.10 -19.41 36.14
C ASP C 159 19.86 -18.45 35.24
N LEU C 160 20.55 -18.96 34.22
CA LEU C 160 21.28 -18.10 33.29
C LEU C 160 20.34 -17.09 32.64
N THR C 161 19.14 -17.52 32.26
CA THR C 161 18.17 -16.59 31.68
C THR C 161 17.82 -15.48 32.66
N ALA C 162 17.58 -15.84 33.92
CA ALA C 162 17.23 -14.82 34.91
C ALA C 162 18.39 -13.88 35.18
N ARG C 163 19.61 -14.40 35.24
CA ARG C 163 20.77 -13.56 35.53
C ARG C 163 21.01 -12.55 34.41
N VAL C 164 20.99 -13.02 33.15
CA VAL C 164 21.17 -12.11 32.02
C VAL C 164 20.04 -11.08 31.97
N LEU C 165 18.84 -11.47 32.37
CA LEU C 165 17.72 -10.53 32.38
C LEU C 165 17.97 -9.39 33.35
N ASP C 166 18.48 -9.70 34.54
CA ASP C 166 18.76 -8.66 35.53
C ASP C 166 19.80 -7.67 35.03
N LEU C 167 20.75 -8.13 34.20
CA LEU C 167 21.80 -7.27 33.69
C LEU C 167 21.35 -6.47 32.47
N ALA C 168 20.50 -7.06 31.64
CA ALA C 168 20.08 -6.39 30.40
C ALA C 168 18.92 -5.45 30.66
N SER C 169 17.91 -5.89 31.40
CA SER C 169 16.70 -5.09 31.63
C SER C 169 16.07 -5.49 32.95
N PRO C 170 16.45 -4.81 34.04
CA PRO C 170 15.86 -5.13 35.35
C PRO C 170 14.36 -4.91 35.36
N ILE C 171 13.69 -5.61 36.27
CA ILE C 171 12.23 -5.55 36.40
C ILE C 171 11.88 -5.12 37.83
N GLY C 172 11.05 -4.08 37.95
CA GLY C 172 10.60 -3.59 39.22
C GLY C 172 9.09 -3.74 39.38
N ARG C 173 8.62 -3.42 40.59
CA ARG C 173 7.20 -3.54 40.91
C ARG C 173 6.43 -2.41 40.22
N GLY C 174 5.42 -2.78 39.42
CA GLY C 174 4.73 -1.83 38.59
C GLY C 174 5.31 -1.68 37.20
N GLN C 175 6.25 -2.53 36.81
CA GLN C 175 6.89 -2.46 35.51
C GLN C 175 5.88 -2.71 34.40
N ARG C 176 6.18 -2.19 33.22
CA ARG C 176 5.33 -2.32 32.03
C ARG C 176 6.22 -2.75 30.87
N GLY C 177 6.59 -4.03 30.85
CA GLY C 177 7.61 -4.54 29.98
C GLY C 177 7.09 -5.44 28.86
N LEU C 178 8.00 -5.78 27.95
CA LEU C 178 7.69 -6.61 26.79
C LEU C 178 8.84 -7.58 26.50
N ILE C 179 8.48 -8.81 26.16
CA ILE C 179 9.44 -9.82 25.71
C ILE C 179 9.27 -9.91 24.20
N VAL C 180 9.97 -9.05 23.48
CA VAL C 180 9.77 -8.91 22.03
C VAL C 180 10.72 -9.85 21.30
N ALA C 181 10.17 -10.61 20.34
CA ALA C 181 10.96 -11.53 19.52
C ALA C 181 10.13 -12.21 18.43
N PRO C 182 10.75 -12.65 17.34
CA PRO C 182 10.02 -13.43 16.33
C PRO C 182 9.59 -14.77 16.89
N PRO C 183 8.70 -15.48 16.18
CA PRO C 183 8.27 -16.80 16.66
C PRO C 183 9.43 -17.75 16.86
N LYS C 184 9.33 -18.57 17.91
CA LYS C 184 10.31 -19.61 18.22
C LYS C 184 11.66 -19.04 18.67
N ALA C 185 11.65 -17.83 19.22
CA ALA C 185 12.89 -17.24 19.73
C ALA C 185 13.11 -17.55 21.20
N GLY C 186 12.06 -17.84 21.95
CA GLY C 186 12.20 -18.17 23.36
C GLY C 186 11.36 -17.29 24.26
N LYS C 187 10.35 -16.63 23.69
CA LYS C 187 9.53 -15.71 24.48
C LYS C 187 8.75 -16.44 25.56
N THR C 188 8.06 -17.52 25.19
CA THR C 188 7.21 -18.23 26.12
C THR C 188 8.02 -18.83 27.27
N MSE C 189 9.07 -19.57 26.94
CA MSE C 189 9.90 -20.21 27.96
C MSE C 189 10.59 -19.20 28.86
O MSE C 189 10.73 -19.43 30.06
CB MSE C 189 10.92 -21.14 27.31
CG MSE C 189 10.35 -22.46 26.85
SE MSE C 189 11.75 -23.73 26.39
CE MSE C 189 12.73 -23.75 28.08
N LEU C 190 11.03 -18.09 28.27
CA LEU C 190 11.58 -17.00 29.09
C LEU C 190 10.51 -16.42 30.00
N LEU C 191 9.27 -16.34 29.52
CA LEU C 191 8.16 -15.96 30.37
C LEU C 191 7.93 -17.00 31.46
N GLN C 192 8.08 -18.29 31.11
CA GLN C 192 8.00 -19.35 32.11
C GLN C 192 9.14 -19.25 33.11
N ASN C 193 10.35 -18.98 32.61
CA ASN C 193 11.50 -18.78 33.49
C ASN C 193 11.25 -17.61 34.44
N ILE C 194 10.55 -16.58 33.96
CA ILE C 194 10.19 -15.46 34.82
C ILE C 194 9.21 -15.91 35.90
N ALA C 195 8.22 -16.72 35.53
CA ALA C 195 7.23 -17.18 36.50
C ALA C 195 7.87 -17.97 37.62
N GLN C 196 8.89 -18.77 37.30
CA GLN C 196 9.55 -19.58 38.32
C GLN C 196 10.31 -18.70 39.31
N SER C 197 11.04 -17.69 38.82
CA SER C 197 11.80 -16.83 39.72
C SER C 197 10.89 -15.97 40.57
N ILE C 198 9.74 -15.54 40.03
CA ILE C 198 8.79 -14.77 40.83
C ILE C 198 8.23 -15.62 41.97
N ALA C 199 7.93 -16.89 41.69
CA ALA C 199 7.36 -17.75 42.72
C ALA C 199 8.36 -18.07 43.82
N TYR C 200 9.64 -18.09 43.49
CA TYR C 200 10.68 -18.40 44.47
C TYR C 200 11.17 -17.16 45.21
N ASN C 201 11.47 -16.08 44.48
CA ASN C 201 12.04 -14.90 45.08
C ASN C 201 10.99 -13.94 45.64
N HIS C 202 9.78 -13.95 45.09
CA HIS C 202 8.74 -13.00 45.48
C HIS C 202 7.42 -13.74 45.68
N PRO C 203 7.33 -14.58 46.72
CA PRO C 203 6.05 -15.24 47.03
C PRO C 203 5.00 -14.28 47.55
N ASP C 204 5.40 -13.06 47.94
CA ASP C 204 4.47 -12.07 48.45
C ASP C 204 3.59 -11.50 47.34
N CYS C 205 4.08 -11.52 46.10
CA CYS C 205 3.34 -10.94 44.98
C CYS C 205 2.25 -11.88 44.51
N VAL C 206 1.17 -11.30 44.01
CA VAL C 206 0.04 -12.05 43.47
C VAL C 206 0.33 -12.33 42.00
N LEU C 207 0.69 -13.57 41.69
CA LEU C 207 1.12 -13.94 40.35
C LEU C 207 -0.06 -14.46 39.52
N MSE C 208 -0.25 -13.87 38.35
CA MSE C 208 -1.26 -14.33 37.39
C MSE C 208 -0.62 -14.52 36.01
O MSE C 208 0.23 -13.73 35.62
CB MSE C 208 -2.42 -13.34 37.29
CG MSE C 208 -3.07 -12.98 38.62
SE MSE C 208 -4.63 -11.85 38.33
CE MSE C 208 -4.93 -11.29 40.17
N VAL C 209 -1.04 -15.56 35.30
CA VAL C 209 -0.52 -15.86 33.96
C VAL C 209 -1.70 -15.84 32.99
N LEU C 210 -1.78 -14.81 32.15
CA LEU C 210 -2.83 -14.66 31.17
C LEU C 210 -2.32 -15.11 29.80
N LEU C 211 -2.94 -16.15 29.25
CA LEU C 211 -2.56 -16.71 27.97
C LEU C 211 -3.65 -16.41 26.94
N ILE C 212 -3.31 -15.64 25.92
CA ILE C 212 -4.27 -15.17 24.93
C ILE C 212 -3.83 -15.63 23.55
N ASP C 213 -4.65 -16.47 22.91
CA ASP C 213 -4.49 -16.85 21.51
C ASP C 213 -3.16 -17.56 21.27
N GLU C 214 -2.84 -18.48 22.17
CA GLU C 214 -1.59 -19.23 22.06
C GLU C 214 -1.84 -20.73 22.14
N ARG C 215 -0.77 -21.51 22.20
CA ARG C 215 -0.86 -22.95 22.06
C ARG C 215 -1.56 -23.58 23.27
N PRO C 216 -2.41 -24.58 23.05
CA PRO C 216 -3.13 -25.17 24.19
C PRO C 216 -2.22 -25.96 25.12
N GLU C 217 -1.26 -26.72 24.57
CA GLU C 217 -0.36 -27.50 25.41
C GLU C 217 0.50 -26.61 26.30
N GLU C 218 0.65 -25.33 25.95
CA GLU C 218 1.37 -24.40 26.81
C GLU C 218 0.53 -24.00 28.01
N VAL C 219 -0.80 -24.08 27.89
CA VAL C 219 -1.67 -23.75 29.01
C VAL C 219 -1.49 -24.75 30.14
N THR C 220 -1.61 -26.05 29.82
CA THR C 220 -1.41 -27.08 30.83
C THR C 220 0.02 -27.08 31.34
N GLU C 221 0.99 -26.83 30.46
CA GLU C 221 2.37 -26.77 30.88
C GLU C 221 2.60 -25.66 31.89
N MSE C 222 1.89 -24.54 31.74
CA MSE C 222 2.05 -23.40 32.62
C MSE C 222 1.38 -23.61 33.97
O MSE C 222 1.94 -23.27 35.00
CB MSE C 222 1.48 -22.14 31.94
CG MSE C 222 1.87 -20.85 32.62
SE MSE C 222 3.70 -20.33 32.22
CE MSE C 222 3.50 -19.97 30.32
N GLN C 223 0.17 -24.17 33.94
CA GLN C 223 -0.60 -24.35 35.18
C GLN C 223 -0.02 -25.44 36.07
N ARG C 224 0.71 -26.39 35.51
CA ARG C 224 1.40 -27.41 36.29
C ARG C 224 2.85 -27.04 36.58
N LEU C 225 3.29 -25.85 36.18
CA LEU C 225 4.64 -25.38 36.42
C LEU C 225 4.70 -24.17 37.34
N VAL C 226 3.84 -23.18 37.14
CA VAL C 226 3.90 -21.94 37.90
C VAL C 226 3.13 -22.10 39.20
N LYS C 227 3.58 -21.38 40.22
CA LYS C 227 2.92 -21.38 41.53
C LYS C 227 2.03 -20.14 41.63
N GLY C 228 0.93 -20.19 40.89
CA GLY C 228 0.00 -19.09 40.86
C GLY C 228 -1.24 -19.44 40.07
N GLU C 229 -2.00 -18.40 39.71
CA GLU C 229 -3.23 -18.57 38.94
C GLU C 229 -2.96 -18.43 37.46
N VAL C 230 -3.60 -19.28 36.66
CA VAL C 230 -3.42 -19.31 35.21
C VAL C 230 -4.78 -19.17 34.54
N VAL C 231 -4.97 -18.06 33.83
CA VAL C 231 -6.16 -17.82 33.02
C VAL C 231 -5.75 -17.86 31.55
N ALA C 232 -6.47 -18.65 30.75
CA ALA C 232 -6.06 -18.90 29.38
C ALA C 232 -7.25 -18.82 28.44
N SER C 233 -6.93 -18.57 27.16
CA SER C 233 -7.89 -18.52 26.06
C SER C 233 -7.14 -18.82 24.76
N THR C 234 -6.96 -20.12 24.48
CA THR C 234 -6.12 -20.57 23.38
C THR C 234 -6.65 -20.09 22.02
N PHE C 235 -5.89 -20.38 20.98
CA PHE C 235 -6.29 -19.99 19.63
C PHE C 235 -7.50 -20.76 19.11
N ASP C 236 -7.97 -21.76 19.86
CA ASP C 236 -9.24 -22.40 19.55
C ASP C 236 -10.41 -21.49 19.85
N GLU C 237 -10.19 -20.39 20.55
CA GLU C 237 -11.23 -19.47 20.97
C GLU C 237 -11.25 -18.23 20.08
N PRO C 238 -12.41 -17.61 19.92
CA PRO C 238 -12.52 -16.41 19.10
C PRO C 238 -11.92 -15.19 19.79
N ALA C 239 -11.73 -14.13 19.01
CA ALA C 239 -11.21 -12.88 19.55
C ALA C 239 -12.16 -12.28 20.58
N SER C 240 -13.47 -12.46 20.39
CA SER C 240 -14.45 -11.94 21.35
C SER C 240 -14.17 -12.47 22.75
N ARG C 241 -13.86 -13.77 22.87
CA ARG C 241 -13.55 -14.35 24.17
C ARG C 241 -12.23 -13.82 24.70
N HIS C 242 -11.22 -13.68 23.84
CA HIS C 242 -9.92 -13.15 24.25
C HIS C 242 -10.07 -11.81 24.97
N VAL C 243 -10.82 -10.89 24.37
CA VAL C 243 -11.00 -9.57 24.95
C VAL C 243 -11.67 -9.69 26.31
N GLN C 244 -12.85 -10.34 26.35
CA GLN C 244 -13.62 -10.42 27.59
C GLN C 244 -12.82 -11.07 28.71
N VAL C 245 -12.12 -12.16 28.41
CA VAL C 245 -11.29 -12.83 29.42
C VAL C 245 -10.20 -11.88 29.91
N ALA C 246 -9.56 -11.17 28.98
CA ALA C 246 -8.49 -10.24 29.37
C ALA C 246 -9.04 -9.10 30.22
N GLU C 247 -10.26 -8.63 29.91
CA GLU C 247 -10.84 -7.53 30.67
C GLU C 247 -11.10 -7.95 32.12
N MSE C 248 -11.52 -9.19 32.34
CA MSE C 248 -11.79 -9.67 33.68
C MSE C 248 -10.51 -9.75 34.51
O MSE C 248 -10.51 -9.39 35.69
CB MSE C 248 -12.48 -11.03 33.63
CG MSE C 248 -13.91 -10.98 33.12
SE MSE C 248 -15.09 -9.99 34.32
CE MSE C 248 -14.86 -11.08 35.92
N VAL C 249 -9.43 -10.24 33.89
CA VAL C 249 -8.17 -10.39 34.60
C VAL C 249 -7.59 -9.03 34.98
N ILE C 250 -7.63 -8.08 34.05
CA ILE C 250 -7.05 -6.77 34.32
C ILE C 250 -7.83 -6.03 35.40
N GLU C 251 -9.15 -6.24 35.46
CA GLU C 251 -9.95 -5.59 36.48
C GLU C 251 -9.72 -6.22 37.85
N LYS C 252 -9.61 -7.55 37.89
CA LYS C 252 -9.28 -8.23 39.14
C LYS C 252 -7.94 -7.75 39.67
N ALA C 253 -6.97 -7.51 38.79
CA ALA C 253 -5.68 -6.98 39.21
C ALA C 253 -5.83 -5.57 39.79
N LYS C 254 -6.58 -4.70 39.09
CA LYS C 254 -6.80 -3.34 39.59
C LYS C 254 -7.42 -3.36 40.98
N ARG C 255 -8.37 -4.26 41.21
CA ARG C 255 -9.03 -4.32 42.52
C ARG C 255 -8.04 -4.70 43.62
N LEU C 256 -7.19 -5.70 43.36
CA LEU C 256 -6.21 -6.10 44.36
C LEU C 256 -5.21 -4.98 44.64
N VAL C 257 -4.83 -4.23 43.60
CA VAL C 257 -3.94 -3.09 43.78
C VAL C 257 -4.59 -2.05 44.69
N GLU C 258 -5.92 -1.88 44.58
CA GLU C 258 -6.64 -1.00 45.49
C GLU C 258 -6.52 -1.45 46.93
N HIS C 259 -6.20 -2.72 47.17
CA HIS C 259 -5.93 -3.25 48.50
C HIS C 259 -4.44 -3.30 48.80
N LYS C 260 -3.64 -2.45 48.13
CA LYS C 260 -2.20 -2.35 48.37
C LYS C 260 -1.50 -3.69 48.18
N LYS C 261 -1.85 -4.38 47.10
CA LYS C 261 -1.22 -5.65 46.74
C LYS C 261 -0.30 -5.47 45.55
N ASP C 262 0.76 -6.28 45.50
CA ASP C 262 1.74 -6.26 44.41
C ASP C 262 1.37 -7.38 43.44
N VAL C 263 0.59 -7.04 42.41
CA VAL C 263 0.12 -8.02 41.43
C VAL C 263 1.06 -8.03 40.22
N ILE C 264 1.28 -9.22 39.67
CA ILE C 264 2.12 -9.40 38.48
C ILE C 264 1.33 -10.21 37.46
N ILE C 265 1.24 -9.69 36.24
CA ILE C 265 0.50 -10.32 35.15
C ILE C 265 1.48 -10.68 34.04
N LEU C 266 1.64 -11.97 33.78
CA LEU C 266 2.49 -12.46 32.70
C LEU C 266 1.59 -12.78 31.51
N LEU C 267 1.62 -11.91 30.50
CA LEU C 267 0.73 -12.01 29.36
C LEU C 267 1.46 -12.61 28.16
N ASP C 268 0.81 -13.55 27.49
CA ASP C 268 1.35 -14.19 26.31
C ASP C 268 0.21 -14.71 25.43
N SER C 269 -0.02 -14.04 24.31
CA SER C 269 0.76 -12.88 23.91
C SER C 269 -0.06 -11.61 23.86
N ILE C 270 0.58 -10.47 24.13
CA ILE C 270 -0.12 -9.18 24.05
C ILE C 270 -0.31 -8.76 22.60
N THR C 271 0.56 -9.22 21.70
CA THR C 271 0.36 -8.96 20.28
C THR C 271 -0.87 -9.68 19.77
N ARG C 272 -1.08 -10.93 20.20
CA ARG C 272 -2.32 -11.64 19.89
C ARG C 272 -3.52 -10.91 20.48
N LEU C 273 -3.37 -10.36 21.69
CA LEU C 273 -4.46 -9.63 22.32
C LEU C 273 -4.75 -8.34 21.57
N ALA C 274 -3.71 -7.65 21.10
CA ALA C 274 -3.92 -6.44 20.31
C ALA C 274 -4.64 -6.74 19.01
N ARG C 275 -4.33 -7.89 18.39
CA ARG C 275 -5.06 -8.29 17.20
C ARG C 275 -6.53 -8.54 17.51
N ALA C 276 -6.81 -9.16 18.67
CA ALA C 276 -8.19 -9.45 19.04
C ALA C 276 -9.01 -8.17 19.13
N TYR C 277 -8.46 -7.14 19.77
CA TYR C 277 -9.15 -5.85 19.84
C TYR C 277 -9.41 -5.29 18.45
N ASN C 278 -8.42 -5.39 17.55
CA ASN C 278 -8.58 -4.92 16.19
C ASN C 278 -9.65 -5.69 15.42
N THR C 279 -9.97 -6.91 15.88
CA THR C 279 -11.00 -7.72 15.23
C THR C 279 -12.41 -7.28 15.64
N VAL C 280 -12.59 -6.89 16.91
CA VAL C 280 -13.89 -6.51 17.42
C VAL C 280 -14.12 -5.01 17.39
N VAL C 281 -13.12 -4.22 16.99
CA VAL C 281 -13.25 -2.75 17.06
C VAL C 281 -14.18 -2.28 15.94
N PRO C 282 -15.08 -1.34 16.22
CA PRO C 282 -15.93 -0.80 15.14
C PRO C 282 -15.10 -0.06 14.11
N ALA C 283 -15.43 -0.30 12.84
CA ALA C 283 -14.71 0.34 11.74
C ALA C 283 -14.80 1.86 11.86
N SER C 284 -13.66 2.53 11.80
CA SER C 284 -13.59 3.98 11.88
C SER C 284 -13.43 4.66 10.52
N GLY C 285 -13.32 3.89 9.46
CA GLY C 285 -13.03 4.44 8.14
C GLY C 285 -11.58 4.77 7.89
N LYS C 286 -10.72 4.63 8.88
CA LYS C 286 -9.29 4.91 8.76
C LYS C 286 -8.50 3.70 9.24
N VAL C 287 -7.59 3.22 8.41
CA VAL C 287 -6.79 2.03 8.72
C VAL C 287 -5.32 2.39 8.63
N LEU C 288 -4.56 2.01 9.65
CA LEU C 288 -3.13 2.27 9.72
C LEU C 288 -2.38 1.25 8.85
N THR C 289 -1.10 1.52 8.63
CA THR C 289 -0.27 0.61 7.87
C THR C 289 -0.20 -0.75 8.55
N GLY C 290 -0.41 -1.81 7.78
CA GLY C 290 -0.44 -3.16 8.29
C GLY C 290 -1.83 -3.72 8.49
N GLY C 291 -2.87 -2.91 8.31
CA GLY C 291 -4.23 -3.37 8.51
C GLY C 291 -4.78 -3.16 9.90
N VAL C 292 -4.28 -2.18 10.63
CA VAL C 292 -4.72 -1.91 12.00
C VAL C 292 -5.63 -0.71 12.00
N ASP C 293 -6.84 -0.88 12.52
CA ASP C 293 -7.81 0.20 12.58
C ASP C 293 -7.25 1.38 13.38
N ALA C 294 -7.71 2.58 13.03
CA ALA C 294 -7.17 3.79 13.65
C ALA C 294 -7.52 3.90 15.12
N ASN C 295 -8.65 3.30 15.54
CA ASN C 295 -9.08 3.34 16.92
C ASN C 295 -8.97 1.99 17.60
N ALA C 296 -8.21 1.06 17.01
CA ALA C 296 -8.14 -0.30 17.53
C ALA C 296 -7.14 -0.44 18.67
N LEU C 297 -6.11 0.39 18.70
CA LEU C 297 -5.03 0.26 19.67
C LEU C 297 -5.26 1.06 20.94
N HIS C 298 -6.34 1.84 21.03
CA HIS C 298 -6.63 2.57 22.26
C HIS C 298 -6.96 1.61 23.40
N ARG C 299 -7.78 0.60 23.13
CA ARG C 299 -8.09 -0.41 24.14
C ARG C 299 -6.87 -1.20 24.59
N PRO C 300 -6.09 -1.84 23.71
CA PRO C 300 -4.93 -2.60 24.19
C PRO C 300 -3.90 -1.74 24.88
N LYS C 301 -3.78 -0.46 24.48
CA LYS C 301 -2.83 0.44 25.12
C LYS C 301 -3.25 0.76 26.54
N ARG C 302 -4.56 0.83 26.82
CA ARG C 302 -5.02 1.03 28.19
C ARG C 302 -4.85 -0.23 29.02
N PHE C 303 -5.04 -1.39 28.41
CA PHE C 303 -4.82 -2.66 29.10
C PHE C 303 -3.36 -2.76 29.55
N PHE C 304 -2.43 -2.62 28.60
CA PHE C 304 -1.01 -2.66 28.94
C PHE C 304 -0.64 -1.49 29.84
N GLY C 305 -1.20 -0.32 29.58
CA GLY C 305 -0.94 0.85 30.40
C GLY C 305 -1.50 0.77 31.82
N ALA C 306 -2.33 -0.23 32.11
CA ALA C 306 -2.83 -0.40 33.46
C ALA C 306 -1.69 -0.66 34.45
N ALA C 307 -0.69 -1.43 34.02
CA ALA C 307 0.47 -1.70 34.86
C ALA C 307 1.15 -0.41 35.29
N ARG C 308 1.42 -0.28 36.58
CA ARG C 308 2.00 0.95 37.12
C ARG C 308 2.40 0.73 38.57
N ASN C 309 3.29 1.59 39.05
CA ASN C 309 3.71 1.63 40.44
C ASN C 309 2.90 2.69 41.18
N VAL C 310 2.35 2.30 42.32
CA VAL C 310 1.45 3.16 43.10
C VAL C 310 2.18 3.65 44.34
N GLU C 311 2.09 4.96 44.61
CA GLU C 311 2.71 5.54 45.80
C GLU C 311 1.94 5.17 47.06
N GLU C 312 0.61 5.05 46.98
CA GLU C 312 -0.18 4.74 48.16
C GLU C 312 0.10 3.36 48.69
N GLY C 313 0.40 2.40 47.81
CA GLY C 313 0.70 1.04 48.23
C GLY C 313 0.33 0.02 47.18
N GLY C 314 1.16 -1.02 47.04
CA GLY C 314 0.94 -2.03 46.03
C GLY C 314 1.41 -1.58 44.66
N SER C 315 1.21 -2.45 43.68
CA SER C 315 1.63 -2.17 42.31
C SER C 315 1.03 -3.21 41.38
N LEU C 316 1.04 -2.89 40.09
CA LEU C 316 0.57 -3.78 39.03
C LEU C 316 1.66 -3.88 37.98
N THR C 317 2.25 -5.06 37.85
CA THR C 317 3.31 -5.35 36.88
C THR C 317 2.74 -6.19 35.75
N ILE C 318 3.17 -5.91 34.52
CA ILE C 318 2.71 -6.66 33.35
C ILE C 318 3.92 -6.91 32.43
N ILE C 319 4.32 -8.17 32.32
CA ILE C 319 5.39 -8.60 31.41
C ILE C 319 4.72 -9.40 30.30
N ALA C 320 4.57 -8.80 29.13
CA ALA C 320 3.86 -9.42 28.02
C ALA C 320 4.81 -9.67 26.85
N THR C 321 4.51 -10.71 26.07
CA THR C 321 5.32 -11.07 24.92
C THR C 321 4.79 -10.40 23.65
N ALA C 322 5.69 -10.02 22.76
CA ALA C 322 5.34 -9.33 21.53
C ALA C 322 6.04 -9.98 20.35
N LEU C 323 5.43 -9.84 19.17
CA LEU C 323 5.92 -10.45 17.94
C LEU C 323 6.43 -9.38 16.98
N ILE C 324 7.54 -9.68 16.31
CA ILE C 324 8.12 -8.81 15.30
C ILE C 324 8.69 -9.68 14.18
N ASP C 325 8.99 -9.04 13.05
CA ASP C 325 9.57 -9.71 11.88
C ASP C 325 8.70 -10.89 11.45
N THR C 326 7.40 -10.74 11.56
CA THR C 326 6.45 -11.77 11.14
C THR C 326 6.08 -11.66 9.68
N GLY C 327 6.65 -10.71 8.95
CA GLY C 327 6.22 -10.41 7.60
C GLY C 327 5.00 -9.52 7.52
N SER C 328 4.29 -9.31 8.62
CA SER C 328 3.09 -8.47 8.66
C SER C 328 3.46 -7.16 9.35
N LYS C 329 3.29 -6.05 8.61
CA LYS C 329 3.60 -4.74 9.17
C LYS C 329 2.79 -4.44 10.42
N MSE C 330 1.60 -5.03 10.54
CA MSE C 330 0.73 -4.84 11.71
C MSE C 330 1.48 -5.06 13.02
O MSE C 330 1.38 -4.26 13.94
CB MSE C 330 -0.47 -5.78 11.63
CG MSE C 330 -1.12 -6.05 12.97
SE MSE C 330 -2.69 -7.22 12.88
CE MSE C 330 -3.89 -6.02 11.91
N ASP C 331 2.25 -6.15 13.08
CA ASP C 331 2.96 -6.48 14.31
C ASP C 331 4.08 -5.50 14.61
N GLU C 332 4.65 -4.88 13.58
CA GLU C 332 5.64 -3.82 13.81
C GLU C 332 4.96 -2.58 14.38
N VAL C 333 3.76 -2.26 13.91
CA VAL C 333 3.02 -1.12 14.44
C VAL C 333 2.60 -1.38 15.88
N ILE C 334 2.03 -2.56 16.14
CA ILE C 334 1.58 -2.92 17.49
C ILE C 334 2.76 -2.87 18.46
N TYR C 335 3.88 -3.49 18.07
CA TYR C 335 5.06 -3.50 18.93
C TYR C 335 5.55 -2.10 19.22
N GLU C 336 5.70 -1.28 18.17
CA GLU C 336 6.20 0.08 18.37
C GLU C 336 5.24 0.92 19.21
N GLU C 337 3.94 0.64 19.10
CA GLU C 337 2.96 1.35 19.91
C GLU C 337 3.08 0.97 21.38
N PHE C 338 3.29 -0.32 21.67
CA PHE C 338 3.47 -0.76 23.05
C PHE C 338 4.79 -0.29 23.63
N LYS C 339 5.82 -0.15 22.78
CA LYS C 339 7.11 0.35 23.25
C LYS C 339 7.01 1.81 23.68
N GLY C 340 6.22 2.61 22.95
CA GLY C 340 5.91 3.96 23.36
C GLY C 340 4.95 4.05 24.53
N THR C 341 4.49 2.92 25.03
CA THR C 341 3.63 2.82 26.21
C THR C 341 4.35 2.23 27.41
N GLY C 342 5.13 1.17 27.20
CA GLY C 342 5.84 0.53 28.28
C GLY C 342 7.13 1.22 28.64
N ASN C 343 7.86 0.62 29.58
CA ASN C 343 9.12 1.16 30.07
C ASN C 343 10.23 0.12 30.10
N MSE C 344 10.01 -1.06 29.57
CA MSE C 344 11.01 -2.13 29.60
C MSE C 344 10.78 -3.08 28.41
O MSE C 344 9.65 -3.45 28.13
CB MSE C 344 10.95 -2.88 30.92
CG MSE C 344 11.83 -4.13 31.01
SE MSE C 344 10.98 -5.74 30.33
CE MSE C 344 12.38 -7.03 30.75
N GLU C 345 11.85 -3.45 27.72
CA GLU C 345 11.74 -4.35 26.57
C GLU C 345 12.95 -5.27 26.56
N LEU C 346 12.71 -6.58 26.55
CA LEU C 346 13.76 -7.60 26.47
C LEU C 346 13.65 -8.27 25.11
N HIS C 347 14.58 -7.95 24.22
CA HIS C 347 14.55 -8.48 22.86
C HIS C 347 15.25 -9.83 22.78
N LEU C 348 14.68 -10.74 22.00
CA LEU C 348 15.27 -12.03 21.72
C LEU C 348 15.50 -12.17 20.22
N SER C 349 16.66 -12.71 19.85
CA SER C 349 17.06 -12.77 18.46
C SER C 349 16.85 -14.16 17.89
N ARG C 350 16.20 -14.24 16.73
CA ARG C 350 16.10 -15.51 16.01
C ARG C 350 17.46 -15.98 15.51
N LYS C 351 18.34 -15.05 15.15
CA LYS C 351 19.68 -15.41 14.70
C LYS C 351 20.44 -16.16 15.78
N ILE C 352 20.27 -15.75 17.04
CA ILE C 352 20.92 -16.45 18.15
C ILE C 352 20.21 -17.77 18.43
N ALA C 353 18.88 -17.79 18.31
CA ALA C 353 18.13 -19.00 18.63
C ALA C 353 18.43 -20.13 17.67
N GLU C 354 18.72 -19.81 16.41
CA GLU C 354 19.03 -20.85 15.42
C GLU C 354 20.39 -21.48 15.66
N LYS C 355 21.26 -20.83 16.43
CA LYS C 355 22.50 -21.45 16.90
C LYS C 355 22.31 -22.19 18.22
N ARG C 356 21.07 -22.34 18.68
CA ARG C 356 20.76 -23.03 19.92
C ARG C 356 21.52 -22.42 21.10
N VAL C 357 21.64 -21.09 21.08
CA VAL C 357 22.28 -20.34 22.16
C VAL C 357 21.19 -19.70 22.98
N PHE C 358 21.00 -20.18 24.20
CA PHE C 358 19.96 -19.65 25.08
C PHE C 358 20.54 -19.16 26.41
N PRO C 359 19.99 -18.05 26.93
CA PRO C 359 18.90 -17.27 26.32
C PRO C 359 19.36 -16.46 25.12
N ALA C 360 18.58 -16.52 24.04
CA ALA C 360 18.91 -15.79 22.81
C ALA C 360 18.46 -14.34 22.96
N ILE C 361 19.23 -13.59 23.74
CA ILE C 361 18.87 -12.22 24.12
C ILE C 361 19.67 -11.24 23.28
N ASP C 362 18.97 -10.30 22.65
CA ASP C 362 19.58 -9.17 21.97
C ASP C 362 19.93 -8.12 23.02
N TYR C 363 21.18 -8.11 23.46
CA TYR C 363 21.58 -7.29 24.60
C TYR C 363 21.41 -5.80 24.30
N ASN C 364 21.91 -5.36 23.14
CA ASN C 364 21.92 -3.94 22.83
C ASN C 364 20.51 -3.36 22.74
N ARG C 365 19.58 -4.12 22.15
CA ARG C 365 18.22 -3.61 21.97
C ARG C 365 17.39 -3.70 23.24
N SER C 366 17.75 -4.58 24.17
CA SER C 366 17.04 -4.69 25.43
C SER C 366 17.38 -3.50 26.34
N GLY C 367 16.59 -3.33 27.39
CA GLY C 367 16.85 -2.28 28.35
C GLY C 367 15.59 -1.89 29.10
N THR C 368 15.81 -1.13 30.17
CA THR C 368 14.74 -0.66 31.04
C THR C 368 14.89 0.84 31.29
N ARG C 369 13.75 1.53 31.29
CA ARG C 369 13.73 2.96 31.56
C ARG C 369 13.90 3.25 33.05
N LYS C 370 14.66 4.30 33.36
CA LYS C 370 14.91 4.72 34.74
C LYS C 370 15.45 3.56 35.58
N GLU C 371 16.36 2.78 34.99
CA GLU C 371 16.90 1.63 35.69
C GLU C 371 17.74 2.01 36.90
N GLU C 372 18.10 3.28 37.05
CA GLU C 372 18.83 3.74 38.23
C GLU C 372 17.98 3.65 39.49
N LEU C 373 16.66 3.60 39.36
CA LEU C 373 15.77 3.45 40.50
C LEU C 373 15.54 2.01 40.90
N LEU C 374 16.07 1.05 40.11
CA LEU C 374 15.94 -0.36 40.41
C LEU C 374 17.27 -1.05 40.68
N THR C 375 18.36 -0.28 40.73
CA THR C 375 19.70 -0.84 40.92
C THR C 375 20.49 0.02 41.90
N THR C 376 21.44 -0.60 42.58
CA THR C 376 22.33 0.15 43.45
C THR C 376 23.31 0.98 42.62
N GLN C 377 24.00 1.90 43.30
CA GLN C 377 24.92 2.80 42.60
C GLN C 377 26.03 2.02 41.90
N GLU C 378 26.58 1.00 42.58
CA GLU C 378 27.64 0.20 41.99
C GLU C 378 27.09 -0.79 40.96
N GLU C 379 25.91 -1.36 41.23
CA GLU C 379 25.30 -2.28 40.28
C GLU C 379 25.08 -1.63 38.93
N LEU C 380 24.53 -0.40 38.94
CA LEU C 380 24.30 0.31 37.67
C LEU C 380 25.62 0.63 36.98
N GLN C 381 26.65 0.99 37.75
CA GLN C 381 27.94 1.32 37.17
C GLN C 381 28.59 0.09 36.53
N LYS C 382 28.39 -1.09 37.12
CA LYS C 382 28.95 -2.31 36.54
C LYS C 382 28.16 -2.75 35.31
N MSE C 383 26.85 -2.53 35.31
CA MSE C 383 26.01 -2.83 34.15
C MSE C 383 26.30 -1.87 33.01
O MSE C 383 26.29 -2.26 31.84
CB MSE C 383 24.52 -2.76 34.54
CG MSE C 383 24.09 -3.80 35.56
SE MSE C 383 22.34 -3.41 36.33
CE MSE C 383 21.32 -3.25 34.68
N TRP C 384 26.57 -0.61 33.36
CA TRP C 384 26.90 0.40 32.36
C TRP C 384 28.19 0.04 31.63
N ILE C 385 29.22 -0.37 32.37
CA ILE C 385 30.48 -0.77 31.76
C ILE C 385 30.30 -2.04 30.93
N LEU C 386 29.50 -2.98 31.44
CA LEU C 386 29.30 -4.24 30.73
C LEU C 386 28.66 -4.02 29.36
N ARG C 387 27.75 -3.05 29.26
CA ARG C 387 27.10 -2.78 27.99
C ARG C 387 28.07 -2.16 26.98
N LYS C 388 28.92 -1.25 27.45
CA LYS C 388 29.91 -0.65 26.55
C LYS C 388 30.83 -1.70 25.95
N ILE C 389 31.09 -2.77 26.67
CA ILE C 389 31.95 -3.85 26.17
C ILE C 389 31.19 -4.74 25.20
N ILE C 390 29.90 -4.99 25.47
CA ILE C 390 29.12 -5.91 24.66
C ILE C 390 28.63 -5.26 23.38
N HIS C 391 28.41 -3.94 23.40
CA HIS C 391 27.86 -3.23 22.24
C HIS C 391 28.61 -3.49 20.94
N PRO C 392 29.94 -3.35 20.87
CA PRO C 392 30.62 -3.60 19.58
C PRO C 392 30.46 -5.01 19.06
N MSE C 393 30.16 -5.98 19.94
CA MSE C 393 30.04 -7.37 19.54
C MSE C 393 28.80 -7.62 18.70
O MSE C 393 27.86 -6.83 18.71
CB MSE C 393 30.03 -8.28 20.78
CG MSE C 393 31.16 -8.01 21.75
SE MSE C 393 31.09 -9.19 23.31
CE MSE C 393 32.61 -8.49 24.29
N GLY C 394 28.79 -8.74 17.97
CA GLY C 394 27.62 -9.16 17.25
C GLY C 394 26.58 -9.75 18.18
N GLU C 395 25.38 -9.97 17.62
CA GLU C 395 24.28 -10.53 18.41
C GLU C 395 24.68 -11.85 19.05
N ILE C 396 25.23 -12.77 18.25
CA ILE C 396 25.58 -14.09 18.74
C ILE C 396 26.81 -14.01 19.65
N ASP C 397 27.86 -13.32 19.18
CA ASP C 397 29.09 -13.19 19.96
C ASP C 397 28.82 -12.62 21.35
N ALA C 398 27.86 -11.69 21.44
CA ALA C 398 27.55 -11.07 22.72
C ALA C 398 27.06 -12.11 23.74
N MSE C 399 26.12 -12.95 23.33
CA MSE C 399 25.56 -13.95 24.23
C MSE C 399 26.55 -15.05 24.56
O MSE C 399 26.72 -15.41 25.72
CB MSE C 399 24.28 -14.54 23.66
CG MSE C 399 23.04 -13.69 23.90
SE MSE C 399 22.69 -13.33 25.79
CE MSE C 399 23.67 -11.65 26.01
N GLU C 400 27.21 -15.60 23.53
CA GLU C 400 28.23 -16.61 23.76
C GLU C 400 29.30 -16.10 24.72
N PHE C 401 29.63 -14.81 24.62
CA PHE C 401 30.62 -14.22 25.52
C PHE C 401 30.06 -14.08 26.93
N LEU C 402 28.85 -13.53 27.05
CA LEU C 402 28.29 -13.26 28.37
C LEU C 402 27.91 -14.54 29.10
N ILE C 403 27.31 -15.50 28.39
CA ILE C 403 26.89 -16.75 29.03
C ILE C 403 28.09 -17.53 29.54
N ASN C 404 29.18 -17.58 28.75
CA ASN C 404 30.38 -18.28 29.19
C ASN C 404 31.00 -17.62 30.41
N LYS C 405 30.94 -16.29 30.48
CA LYS C 405 31.50 -15.58 31.63
C LYS C 405 30.65 -15.79 32.88
N LEU C 406 29.32 -15.73 32.73
CA LEU C 406 28.44 -15.91 33.88
C LEU C 406 28.45 -17.35 34.38
N ALA C 407 28.61 -18.32 33.48
CA ALA C 407 28.62 -19.73 33.88
C ALA C 407 29.78 -20.05 34.81
N MSE C 408 30.81 -19.22 34.84
CA MSE C 408 31.97 -19.45 35.70
C MSE C 408 31.64 -19.25 37.18
O MSE C 408 32.34 -19.76 38.05
CB MSE C 408 33.12 -18.52 35.29
CG MSE C 408 33.57 -18.70 33.85
SE MSE C 408 35.00 -17.46 33.36
CE MSE C 408 35.31 -18.06 31.53
N THR C 409 30.57 -18.50 37.46
CA THR C 409 30.20 -18.18 38.82
C THR C 409 28.72 -18.46 39.05
N LYS C 410 28.35 -18.57 40.33
CA LYS C 410 26.96 -18.84 40.69
C LYS C 410 26.10 -17.58 40.60
N THR C 411 26.62 -16.45 41.06
CA THR C 411 25.84 -15.23 41.14
C THR C 411 26.49 -14.11 40.33
N ASN C 412 25.65 -13.16 39.89
CA ASN C 412 26.16 -11.98 39.20
C ASN C 412 27.05 -11.15 40.11
N ASP C 413 26.78 -11.17 41.42
CA ASP C 413 27.63 -10.44 42.35
C ASP C 413 29.05 -11.00 42.37
N ASP C 414 29.18 -12.33 42.39
CA ASP C 414 30.50 -12.94 42.25
C ASP C 414 31.07 -12.70 40.87
N PHE C 415 30.22 -12.62 39.85
CA PHE C 415 30.68 -12.28 38.51
C PHE C 415 31.23 -10.87 38.44
N PHE C 416 30.58 -9.94 39.14
CA PHE C 416 31.08 -8.56 39.21
C PHE C 416 32.42 -8.51 39.94
N GLU C 417 32.53 -9.25 41.05
CA GLU C 417 33.79 -9.29 41.79
C GLU C 417 34.90 -9.89 40.96
N MSE C 418 34.58 -10.87 40.12
CA MSE C 418 35.54 -11.48 39.22
C MSE C 418 35.83 -10.54 38.06
O MSE C 418 36.94 -10.53 37.51
CB MSE C 418 35.03 -12.82 38.70
CG MSE C 418 35.92 -13.48 37.65
SE MSE C 418 35.15 -15.13 36.95
CE MSE C 418 35.07 -16.15 38.61
N MSE C 419 34.84 -9.73 37.68
CA MSE C 419 34.97 -8.80 36.57
C MSE C 419 36.05 -7.75 36.85
O MSE C 419 36.67 -7.24 35.92
CB MSE C 419 33.63 -8.11 36.29
CG MSE C 419 33.61 -7.32 35.00
SE MSE C 419 31.94 -6.32 34.75
CE MSE C 419 32.11 -5.08 36.24
N LYS C 420 36.25 -7.44 38.12
CA LYS C 420 37.27 -6.46 38.52
C LYS C 420 38.66 -6.88 38.06
N MSE D 4 -25.20 -57.61 1.86
CA MSE D 4 -25.67 -56.53 1.01
C MSE D 4 -25.28 -55.16 1.56
O MSE D 4 -25.88 -54.68 2.52
CB MSE D 4 -27.18 -56.60 0.83
CG MSE D 4 -27.62 -57.40 -0.37
SE MSE D 4 -27.04 -56.55 -2.04
CE MSE D 4 -27.63 -57.92 -3.28
N ASN D 5 -24.28 -54.53 0.95
CA ASN D 5 -23.77 -53.25 1.39
C ASN D 5 -23.77 -52.27 0.23
N LEU D 6 -24.13 -51.01 0.52
CA LEU D 6 -24.24 -49.99 -0.51
C LEU D 6 -22.87 -49.66 -1.10
N THR D 7 -21.95 -49.17 -0.28
CA THR D 7 -20.63 -48.78 -0.78
C THR D 7 -19.91 -49.95 -1.44
N GLU D 8 -20.26 -51.19 -1.09
CA GLU D 8 -19.70 -52.35 -1.76
C GLU D 8 -20.21 -52.44 -3.19
N LEU D 9 -21.49 -52.14 -3.41
CA LEU D 9 -22.04 -52.17 -4.75
C LEU D 9 -21.46 -51.06 -5.62
N LYS D 10 -21.16 -49.90 -5.02
CA LYS D 10 -20.56 -48.81 -5.79
C LYS D 10 -19.15 -49.14 -6.22
N ASN D 11 -18.43 -49.95 -5.44
CA ASN D 11 -17.07 -50.33 -5.80
C ASN D 11 -17.04 -51.38 -6.90
N THR D 12 -17.96 -52.33 -6.86
CA THR D 12 -17.95 -53.41 -7.85
C THR D 12 -18.33 -52.87 -9.22
N PRO D 13 -17.71 -53.39 -10.29
CA PRO D 13 -18.01 -52.91 -11.64
C PRO D 13 -19.49 -53.06 -12.00
N VAL D 14 -19.91 -52.28 -13.01
CA VAL D 14 -21.30 -52.34 -13.46
C VAL D 14 -21.65 -53.74 -13.96
N SER D 15 -20.69 -54.43 -14.57
CA SER D 15 -20.94 -55.78 -15.07
C SER D 15 -21.35 -56.72 -13.95
N GLU D 16 -20.59 -56.71 -12.85
CA GLU D 16 -20.95 -57.51 -11.69
C GLU D 16 -22.31 -57.11 -11.13
N LEU D 17 -22.68 -55.83 -11.28
CA LEU D 17 -23.97 -55.36 -10.77
C LEU D 17 -25.13 -55.97 -11.56
N ILE D 18 -25.09 -55.83 -12.89
CA ILE D 18 -26.19 -56.31 -13.73
C ILE D 18 -26.43 -57.80 -13.51
N THR D 19 -25.39 -58.53 -13.11
CA THR D 19 -25.53 -59.97 -12.88
C THR D 19 -26.55 -60.26 -11.80
N LEU D 20 -26.45 -59.55 -10.66
CA LEU D 20 -27.43 -59.74 -9.59
C LEU D 20 -28.76 -59.09 -9.93
N GLY D 21 -28.75 -57.96 -10.65
CA GLY D 21 -29.99 -57.28 -10.97
C GLY D 21 -30.89 -58.10 -11.87
N GLU D 22 -30.29 -58.82 -12.82
CA GLU D 22 -31.10 -59.64 -13.73
C GLU D 22 -31.64 -60.88 -13.01
N ASN D 23 -30.83 -61.50 -12.16
CA ASN D 23 -31.27 -62.68 -11.41
C ASN D 23 -32.50 -62.37 -10.57
N MSE D 24 -32.55 -61.16 -10.01
CA MSE D 24 -33.66 -60.73 -9.19
C MSE D 24 -34.84 -60.29 -10.05
O MSE D 24 -36.00 -60.44 -9.68
CB MSE D 24 -33.24 -59.61 -8.26
CG MSE D 24 -32.13 -60.01 -7.30
SE MSE D 24 -31.38 -58.49 -6.33
CE MSE D 24 -30.23 -59.48 -5.11
N GLY D 25 -34.52 -59.73 -11.22
CA GLY D 25 -35.55 -59.25 -12.14
C GLY D 25 -35.29 -57.86 -12.65
N ARG D 33 -28.28 -46.00 -15.78
CA ARG D 33 -27.04 -45.65 -15.09
C ARG D 33 -26.71 -46.68 -14.01
N LYS D 34 -25.43 -46.70 -13.59
CA LYS D 34 -25.03 -47.59 -12.50
C LYS D 34 -25.68 -47.20 -11.18
N GLN D 35 -25.94 -45.91 -10.99
CA GLN D 35 -26.55 -45.45 -9.75
C GLN D 35 -27.99 -45.93 -9.63
N ASP D 36 -28.71 -45.98 -10.76
CA ASP D 36 -30.11 -46.37 -10.74
C ASP D 36 -30.28 -47.89 -10.56
N ILE D 37 -29.44 -48.68 -11.24
CA ILE D 37 -29.56 -50.13 -11.11
C ILE D 37 -29.17 -50.58 -9.71
N ILE D 38 -28.25 -49.88 -9.06
CA ILE D 38 -27.97 -50.15 -7.64
C ILE D 38 -29.17 -49.76 -6.79
N PHE D 39 -29.74 -48.59 -7.06
CA PHE D 39 -30.94 -48.16 -6.36
C PHE D 39 -32.09 -49.14 -6.57
N ALA D 40 -32.15 -49.80 -7.73
CA ALA D 40 -33.20 -50.76 -8.00
C ALA D 40 -32.96 -52.09 -7.31
N ILE D 41 -31.69 -52.53 -7.26
CA ILE D 41 -31.36 -53.77 -6.57
C ILE D 41 -31.65 -53.64 -5.08
N LEU D 42 -31.26 -52.51 -4.49
CA LEU D 42 -31.48 -52.31 -3.05
C LEU D 42 -32.96 -52.24 -2.72
N LYS D 43 -33.74 -51.53 -3.54
CA LYS D 43 -35.17 -51.42 -3.30
C LYS D 43 -35.85 -52.77 -3.44
N GLN D 44 -35.61 -53.46 -4.56
CA GLN D 44 -36.18 -54.78 -4.77
C GLN D 44 -35.75 -55.75 -3.68
N HIS D 45 -34.49 -55.63 -3.22
CA HIS D 45 -34.01 -56.45 -2.12
C HIS D 45 -34.76 -56.13 -0.83
N ALA D 46 -35.16 -54.86 -0.65
CA ALA D 46 -35.90 -54.48 0.55
C ALA D 46 -37.28 -55.13 0.58
N LYS D 47 -37.91 -55.29 -0.59
CA LYS D 47 -39.19 -56.00 -0.65
C LYS D 47 -39.06 -57.40 -0.08
N SER D 48 -37.93 -58.07 -0.31
CA SER D 48 -37.74 -59.42 0.19
C SER D 48 -37.80 -59.46 1.71
N GLY D 49 -37.36 -58.39 2.38
CA GLY D 49 -37.26 -58.37 3.82
C GLY D 49 -35.87 -58.63 4.35
N GLU D 50 -34.87 -58.74 3.49
CA GLU D 50 -33.49 -58.96 3.90
C GLU D 50 -32.84 -57.63 4.30
N ASP D 51 -31.79 -57.74 5.11
CA ASP D 51 -31.11 -56.56 5.62
C ASP D 51 -30.30 -55.88 4.52
N ILE D 52 -30.34 -54.54 4.52
CA ILE D 52 -29.58 -53.72 3.58
C ILE D 52 -28.72 -52.76 4.40
N PHE D 53 -27.55 -52.40 3.88
CA PHE D 53 -26.55 -51.69 4.65
C PHE D 53 -25.97 -50.50 3.88
N GLY D 54 -25.34 -49.59 4.64
CA GLY D 54 -24.67 -48.42 4.08
C GLY D 54 -23.85 -47.75 5.15
N ASP D 55 -22.96 -46.86 4.72
CA ASP D 55 -22.03 -46.22 5.65
C ASP D 55 -21.49 -44.91 5.05
N GLY D 56 -20.67 -44.23 5.83
CA GLY D 56 -20.08 -42.97 5.43
C GLY D 56 -19.66 -42.16 6.65
N VAL D 57 -19.18 -40.95 6.38
CA VAL D 57 -18.76 -40.01 7.42
C VAL D 57 -19.84 -38.94 7.59
N LEU D 58 -20.29 -38.76 8.83
CA LEU D 58 -21.45 -37.90 9.10
C LEU D 58 -21.09 -36.42 9.00
N GLU D 59 -22.04 -35.64 8.47
CA GLU D 59 -21.94 -34.18 8.44
C GLU D 59 -23.29 -33.61 8.89
N ILE D 60 -23.30 -32.95 10.05
CA ILE D 60 -24.52 -32.42 10.62
C ILE D 60 -24.82 -31.06 10.00
N LEU D 61 -26.01 -30.93 9.41
CA LEU D 61 -26.43 -29.70 8.76
C LEU D 61 -26.88 -28.68 9.80
N GLN D 62 -27.42 -27.55 9.34
CA GLN D 62 -27.89 -26.51 10.25
C GLN D 62 -29.24 -26.84 10.86
N ASP D 63 -30.11 -27.54 10.13
CA ASP D 63 -31.44 -27.84 10.65
C ASP D 63 -31.42 -28.81 11.81
N GLY D 64 -30.36 -29.60 11.95
CA GLY D 64 -30.24 -30.59 13.01
C GLY D 64 -30.05 -32.00 12.51
N PHE D 65 -30.46 -32.31 11.28
CA PHE D 65 -30.23 -33.61 10.67
C PHE D 65 -28.88 -33.63 9.97
N GLY D 66 -28.46 -34.83 9.55
CA GLY D 66 -27.18 -34.99 8.91
C GLY D 66 -27.22 -36.02 7.80
N PHE D 67 -26.11 -36.10 7.08
CA PHE D 67 -25.95 -37.05 5.98
C PHE D 67 -24.61 -37.76 6.12
N LEU D 68 -24.59 -39.03 5.70
CA LEU D 68 -23.37 -39.84 5.70
C LEU D 68 -22.68 -39.64 4.36
N ARG D 69 -21.71 -38.74 4.32
CA ARG D 69 -21.00 -38.44 3.10
C ARG D 69 -20.12 -39.62 2.67
N SER D 70 -19.84 -39.68 1.38
CA SER D 70 -19.03 -40.76 0.81
C SER D 70 -17.62 -40.27 0.52
N ALA D 71 -16.64 -41.12 0.80
CA ALA D 71 -15.26 -40.80 0.44
C ALA D 71 -15.07 -40.68 -1.06
N ASP D 72 -16.00 -41.23 -1.85
CA ASP D 72 -15.91 -41.10 -3.30
C ASP D 72 -16.10 -39.65 -3.74
N SER D 73 -16.98 -38.92 -3.06
CA SER D 73 -17.26 -37.52 -3.35
C SER D 73 -16.40 -36.57 -2.54
N SER D 74 -15.26 -37.03 -2.04
CA SER D 74 -14.38 -36.24 -1.17
C SER D 74 -15.14 -35.74 0.07
N TYR D 75 -16.06 -36.56 0.56
CA TYR D 75 -16.92 -36.24 1.70
C TYR D 75 -17.82 -35.03 1.44
N LEU D 76 -18.10 -34.76 0.17
CA LEU D 76 -19.07 -33.73 -0.21
C LEU D 76 -20.44 -34.36 -0.41
N ALA D 77 -21.41 -33.54 -0.79
CA ALA D 77 -22.77 -34.03 -1.01
C ALA D 77 -22.79 -35.06 -2.14
N GLY D 78 -23.56 -36.11 -1.95
CA GLY D 78 -23.63 -37.19 -2.91
C GLY D 78 -25.01 -37.79 -3.05
N PRO D 79 -25.31 -38.31 -4.23
CA PRO D 79 -26.64 -38.92 -4.45
C PRO D 79 -26.87 -40.16 -3.60
N ASP D 80 -25.81 -40.91 -3.27
CA ASP D 80 -25.93 -42.11 -2.47
C ASP D 80 -25.74 -41.85 -0.98
N ASP D 81 -25.89 -40.60 -0.55
CA ASP D 81 -25.70 -40.25 0.85
C ASP D 81 -26.87 -40.71 1.69
N ILE D 82 -26.57 -41.19 2.88
CA ILE D 82 -27.56 -41.74 3.81
C ILE D 82 -28.05 -40.62 4.72
N TYR D 83 -29.35 -40.64 5.02
CA TYR D 83 -29.96 -39.65 5.90
C TYR D 83 -29.84 -40.08 7.36
N VAL D 84 -29.56 -39.11 8.24
CA VAL D 84 -29.41 -39.37 9.66
C VAL D 84 -30.34 -38.43 10.42
N SER D 85 -31.33 -39.00 11.11
CA SER D 85 -32.34 -38.20 11.79
C SER D 85 -31.75 -37.56 13.06
N PRO D 86 -32.29 -36.43 13.48
CA PRO D 86 -31.80 -35.80 14.73
C PRO D 86 -31.91 -36.71 15.94
N SER D 87 -32.92 -37.58 15.99
CA SER D 87 -33.05 -38.52 17.10
C SER D 87 -31.88 -39.48 17.15
N GLN D 88 -31.39 -39.91 15.98
CA GLN D 88 -30.22 -40.78 15.94
C GLN D 88 -28.97 -40.05 16.39
N ILE D 89 -28.82 -38.78 15.99
CA ILE D 89 -27.67 -37.99 16.42
C ILE D 89 -27.68 -37.78 17.92
N ARG D 90 -28.87 -37.56 18.49
CA ARG D 90 -28.97 -37.29 19.92
C ARG D 90 -28.74 -38.55 20.73
N ARG D 91 -29.29 -39.68 20.28
CA ARG D 91 -29.22 -40.91 21.06
C ARG D 91 -27.77 -41.34 21.29
N PHE D 92 -26.93 -41.26 20.26
CA PHE D 92 -25.53 -41.65 20.35
C PHE D 92 -24.60 -40.44 20.46
N ASN D 93 -25.14 -39.23 20.59
CA ASN D 93 -24.34 -38.01 20.68
C ASN D 93 -23.35 -37.90 19.53
N LEU D 94 -23.85 -38.14 18.31
CA LEU D 94 -23.01 -38.10 17.13
C LEU D 94 -22.70 -36.66 16.74
N ARG D 95 -21.52 -36.47 16.14
CA ARG D 95 -21.10 -35.17 15.66
C ARG D 95 -20.38 -35.35 14.32
N THR D 96 -20.22 -34.24 13.60
CA THR D 96 -19.60 -34.27 12.28
C THR D 96 -18.21 -34.89 12.35
N GLY D 97 -17.97 -35.89 11.49
CA GLY D 97 -16.72 -36.60 11.45
C GLY D 97 -16.82 -38.06 11.86
N ASP D 98 -17.91 -38.43 12.54
CA ASP D 98 -18.07 -39.81 12.98
C ASP D 98 -18.33 -40.74 11.81
N THR D 99 -17.67 -41.91 11.82
CA THR D 99 -17.89 -42.95 10.83
C THR D 99 -19.01 -43.86 11.31
N ILE D 100 -20.07 -43.95 10.51
CA ILE D 100 -21.28 -44.67 10.91
C ILE D 100 -21.54 -45.80 9.92
N SER D 101 -21.88 -46.98 10.46
CA SER D 101 -22.28 -48.13 9.67
C SER D 101 -23.53 -48.74 10.26
N GLY D 102 -24.35 -49.33 9.42
CA GLY D 102 -25.57 -49.96 9.87
C GLY D 102 -26.56 -50.14 8.74
N LYS D 103 -27.72 -50.69 9.10
CA LYS D 103 -28.78 -50.96 8.14
C LYS D 103 -29.44 -49.66 7.67
N ILE D 104 -29.86 -49.64 6.40
CA ILE D 104 -30.53 -48.47 5.84
C ILE D 104 -31.85 -48.86 5.21
N ARG D 105 -32.44 -47.96 4.41
CA ARG D 105 -33.73 -48.24 3.78
C ARG D 105 -33.87 -47.46 2.48
N PRO D 106 -34.54 -48.04 1.49
CA PRO D 106 -34.84 -47.31 0.25
C PRO D 106 -35.86 -46.21 0.51
N PRO D 107 -35.68 -45.03 -0.10
CA PRO D 107 -36.60 -43.90 0.07
C PRO D 107 -37.95 -44.14 -0.60
N GLU D 111 -39.40 -37.99 -1.50
CA GLU D 111 -38.27 -38.58 -0.80
C GLU D 111 -37.25 -39.13 -1.79
N ARG D 112 -36.03 -38.58 -1.74
CA ARG D 112 -35.00 -38.92 -2.71
C ARG D 112 -33.68 -39.33 -2.03
N TYR D 113 -33.72 -39.74 -0.77
CA TYR D 113 -32.50 -40.07 -0.05
C TYR D 113 -32.71 -41.32 0.81
N PHE D 114 -31.75 -42.22 0.75
CA PHE D 114 -31.72 -43.38 1.64
C PHE D 114 -31.68 -42.92 3.10
N ALA D 115 -32.17 -43.78 3.99
CA ALA D 115 -32.25 -43.44 5.40
C ALA D 115 -31.69 -44.56 6.26
N LEU D 116 -30.98 -44.18 7.31
CA LEU D 116 -30.34 -45.13 8.21
C LEU D 116 -31.36 -45.69 9.19
N LEU D 117 -31.45 -47.02 9.26
CA LEU D 117 -32.35 -47.67 10.21
C LEU D 117 -31.78 -47.65 11.62
N LYS D 118 -30.66 -48.36 11.82
CA LYS D 118 -29.96 -48.37 13.10
C LYS D 118 -28.46 -48.42 12.82
N VAL D 119 -27.68 -47.91 13.76
CA VAL D 119 -26.23 -47.85 13.61
C VAL D 119 -25.61 -49.01 14.36
N ASN D 120 -24.69 -49.72 13.70
CA ASN D 120 -23.98 -50.84 14.31
C ASN D 120 -22.64 -50.42 14.90
N GLU D 121 -21.91 -49.56 14.21
CA GLU D 121 -20.59 -49.12 14.65
C GLU D 121 -20.48 -47.60 14.52
N VAL D 122 -19.97 -46.97 15.58
CA VAL D 122 -19.66 -45.55 15.58
C VAL D 122 -18.15 -45.43 15.75
N ASN D 123 -17.46 -45.06 14.67
CA ASN D 123 -16.00 -44.96 14.65
C ASN D 123 -15.36 -46.32 14.95
N PHE D 124 -15.86 -47.35 14.26
CA PHE D 124 -15.32 -48.71 14.38
C PHE D 124 -15.42 -49.23 15.81
N ASP D 125 -16.56 -49.00 16.45
CA ASP D 125 -16.74 -49.43 17.84
C ASP D 125 -18.21 -49.29 18.21
N LYS D 126 -18.60 -50.04 19.25
CA LYS D 126 -19.99 -50.12 19.66
C LYS D 126 -20.56 -48.73 19.92
N PRO D 127 -21.80 -48.46 19.47
CA PRO D 127 -22.35 -47.10 19.61
C PRO D 127 -22.50 -46.64 21.04
N GLU D 128 -22.80 -47.56 21.98
CA GLU D 128 -22.99 -47.17 23.37
C GLU D 128 -21.70 -46.65 23.98
N ASN D 129 -20.56 -47.20 23.58
CA ASN D 129 -19.29 -46.81 24.17
C ASN D 129 -18.91 -45.38 23.78
N ALA D 130 -19.40 -44.89 22.64
CA ALA D 130 -19.07 -43.56 22.15
C ALA D 130 -19.96 -42.47 22.75
N ARG D 131 -20.77 -42.80 23.75
CA ARG D 131 -21.66 -41.81 24.36
C ARG D 131 -21.02 -41.11 25.56
N ASN D 132 -20.31 -41.85 26.41
CA ASN D 132 -19.68 -41.30 27.59
C ASN D 132 -18.23 -40.89 27.35
N LYS D 133 -17.86 -40.61 26.11
CA LYS D 133 -16.51 -40.20 25.78
C LYS D 133 -16.34 -38.69 25.99
N ILE D 134 -15.09 -38.29 26.19
CA ILE D 134 -14.77 -36.88 26.40
C ILE D 134 -14.65 -36.19 25.05
N LEU D 135 -15.27 -35.02 24.92
CA LEU D 135 -15.20 -34.26 23.68
C LEU D 135 -13.77 -33.84 23.38
N PHE D 136 -13.50 -33.60 22.09
CA PHE D 136 -12.15 -33.24 21.66
C PHE D 136 -11.70 -31.91 22.25
N GLU D 137 -12.63 -30.99 22.48
CA GLU D 137 -12.27 -29.69 23.03
C GLU D 137 -11.91 -29.77 24.51
N ASN D 138 -12.37 -30.81 25.20
CA ASN D 138 -12.11 -30.97 26.63
C ASN D 138 -10.89 -31.83 26.92
N LEU D 139 -10.32 -32.49 25.90
CA LEU D 139 -9.13 -33.29 26.09
C LEU D 139 -7.96 -32.41 26.52
N THR D 140 -7.18 -32.88 27.49
CA THR D 140 -6.08 -32.09 28.03
C THR D 140 -4.89 -32.13 27.08
N PRO D 141 -4.47 -31.01 26.52
CA PRO D 141 -3.35 -31.02 25.58
C PRO D 141 -2.02 -31.25 26.28
N LEU D 142 -1.01 -31.63 25.51
CA LEU D 142 0.32 -31.87 26.03
C LEU D 142 1.34 -31.74 24.90
N HIS D 143 2.61 -31.59 25.28
CA HIS D 143 3.70 -31.66 24.33
C HIS D 143 3.94 -33.11 23.93
N ALA D 144 4.37 -33.30 22.68
CA ALA D 144 4.55 -34.65 22.13
C ALA D 144 5.46 -35.48 23.02
N ASN D 145 4.94 -36.63 23.48
CA ASN D 145 5.71 -37.52 24.34
C ASN D 145 6.33 -38.65 23.52
N SER D 146 5.52 -39.61 23.10
CA SER D 146 6.02 -40.72 22.30
C SER D 146 6.47 -40.22 20.94
N ARG D 147 7.62 -40.72 20.48
CA ARG D 147 8.26 -40.23 19.26
C ARG D 147 8.04 -41.18 18.10
N LEU D 148 7.92 -40.61 16.89
CA LEU D 148 7.76 -41.35 15.65
C LEU D 148 9.08 -41.26 14.88
N ARG D 149 9.94 -42.26 15.08
CA ARG D 149 11.21 -42.30 14.36
C ARG D 149 10.95 -42.62 12.89
N MSE D 150 11.49 -41.79 12.01
CA MSE D 150 11.21 -41.90 10.59
C MSE D 150 12.19 -42.80 9.85
O MSE D 150 11.97 -43.17 8.70
CB MSE D 150 11.19 -40.51 9.94
CG MSE D 150 10.19 -39.55 10.59
SE MSE D 150 8.38 -40.24 10.51
CE MSE D 150 8.21 -40.27 8.57
N GLU D 151 13.28 -43.17 10.53
CA GLU D 151 14.33 -43.95 9.90
C GLU D 151 13.90 -45.40 9.74
N ARG D 152 13.99 -45.92 8.51
CA ARG D 152 13.78 -47.34 8.27
C ARG D 152 15.04 -48.15 8.52
N GLY D 153 16.22 -47.55 8.31
CA GLY D 153 17.46 -48.28 8.52
C GLY D 153 17.72 -49.38 7.54
N ASN D 154 17.11 -49.33 6.35
CA ASN D 154 17.35 -50.33 5.32
C ASN D 154 18.54 -50.00 4.42
N GLY D 155 19.12 -48.82 4.55
CA GLY D 155 20.25 -48.42 3.74
C GLY D 155 19.90 -47.93 2.34
N SER D 156 18.62 -47.68 2.06
CA SER D 156 18.21 -47.22 0.75
C SER D 156 18.46 -45.72 0.59
N THR D 157 18.47 -45.27 -0.66
CA THR D 157 18.68 -43.86 -0.93
C THR D 157 17.52 -43.01 -0.45
N GLU D 158 16.30 -43.55 -0.49
CA GLU D 158 15.14 -42.81 0.01
C GLU D 158 15.19 -42.62 1.52
N ASP D 159 15.76 -43.60 2.24
CA ASP D 159 15.83 -43.53 3.69
C ASP D 159 16.73 -42.41 4.18
N LEU D 160 17.67 -41.95 3.34
CA LEU D 160 18.53 -40.83 3.73
C LEU D 160 17.71 -39.61 4.16
N THR D 161 16.65 -39.31 3.41
CA THR D 161 15.75 -38.22 3.77
C THR D 161 15.21 -38.40 5.19
N ALA D 162 14.72 -39.60 5.49
CA ALA D 162 14.14 -39.85 6.80
C ALA D 162 15.19 -39.82 7.90
N ARG D 163 16.43 -40.20 7.59
CA ARG D 163 17.48 -40.19 8.60
C ARG D 163 17.88 -38.78 8.98
N VAL D 164 18.07 -37.91 7.98
CA VAL D 164 18.39 -36.51 8.25
C VAL D 164 17.26 -35.84 9.02
N LEU D 165 16.01 -36.26 8.77
CA LEU D 165 14.87 -35.67 9.45
C LEU D 165 14.91 -35.96 10.95
N ASP D 166 15.27 -37.20 11.32
CA ASP D 166 15.33 -37.56 12.74
C ASP D 166 16.40 -36.76 13.47
N LEU D 167 17.42 -36.30 12.76
CA LEU D 167 18.49 -35.52 13.37
C LEU D 167 18.14 -34.03 13.44
N ALA D 168 17.55 -33.49 12.38
CA ALA D 168 17.26 -32.07 12.32
C ALA D 168 16.02 -31.71 13.13
N SER D 169 14.89 -32.38 12.86
CA SER D 169 13.63 -32.05 13.51
C SER D 169 12.84 -33.32 13.80
N PRO D 170 12.96 -33.86 15.02
CA PRO D 170 12.21 -35.07 15.38
C PRO D 170 10.70 -34.82 15.37
N ILE D 171 9.95 -35.90 15.14
CA ILE D 171 8.49 -35.86 15.05
C ILE D 171 7.91 -36.83 16.08
N GLY D 172 6.95 -36.34 16.87
CA GLY D 172 6.28 -37.15 17.87
C GLY D 172 4.78 -37.21 17.64
N ARG D 173 4.10 -37.88 18.58
CA ARG D 173 2.65 -38.05 18.52
C ARG D 173 1.97 -36.76 18.93
N GLY D 174 1.05 -36.28 18.08
CA GLY D 174 0.48 -34.96 18.29
C GLY D 174 1.31 -33.82 17.77
N GLN D 175 2.40 -34.11 17.06
CA GLN D 175 3.28 -33.08 16.54
C GLN D 175 2.54 -32.16 15.57
N ARG D 176 3.05 -30.94 15.42
CA ARG D 176 2.41 -29.90 14.62
C ARG D 176 3.52 -29.17 13.87
N GLY D 177 3.97 -29.78 12.77
CA GLY D 177 5.12 -29.29 12.05
C GLY D 177 4.81 -28.96 10.58
N LEU D 178 5.81 -28.39 9.91
CA LEU D 178 5.68 -27.94 8.54
C LEU D 178 6.90 -28.32 7.73
N ILE D 179 6.70 -28.50 6.42
CA ILE D 179 7.79 -28.71 5.47
C ILE D 179 7.96 -27.44 4.66
N VAL D 180 8.81 -26.54 5.12
CA VAL D 180 8.93 -25.20 4.55
C VAL D 180 9.96 -25.22 3.43
N ALA D 181 9.59 -24.68 2.26
CA ALA D 181 10.51 -24.55 1.13
C ALA D 181 9.89 -23.83 -0.06
N PRO D 182 10.71 -23.34 -1.00
CA PRO D 182 10.19 -22.75 -2.24
C PRO D 182 9.68 -23.83 -3.18
N PRO D 183 9.03 -23.45 -4.29
CA PRO D 183 8.57 -24.45 -5.25
C PRO D 183 9.73 -25.28 -5.80
N LYS D 184 9.45 -26.56 -6.04
CA LYS D 184 10.41 -27.50 -6.63
C LYS D 184 11.63 -27.70 -5.74
N ALA D 185 11.46 -27.58 -4.42
CA ALA D 185 12.56 -27.84 -3.51
C ALA D 185 12.57 -29.27 -3.00
N GLY D 186 11.41 -29.92 -2.95
CA GLY D 186 11.34 -31.30 -2.50
C GLY D 186 10.39 -31.51 -1.35
N LYS D 187 9.43 -30.60 -1.16
CA LYS D 187 8.49 -30.73 -0.05
C LYS D 187 7.53 -31.89 -0.24
N THR D 188 6.74 -31.84 -1.33
CA THR D 188 5.72 -32.86 -1.55
C THR D 188 6.32 -34.26 -1.60
N MSE D 189 7.54 -34.39 -2.10
CA MSE D 189 8.20 -35.68 -2.16
C MSE D 189 8.78 -36.04 -0.80
O MSE D 189 8.85 -37.21 -0.44
CB MSE D 189 9.27 -35.71 -3.24
CG MSE D 189 9.71 -37.09 -3.66
SE MSE D 189 10.60 -37.04 -5.39
CE MSE D 189 9.19 -36.15 -6.41
N LEU D 190 9.24 -35.02 -0.07
CA LEU D 190 9.55 -35.22 1.35
C LEU D 190 8.35 -35.80 2.07
N LEU D 191 7.16 -35.29 1.77
CA LEU D 191 5.94 -35.78 2.41
C LEU D 191 5.64 -37.22 2.01
N GLN D 192 5.89 -37.58 0.75
CA GLN D 192 5.73 -38.97 0.33
C GLN D 192 6.63 -39.89 1.14
N ASN D 193 7.89 -39.50 1.31
CA ASN D 193 8.81 -40.26 2.14
C ASN D 193 8.29 -40.44 3.56
N ILE D 194 7.59 -39.43 4.07
CA ILE D 194 6.96 -39.54 5.38
C ILE D 194 5.98 -40.70 5.41
N ALA D 195 5.07 -40.72 4.43
CA ALA D 195 4.03 -41.74 4.39
C ALA D 195 4.62 -43.15 4.40
N GLN D 196 5.64 -43.38 3.57
CA GLN D 196 6.28 -44.69 3.53
C GLN D 196 6.81 -45.11 4.90
N SER D 197 7.42 -44.17 5.62
CA SER D 197 7.93 -44.49 6.95
C SER D 197 6.82 -44.60 7.98
N ILE D 198 5.72 -43.86 7.80
CA ILE D 198 4.60 -43.96 8.73
C ILE D 198 3.96 -45.34 8.66
N ALA D 199 3.74 -45.86 7.45
CA ALA D 199 3.10 -47.15 7.30
C ALA D 199 4.05 -48.30 7.63
N TYR D 200 5.35 -48.09 7.42
CA TYR D 200 6.31 -49.16 7.69
C TYR D 200 6.74 -49.17 9.16
N ASN D 201 6.96 -48.01 9.76
CA ASN D 201 7.40 -47.95 11.15
C ASN D 201 6.24 -47.93 12.14
N HIS D 202 5.14 -47.26 11.80
CA HIS D 202 4.02 -47.09 12.73
C HIS D 202 2.71 -47.44 12.03
N PRO D 203 2.48 -48.72 11.71
CA PRO D 203 1.18 -49.11 11.14
C PRO D 203 0.02 -48.87 12.08
N ASP D 204 0.28 -48.80 13.39
CA ASP D 204 -0.79 -48.58 14.36
C ASP D 204 -1.47 -47.23 14.15
N CYS D 205 -0.76 -46.25 13.62
CA CYS D 205 -1.31 -44.91 13.46
C CYS D 205 -2.28 -44.86 12.29
N VAL D 206 -3.36 -44.10 12.46
CA VAL D 206 -4.37 -43.90 11.42
C VAL D 206 -3.84 -42.81 10.49
N LEU D 207 -3.36 -43.20 9.31
CA LEU D 207 -2.71 -42.27 8.40
C LEU D 207 -3.71 -41.72 7.38
N MSE D 208 -3.77 -40.40 7.28
CA MSE D 208 -4.59 -39.72 6.27
C MSE D 208 -3.71 -38.73 5.49
O MSE D 208 -2.82 -38.10 6.07
CB MSE D 208 -5.76 -38.98 6.91
CG MSE D 208 -6.68 -39.85 7.75
SE MSE D 208 -8.16 -38.81 8.47
CE MSE D 208 -9.02 -40.20 9.52
N VAL D 209 -3.97 -38.59 4.20
CA VAL D 209 -3.22 -37.69 3.33
C VAL D 209 -4.19 -36.72 2.69
N LEU D 210 -4.15 -35.46 3.13
CA LEU D 210 -5.03 -34.42 2.61
C LEU D 210 -4.24 -33.57 1.60
N LEU D 211 -4.69 -33.59 0.35
CA LEU D 211 -4.06 -32.83 -0.74
C LEU D 211 -4.99 -31.71 -1.16
N ILE D 212 -4.54 -30.47 -1.00
CA ILE D 212 -5.36 -29.29 -1.22
C ILE D 212 -4.69 -28.40 -2.26
N ASP D 213 -5.42 -28.10 -3.34
CA ASP D 213 -5.01 -27.12 -4.34
C ASP D 213 -3.64 -27.45 -4.92
N GLU D 214 -3.43 -28.74 -5.21
CA GLU D 214 -2.15 -29.19 -5.75
C GLU D 214 -2.34 -30.01 -7.01
N ARG D 215 -1.29 -30.68 -7.44
CA ARG D 215 -1.26 -31.28 -8.77
C ARG D 215 -2.12 -32.54 -8.83
N PRO D 216 -2.79 -32.77 -9.95
CA PRO D 216 -3.70 -33.93 -10.04
C PRO D 216 -2.98 -35.26 -10.18
N GLU D 217 -1.77 -35.27 -10.73
CA GLU D 217 -1.02 -36.51 -10.83
C GLU D 217 -0.45 -36.95 -9.49
N GLU D 218 -0.33 -36.03 -8.53
CA GLU D 218 0.23 -36.35 -7.23
C GLU D 218 -0.75 -37.08 -6.33
N VAL D 219 -2.06 -36.95 -6.57
CA VAL D 219 -3.02 -37.71 -5.76
C VAL D 219 -3.10 -39.15 -6.24
N THR D 220 -3.13 -39.37 -7.55
CA THR D 220 -3.10 -40.74 -8.07
C THR D 220 -1.78 -41.41 -7.72
N GLU D 221 -0.68 -40.65 -7.72
CA GLU D 221 0.60 -41.19 -7.28
C GLU D 221 0.60 -41.48 -5.78
N MSE D 222 -0.12 -40.67 -5.00
CA MSE D 222 -0.21 -40.86 -3.56
C MSE D 222 -1.13 -42.03 -3.21
O MSE D 222 -0.83 -42.83 -2.34
CB MSE D 222 -0.70 -39.59 -2.88
CG MSE D 222 -0.49 -39.53 -1.38
SE MSE D 222 1.36 -39.16 -0.87
CE MSE D 222 1.57 -37.42 -1.75
N GLN D 223 -2.26 -42.12 -3.93
CA GLN D 223 -3.24 -43.16 -3.66
C GLN D 223 -2.64 -44.55 -3.78
N ARG D 224 -1.69 -44.74 -4.69
CA ARG D 224 -1.03 -46.04 -4.86
C ARG D 224 0.23 -46.18 -4.00
N LEU D 225 0.82 -45.07 -3.58
CA LEU D 225 2.06 -45.12 -2.80
C LEU D 225 1.79 -45.31 -1.31
N VAL D 226 0.84 -44.58 -0.76
CA VAL D 226 0.60 -44.56 0.68
C VAL D 226 -0.35 -45.67 1.06
N LYS D 227 -0.17 -46.20 2.27
CA LYS D 227 -1.05 -47.22 2.84
C LYS D 227 -1.95 -46.51 3.85
N GLY D 228 -3.09 -46.03 3.36
CA GLY D 228 -4.03 -45.29 4.19
C GLY D 228 -5.13 -44.70 3.33
N GLU D 229 -5.66 -43.57 3.78
CA GLU D 229 -6.70 -42.85 3.05
C GLU D 229 -6.15 -41.55 2.49
N VAL D 230 -6.55 -41.21 1.27
CA VAL D 230 -6.12 -40.01 0.57
C VAL D 230 -7.35 -39.21 0.19
N VAL D 231 -7.53 -38.06 0.84
CA VAL D 231 -8.57 -37.10 0.48
C VAL D 231 -7.91 -35.94 -0.26
N ALA D 232 -8.43 -35.62 -1.45
CA ALA D 232 -7.79 -34.65 -2.31
C ALA D 232 -8.77 -33.60 -2.81
N SER D 233 -8.21 -32.52 -3.33
CA SER D 233 -8.96 -31.42 -3.94
C SER D 233 -8.02 -30.59 -4.79
N THR D 234 -7.76 -31.05 -6.02
CA THR D 234 -6.75 -30.46 -6.88
C THR D 234 -7.07 -29.00 -7.19
N PHE D 235 -6.11 -28.32 -7.83
CA PHE D 235 -6.28 -26.92 -8.19
C PHE D 235 -7.35 -26.71 -9.27
N ASP D 236 -7.92 -27.79 -9.80
CA ASP D 236 -9.09 -27.67 -10.67
C ASP D 236 -10.33 -27.26 -9.90
N GLU D 237 -10.27 -27.24 -8.58
CA GLU D 237 -11.41 -27.04 -7.72
C GLU D 237 -11.40 -25.63 -7.12
N PRO D 238 -12.57 -25.08 -6.84
CA PRO D 238 -12.64 -23.75 -6.22
C PRO D 238 -12.10 -23.77 -4.80
N ALA D 239 -11.77 -22.58 -4.31
CA ALA D 239 -11.28 -22.45 -2.94
C ALA D 239 -12.35 -22.84 -1.92
N SER D 240 -13.62 -22.61 -2.24
CA SER D 240 -14.70 -23.02 -1.35
C SER D 240 -14.72 -24.53 -1.15
N ARG D 241 -14.43 -25.29 -2.20
CA ARG D 241 -14.37 -26.74 -2.08
C ARG D 241 -13.18 -27.16 -1.23
N HIS D 242 -12.03 -26.50 -1.42
CA HIS D 242 -10.84 -26.81 -0.62
C HIS D 242 -11.15 -26.74 0.87
N VAL D 243 -11.85 -25.68 1.29
CA VAL D 243 -12.17 -25.51 2.70
C VAL D 243 -13.10 -26.60 3.18
N GLN D 244 -14.23 -26.79 2.49
CA GLN D 244 -15.23 -27.76 2.91
C GLN D 244 -14.63 -29.16 3.01
N VAL D 245 -13.80 -29.54 2.04
CA VAL D 245 -13.17 -30.87 2.07
C VAL D 245 -12.23 -30.98 3.26
N ALA D 246 -11.41 -29.94 3.49
CA ALA D 246 -10.47 -29.98 4.60
C ALA D 246 -11.19 -30.03 5.94
N GLU D 247 -12.27 -29.26 6.07
CA GLU D 247 -13.03 -29.25 7.32
C GLU D 247 -13.52 -30.65 7.69
N MSE D 248 -13.96 -31.42 6.70
CA MSE D 248 -14.47 -32.76 6.97
C MSE D 248 -13.36 -33.68 7.47
O MSE D 248 -13.59 -34.48 8.38
CB MSE D 248 -15.10 -33.34 5.69
CG MSE D 248 -16.40 -32.67 5.29
SE MSE D 248 -17.82 -32.94 6.60
CE MSE D 248 -17.89 -34.90 6.54
N VAL D 249 -12.18 -33.56 6.87
CA VAL D 249 -11.05 -34.41 7.27
C VAL D 249 -10.62 -34.10 8.69
N ILE D 250 -10.49 -32.80 9.02
CA ILE D 250 -10.02 -32.42 10.34
C ILE D 250 -11.04 -32.80 11.41
N GLU D 251 -12.33 -32.77 11.07
CA GLU D 251 -13.35 -33.19 12.04
C GLU D 251 -13.35 -34.69 12.21
N LYS D 252 -13.17 -35.44 11.12
CA LYS D 252 -13.02 -36.88 11.22
C LYS D 252 -11.82 -37.25 12.09
N ALA D 253 -10.73 -36.49 11.98
CA ALA D 253 -9.56 -36.73 12.81
C ALA D 253 -9.90 -36.51 14.29
N LYS D 254 -10.60 -35.41 14.59
CA LYS D 254 -10.96 -35.12 15.98
C LYS D 254 -11.79 -36.26 16.57
N ARG D 255 -12.74 -36.79 15.80
CA ARG D 255 -13.60 -37.85 16.31
C ARG D 255 -12.81 -39.10 16.67
N LEU D 256 -11.83 -39.46 15.83
CA LEU D 256 -11.01 -40.63 16.13
C LEU D 256 -10.11 -40.39 17.33
N VAL D 257 -9.62 -39.16 17.49
CA VAL D 257 -8.85 -38.82 18.68
C VAL D 257 -9.71 -38.95 19.93
N GLU D 258 -11.01 -38.63 19.83
CA GLU D 258 -11.92 -38.86 20.93
C GLU D 258 -12.03 -40.33 21.29
N HIS D 259 -11.69 -41.23 20.37
CA HIS D 259 -11.62 -42.66 20.63
C HIS D 259 -10.20 -43.12 20.91
N LYS D 260 -9.31 -42.19 21.28
CA LYS D 260 -7.95 -42.51 21.71
C LYS D 260 -7.12 -43.13 20.59
N LYS D 261 -7.32 -42.65 19.37
CA LYS D 261 -6.58 -43.12 18.21
C LYS D 261 -5.46 -42.14 17.86
N ASP D 262 -4.34 -42.68 17.36
CA ASP D 262 -3.19 -41.88 16.95
C ASP D 262 -3.35 -41.52 15.48
N VAL D 263 -3.97 -40.38 15.22
CA VAL D 263 -4.25 -39.92 13.86
C VAL D 263 -3.07 -39.10 13.35
N ILE D 264 -2.78 -39.24 12.06
CA ILE D 264 -1.69 -38.50 11.41
C ILE D 264 -2.20 -37.98 10.07
N ILE D 265 -2.17 -36.67 9.88
CA ILE D 265 -2.62 -36.03 8.65
C ILE D 265 -1.42 -35.41 7.96
N LEU D 266 -1.20 -35.79 6.70
CA LEU D 266 -0.13 -35.22 5.87
C LEU D 266 -0.77 -34.27 4.87
N LEU D 267 -0.67 -32.97 5.15
CA LEU D 267 -1.34 -31.95 4.34
C LEU D 267 -0.37 -31.36 3.33
N ASP D 268 -0.87 -31.13 2.12
CA ASP D 268 -0.08 -30.53 1.05
C ASP D 268 -0.99 -29.90 0.01
N SER D 269 -1.04 -28.56 -0.02
CA SER D 269 -0.25 -27.74 0.89
C SER D 269 -1.14 -26.96 1.85
N ILE D 270 -0.61 -26.66 3.04
CA ILE D 270 -1.36 -25.85 3.99
C ILE D 270 -1.32 -24.37 3.61
N THR D 271 -0.25 -23.94 2.94
CA THR D 271 -0.21 -22.57 2.43
C THR D 271 -1.30 -22.36 1.39
N ARG D 272 -1.53 -23.35 0.53
CA ARG D 272 -2.64 -23.30 -0.40
C ARG D 272 -3.97 -23.31 0.33
N LEU D 273 -4.05 -24.06 1.44
CA LEU D 273 -5.27 -24.09 2.23
C LEU D 273 -5.55 -22.74 2.87
N ALA D 274 -4.51 -22.06 3.35
CA ALA D 274 -4.69 -20.74 3.95
C ALA D 274 -5.14 -19.73 2.90
N ARG D 275 -4.61 -19.82 1.68
CA ARG D 275 -5.08 -18.96 0.60
C ARG D 275 -6.57 -19.17 0.34
N ALA D 276 -7.02 -20.42 0.33
CA ALA D 276 -8.44 -20.71 0.13
C ALA D 276 -9.29 -20.01 1.17
N TYR D 277 -8.87 -20.05 2.44
CA TYR D 277 -9.59 -19.34 3.49
C TYR D 277 -9.61 -17.85 3.23
N ASN D 278 -8.49 -17.30 2.74
CA ASN D 278 -8.42 -15.86 2.52
C ASN D 278 -9.38 -15.40 1.42
N THR D 279 -9.56 -16.23 0.40
CA THR D 279 -10.49 -15.90 -0.68
C THR D 279 -11.95 -16.14 -0.29
N VAL D 280 -12.20 -16.82 0.83
CA VAL D 280 -13.55 -17.14 1.27
C VAL D 280 -14.00 -16.15 2.33
N VAL D 281 -13.07 -15.67 3.15
CA VAL D 281 -13.47 -14.87 4.32
C VAL D 281 -14.11 -13.56 3.87
N PRO D 282 -15.11 -13.06 4.58
CA PRO D 282 -15.72 -11.78 4.21
C PRO D 282 -14.77 -10.62 4.46
N ALA D 283 -14.76 -9.67 3.53
CA ALA D 283 -13.91 -8.50 3.65
C ALA D 283 -14.19 -7.78 4.96
N SER D 284 -13.13 -7.55 5.74
CA SER D 284 -13.25 -6.89 7.03
C SER D 284 -12.88 -5.41 6.98
N GLY D 285 -12.41 -4.91 5.83
CA GLY D 285 -11.89 -3.56 5.73
C GLY D 285 -10.43 -3.42 6.09
N LYS D 286 -9.81 -4.46 6.64
CA LYS D 286 -8.40 -4.46 7.02
C LYS D 286 -7.70 -5.61 6.31
N VAL D 287 -6.57 -5.32 5.69
CA VAL D 287 -5.80 -6.31 4.94
C VAL D 287 -4.35 -6.26 5.43
N LEU D 288 -3.86 -7.41 5.90
CA LEU D 288 -2.48 -7.53 6.33
C LEU D 288 -1.53 -7.39 5.14
N THR D 289 -0.23 -7.30 5.44
CA THR D 289 0.77 -7.18 4.40
C THR D 289 0.81 -8.44 3.55
N GLY D 290 0.77 -8.25 2.23
CA GLY D 290 0.79 -9.35 1.29
C GLY D 290 -0.54 -9.66 0.64
N GLY D 291 -1.61 -8.99 1.06
CA GLY D 291 -2.93 -9.27 0.54
C GLY D 291 -3.74 -10.25 1.36
N VAL D 292 -3.35 -10.52 2.61
CA VAL D 292 -4.07 -11.44 3.48
C VAL D 292 -5.02 -10.64 4.35
N ASP D 293 -6.31 -10.94 4.25
CA ASP D 293 -7.31 -10.27 5.08
C ASP D 293 -6.97 -10.46 6.55
N ALA D 294 -7.36 -9.46 7.36
CA ALA D 294 -7.01 -9.47 8.78
C ALA D 294 -7.68 -10.60 9.55
N ASN D 295 -8.75 -11.18 9.01
CA ASN D 295 -9.47 -12.26 9.67
C ASN D 295 -9.38 -13.58 8.91
N ALA D 296 -8.50 -13.66 7.91
CA ALA D 296 -8.43 -14.83 7.05
C ALA D 296 -7.68 -15.99 7.68
N LEU D 297 -6.77 -15.72 8.61
CA LEU D 297 -5.89 -16.74 9.14
C LEU D 297 -6.40 -17.36 10.44
N HIS D 298 -7.56 -16.94 10.94
CA HIS D 298 -8.09 -17.52 12.18
C HIS D 298 -8.43 -18.99 11.99
N ARG D 299 -9.31 -19.29 11.04
CA ARG D 299 -9.67 -20.68 10.77
C ARG D 299 -8.48 -21.54 10.36
N PRO D 300 -7.58 -21.11 9.46
CA PRO D 300 -6.39 -21.95 9.19
C PRO D 300 -5.58 -22.26 10.43
N LYS D 301 -5.54 -21.35 11.40
CA LYS D 301 -4.81 -21.60 12.63
C LYS D 301 -5.48 -22.67 13.47
N ARG D 302 -6.82 -22.65 13.55
CA ARG D 302 -7.53 -23.69 14.28
C ARG D 302 -7.40 -25.05 13.58
N PHE D 303 -7.38 -25.04 12.25
CA PHE D 303 -7.17 -26.28 11.50
C PHE D 303 -5.80 -26.88 11.82
N PHE D 304 -4.74 -26.10 11.58
CA PHE D 304 -3.40 -26.58 11.87
C PHE D 304 -3.21 -26.79 13.37
N GLY D 305 -3.78 -25.92 14.19
CA GLY D 305 -3.72 -26.08 15.64
C GLY D 305 -4.56 -27.19 16.20
N ALA D 306 -5.33 -27.90 15.36
CA ALA D 306 -6.06 -29.06 15.83
C ALA D 306 -5.12 -30.17 16.27
N ALA D 307 -3.99 -30.32 15.60
CA ALA D 307 -3.00 -31.32 15.98
C ALA D 307 -2.49 -31.06 17.40
N ARG D 308 -2.42 -32.12 18.19
CA ARG D 308 -2.02 -32.01 19.58
C ARG D 308 -1.86 -33.39 20.19
N ASN D 309 -1.12 -33.45 21.31
CA ASN D 309 -0.95 -34.67 22.08
C ASN D 309 -1.93 -34.67 23.25
N VAL D 310 -2.64 -35.78 23.42
CA VAL D 310 -3.70 -35.89 24.42
C VAL D 310 -3.22 -36.76 25.56
N GLU D 311 -3.50 -36.31 26.79
CA GLU D 311 -3.18 -37.07 27.99
C GLU D 311 -4.13 -38.24 28.21
N GLU D 312 -5.41 -38.06 27.84
CA GLU D 312 -6.39 -39.12 28.00
C GLU D 312 -6.12 -40.32 27.09
N GLY D 313 -5.37 -40.12 26.01
CA GLY D 313 -5.05 -41.18 25.08
C GLY D 313 -5.21 -40.73 23.64
N GLY D 314 -4.39 -41.30 22.76
CA GLY D 314 -4.41 -40.92 21.36
C GLY D 314 -3.70 -39.60 21.12
N SER D 315 -3.76 -39.15 19.87
CA SER D 315 -3.12 -37.90 19.47
C SER D 315 -3.49 -37.58 18.02
N LEU D 316 -3.25 -36.33 17.64
CA LEU D 316 -3.46 -35.85 16.27
C LEU D 316 -2.18 -35.18 15.80
N THR D 317 -1.53 -35.76 14.80
CA THR D 317 -0.29 -35.24 14.23
C THR D 317 -0.57 -34.68 12.84
N ILE D 318 -0.05 -33.48 12.57
CA ILE D 318 -0.25 -32.82 11.27
C ILE D 318 1.10 -32.36 10.76
N ILE D 319 1.52 -32.91 9.63
CA ILE D 319 2.75 -32.52 8.94
C ILE D 319 2.35 -31.98 7.57
N ALA D 320 2.41 -30.65 7.42
CA ALA D 320 1.94 -29.98 6.22
C ALA D 320 3.09 -29.25 5.53
N THR D 321 2.98 -29.12 4.21
CA THR D 321 3.96 -28.39 3.42
C THR D 321 3.59 -26.92 3.34
N ALA D 322 4.61 -26.07 3.26
CA ALA D 322 4.42 -24.63 3.23
C ALA D 322 5.35 -23.99 2.20
N LEU D 323 4.91 -22.86 1.65
CA LEU D 323 5.62 -22.18 0.57
C LEU D 323 6.27 -20.90 1.10
N ILE D 324 7.49 -20.64 0.63
CA ILE D 324 8.23 -19.42 0.93
C ILE D 324 9.00 -19.01 -0.32
N ASP D 325 9.55 -17.79 -0.29
CA ASP D 325 10.32 -17.24 -1.41
C ASP D 325 9.53 -17.32 -2.70
N THR D 326 8.21 -17.20 -2.61
CA THR D 326 7.35 -17.20 -3.78
C THR D 326 7.31 -15.86 -4.48
N GLY D 327 8.08 -14.88 -4.00
CA GLY D 327 7.93 -13.51 -4.45
C GLY D 327 6.68 -12.82 -3.96
N SER D 328 5.81 -13.52 -3.22
CA SER D 328 4.57 -12.98 -2.71
C SER D 328 4.69 -12.85 -1.20
N LYS D 329 4.54 -11.62 -0.69
CA LYS D 329 4.60 -11.38 0.74
C LYS D 329 3.59 -12.21 1.51
N MSE D 330 2.46 -12.54 0.88
CA MSE D 330 1.41 -13.33 1.50
C MSE D 330 1.94 -14.64 2.08
O MSE D 330 1.67 -14.98 3.23
CB MSE D 330 0.29 -13.62 0.50
CG MSE D 330 -0.55 -14.84 0.85
SE MSE D 330 -2.03 -15.12 -0.38
CE MSE D 330 -3.08 -13.55 0.07
N ASP D 331 2.69 -15.38 1.26
CA ASP D 331 3.21 -16.67 1.69
C ASP D 331 4.24 -16.53 2.80
N GLU D 332 4.91 -15.39 2.89
CA GLU D 332 5.81 -15.14 4.01
C GLU D 332 5.03 -14.89 5.29
N VAL D 333 3.87 -14.24 5.19
CA VAL D 333 3.03 -13.99 6.36
C VAL D 333 2.43 -15.29 6.85
N ILE D 334 1.88 -16.10 5.93
CA ILE D 334 1.23 -17.35 6.31
C ILE D 334 2.22 -18.27 7.01
N TYR D 335 3.42 -18.41 6.44
CA TYR D 335 4.42 -19.29 7.03
C TYR D 335 4.75 -18.87 8.46
N GLU D 336 5.06 -17.59 8.67
CA GLU D 336 5.39 -17.12 10.00
C GLU D 336 4.22 -17.29 10.97
N GLU D 337 2.99 -17.15 10.47
CA GLU D 337 1.81 -17.34 11.31
C GLU D 337 1.69 -18.79 11.77
N PHE D 338 1.74 -19.73 10.82
CA PHE D 338 1.73 -21.14 11.17
C PHE D 338 2.91 -21.53 12.02
N LYS D 339 4.06 -20.87 11.82
CA LYS D 339 5.25 -21.16 12.62
C LYS D 339 5.01 -20.85 14.09
N GLY D 340 4.32 -19.73 14.37
CA GLY D 340 3.90 -19.39 15.71
C GLY D 340 2.73 -20.21 16.23
N THR D 341 2.22 -21.13 15.41
CA THR D 341 1.16 -22.06 15.80
C THR D 341 1.68 -23.46 16.04
N GLY D 342 2.60 -23.93 15.21
CA GLY D 342 3.15 -25.27 15.33
C GLY D 342 4.34 -25.32 16.26
N ASN D 343 5.09 -26.43 16.15
CA ASN D 343 6.24 -26.65 17.02
C ASN D 343 7.30 -27.51 16.34
N MSE D 344 7.42 -27.42 15.01
CA MSE D 344 8.39 -28.19 14.23
C MSE D 344 8.43 -27.67 12.80
O MSE D 344 7.38 -27.38 12.22
CB MSE D 344 8.01 -29.69 14.27
CG MSE D 344 8.90 -30.59 13.43
SE MSE D 344 8.37 -30.72 11.55
CE MSE D 344 9.61 -32.09 10.97
N GLU D 345 9.62 -27.55 12.23
CA GLU D 345 9.75 -27.10 10.85
C GLU D 345 10.95 -27.79 10.21
N LEU D 346 10.77 -28.28 8.99
CA LEU D 346 11.85 -28.91 8.22
C LEU D 346 12.03 -28.11 6.94
N HIS D 347 13.03 -27.23 6.93
CA HIS D 347 13.25 -26.35 5.79
C HIS D 347 14.01 -27.06 4.68
N LEU D 348 13.74 -26.63 3.44
CA LEU D 348 14.43 -27.17 2.28
C LEU D 348 14.91 -26.01 1.42
N SER D 349 16.19 -26.03 1.06
CA SER D 349 16.82 -24.95 0.32
C SER D 349 16.68 -25.16 -1.17
N ARG D 350 16.42 -24.06 -1.89
CA ARG D 350 16.39 -24.12 -3.35
C ARG D 350 17.79 -24.24 -3.93
N LYS D 351 18.81 -23.72 -3.23
CA LYS D 351 20.17 -23.82 -3.72
C LYS D 351 20.70 -25.25 -3.62
N ILE D 352 20.33 -25.97 -2.55
CA ILE D 352 20.73 -27.36 -2.42
C ILE D 352 20.00 -28.22 -3.45
N ALA D 353 18.73 -27.92 -3.70
CA ALA D 353 17.95 -28.69 -4.66
C ALA D 353 18.44 -28.45 -6.09
N GLU D 354 18.86 -27.22 -6.38
CA GLU D 354 19.41 -26.92 -7.71
C GLU D 354 20.76 -27.59 -7.93
N LYS D 355 21.44 -28.01 -6.88
CA LYS D 355 22.66 -28.80 -6.99
C LYS D 355 22.39 -30.30 -6.99
N ARG D 356 21.12 -30.70 -7.12
CA ARG D 356 20.71 -32.10 -7.16
C ARG D 356 21.11 -32.86 -5.90
N VAL D 357 21.25 -32.17 -4.78
CA VAL D 357 21.62 -32.78 -3.51
C VAL D 357 20.35 -33.00 -2.70
N PHE D 358 19.94 -34.26 -2.57
CA PHE D 358 18.73 -34.59 -1.82
C PHE D 358 19.02 -35.52 -0.65
N PRO D 359 18.36 -35.31 0.50
CA PRO D 359 17.36 -34.25 0.70
C PRO D 359 17.99 -32.86 0.79
N ALA D 360 17.33 -31.86 0.21
CA ALA D 360 17.83 -30.51 0.22
C ALA D 360 17.47 -29.80 1.52
N ILE D 361 17.82 -30.39 2.65
CA ILE D 361 17.37 -29.88 3.95
C ILE D 361 18.28 -28.75 4.40
N ASP D 362 17.67 -27.66 4.85
CA ASP D 362 18.40 -26.55 5.50
C ASP D 362 18.47 -26.87 6.98
N TYR D 363 19.58 -27.47 7.39
CA TYR D 363 19.70 -28.00 8.74
C TYR D 363 19.55 -26.91 9.80
N ASN D 364 20.22 -25.78 9.60
CA ASN D 364 20.27 -24.74 10.63
C ASN D 364 18.90 -24.12 10.89
N ARG D 365 18.03 -24.09 9.90
CA ARG D 365 16.69 -23.52 10.09
C ARG D 365 15.69 -24.54 10.59
N SER D 366 15.87 -25.81 10.25
CA SER D 366 14.97 -26.85 10.73
C SER D 366 15.14 -27.07 12.22
N GLY D 367 14.06 -27.49 12.89
CA GLY D 367 14.11 -27.74 14.31
C GLY D 367 12.75 -28.11 14.85
N THR D 368 12.75 -28.64 16.08
CA THR D 368 11.55 -29.07 16.78
C THR D 368 11.56 -28.55 18.21
N ARG D 369 10.41 -28.07 18.66
CA ARG D 369 10.27 -27.54 20.00
C ARG D 369 10.14 -28.65 21.03
N LYS D 370 10.71 -28.42 22.21
CA LYS D 370 10.67 -29.40 23.31
C LYS D 370 11.11 -30.78 22.84
N GLU D 371 12.17 -30.81 22.03
CA GLU D 371 12.63 -32.06 21.45
C GLU D 371 13.25 -32.99 22.48
N GLU D 372 13.51 -32.52 23.70
CA GLU D 372 14.03 -33.40 24.75
C GLU D 372 12.98 -34.40 25.22
N LEU D 373 11.70 -34.08 25.05
CA LEU D 373 10.62 -35.01 25.36
C LEU D 373 10.48 -36.10 24.30
N LEU D 374 11.25 -36.03 23.21
CA LEU D 374 11.22 -37.01 22.15
C LEU D 374 12.52 -37.77 22.00
N THR D 375 13.57 -37.41 22.73
CA THR D 375 14.88 -37.97 22.52
C THR D 375 15.49 -38.45 23.84
N THR D 376 16.38 -39.43 23.74
CA THR D 376 17.15 -39.88 24.88
C THR D 376 18.28 -38.89 25.17
N GLN D 377 18.85 -39.02 26.37
CA GLN D 377 19.89 -38.08 26.79
C GLN D 377 21.09 -38.13 25.85
N GLU D 378 21.53 -39.34 25.47
CA GLU D 378 22.64 -39.45 24.54
C GLU D 378 22.26 -38.86 23.18
N GLU D 379 21.12 -39.28 22.63
CA GLU D 379 20.69 -38.79 21.33
C GLU D 379 20.57 -37.26 21.32
N LEU D 380 20.06 -36.69 22.41
CA LEU D 380 19.93 -35.24 22.49
C LEU D 380 21.30 -34.56 22.48
N GLN D 381 22.28 -35.14 23.19
CA GLN D 381 23.62 -34.57 23.20
C GLN D 381 24.30 -34.76 21.84
N LYS D 382 24.12 -35.93 21.22
CA LYS D 382 24.72 -36.17 19.91
C LYS D 382 24.22 -35.15 18.88
N MSE D 383 22.91 -34.91 18.86
CA MSE D 383 22.33 -33.95 17.94
C MSE D 383 22.74 -32.53 18.30
O MSE D 383 22.87 -31.68 17.43
CB MSE D 383 20.81 -34.08 17.92
CG MSE D 383 20.30 -35.45 17.50
SE MSE D 383 18.37 -35.59 17.60
CE MSE D 383 18.12 -34.89 19.40
N TRP D 384 22.95 -32.28 19.59
CA TRP D 384 23.40 -30.97 20.04
C TRP D 384 24.82 -30.68 19.56
N ILE D 385 25.71 -31.66 19.69
CA ILE D 385 27.08 -31.49 19.20
C ILE D 385 27.08 -31.36 17.68
N LEU D 386 26.44 -32.31 16.99
CA LEU D 386 26.33 -32.25 15.54
C LEU D 386 25.72 -30.94 15.08
N ARG D 387 24.79 -30.37 15.88
CA ARG D 387 24.20 -29.09 15.55
C ARG D 387 25.25 -27.99 15.50
N LYS D 388 26.08 -27.90 16.54
CA LYS D 388 27.10 -26.86 16.60
C LYS D 388 28.10 -27.00 15.46
N ILE D 389 28.41 -28.22 15.04
CA ILE D 389 29.41 -28.44 14.00
C ILE D 389 28.89 -27.98 12.64
N ILE D 390 27.59 -28.18 12.39
CA ILE D 390 27.04 -27.90 11.07
C ILE D 390 26.72 -26.42 10.89
N HIS D 391 26.40 -25.72 11.98
CA HIS D 391 26.02 -24.31 11.90
C HIS D 391 27.00 -23.44 11.12
N PRO D 392 28.32 -23.48 11.36
CA PRO D 392 29.21 -22.59 10.60
C PRO D 392 29.23 -22.89 9.10
N MSE D 393 28.90 -24.11 8.69
CA MSE D 393 28.93 -24.48 7.29
C MSE D 393 27.79 -23.85 6.51
O MSE D 393 26.73 -23.57 7.05
CB MSE D 393 28.87 -26.01 7.16
CG MSE D 393 29.85 -26.76 8.06
SE MSE D 393 29.63 -28.69 7.96
CE MSE D 393 30.94 -29.22 9.30
N GLY D 394 28.03 -23.62 5.22
CA GLY D 394 26.96 -23.21 4.34
C GLY D 394 25.93 -24.31 4.16
N GLU D 395 24.73 -23.91 3.74
CA GLU D 395 23.64 -24.88 3.63
C GLU D 395 23.97 -26.01 2.66
N ILE D 396 24.64 -25.69 1.55
CA ILE D 396 25.07 -26.73 0.62
C ILE D 396 26.19 -27.56 1.23
N ASP D 397 27.22 -26.89 1.75
CA ASP D 397 28.34 -27.59 2.40
C ASP D 397 27.87 -28.42 3.58
N ALA D 398 26.78 -28.02 4.23
CA ALA D 398 26.27 -28.76 5.37
C ALA D 398 25.72 -30.12 4.94
N MSE D 399 24.85 -30.14 3.93
CA MSE D 399 24.24 -31.37 3.48
C MSE D 399 25.26 -32.34 2.91
O MSE D 399 25.31 -33.50 3.30
CB MSE D 399 23.15 -31.08 2.45
CG MSE D 399 21.80 -30.74 3.06
SE MSE D 399 20.99 -32.17 4.13
CE MSE D 399 21.79 -31.80 5.87
N GLU D 400 26.10 -31.85 1.99
CA GLU D 400 27.15 -32.69 1.42
C GLU D 400 28.04 -33.30 2.50
N PHE D 401 28.24 -32.59 3.60
CA PHE D 401 29.02 -33.13 4.72
C PHE D 401 28.23 -34.20 5.46
N LEU D 402 26.94 -33.94 5.73
CA LEU D 402 26.14 -34.88 6.50
C LEU D 402 25.75 -36.09 5.66
N ILE D 403 25.46 -35.88 4.37
CA ILE D 403 25.09 -37.00 3.49
C ILE D 403 26.22 -38.02 3.44
N ASN D 404 27.46 -37.56 3.30
CA ASN D 404 28.59 -38.48 3.22
C ASN D 404 28.77 -39.25 4.51
N LYS D 405 28.71 -38.56 5.65
CA LYS D 405 28.86 -39.23 6.94
C LYS D 405 27.72 -40.23 7.18
N LEU D 406 26.51 -39.86 6.78
CA LEU D 406 25.37 -40.76 6.97
C LEU D 406 25.40 -41.91 5.98
N ALA D 407 25.85 -41.67 4.75
CA ALA D 407 26.01 -42.76 3.80
C ALA D 407 27.10 -43.73 4.23
N MSE D 408 28.03 -43.29 5.07
CA MSE D 408 29.10 -44.13 5.58
C MSE D 408 28.55 -45.26 6.43
O MSE D 408 29.13 -46.34 6.51
CB MSE D 408 30.07 -43.27 6.39
CG MSE D 408 31.47 -43.84 6.54
SE MSE D 408 32.61 -42.59 7.49
CE MSE D 408 32.32 -41.00 6.39
N THR D 409 27.41 -45.02 7.07
CA THR D 409 26.76 -46.00 7.93
C THR D 409 25.37 -46.32 7.38
N LYS D 410 24.76 -47.36 7.94
CA LYS D 410 23.41 -47.74 7.56
C LYS D 410 22.36 -47.09 8.46
N THR D 411 22.66 -46.94 9.75
CA THR D 411 21.73 -46.40 10.72
C THR D 411 22.34 -45.19 11.42
N ASN D 412 21.47 -44.37 12.02
CA ASN D 412 21.92 -43.21 12.77
C ASN D 412 22.66 -43.60 14.04
N ASP D 413 22.28 -44.73 14.66
CA ASP D 413 22.92 -45.16 15.89
C ASP D 413 24.39 -45.48 15.67
N ASP D 414 24.70 -46.18 14.57
CA ASP D 414 26.09 -46.46 14.24
C ASP D 414 26.85 -45.17 13.96
N PHE D 415 26.18 -44.17 13.40
CA PHE D 415 26.81 -42.87 13.19
C PHE D 415 27.13 -42.19 14.52
N PHE D 416 26.20 -42.26 15.48
CA PHE D 416 26.47 -41.69 16.81
C PHE D 416 27.63 -42.39 17.50
N GLU D 417 27.84 -43.67 17.19
CA GLU D 417 28.95 -44.40 17.79
C GLU D 417 30.30 -43.92 17.30
N MSE D 418 30.35 -43.31 16.12
CA MSE D 418 31.58 -42.70 15.62
C MSE D 418 31.93 -41.48 16.46
O MSE D 418 33.08 -41.28 16.83
CB MSE D 418 31.43 -42.30 14.15
CG MSE D 418 31.22 -43.47 13.20
SE MSE D 418 31.15 -42.89 11.33
CE MSE D 418 31.00 -44.64 10.47
N MSE D 419 30.92 -40.66 16.76
CA MSE D 419 31.11 -39.48 17.59
C MSE D 419 31.45 -39.86 19.03
O MSE D 419 30.68 -40.55 19.69
CB MSE D 419 29.86 -38.60 17.57
CG MSE D 419 29.62 -37.89 16.25
SE MSE D 419 27.87 -37.04 16.19
CE MSE D 419 27.91 -36.15 17.93
N ASN E 5 -20.35 -26.92 -49.23
CA ASN E 5 -19.96 -26.75 -47.84
C ASN E 5 -19.77 -25.27 -47.49
N LEU E 6 -20.31 -24.88 -46.33
CA LEU E 6 -20.24 -23.47 -45.93
C LEU E 6 -18.81 -23.02 -45.72
N THR E 7 -17.99 -23.83 -45.04
CA THR E 7 -16.62 -23.44 -44.75
C THR E 7 -15.79 -23.36 -46.02
N GLU E 8 -15.89 -24.38 -46.88
CA GLU E 8 -15.11 -24.40 -48.10
C GLU E 8 -15.47 -23.23 -49.02
N LEU E 9 -16.73 -22.81 -49.00
CA LEU E 9 -17.14 -21.66 -49.81
C LEU E 9 -16.64 -20.34 -49.23
N LYS E 10 -16.49 -20.28 -47.90
CA LYS E 10 -15.89 -19.10 -47.29
C LYS E 10 -14.42 -18.99 -47.63
N ASN E 11 -13.71 -20.13 -47.72
CA ASN E 11 -12.31 -20.10 -48.11
C ASN E 11 -12.16 -19.79 -49.60
N THR E 12 -13.16 -20.14 -50.41
CA THR E 12 -13.06 -19.94 -51.85
C THR E 12 -13.03 -18.46 -52.19
N PRO E 13 -12.11 -18.01 -53.03
CA PRO E 13 -12.06 -16.59 -53.40
C PRO E 13 -13.27 -16.17 -54.21
N VAL E 14 -13.53 -14.85 -54.19
CA VAL E 14 -14.68 -14.30 -54.89
C VAL E 14 -14.52 -14.44 -56.40
N SER E 15 -13.29 -14.41 -56.91
CA SER E 15 -13.07 -14.53 -58.35
C SER E 15 -13.54 -15.88 -58.87
N GLU E 16 -13.08 -16.96 -58.24
CA GLU E 16 -13.57 -18.28 -58.60
C GLU E 16 -15.04 -18.44 -58.25
N LEU E 17 -15.48 -17.82 -57.16
CA LEU E 17 -16.85 -18.02 -56.68
C LEU E 17 -17.86 -17.34 -57.59
N ILE E 18 -17.59 -16.09 -57.98
CA ILE E 18 -18.56 -15.33 -58.76
C ILE E 18 -18.90 -16.05 -60.06
N THR E 19 -17.92 -16.75 -60.64
CA THR E 19 -18.19 -17.54 -61.85
C THR E 19 -19.24 -18.61 -61.57
N LEU E 20 -19.13 -19.29 -60.43
CA LEU E 20 -20.14 -20.26 -60.04
C LEU E 20 -21.51 -19.61 -59.91
N GLY E 21 -21.58 -18.42 -59.31
CA GLY E 21 -22.84 -17.73 -59.18
C GLY E 21 -23.47 -17.39 -60.51
N GLU E 22 -22.66 -17.18 -61.54
CA GLU E 22 -23.20 -16.96 -62.88
C GLU E 22 -23.77 -18.24 -63.46
N ASN E 23 -23.08 -19.37 -63.27
CA ASN E 23 -23.56 -20.64 -63.76
C ASN E 23 -24.79 -21.12 -63.01
N MSE E 24 -24.90 -20.77 -61.73
CA MSE E 24 -26.05 -21.18 -60.92
C MSE E 24 -27.23 -20.25 -61.13
O MSE E 24 -28.39 -20.68 -61.16
CB MSE E 24 -25.67 -21.22 -59.44
CG MSE E 24 -25.44 -22.61 -58.89
SE MSE E 24 -25.25 -22.63 -56.95
CE MSE E 24 -25.13 -24.55 -56.68
N GLY E 25 -26.96 -18.95 -61.26
CA GLY E 25 -28.00 -17.96 -61.43
C GLY E 25 -28.41 -17.29 -60.13
N ARG E 33 -21.24 -8.23 -51.54
CA ARG E 33 -20.42 -8.75 -50.46
C ARG E 33 -20.25 -10.25 -50.57
N LYS E 34 -19.09 -10.76 -50.14
CA LYS E 34 -18.85 -12.20 -50.18
C LYS E 34 -19.79 -12.93 -49.22
N GLN E 35 -20.07 -12.35 -48.05
CA GLN E 35 -20.97 -12.97 -47.09
C GLN E 35 -22.42 -12.97 -47.56
N ASP E 36 -22.76 -12.08 -48.50
CA ASP E 36 -24.09 -12.04 -49.08
C ASP E 36 -24.18 -12.87 -50.37
N ILE E 37 -23.13 -12.82 -51.19
CA ILE E 37 -23.09 -13.67 -52.39
C ILE E 37 -23.08 -15.13 -52.00
N ILE E 38 -22.40 -15.46 -50.89
CA ILE E 38 -22.36 -16.86 -50.44
C ILE E 38 -23.74 -17.28 -49.92
N PHE E 39 -24.37 -16.42 -49.13
CA PHE E 39 -25.70 -16.76 -48.60
C PHE E 39 -26.72 -16.90 -49.71
N ALA E 40 -26.49 -16.23 -50.85
CA ALA E 40 -27.36 -16.38 -52.00
C ALA E 40 -27.11 -17.69 -52.74
N ILE E 41 -25.86 -18.16 -52.78
CA ILE E 41 -25.56 -19.44 -53.40
C ILE E 41 -25.99 -20.58 -52.50
N LEU E 42 -25.91 -20.40 -51.18
CA LEU E 42 -26.29 -21.45 -50.25
C LEU E 42 -27.80 -21.69 -50.29
N LYS E 43 -28.59 -20.62 -50.39
CA LYS E 43 -30.05 -20.79 -50.41
C LYS E 43 -30.52 -21.47 -51.67
N GLN E 44 -29.81 -21.29 -52.80
CA GLN E 44 -30.26 -21.86 -54.06
C GLN E 44 -30.18 -23.38 -54.04
N HIS E 45 -29.08 -23.93 -53.54
CA HIS E 45 -28.91 -25.37 -53.51
C HIS E 45 -29.92 -26.04 -52.59
N ALA E 46 -30.40 -25.32 -51.57
CA ALA E 46 -31.40 -25.88 -50.67
C ALA E 46 -32.66 -26.28 -51.42
N LYS E 47 -33.03 -25.52 -52.44
CA LYS E 47 -34.21 -25.82 -53.25
C LYS E 47 -33.92 -26.96 -54.23
N ILE E 52 -26.29 -30.03 -48.29
CA ILE E 52 -25.56 -28.80 -47.99
C ILE E 52 -25.01 -28.91 -46.57
N PHE E 53 -23.71 -28.66 -46.39
CA PHE E 53 -23.04 -28.99 -45.13
C PHE E 53 -22.26 -27.79 -44.60
N GLY E 54 -21.84 -27.91 -43.34
CA GLY E 54 -21.03 -26.90 -42.68
C GLY E 54 -20.49 -27.45 -41.38
N ASP E 55 -19.51 -26.75 -40.81
CA ASP E 55 -18.84 -27.25 -39.62
C ASP E 55 -18.26 -26.10 -38.79
N GLY E 56 -17.79 -26.46 -37.60
CA GLY E 56 -17.22 -25.49 -36.67
C GLY E 56 -17.02 -26.13 -35.31
N VAL E 57 -16.67 -25.29 -34.33
CA VAL E 57 -16.43 -25.72 -32.96
C VAL E 57 -17.57 -25.20 -32.09
N LEU E 58 -18.16 -26.11 -31.30
CA LEU E 58 -19.36 -25.80 -30.54
C LEU E 58 -19.05 -24.90 -29.34
N GLU E 59 -19.98 -23.99 -29.05
CA GLU E 59 -19.91 -23.14 -27.86
C GLU E 59 -21.32 -23.02 -27.29
N ILE E 60 -21.53 -23.62 -26.11
CA ILE E 60 -22.85 -23.61 -25.48
C ILE E 60 -23.06 -22.28 -24.78
N LEU E 61 -24.15 -21.59 -25.13
CA LEU E 61 -24.45 -20.29 -24.55
C LEU E 61 -25.15 -20.46 -23.20
N GLN E 62 -25.71 -19.36 -22.68
CA GLN E 62 -26.41 -19.39 -21.40
C GLN E 62 -27.82 -19.95 -21.53
N ASP E 63 -28.48 -19.73 -22.67
CA ASP E 63 -29.79 -20.31 -22.92
C ASP E 63 -29.74 -21.82 -23.06
N GLY E 64 -28.56 -22.42 -23.07
CA GLY E 64 -28.40 -23.82 -23.38
C GLY E 64 -28.25 -24.12 -24.85
N PHE E 65 -28.27 -23.09 -25.70
CA PHE E 65 -28.18 -23.26 -27.15
C PHE E 65 -26.70 -23.36 -27.52
N GLY E 66 -26.39 -23.32 -28.81
CA GLY E 66 -25.01 -23.45 -29.24
C GLY E 66 -24.75 -22.76 -30.56
N PHE E 67 -23.47 -22.51 -30.81
CA PHE E 67 -23.00 -21.90 -32.06
C PHE E 67 -21.69 -22.54 -32.46
N LEU E 68 -21.61 -23.02 -33.70
CA LEU E 68 -20.41 -23.64 -34.23
C LEU E 68 -19.47 -22.54 -34.71
N ARG E 69 -18.64 -22.05 -33.79
CA ARG E 69 -17.68 -21.01 -34.12
C ARG E 69 -16.70 -21.49 -35.19
N SER E 70 -16.02 -20.54 -35.83
CA SER E 70 -15.11 -20.83 -36.92
C SER E 70 -13.68 -20.48 -36.52
N ALA E 71 -12.76 -21.39 -36.85
CA ALA E 71 -11.36 -21.20 -36.46
C ALA E 71 -10.74 -19.99 -37.14
N ASP E 72 -11.16 -19.68 -38.38
CA ASP E 72 -10.61 -18.53 -39.07
C ASP E 72 -10.97 -17.23 -38.36
N SER E 73 -12.19 -17.14 -37.84
CA SER E 73 -12.61 -16.01 -37.02
C SER E 73 -12.05 -16.08 -35.61
N SER E 74 -11.09 -16.98 -35.37
CA SER E 74 -10.47 -17.17 -34.06
C SER E 74 -11.50 -17.53 -32.99
N TYR E 75 -12.56 -18.24 -33.40
CA TYR E 75 -13.64 -18.66 -32.52
C TYR E 75 -14.40 -17.47 -31.93
N LEU E 76 -14.38 -16.34 -32.62
CA LEU E 76 -15.12 -15.15 -32.22
C LEU E 76 -16.51 -15.19 -32.84
N ALA E 77 -17.47 -14.58 -32.13
CA ALA E 77 -18.86 -14.50 -32.58
C ALA E 77 -18.95 -14.01 -34.03
N GLY E 78 -19.30 -14.90 -34.94
CA GLY E 78 -19.40 -14.57 -36.34
C GLY E 78 -20.77 -14.80 -36.90
N PRO E 79 -21.05 -14.23 -38.08
CA PRO E 79 -22.36 -14.42 -38.70
C PRO E 79 -22.50 -15.78 -39.37
N ASP E 80 -21.39 -16.37 -39.78
CA ASP E 80 -21.40 -17.69 -40.42
C ASP E 80 -21.54 -18.82 -39.41
N ASP E 81 -21.63 -18.51 -38.12
CA ASP E 81 -21.80 -19.53 -37.10
C ASP E 81 -23.11 -20.27 -37.30
N ILE E 82 -23.10 -21.56 -36.97
CA ILE E 82 -24.25 -22.44 -37.19
C ILE E 82 -24.97 -22.63 -35.86
N TYR E 83 -26.24 -22.23 -35.83
CA TYR E 83 -27.07 -22.43 -34.64
C TYR E 83 -27.16 -23.91 -34.29
N VAL E 84 -27.17 -24.21 -33.00
CA VAL E 84 -27.21 -25.58 -32.51
C VAL E 84 -28.29 -25.71 -31.43
N SER E 85 -29.22 -26.63 -31.62
CA SER E 85 -30.34 -26.80 -30.73
C SER E 85 -29.92 -27.49 -29.43
N PRO E 86 -30.55 -27.15 -28.31
CA PRO E 86 -30.22 -27.84 -27.04
C PRO E 86 -30.52 -29.33 -27.08
N SER E 87 -31.61 -29.73 -27.76
CA SER E 87 -31.93 -31.14 -27.89
C SER E 87 -30.79 -31.91 -28.55
N GLN E 88 -30.11 -31.28 -29.51
CA GLN E 88 -28.98 -31.92 -30.15
C GLN E 88 -27.82 -32.11 -29.19
N ILE E 89 -27.66 -31.20 -28.23
CA ILE E 89 -26.66 -31.38 -27.18
C ILE E 89 -27.06 -32.54 -26.27
N ARG E 90 -28.35 -32.63 -25.95
CA ARG E 90 -28.84 -33.66 -25.05
C ARG E 90 -28.59 -35.05 -25.61
N ARG E 91 -28.71 -35.20 -26.93
CA ARG E 91 -28.61 -36.53 -27.54
C ARG E 91 -27.17 -37.03 -27.54
N PHE E 92 -26.23 -36.20 -27.99
CA PHE E 92 -24.84 -36.60 -28.15
C PHE E 92 -23.96 -36.13 -26.99
N ASN E 93 -24.54 -35.65 -25.90
CA ASN E 93 -23.80 -35.20 -24.72
C ASN E 93 -22.70 -34.22 -25.10
N LEU E 94 -23.06 -33.25 -25.94
CA LEU E 94 -22.08 -32.31 -26.49
C LEU E 94 -21.77 -31.20 -25.49
N ARG E 95 -20.52 -30.75 -25.50
CA ARG E 95 -20.06 -29.66 -24.65
C ARG E 95 -19.13 -28.75 -25.45
N THR E 96 -18.85 -27.58 -24.89
CA THR E 96 -18.01 -26.59 -25.56
C THR E 96 -16.63 -27.17 -25.85
N GLY E 97 -16.18 -26.99 -27.08
CA GLY E 97 -14.92 -27.52 -27.55
C GLY E 97 -15.05 -28.65 -28.55
N ASP E 98 -16.21 -29.29 -28.62
CA ASP E 98 -16.43 -30.39 -29.55
C ASP E 98 -16.44 -29.88 -30.99
N THR E 99 -15.80 -30.64 -31.89
CA THR E 99 -15.83 -30.37 -33.32
C THR E 99 -17.01 -31.09 -33.94
N ILE E 100 -17.78 -30.38 -34.76
CA ILE E 100 -19.03 -30.91 -35.32
C ILE E 100 -19.08 -30.60 -36.81
N SER E 101 -19.44 -31.60 -37.62
CA SER E 101 -19.59 -31.46 -39.06
C SER E 101 -20.86 -32.16 -39.49
N GLY E 102 -21.77 -31.42 -40.12
CA GLY E 102 -23.01 -32.00 -40.60
C GLY E 102 -23.73 -31.05 -41.53
N LYS E 103 -24.85 -31.52 -42.07
CA LYS E 103 -25.61 -30.74 -43.03
C LYS E 103 -26.47 -29.70 -42.33
N ILE E 104 -26.50 -28.50 -42.91
CA ILE E 104 -27.23 -27.38 -42.32
C ILE E 104 -28.28 -26.84 -43.30
N PHE E 114 -27.89 -19.45 -39.92
CA PHE E 114 -27.88 -20.86 -40.31
C PHE E 114 -28.24 -21.76 -39.13
N ALA E 115 -28.89 -22.89 -39.43
CA ALA E 115 -29.34 -23.84 -38.42
C ALA E 115 -28.77 -25.22 -38.73
N LEU E 116 -28.41 -25.95 -37.68
CA LEU E 116 -27.81 -27.27 -37.82
C LEU E 116 -28.91 -28.31 -37.97
N LEU E 117 -29.05 -28.87 -39.18
CA LEU E 117 -30.08 -29.86 -39.42
C LEU E 117 -29.68 -31.22 -38.84
N LYS E 118 -28.56 -31.78 -39.29
CA LYS E 118 -28.08 -33.06 -38.81
C LYS E 118 -26.57 -33.04 -38.70
N VAL E 119 -26.04 -33.91 -37.83
CA VAL E 119 -24.61 -34.02 -37.59
C VAL E 119 -24.13 -35.35 -38.15
N ASN E 120 -22.96 -35.31 -38.81
CA ASN E 120 -22.35 -36.52 -39.35
C ASN E 120 -21.19 -37.01 -38.50
N GLU E 121 -20.38 -36.11 -37.95
CA GLU E 121 -19.23 -36.50 -37.15
C GLU E 121 -19.06 -35.54 -35.98
N VAL E 122 -18.69 -36.10 -34.84
CA VAL E 122 -18.37 -35.33 -33.63
C VAL E 122 -16.96 -35.71 -33.21
N ASN E 123 -16.04 -34.75 -33.28
CA ASN E 123 -14.61 -34.97 -32.98
C ASN E 123 -14.00 -35.97 -33.95
N PHE E 124 -14.32 -35.81 -35.24
CA PHE E 124 -13.75 -36.62 -36.32
C PHE E 124 -14.09 -38.10 -36.19
N ASP E 125 -15.26 -38.40 -35.61
CA ASP E 125 -15.66 -39.79 -35.42
C ASP E 125 -17.18 -39.87 -35.36
N LYS E 126 -17.68 -41.09 -35.34
CA LYS E 126 -19.13 -41.32 -35.38
C LYS E 126 -19.80 -40.81 -34.11
N PRO E 127 -20.91 -40.09 -34.23
CA PRO E 127 -21.55 -39.52 -33.03
C PRO E 127 -21.98 -40.56 -32.00
N GLU E 128 -22.20 -41.81 -32.42
CA GLU E 128 -22.64 -42.84 -31.48
C GLU E 128 -21.54 -43.21 -30.50
N ASN E 129 -20.27 -43.07 -30.91
CA ASN E 129 -19.14 -43.35 -30.04
C ASN E 129 -18.79 -42.19 -29.11
N ALA E 130 -19.33 -40.99 -29.37
CA ALA E 130 -19.11 -39.86 -28.48
C ALA E 130 -20.06 -39.85 -27.29
N ARG E 131 -21.21 -40.53 -27.40
CA ARG E 131 -22.17 -40.55 -26.30
C ARG E 131 -21.60 -41.27 -25.08
N ASN E 132 -20.86 -42.36 -25.29
CA ASN E 132 -20.31 -43.18 -24.22
C ASN E 132 -18.81 -42.91 -24.12
N LYS E 133 -18.41 -42.07 -23.18
CA LYS E 133 -17.01 -41.74 -22.98
C LYS E 133 -16.81 -41.17 -21.59
N ILE E 134 -15.59 -41.32 -21.07
CA ILE E 134 -15.26 -40.82 -19.74
C ILE E 134 -14.99 -39.32 -19.83
N LEU E 135 -15.63 -38.55 -18.96
CA LEU E 135 -15.45 -37.10 -18.95
C LEU E 135 -14.02 -36.75 -18.56
N PHE E 136 -13.54 -35.62 -19.10
CA PHE E 136 -12.16 -35.19 -18.87
C PHE E 136 -11.88 -34.99 -17.39
N GLU E 137 -12.89 -34.58 -16.62
CA GLU E 137 -12.71 -34.35 -15.19
C GLU E 137 -12.56 -35.65 -14.41
N ASN E 138 -12.95 -36.78 -14.99
CA ASN E 138 -12.85 -38.08 -14.34
C ASN E 138 -11.66 -38.89 -14.81
N LEU E 139 -10.97 -38.45 -15.87
CA LEU E 139 -9.80 -39.16 -16.36
C LEU E 139 -8.71 -39.22 -15.30
N THR E 140 -8.11 -40.38 -15.15
CA THR E 140 -7.10 -40.58 -14.11
C THR E 140 -5.80 -39.89 -14.49
N PRO E 141 -5.37 -38.86 -13.76
CA PRO E 141 -4.14 -38.15 -14.13
C PRO E 141 -2.89 -38.93 -13.74
N LEU E 142 -1.83 -38.72 -14.52
CA LEU E 142 -0.55 -39.38 -14.25
C LEU E 142 0.58 -38.47 -14.68
N HIS E 143 1.78 -38.78 -14.21
CA HIS E 143 2.98 -38.10 -14.68
C HIS E 143 3.30 -38.57 -16.10
N ALA E 144 3.87 -37.66 -16.89
CA ALA E 144 4.20 -37.94 -18.29
C ALA E 144 5.01 -39.22 -18.40
N ASN E 145 4.41 -40.27 -18.95
CA ASN E 145 5.09 -41.54 -19.14
C ASN E 145 5.84 -41.58 -20.47
N SER E 146 5.13 -41.37 -21.57
CA SER E 146 5.75 -41.37 -22.88
C SER E 146 6.63 -40.15 -23.06
N ARG E 147 7.58 -40.26 -23.99
CA ARG E 147 8.60 -39.23 -24.21
C ARG E 147 8.40 -38.58 -25.57
N LEU E 148 8.56 -37.25 -25.61
CA LEU E 148 8.47 -36.48 -26.85
C LEU E 148 9.88 -36.08 -27.25
N ARG E 149 10.58 -37.00 -27.91
CA ARG E 149 11.92 -36.73 -28.39
C ARG E 149 11.94 -35.49 -29.26
N MSE E 150 12.91 -34.62 -29.02
CA MSE E 150 13.01 -33.35 -29.75
C MSE E 150 14.23 -33.33 -30.65
O MSE E 150 14.26 -32.60 -31.64
CB MSE E 150 13.06 -32.18 -28.76
CG MSE E 150 11.84 -32.09 -27.87
SE MSE E 150 10.22 -31.64 -28.86
CE MSE E 150 10.81 -29.95 -29.58
N ASN E 154 18.57 -34.15 -38.06
CA ASN E 154 19.00 -33.78 -39.41
C ASN E 154 20.42 -33.23 -39.40
N GLY E 155 20.91 -32.85 -38.22
CA GLY E 155 22.22 -32.26 -38.09
C GLY E 155 22.28 -30.78 -38.40
N SER E 156 21.15 -30.14 -38.73
CA SER E 156 21.12 -28.73 -39.06
C SER E 156 21.48 -27.89 -37.83
N THR E 157 21.68 -26.59 -38.07
CA THR E 157 22.00 -25.68 -36.98
C THR E 157 20.78 -25.44 -36.08
N GLU E 158 19.57 -25.57 -36.63
CA GLU E 158 18.37 -25.39 -35.84
C GLU E 158 18.16 -26.54 -34.86
N ASP E 159 18.73 -27.71 -35.14
CA ASP E 159 18.60 -28.86 -34.26
C ASP E 159 19.38 -28.70 -32.96
N LEU E 160 20.29 -27.72 -32.88
CA LEU E 160 21.03 -27.49 -31.65
C LEU E 160 20.08 -27.16 -30.50
N THR E 161 19.12 -26.27 -30.72
CA THR E 161 18.17 -25.91 -29.68
C THR E 161 17.35 -27.11 -29.24
N ALA E 162 17.00 -27.99 -30.17
CA ALA E 162 16.17 -29.15 -29.85
C ALA E 162 16.97 -30.23 -29.14
N ARG E 163 18.24 -30.41 -29.51
CA ARG E 163 19.07 -31.42 -28.87
C ARG E 163 19.44 -31.03 -27.45
N VAL E 164 19.72 -29.75 -27.22
CA VAL E 164 19.98 -29.27 -25.86
C VAL E 164 18.71 -29.39 -25.01
N LEU E 165 17.54 -29.25 -25.63
CA LEU E 165 16.29 -29.35 -24.89
C LEU E 165 16.10 -30.74 -24.30
N ASP E 166 16.35 -31.77 -25.11
CA ASP E 166 16.24 -33.14 -24.62
C ASP E 166 17.16 -33.39 -23.42
N LEU E 167 18.33 -32.74 -23.41
CA LEU E 167 19.30 -32.93 -22.34
C LEU E 167 18.95 -32.11 -21.11
N ALA E 168 18.54 -30.85 -21.31
CA ALA E 168 18.30 -29.96 -20.18
C ALA E 168 16.98 -30.25 -19.49
N SER E 169 15.90 -30.48 -20.25
CA SER E 169 14.58 -30.69 -19.66
C SER E 169 13.71 -31.53 -20.59
N PRO E 170 13.63 -32.84 -20.35
CA PRO E 170 12.79 -33.70 -21.21
C PRO E 170 11.31 -33.32 -21.14
N ILE E 171 10.60 -33.59 -22.24
CA ILE E 171 9.18 -33.27 -22.37
C ILE E 171 8.42 -34.56 -22.69
N GLY E 172 7.38 -34.84 -21.92
CA GLY E 172 6.55 -36.00 -22.11
C GLY E 172 5.11 -35.63 -22.45
N ARG E 173 4.30 -36.67 -22.66
CA ARG E 173 2.90 -36.48 -23.00
C ARG E 173 2.13 -36.01 -21.77
N GLY E 174 1.39 -34.92 -21.92
CA GLY E 174 0.78 -34.28 -20.78
C GLY E 174 1.69 -33.39 -19.98
N GLN E 175 2.90 -33.11 -20.48
CA GLN E 175 3.85 -32.27 -19.78
C GLN E 175 3.28 -30.89 -19.57
N ARG E 176 3.54 -30.32 -18.39
CA ARG E 176 3.01 -29.02 -18.00
C ARG E 176 4.19 -28.07 -17.76
N GLY E 177 4.91 -27.74 -18.84
CA GLY E 177 6.15 -27.01 -18.75
C GLY E 177 6.07 -25.59 -19.30
N LEU E 178 7.07 -24.79 -18.95
CA LEU E 178 7.15 -23.40 -19.36
C LEU E 178 8.48 -23.12 -20.06
N ILE E 179 8.52 -22.02 -20.80
CA ILE E 179 9.73 -21.54 -21.46
C ILE E 179 9.98 -20.12 -20.95
N VAL E 180 10.67 -20.01 -19.83
CA VAL E 180 10.90 -18.72 -19.19
C VAL E 180 12.18 -18.10 -19.75
N ALA E 181 12.15 -16.78 -19.96
CA ALA E 181 13.26 -16.04 -20.55
C ALA E 181 13.04 -14.53 -20.56
N PRO E 182 14.10 -13.74 -20.51
CA PRO E 182 13.96 -12.28 -20.65
C PRO E 182 13.47 -11.91 -22.04
N PRO E 183 12.99 -10.68 -22.22
CA PRO E 183 12.60 -10.25 -23.56
C PRO E 183 13.82 -10.15 -24.47
N LYS E 184 13.55 -10.23 -25.78
CA LYS E 184 14.55 -10.22 -26.85
C LYS E 184 15.46 -11.45 -26.81
N ALA E 185 15.26 -12.38 -25.88
CA ALA E 185 16.14 -13.53 -25.77
C ALA E 185 15.88 -14.54 -26.88
N GLY E 186 14.62 -14.69 -27.29
CA GLY E 186 14.27 -15.65 -28.31
C GLY E 186 13.18 -16.60 -27.89
N LYS E 187 12.20 -16.11 -27.13
CA LYS E 187 11.05 -16.92 -26.76
C LYS E 187 10.30 -17.41 -28.01
N THR E 188 10.29 -16.60 -29.06
CA THR E 188 9.59 -16.97 -30.29
C THR E 188 10.34 -18.08 -31.02
N MSE E 189 11.65 -17.92 -31.17
CA MSE E 189 12.46 -18.84 -31.94
C MSE E 189 12.46 -20.24 -31.31
O MSE E 189 12.58 -21.24 -32.01
CB MSE E 189 13.90 -18.32 -32.05
CG MSE E 189 14.80 -19.14 -32.95
SE MSE E 189 16.25 -18.08 -33.70
CE MSE E 189 15.18 -16.77 -34.68
N LEU E 190 12.29 -20.30 -29.99
CA LEU E 190 12.26 -21.58 -29.31
C LEU E 190 10.92 -22.29 -29.49
N LEU E 191 9.81 -21.54 -29.47
CA LEU E 191 8.51 -22.15 -29.69
C LEU E 191 8.35 -22.59 -31.15
N GLN E 192 8.81 -21.76 -32.09
CA GLN E 192 8.76 -22.15 -33.49
C GLN E 192 9.63 -23.36 -33.77
N ASN E 193 10.75 -23.47 -33.05
CA ASN E 193 11.62 -24.64 -33.22
C ASN E 193 10.98 -25.89 -32.63
N ILE E 194 10.30 -25.74 -31.50
CA ILE E 194 9.59 -26.88 -30.90
C ILE E 194 8.45 -27.34 -31.81
N ALA E 195 7.61 -26.39 -32.23
CA ALA E 195 6.51 -26.73 -33.14
C ALA E 195 7.00 -27.41 -34.40
N GLN E 196 8.15 -26.95 -34.93
CA GLN E 196 8.71 -27.57 -36.12
C GLN E 196 9.12 -29.01 -35.84
N SER E 197 9.67 -29.27 -34.66
CA SER E 197 10.07 -30.62 -34.28
C SER E 197 8.87 -31.50 -33.90
N ILE E 198 7.76 -30.89 -33.49
CA ILE E 198 6.58 -31.66 -33.12
C ILE E 198 5.95 -32.30 -34.34
N ALA E 199 5.74 -31.51 -35.40
CA ALA E 199 5.21 -32.04 -36.65
C ALA E 199 6.25 -32.83 -37.43
N TYR E 200 7.52 -32.73 -37.06
CA TYR E 200 8.61 -33.44 -37.72
C TYR E 200 8.81 -34.84 -37.17
N ASN E 201 8.62 -35.02 -35.86
CA ASN E 201 8.80 -36.30 -35.19
C ASN E 201 7.51 -36.87 -34.62
N HIS E 202 6.47 -36.06 -34.46
CA HIS E 202 5.21 -36.52 -33.89
C HIS E 202 4.03 -35.96 -34.68
N PRO E 203 3.90 -36.30 -35.96
CA PRO E 203 2.72 -35.86 -36.71
C PRO E 203 1.42 -36.39 -36.13
N ASP E 204 1.48 -37.47 -35.37
CA ASP E 204 0.28 -38.04 -34.76
C ASP E 204 -0.33 -37.08 -33.75
N CYS E 205 0.50 -36.44 -32.92
CA CYS E 205 -0.01 -35.55 -31.89
C CYS E 205 -0.67 -34.32 -32.51
N VAL E 206 -1.82 -33.95 -31.95
CA VAL E 206 -2.57 -32.79 -32.43
C VAL E 206 -1.90 -31.52 -31.90
N LEU E 207 -1.39 -30.69 -32.81
CA LEU E 207 -0.65 -29.49 -32.45
C LEU E 207 -1.43 -28.25 -32.88
N MSE E 208 -1.73 -27.39 -31.91
CA MSE E 208 -2.37 -26.10 -32.17
C MSE E 208 -1.72 -25.00 -31.34
O MSE E 208 -1.59 -25.14 -30.12
CB MSE E 208 -3.87 -26.17 -31.92
CG MSE E 208 -4.26 -26.79 -30.58
SE MSE E 208 -6.19 -26.95 -30.40
CE MSE E 208 -6.27 -27.85 -28.67
N VAL E 209 -1.32 -23.91 -31.99
CA VAL E 209 -0.55 -22.85 -31.36
C VAL E 209 -1.49 -21.71 -30.99
N LEU E 210 -1.49 -21.33 -29.72
CA LEU E 210 -2.31 -20.24 -29.21
C LEU E 210 -1.44 -19.01 -28.95
N LEU E 211 -1.90 -17.85 -29.43
CA LEU E 211 -1.22 -16.59 -29.25
C LEU E 211 -2.15 -15.62 -28.54
N ILE E 212 -1.72 -15.11 -27.39
CA ILE E 212 -2.51 -14.21 -26.57
C ILE E 212 -1.77 -12.89 -26.44
N ASP E 213 -2.46 -11.79 -26.74
CA ASP E 213 -1.88 -10.45 -26.68
C ASP E 213 -0.67 -10.35 -27.60
N GLU E 214 -0.75 -11.01 -28.75
CA GLU E 214 0.36 -11.13 -29.68
C GLU E 214 0.34 -10.00 -30.71
N ARG E 215 1.51 -9.72 -31.26
CA ARG E 215 1.63 -8.64 -32.25
C ARG E 215 1.12 -9.09 -33.62
N PRO E 216 0.44 -8.20 -34.34
CA PRO E 216 -0.15 -8.59 -35.63
C PRO E 216 0.85 -9.04 -36.67
N GLU E 217 2.09 -8.56 -36.59
CA GLU E 217 3.10 -8.99 -37.54
C GLU E 217 3.66 -10.37 -37.18
N GLU E 218 3.66 -10.69 -35.88
CA GLU E 218 4.22 -11.97 -35.42
C GLU E 218 3.22 -13.12 -35.59
N VAL E 219 1.92 -12.83 -35.54
CA VAL E 219 0.92 -13.89 -35.69
C VAL E 219 0.90 -14.39 -37.13
N THR E 220 0.95 -13.47 -38.11
CA THR E 220 0.95 -13.90 -39.50
C THR E 220 2.18 -14.74 -39.83
N GLU E 221 3.34 -14.34 -39.32
CA GLU E 221 4.55 -15.13 -39.50
C GLU E 221 4.36 -16.54 -38.95
N MSE E 222 3.75 -16.66 -37.78
CA MSE E 222 3.51 -17.94 -37.14
C MSE E 222 2.69 -18.85 -38.05
O MSE E 222 3.10 -19.97 -38.33
CB MSE E 222 2.81 -17.76 -35.79
CG MSE E 222 2.73 -19.03 -34.95
SE MSE E 222 4.48 -19.65 -34.37
CE MSE E 222 5.03 -18.08 -33.36
N GLN E 223 1.54 -18.34 -38.52
CA GLN E 223 0.65 -19.14 -39.34
C GLN E 223 1.34 -19.73 -40.57
N ARG E 224 2.40 -19.08 -41.05
CA ARG E 224 3.00 -19.44 -42.33
C ARG E 224 4.07 -20.51 -42.22
N LEU E 225 4.79 -20.60 -41.10
CA LEU E 225 5.88 -21.56 -40.95
C LEU E 225 5.53 -22.74 -40.06
N VAL E 226 4.36 -22.76 -39.42
CA VAL E 226 3.98 -23.84 -38.52
C VAL E 226 2.97 -24.73 -39.23
N LYS E 227 3.06 -26.03 -38.95
CA LYS E 227 2.14 -27.03 -39.51
C LYS E 227 1.11 -27.37 -38.44
N GLY E 228 -0.05 -26.74 -38.54
CA GLY E 228 -1.12 -26.99 -37.59
C GLY E 228 -2.01 -25.76 -37.46
N GLU E 229 -2.98 -25.87 -36.56
CA GLU E 229 -3.92 -24.78 -36.31
C GLU E 229 -3.27 -23.69 -35.49
N VAL E 230 -3.61 -22.44 -35.79
CA VAL E 230 -3.06 -21.27 -35.11
C VAL E 230 -4.21 -20.36 -34.69
N VAL E 231 -4.51 -20.33 -33.40
CA VAL E 231 -5.52 -19.46 -32.83
C VAL E 231 -4.80 -18.34 -32.10
N ALA E 232 -5.09 -17.10 -32.48
CA ALA E 232 -4.38 -15.96 -31.93
C ALA E 232 -5.35 -14.88 -31.47
N SER E 233 -4.81 -13.88 -30.78
CA SER E 233 -5.60 -12.76 -30.26
C SER E 233 -4.66 -11.57 -30.13
N THR E 234 -4.75 -10.64 -31.10
CA THR E 234 -3.86 -9.49 -31.16
C THR E 234 -3.85 -8.72 -29.85
N PHE E 235 -2.76 -7.99 -29.60
CA PHE E 235 -2.68 -7.15 -28.41
C PHE E 235 -3.79 -6.11 -28.38
N ASP E 236 -4.28 -5.72 -29.55
CA ASP E 236 -5.34 -4.73 -29.64
C ASP E 236 -6.67 -5.26 -29.11
N GLU E 237 -6.82 -6.58 -29.02
CA GLU E 237 -8.05 -7.15 -28.52
C GLU E 237 -8.22 -6.88 -27.03
N PRO E 238 -9.46 -6.85 -26.53
CA PRO E 238 -9.68 -6.64 -25.10
C PRO E 238 -9.25 -7.85 -24.29
N ALA E 239 -9.18 -7.64 -22.97
CA ALA E 239 -8.78 -8.72 -22.07
C ALA E 239 -9.80 -9.86 -22.08
N SER E 240 -11.09 -9.52 -22.12
CA SER E 240 -12.12 -10.54 -22.19
C SER E 240 -11.98 -11.41 -23.45
N ARG E 241 -11.49 -10.81 -24.53
CA ARG E 241 -11.24 -11.57 -25.75
C ARG E 241 -10.12 -12.58 -25.56
N HIS E 242 -9.01 -12.14 -24.97
CA HIS E 242 -7.90 -13.05 -24.67
C HIS E 242 -8.37 -14.23 -23.83
N VAL E 243 -9.26 -13.97 -22.87
CA VAL E 243 -9.78 -15.02 -22.01
C VAL E 243 -10.69 -15.96 -22.79
N GLN E 244 -11.59 -15.39 -23.60
CA GLN E 244 -12.53 -16.20 -24.36
C GLN E 244 -11.80 -17.13 -25.34
N VAL E 245 -10.80 -16.60 -26.04
CA VAL E 245 -10.04 -17.41 -26.98
C VAL E 245 -9.35 -18.56 -26.27
N ALA E 246 -8.61 -18.25 -25.19
CA ALA E 246 -7.83 -19.26 -24.49
C ALA E 246 -8.72 -20.37 -23.97
N GLU E 247 -9.90 -20.03 -23.43
CA GLU E 247 -10.79 -21.04 -22.91
C GLU E 247 -11.44 -21.87 -24.01
N MSE E 248 -11.56 -21.34 -25.22
CA MSE E 248 -12.09 -22.10 -26.34
C MSE E 248 -11.10 -23.18 -26.78
O MSE E 248 -11.50 -24.30 -27.09
CB MSE E 248 -12.42 -21.18 -27.51
CG MSE E 248 -13.77 -20.49 -27.40
SE MSE E 248 -15.24 -21.76 -27.55
CE MSE E 248 -14.89 -22.39 -29.36
N VAL E 249 -9.81 -22.83 -26.80
CA VAL E 249 -8.79 -23.77 -27.22
C VAL E 249 -8.59 -24.85 -26.15
N ILE E 250 -8.54 -24.44 -24.88
CA ILE E 250 -8.27 -25.40 -23.81
C ILE E 250 -9.42 -26.39 -23.66
N GLU E 251 -10.67 -25.94 -23.92
CA GLU E 251 -11.80 -26.84 -23.84
C GLU E 251 -11.84 -27.77 -25.05
N LYS E 252 -11.44 -27.26 -26.22
CA LYS E 252 -11.33 -28.12 -27.40
C LYS E 252 -10.31 -29.23 -27.19
N ALA E 253 -9.24 -28.95 -26.46
CA ALA E 253 -8.25 -29.98 -26.16
C ALA E 253 -8.82 -31.04 -25.24
N LYS E 254 -9.57 -30.62 -24.22
CA LYS E 254 -10.15 -31.59 -23.29
C LYS E 254 -11.05 -32.58 -24.00
N ARG E 255 -11.78 -32.12 -25.02
CA ARG E 255 -12.67 -33.01 -25.77
C ARG E 255 -11.87 -34.05 -26.55
N LEU E 256 -10.75 -33.64 -27.14
CA LEU E 256 -9.93 -34.58 -27.90
C LEU E 256 -9.25 -35.59 -27.00
N VAL E 257 -8.87 -35.18 -25.78
CA VAL E 257 -8.29 -36.12 -24.82
C VAL E 257 -9.32 -37.14 -24.39
N GLU E 258 -10.59 -36.73 -24.29
CA GLU E 258 -11.67 -37.68 -24.01
C GLU E 258 -11.78 -38.75 -25.10
N HIS E 259 -11.30 -38.45 -26.31
CA HIS E 259 -11.24 -39.42 -27.40
C HIS E 259 -9.86 -40.07 -27.51
N LYS E 260 -9.08 -40.06 -26.42
CA LYS E 260 -7.82 -40.78 -26.33
C LYS E 260 -6.79 -40.27 -27.34
N LYS E 261 -6.81 -38.97 -27.64
CA LYS E 261 -5.85 -38.36 -28.55
C LYS E 261 -4.85 -37.52 -27.77
N ASP E 262 -3.64 -37.39 -28.32
CA ASP E 262 -2.56 -36.63 -27.70
C ASP E 262 -2.56 -35.22 -28.28
N VAL E 263 -2.85 -34.23 -27.43
CA VAL E 263 -2.93 -32.83 -27.82
C VAL E 263 -1.73 -32.08 -27.27
N ILE E 264 -1.23 -31.11 -28.04
CA ILE E 264 -0.10 -30.28 -27.63
C ILE E 264 -0.44 -28.83 -27.94
N ILE E 265 -0.33 -27.96 -26.94
CA ILE E 265 -0.66 -26.54 -27.06
C ILE E 265 0.60 -25.73 -26.80
N LEU E 266 0.88 -24.78 -27.70
CA LEU E 266 2.01 -23.87 -27.58
C LEU E 266 1.46 -22.46 -27.43
N LEU E 267 1.66 -21.86 -26.26
CA LEU E 267 1.09 -20.55 -25.93
C LEU E 267 2.20 -19.54 -25.68
N ASP E 268 2.01 -18.33 -26.21
CA ASP E 268 2.92 -17.22 -25.98
C ASP E 268 2.15 -15.92 -25.79
N SER E 269 2.03 -15.47 -24.55
CA SER E 269 2.62 -16.16 -23.41
C SER E 269 1.60 -16.39 -22.29
N ILE E 270 1.92 -17.31 -21.38
CA ILE E 270 1.09 -17.51 -20.19
C ILE E 270 1.15 -16.29 -19.28
N THR E 271 2.21 -15.48 -19.40
CA THR E 271 2.33 -14.28 -18.57
C THR E 271 1.28 -13.24 -18.97
N ARG E 272 1.16 -12.97 -20.26
CA ARG E 272 0.16 -12.01 -20.73
C ARG E 272 -1.25 -12.54 -20.52
N LEU E 273 -1.44 -13.85 -20.62
CA LEU E 273 -2.75 -14.44 -20.35
C LEU E 273 -3.14 -14.26 -18.89
N ALA E 274 -2.17 -14.38 -17.98
CA ALA E 274 -2.44 -14.15 -16.57
C ALA E 274 -2.78 -12.68 -16.31
N ARG E 275 -2.13 -11.76 -17.04
CA ARG E 275 -2.49 -10.35 -16.94
C ARG E 275 -3.88 -10.09 -17.49
N ALA E 276 -4.30 -10.87 -18.48
CA ALA E 276 -5.66 -10.74 -19.01
C ALA E 276 -6.69 -11.18 -17.97
N TYR E 277 -6.41 -12.27 -17.25
CA TYR E 277 -7.29 -12.70 -16.18
C TYR E 277 -7.25 -11.73 -15.00
N ASN E 278 -6.09 -11.11 -14.76
CA ASN E 278 -5.99 -10.12 -13.69
C ASN E 278 -6.78 -8.87 -14.00
N THR E 279 -7.02 -8.60 -15.29
CA THR E 279 -7.83 -7.46 -15.69
C THR E 279 -9.33 -7.78 -15.62
N VAL E 280 -9.69 -9.04 -15.80
CA VAL E 280 -11.09 -9.45 -15.83
C VAL E 280 -11.62 -9.76 -14.43
N VAL E 281 -10.78 -10.35 -13.58
CA VAL E 281 -11.25 -10.89 -12.28
C VAL E 281 -11.81 -9.75 -11.44
N PRO E 282 -12.98 -9.91 -10.82
CA PRO E 282 -13.52 -8.85 -9.97
C PRO E 282 -12.58 -8.52 -8.82
N ALA E 283 -12.43 -7.22 -8.54
CA ALA E 283 -11.57 -6.76 -7.46
C ALA E 283 -12.02 -7.36 -6.14
N SER E 284 -11.11 -8.08 -5.48
CA SER E 284 -11.40 -8.72 -4.20
C SER E 284 -11.09 -7.84 -3.00
N GLY E 285 -10.37 -6.74 -3.20
CA GLY E 285 -9.91 -5.91 -2.10
C GLY E 285 -8.53 -6.26 -1.59
N LYS E 286 -7.97 -7.40 -2.00
CA LYS E 286 -6.65 -7.84 -1.60
C LYS E 286 -5.77 -7.93 -2.85
N VAL E 287 -4.54 -7.41 -2.74
CA VAL E 287 -3.61 -7.37 -3.87
C VAL E 287 -2.30 -7.99 -3.43
N LEU E 288 -1.90 -9.07 -4.10
CA LEU E 288 -0.61 -9.69 -3.84
C LEU E 288 0.52 -8.77 -4.28
N THR E 289 1.75 -9.14 -3.91
CA THR E 289 2.93 -8.40 -4.35
C THR E 289 2.99 -8.39 -5.87
N GLY E 290 3.51 -7.29 -6.42
CA GLY E 290 3.57 -7.10 -7.84
C GLY E 290 2.35 -6.48 -8.46
N GLY E 291 1.29 -6.25 -7.68
CA GLY E 291 0.07 -5.68 -8.19
C GLY E 291 -0.96 -6.68 -8.68
N VAL E 292 -0.79 -7.96 -8.38
CA VAL E 292 -1.71 -9.00 -8.82
C VAL E 292 -2.84 -9.14 -7.81
N ASP E 293 -4.07 -9.18 -8.30
CA ASP E 293 -5.21 -9.42 -7.43
C ASP E 293 -5.12 -10.82 -6.82
N ALA E 294 -5.66 -10.96 -5.61
CA ALA E 294 -5.54 -12.22 -4.88
C ALA E 294 -6.32 -13.35 -5.53
N ASN E 295 -7.35 -13.04 -6.32
CA ASN E 295 -8.18 -14.05 -6.97
C ASN E 295 -7.94 -14.11 -8.48
N ALA E 296 -6.87 -13.49 -8.97
CA ALA E 296 -6.66 -13.38 -10.41
C ALA E 296 -5.99 -14.61 -11.01
N LEU E 297 -5.19 -15.33 -10.22
CA LEU E 297 -4.39 -16.42 -10.75
C LEU E 297 -5.07 -17.78 -10.64
N HIS E 298 -6.33 -17.83 -10.21
CA HIS E 298 -7.05 -19.11 -10.12
C HIS E 298 -7.39 -19.63 -11.52
N ARG E 299 -8.07 -18.82 -12.31
CA ARG E 299 -8.43 -19.23 -13.67
C ARG E 299 -7.22 -19.57 -14.52
N PRO E 300 -6.17 -18.74 -14.62
CA PRO E 300 -4.99 -19.16 -15.40
C PRO E 300 -4.35 -20.44 -14.88
N LYS E 301 -4.56 -20.75 -13.60
CA LYS E 301 -4.02 -21.98 -13.03
C LYS E 301 -4.80 -23.21 -13.49
N ARG E 302 -6.08 -23.03 -13.80
CA ARG E 302 -6.87 -24.14 -14.35
C ARG E 302 -6.60 -24.33 -15.84
N PHE E 303 -6.43 -23.23 -16.58
CA PHE E 303 -6.05 -23.33 -17.98
C PHE E 303 -4.73 -24.07 -18.13
N PHE E 304 -3.70 -23.60 -17.44
CA PHE E 304 -2.41 -24.25 -17.52
C PHE E 304 -2.40 -25.60 -16.82
N GLY E 305 -3.18 -25.74 -15.74
CA GLY E 305 -3.31 -27.02 -15.07
C GLY E 305 -4.11 -28.04 -15.82
N ALA E 306 -4.81 -27.64 -16.89
CA ALA E 306 -5.56 -28.60 -17.70
C ALA E 306 -4.63 -29.61 -18.36
N ALA E 307 -3.39 -29.20 -18.66
CA ALA E 307 -2.41 -30.11 -19.25
C ALA E 307 -2.10 -31.26 -18.30
N ARG E 308 -2.31 -32.48 -18.76
CA ARG E 308 -2.11 -33.65 -17.90
C ARG E 308 -1.99 -34.90 -18.77
N ASN E 309 -1.36 -35.92 -18.18
CA ASN E 309 -1.25 -37.23 -18.80
C ASN E 309 -2.35 -38.14 -18.26
N VAL E 310 -2.96 -38.92 -19.15
CA VAL E 310 -4.11 -39.74 -18.83
C VAL E 310 -3.81 -41.18 -19.21
N GLU E 311 -4.07 -42.11 -18.28
CA GLU E 311 -3.91 -43.52 -18.56
C GLU E 311 -5.04 -44.07 -19.42
N GLU E 312 -6.26 -43.53 -19.26
CA GLU E 312 -7.39 -43.99 -20.09
C GLU E 312 -7.07 -43.90 -21.56
N GLY E 313 -6.20 -42.97 -21.95
CA GLY E 313 -5.81 -42.81 -23.34
C GLY E 313 -5.66 -41.34 -23.72
N GLY E 314 -4.60 -41.01 -24.46
CA GLY E 314 -4.36 -39.64 -24.85
C GLY E 314 -3.68 -38.83 -23.77
N SER E 315 -3.46 -37.56 -24.07
CA SER E 315 -2.78 -36.66 -23.15
C SER E 315 -2.97 -35.22 -23.62
N LEU E 316 -2.69 -34.29 -22.72
CA LEU E 316 -2.80 -32.86 -22.99
C LEU E 316 -1.50 -32.18 -22.56
N THR E 317 -0.70 -31.75 -23.54
CA THR E 317 0.58 -31.09 -23.30
C THR E 317 0.44 -29.59 -23.52
N ILE E 318 1.08 -28.80 -22.65
CA ILE E 318 1.05 -27.34 -22.75
C ILE E 318 2.46 -26.81 -22.49
N ILE E 319 3.00 -26.09 -23.47
CA ILE E 319 4.31 -25.44 -23.37
C ILE E 319 4.07 -23.94 -23.56
N ALA E 320 4.00 -23.20 -22.46
CA ALA E 320 3.74 -21.76 -22.50
C ALA E 320 4.96 -20.99 -22.02
N THR E 321 5.30 -19.92 -22.73
CA THR E 321 6.44 -19.09 -22.38
C THR E 321 6.12 -18.22 -21.17
N ALA E 322 7.12 -18.02 -20.32
CA ALA E 322 7.00 -17.19 -19.14
C ALA E 322 8.02 -16.05 -19.21
N LEU E 323 7.60 -14.86 -18.79
CA LEU E 323 8.43 -13.67 -18.89
C LEU E 323 9.06 -13.37 -17.53
N ILE E 324 10.38 -13.25 -17.50
CA ILE E 324 11.14 -12.92 -16.31
C ILE E 324 12.18 -11.87 -16.69
N ASP E 325 12.78 -11.26 -15.66
CA ASP E 325 13.82 -10.25 -15.85
C ASP E 325 13.37 -9.16 -16.81
N THR E 326 12.09 -8.80 -16.72
CA THR E 326 11.49 -7.78 -17.58
C THR E 326 11.44 -6.41 -16.92
N GLY E 327 11.89 -6.30 -15.67
CA GLY E 327 11.70 -5.09 -14.90
C GLY E 327 10.35 -4.96 -14.24
N SER E 328 9.47 -5.93 -14.41
CA SER E 328 8.12 -5.90 -13.83
C SER E 328 8.06 -6.90 -12.68
N LYS E 329 7.67 -6.41 -11.51
CA LYS E 329 7.54 -7.27 -10.34
C LYS E 329 6.36 -8.23 -10.50
N MSE E 330 5.34 -7.83 -11.24
CA MSE E 330 4.15 -8.65 -11.46
C MSE E 330 4.49 -9.97 -12.14
O MSE E 330 3.88 -11.00 -11.84
CB MSE E 330 3.13 -7.87 -12.29
CG MSE E 330 1.86 -8.64 -12.59
SE MSE E 330 0.51 -7.58 -13.53
CE MSE E 330 -0.93 -8.89 -13.54
N ASP E 331 5.46 -9.94 -13.04
CA ASP E 331 5.81 -11.13 -13.80
C ASP E 331 6.60 -12.14 -12.98
N GLU E 332 7.27 -11.70 -11.91
CA GLU E 332 7.97 -12.64 -11.04
C GLU E 332 6.98 -13.43 -10.19
N VAL E 333 5.94 -12.76 -9.68
CA VAL E 333 4.90 -13.46 -8.91
C VAL E 333 4.17 -14.47 -9.79
N ILE E 334 3.88 -14.08 -11.03
CA ILE E 334 3.20 -14.99 -11.96
C ILE E 334 4.07 -16.21 -12.22
N TYR E 335 5.34 -15.99 -12.57
CA TYR E 335 6.24 -17.09 -12.86
C TYR E 335 6.40 -18.03 -11.66
N GLU E 336 6.69 -17.45 -10.49
CA GLU E 336 6.90 -18.27 -9.30
C GLU E 336 5.63 -19.04 -8.92
N GLU E 337 4.47 -18.53 -9.31
CA GLU E 337 3.20 -19.21 -9.03
C GLU E 337 2.99 -20.37 -9.99
N PHE E 338 3.14 -20.12 -11.29
CA PHE E 338 3.00 -21.19 -12.28
C PHE E 338 4.09 -22.24 -12.15
N LYS E 339 5.24 -21.90 -11.54
CA LYS E 339 6.28 -22.89 -11.31
C LYS E 339 5.81 -23.96 -10.32
N GLY E 340 5.07 -23.55 -9.29
CA GLY E 340 4.41 -24.49 -8.39
C GLY E 340 3.18 -25.16 -8.96
N THR E 341 2.88 -24.87 -10.22
CA THR E 341 1.79 -25.50 -10.95
C THR E 341 2.27 -26.45 -12.03
N GLY E 342 3.40 -26.14 -12.67
CA GLY E 342 3.94 -26.97 -13.73
C GLY E 342 4.92 -28.00 -13.22
N ASN E 343 5.60 -28.65 -14.18
CA ASN E 343 6.57 -29.68 -13.84
C ASN E 343 7.71 -29.75 -14.84
N MSE E 344 8.00 -28.67 -15.56
CA MSE E 344 9.08 -28.62 -16.55
C MSE E 344 9.40 -27.17 -16.86
O MSE E 344 8.50 -26.36 -17.04
CB MSE E 344 8.68 -29.39 -17.82
CG MSE E 344 9.72 -29.37 -18.93
SE MSE E 344 9.64 -27.75 -20.03
CE MSE E 344 11.04 -28.19 -21.30
N GLU E 345 10.69 -26.82 -16.92
CA GLU E 345 11.07 -25.43 -17.11
C GLU E 345 12.37 -25.37 -17.89
N LEU E 346 12.42 -24.53 -18.92
CA LEU E 346 13.60 -24.33 -19.75
C LEU E 346 13.95 -22.85 -19.74
N HIS E 347 14.95 -22.48 -18.94
CA HIS E 347 15.35 -21.09 -18.82
C HIS E 347 16.28 -20.69 -19.97
N LEU E 348 16.18 -19.42 -20.36
CA LEU E 348 17.01 -18.86 -21.42
C LEU E 348 17.66 -17.59 -20.89
N SER E 349 18.99 -17.51 -21.01
CA SER E 349 19.74 -16.40 -20.44
C SER E 349 19.81 -15.23 -21.41
N ARG E 350 19.70 -14.02 -20.87
CA ARG E 350 19.85 -12.81 -21.67
C ARG E 350 21.33 -12.55 -21.97
N LYS E 351 22.21 -12.81 -21.01
CA LYS E 351 23.64 -12.62 -21.22
C LYS E 351 24.15 -13.46 -22.39
N ILE E 352 23.48 -14.59 -22.68
CA ILE E 352 23.82 -15.38 -23.85
C ILE E 352 23.29 -14.73 -25.11
N ALA E 353 22.07 -14.19 -25.07
CA ALA E 353 21.52 -13.48 -26.21
C ALA E 353 22.37 -12.27 -26.58
N GLU E 354 22.98 -11.63 -25.58
CA GLU E 354 23.91 -10.54 -25.86
C GLU E 354 25.15 -11.04 -26.57
N LYS E 355 25.71 -12.17 -26.11
CA LYS E 355 26.84 -12.79 -26.78
C LYS E 355 26.50 -13.27 -28.19
N ARG E 356 25.21 -13.31 -28.55
CA ARG E 356 24.70 -13.65 -29.88
C ARG E 356 24.82 -15.13 -30.19
N VAL E 357 25.13 -15.95 -29.19
CA VAL E 357 25.25 -17.39 -29.41
C VAL E 357 23.92 -18.06 -29.08
N PHE E 358 23.61 -19.12 -29.81
CA PHE E 358 22.37 -19.86 -29.62
C PHE E 358 22.62 -21.37 -29.68
N PRO E 359 21.79 -22.16 -28.98
CA PRO E 359 20.64 -21.73 -28.17
C PRO E 359 21.06 -21.04 -26.87
N ALA E 360 20.29 -20.03 -26.47
CA ALA E 360 20.54 -19.30 -25.23
C ALA E 360 19.79 -20.02 -24.12
N ILE E 361 20.45 -20.96 -23.45
CA ILE E 361 19.79 -21.80 -22.45
C ILE E 361 20.60 -21.81 -21.17
N ASP E 362 19.95 -21.47 -20.06
CA ASP E 362 20.53 -21.58 -18.72
C ASP E 362 20.34 -23.02 -18.26
N TYR E 363 21.40 -23.83 -18.39
CA TYR E 363 21.28 -25.26 -18.13
C TYR E 363 20.95 -25.55 -16.67
N ASN E 364 21.57 -24.81 -15.74
CA ASN E 364 21.38 -25.07 -14.32
C ASN E 364 19.93 -24.84 -13.91
N ARG E 365 19.36 -23.69 -14.31
CA ARG E 365 18.01 -23.35 -13.90
C ARG E 365 16.98 -24.27 -14.55
N SER E 366 17.29 -24.82 -15.71
CA SER E 366 16.38 -25.73 -16.39
C SER E 366 16.27 -27.06 -15.64
N GLY E 367 15.17 -27.76 -15.88
CA GLY E 367 14.95 -29.05 -15.25
C GLY E 367 13.54 -29.58 -15.40
N THR E 368 13.37 -30.90 -15.32
CA THR E 368 12.08 -31.55 -15.49
C THR E 368 11.80 -32.46 -14.30
N ARG E 369 10.58 -32.38 -13.79
CA ARG E 369 10.15 -33.26 -12.71
C ARG E 369 9.86 -34.65 -13.22
N LYS E 370 10.17 -35.65 -12.38
CA LYS E 370 9.96 -37.07 -12.71
C LYS E 370 10.59 -37.41 -14.06
N GLU E 371 11.78 -36.85 -14.30
CA GLU E 371 12.46 -37.05 -15.57
C GLU E 371 12.96 -38.48 -15.74
N GLU E 372 13.17 -39.20 -14.65
CA GLU E 372 13.68 -40.57 -14.73
C GLU E 372 12.70 -41.51 -15.45
N LEU E 373 11.42 -41.14 -15.52
CA LEU E 373 10.44 -41.98 -16.19
C LEU E 373 10.50 -41.82 -17.70
N LEU E 374 10.74 -40.61 -18.17
CA LEU E 374 10.75 -40.34 -19.61
C LEU E 374 12.02 -40.85 -20.27
N THR E 375 13.12 -40.92 -19.53
CA THR E 375 14.41 -41.33 -20.05
C THR E 375 14.80 -42.71 -19.52
N THR E 376 15.64 -43.38 -20.29
CA THR E 376 16.15 -44.70 -19.88
C THR E 376 17.21 -44.54 -18.80
N GLN E 377 17.58 -45.67 -18.19
CA GLN E 377 18.58 -45.64 -17.14
C GLN E 377 19.92 -45.12 -17.64
N GLU E 378 20.39 -45.66 -18.77
CA GLU E 378 21.63 -45.18 -19.36
C GLU E 378 21.53 -43.69 -19.70
N GLU E 379 20.43 -43.29 -20.33
CA GLU E 379 20.24 -41.89 -20.68
C GLU E 379 20.19 -41.01 -19.43
N LEU E 380 19.58 -41.50 -18.36
CA LEU E 380 19.48 -40.72 -17.14
C LEU E 380 20.83 -40.54 -16.46
N GLN E 381 21.65 -41.61 -16.44
CA GLN E 381 22.98 -41.51 -15.85
C GLN E 381 23.87 -40.56 -16.63
N LYS E 382 23.81 -40.64 -17.97
CA LYS E 382 24.62 -39.75 -18.80
C LYS E 382 24.15 -38.30 -18.68
N MSE E 383 22.86 -38.08 -18.42
CA MSE E 383 22.33 -36.74 -18.25
C MSE E 383 22.63 -36.22 -16.84
O MSE E 383 22.88 -35.03 -16.66
CB MSE E 383 20.83 -36.72 -18.50
CG MSE E 383 20.45 -36.83 -19.97
SE MSE E 383 18.53 -36.80 -20.26
CE MSE E 383 18.55 -36.73 -22.20
N TRP E 384 22.60 -37.12 -15.86
CA TRP E 384 22.91 -36.72 -14.49
C TRP E 384 24.39 -36.35 -14.34
N ILE E 385 25.28 -37.15 -14.92
CA ILE E 385 26.71 -36.85 -14.85
C ILE E 385 27.03 -35.59 -15.64
N LEU E 386 26.25 -35.30 -16.68
CA LEU E 386 26.50 -34.11 -17.48
C LEU E 386 26.18 -32.84 -16.69
N ARG E 387 25.01 -32.81 -16.04
CA ARG E 387 24.62 -31.63 -15.27
C ARG E 387 25.65 -31.32 -14.19
N LYS E 388 26.20 -32.35 -13.56
CA LYS E 388 27.21 -32.15 -12.52
C LYS E 388 28.42 -31.40 -13.06
N ILE E 389 28.80 -31.69 -14.31
CA ILE E 389 29.97 -31.03 -14.90
C ILE E 389 29.64 -29.60 -15.29
N ILE E 390 28.41 -29.33 -15.73
CA ILE E 390 28.04 -28.00 -16.19
C ILE E 390 27.74 -27.07 -15.01
N HIS E 391 27.25 -27.63 -13.89
CA HIS E 391 26.90 -26.82 -12.72
C HIS E 391 27.97 -25.82 -12.31
N PRO E 392 29.25 -26.20 -12.12
CA PRO E 392 30.23 -25.18 -11.73
C PRO E 392 30.50 -24.16 -12.82
N MSE E 393 30.36 -24.55 -14.09
CA MSE E 393 30.64 -23.66 -15.21
C MSE E 393 29.72 -22.45 -15.23
O MSE E 393 28.65 -22.46 -14.63
CB MSE E 393 30.53 -24.42 -16.53
CG MSE E 393 31.41 -25.66 -16.63
SE MSE E 393 31.16 -26.62 -18.31
CE MSE E 393 32.46 -28.04 -18.04
N GLY E 394 30.14 -21.39 -15.92
CA GLY E 394 29.30 -20.24 -16.11
C GLY E 394 28.23 -20.49 -17.16
N GLU E 395 27.28 -19.56 -17.23
CA GLU E 395 26.16 -19.70 -18.16
C GLU E 395 26.65 -19.77 -19.61
N ILE E 396 27.53 -18.84 -19.99
CA ILE E 396 27.99 -18.79 -21.38
C ILE E 396 28.94 -19.95 -21.66
N ASP E 397 29.90 -20.19 -20.76
CA ASP E 397 30.87 -21.26 -20.98
C ASP E 397 30.20 -22.63 -21.03
N ALA E 398 29.09 -22.80 -20.31
CA ALA E 398 28.39 -24.08 -20.32
C ALA E 398 27.75 -24.35 -21.67
N MSE E 399 27.04 -23.37 -22.21
CA MSE E 399 26.38 -23.51 -23.50
C MSE E 399 27.39 -23.64 -24.62
O MSE E 399 27.18 -24.37 -25.59
CB MSE E 399 25.45 -22.33 -23.77
N GLU E 400 28.52 -22.93 -24.49
CA GLU E 400 29.58 -23.02 -25.48
C GLU E 400 30.16 -24.43 -25.54
N PHE E 401 30.37 -25.05 -24.38
CA PHE E 401 30.88 -26.42 -24.35
C PHE E 401 29.85 -27.40 -24.89
N LEU E 402 28.56 -27.15 -24.62
CA LEU E 402 27.52 -28.05 -25.10
C LEU E 402 27.33 -27.92 -26.60
N ILE E 403 27.38 -26.69 -27.13
CA ILE E 403 27.20 -26.49 -28.56
C ILE E 403 28.34 -27.15 -29.34
N ASN E 404 29.56 -27.09 -28.80
CA ASN E 404 30.69 -27.69 -29.48
C ASN E 404 30.67 -29.21 -29.38
N LYS E 405 30.14 -29.75 -28.27
CA LYS E 405 30.06 -31.20 -28.12
C LYS E 405 28.98 -31.80 -29.01
N LEU E 406 27.89 -31.07 -29.24
CA LEU E 406 26.84 -31.54 -30.13
C LEU E 406 27.21 -31.36 -31.59
N ALA E 407 28.03 -30.36 -31.91
CA ALA E 407 28.45 -30.16 -33.29
C ALA E 407 29.41 -31.26 -33.75
N MSE E 408 30.15 -31.86 -32.81
CA MSE E 408 31.08 -32.93 -33.15
C MSE E 408 30.73 -34.22 -32.41
O MSE E 408 30.43 -35.24 -33.02
CB MSE E 408 32.52 -32.51 -32.82
N MSE F 4 -14.58 31.17 -54.70
CA MSE F 4 -15.23 31.38 -53.41
C MSE F 4 -15.14 30.11 -52.55
O MSE F 4 -15.35 29.02 -53.06
CB MSE F 4 -16.69 31.78 -53.60
CG MSE F 4 -17.31 32.43 -52.39
SE MSE F 4 -16.45 34.09 -51.92
CE MSE F 4 -17.69 34.66 -50.54
N ASN F 5 -14.81 30.26 -51.27
CA ASN F 5 -14.63 29.10 -50.41
C ASN F 5 -14.83 29.51 -48.95
N LEU F 6 -15.53 28.65 -48.21
CA LEU F 6 -15.79 28.91 -46.79
C LEU F 6 -14.50 28.87 -45.99
N THR F 7 -13.76 27.76 -46.06
CA THR F 7 -12.52 27.64 -45.30
C THR F 7 -11.51 28.69 -45.70
N GLU F 8 -11.44 29.00 -47.00
CA GLU F 8 -10.51 30.02 -47.48
C GLU F 8 -10.96 31.43 -47.13
N LEU F 9 -12.24 31.62 -46.79
CA LEU F 9 -12.74 32.93 -46.39
C LEU F 9 -12.57 33.19 -44.90
N LYS F 10 -12.66 32.16 -44.07
CA LYS F 10 -12.36 32.30 -42.64
C LYS F 10 -10.87 32.30 -42.36
N ASN F 11 -10.07 31.75 -43.29
CA ASN F 11 -8.62 31.79 -43.14
C ASN F 11 -8.05 33.16 -43.47
N THR F 12 -8.72 33.93 -44.31
CA THR F 12 -8.23 35.25 -44.69
C THR F 12 -8.47 36.26 -43.56
N PRO F 13 -7.58 37.23 -43.41
CA PRO F 13 -7.70 38.21 -42.31
C PRO F 13 -9.01 39.00 -42.37
N VAL F 14 -9.29 39.69 -41.26
CA VAL F 14 -10.50 40.51 -41.17
C VAL F 14 -10.42 41.72 -42.08
N SER F 15 -9.23 42.33 -42.17
CA SER F 15 -9.05 43.52 -42.99
C SER F 15 -9.44 43.25 -44.44
N GLU F 16 -8.91 42.17 -45.03
CA GLU F 16 -9.30 41.77 -46.37
C GLU F 16 -10.74 41.28 -46.42
N LEU F 17 -11.28 40.82 -45.30
CA LEU F 17 -12.65 40.30 -45.26
C LEU F 17 -13.68 41.43 -45.20
N ILE F 18 -13.39 42.47 -44.42
CA ILE F 18 -14.32 43.59 -44.31
C ILE F 18 -14.34 44.40 -45.60
N THR F 19 -13.16 44.73 -46.12
CA THR F 19 -13.08 45.49 -47.37
C THR F 19 -13.79 44.76 -48.49
N LEU F 20 -13.61 43.44 -48.58
CA LEU F 20 -14.32 42.65 -49.57
C LEU F 20 -15.83 42.67 -49.31
N GLY F 21 -16.24 42.74 -48.04
CA GLY F 21 -17.66 42.77 -47.72
C GLY F 21 -18.33 44.09 -48.00
N GLU F 22 -17.57 45.18 -48.07
CA GLU F 22 -18.17 46.48 -48.37
C GLU F 22 -18.59 46.57 -49.84
N ASN F 23 -17.78 46.00 -50.74
CA ASN F 23 -18.13 45.99 -52.15
C ASN F 23 -19.44 45.24 -52.39
N MSE F 24 -19.68 44.19 -51.61
CA MSE F 24 -20.90 43.39 -51.75
C MSE F 24 -21.74 43.49 -50.49
O MSE F 24 -21.77 44.52 -49.82
CB MSE F 24 -20.54 41.93 -52.04
CG MSE F 24 -19.59 41.32 -51.03
SE MSE F 24 -19.03 39.53 -51.57
CE MSE F 24 -18.14 39.97 -53.24
N MSE F 32 -19.04 44.34 -36.20
CA MSE F 32 -19.46 42.97 -36.44
C MSE F 32 -18.28 42.01 -36.26
O MSE F 32 -17.13 42.40 -36.41
CB MSE F 32 -20.06 42.83 -37.84
CG MSE F 32 -20.67 41.47 -38.15
SE MSE F 32 -21.77 41.44 -39.75
CE MSE F 32 -20.49 42.19 -41.02
N ARG F 33 -18.58 40.75 -35.93
CA ARG F 33 -17.58 39.73 -35.69
C ARG F 33 -17.19 39.03 -36.99
N LYS F 34 -15.92 38.58 -37.03
CA LYS F 34 -15.40 37.93 -38.22
C LYS F 34 -16.24 36.73 -38.64
N GLN F 35 -16.67 35.92 -37.67
CA GLN F 35 -17.46 34.73 -37.97
C GLN F 35 -18.79 35.08 -38.62
N ASP F 36 -19.30 36.28 -38.34
CA ASP F 36 -20.51 36.76 -39.00
C ASP F 36 -20.21 37.58 -40.25
N ILE F 37 -18.99 38.11 -40.37
CA ILE F 37 -18.59 38.78 -41.61
C ILE F 37 -18.51 37.77 -42.75
N ILE F 38 -17.77 36.69 -42.53
CA ILE F 38 -17.65 35.64 -43.55
C ILE F 38 -19.02 35.08 -43.88
N PHE F 39 -19.86 34.86 -42.87
CA PHE F 39 -21.19 34.33 -43.10
C PHE F 39 -22.04 35.31 -43.90
N ALA F 40 -21.97 36.60 -43.58
CA ALA F 40 -22.72 37.60 -44.32
C ALA F 40 -22.27 37.67 -45.77
N ILE F 41 -20.96 37.56 -46.01
CA ILE F 41 -20.44 37.56 -47.37
C ILE F 41 -20.94 36.35 -48.14
N LEU F 42 -21.06 35.20 -47.45
CA LEU F 42 -21.54 33.99 -48.12
C LEU F 42 -23.04 34.05 -48.37
N LYS F 43 -23.79 34.65 -47.46
CA LYS F 43 -25.24 34.74 -47.63
C LYS F 43 -25.61 35.70 -48.76
N GLN F 44 -24.84 36.78 -48.90
CA GLN F 44 -25.08 37.70 -50.02
C GLN F 44 -24.57 37.12 -51.34
N HIS F 45 -23.48 36.36 -51.30
CA HIS F 45 -22.96 35.71 -52.50
C HIS F 45 -23.88 34.59 -52.98
N ALA F 46 -24.72 34.05 -52.11
CA ALA F 46 -25.72 33.08 -52.53
C ALA F 46 -26.90 33.75 -53.22
N LYS F 47 -27.26 34.96 -52.79
CA LYS F 47 -28.32 35.71 -53.45
C LYS F 47 -27.90 36.26 -54.80
N SER F 48 -26.60 36.41 -55.04
CA SER F 48 -26.11 36.77 -56.36
C SER F 48 -26.24 35.63 -57.37
N GLY F 49 -26.66 34.45 -56.93
CA GLY F 49 -26.76 33.31 -57.80
C GLY F 49 -25.51 32.47 -57.90
N GLU F 50 -24.50 32.73 -57.09
CA GLU F 50 -23.24 31.99 -57.15
C GLU F 50 -23.19 30.88 -56.12
N ILE F 52 -20.53 28.93 -53.94
CA ILE F 52 -20.17 28.63 -52.56
C ILE F 52 -19.71 27.19 -52.42
N PHE F 53 -18.52 26.98 -51.86
CA PHE F 53 -17.94 25.66 -51.69
C PHE F 53 -17.33 25.54 -50.30
N GLY F 54 -17.34 24.33 -49.75
CA GLY F 54 -16.80 24.08 -48.43
C GLY F 54 -16.00 22.78 -48.40
N ASP F 55 -15.38 22.51 -47.24
CA ASP F 55 -14.54 21.34 -47.08
C ASP F 55 -14.27 21.09 -45.60
N GLY F 56 -13.96 19.83 -45.29
CA GLY F 56 -13.67 19.43 -43.93
C GLY F 56 -13.66 17.91 -43.80
N VAL F 57 -13.31 17.45 -42.60
CA VAL F 57 -13.22 16.02 -42.32
C VAL F 57 -14.54 15.54 -41.71
N LEU F 58 -15.06 14.43 -42.25
CA LEU F 58 -16.37 13.94 -41.85
C LEU F 58 -16.35 13.29 -40.48
N GLU F 59 -17.42 13.47 -39.72
CA GLU F 59 -17.60 12.83 -38.41
C GLU F 59 -19.05 12.40 -38.28
N ILE F 60 -19.30 11.09 -38.35
CA ILE F 60 -20.65 10.55 -38.29
C ILE F 60 -21.08 10.46 -36.84
N LEU F 61 -22.19 11.13 -36.51
CA LEU F 61 -22.71 11.12 -35.15
C LEU F 61 -23.53 9.86 -34.90
N GLN F 62 -23.88 9.65 -33.62
CA GLN F 62 -24.70 8.51 -33.25
C GLN F 62 -26.09 8.58 -33.85
N ASP F 63 -26.55 9.78 -34.20
CA ASP F 63 -27.91 9.95 -34.73
C ASP F 63 -28.03 9.46 -36.16
N GLY F 64 -26.93 9.35 -36.90
CA GLY F 64 -26.93 8.94 -38.30
C GLY F 64 -26.38 10.00 -39.24
N PHE F 65 -26.56 11.28 -38.89
CA PHE F 65 -26.03 12.38 -39.68
C PHE F 65 -24.66 12.80 -39.16
N GLY F 66 -23.90 13.46 -40.02
CA GLY F 66 -22.56 13.89 -39.66
C GLY F 66 -22.30 15.32 -40.09
N PHE F 67 -21.24 15.89 -39.51
CA PHE F 67 -20.83 17.26 -39.78
C PHE F 67 -19.35 17.30 -40.12
N LEU F 68 -19.00 18.12 -41.10
CA LEU F 68 -17.62 18.27 -41.55
C LEU F 68 -16.87 19.17 -40.57
N ARG F 69 -15.95 18.60 -39.81
CA ARG F 69 -15.18 19.35 -38.83
C ARG F 69 -13.96 19.98 -39.50
N SER F 70 -13.64 21.20 -39.10
CA SER F 70 -12.53 21.93 -39.67
C SER F 70 -11.23 21.62 -38.93
N ALA F 71 -10.12 21.82 -39.64
CA ALA F 71 -8.81 21.51 -39.06
C ALA F 71 -8.40 22.55 -38.03
N ASP F 72 -8.70 23.83 -38.29
CA ASP F 72 -8.35 24.89 -37.34
C ASP F 72 -9.10 24.73 -36.03
N SER F 73 -10.33 24.20 -36.09
CA SER F 73 -11.08 23.86 -34.88
C SER F 73 -10.61 22.56 -34.25
N SER F 74 -9.49 22.00 -34.72
CA SER F 74 -8.96 20.72 -34.23
C SER F 74 -10.00 19.62 -34.32
N TYR F 75 -10.80 19.67 -35.39
CA TYR F 75 -11.82 18.65 -35.66
C TYR F 75 -12.90 18.61 -34.58
N LEU F 76 -13.29 19.79 -34.10
CA LEU F 76 -14.35 19.91 -33.12
C LEU F 76 -15.52 20.71 -33.68
N ALA F 77 -16.61 20.73 -32.92
CA ALA F 77 -17.82 21.42 -33.35
C ALA F 77 -17.55 22.90 -33.57
N GLY F 78 -18.03 23.41 -34.69
CA GLY F 78 -17.84 24.81 -35.03
C GLY F 78 -19.00 25.38 -35.81
N PRO F 79 -19.21 26.70 -35.67
CA PRO F 79 -20.30 27.34 -36.42
C PRO F 79 -20.13 27.26 -37.93
N ASP F 80 -18.94 26.91 -38.41
CA ASP F 80 -18.66 26.79 -39.84
C ASP F 80 -18.78 25.36 -40.34
N ASP F 81 -19.14 24.41 -39.48
CA ASP F 81 -19.25 23.01 -39.87
C ASP F 81 -20.43 22.80 -40.81
N ILE F 82 -20.27 21.86 -41.72
CA ILE F 82 -21.25 21.61 -42.78
C ILE F 82 -22.04 20.35 -42.43
N TYR F 83 -23.37 20.45 -42.52
CA TYR F 83 -24.24 19.29 -42.29
C TYR F 83 -24.17 18.33 -43.46
N VAL F 84 -24.22 17.03 -43.15
CA VAL F 84 -24.16 15.97 -44.15
C VAL F 84 -25.32 15.02 -43.91
N SER F 85 -26.28 15.02 -44.84
CA SER F 85 -27.47 14.19 -44.69
C SER F 85 -27.09 12.70 -44.70
N PRO F 86 -27.89 11.86 -44.05
CA PRO F 86 -27.62 10.40 -44.10
C PRO F 86 -27.59 9.86 -45.52
N SER F 87 -28.17 10.56 -46.48
CA SER F 87 -28.18 10.10 -47.86
C SER F 87 -26.76 9.95 -48.40
N GLN F 88 -25.97 11.03 -48.34
CA GLN F 88 -24.60 10.97 -48.83
C GLN F 88 -23.80 9.87 -48.15
N ILE F 89 -24.10 9.56 -46.89
CA ILE F 89 -23.40 8.49 -46.18
C ILE F 89 -23.73 7.14 -46.79
N ARG F 90 -24.94 6.98 -47.34
CA ARG F 90 -25.32 5.74 -47.98
C ARG F 90 -24.87 5.70 -49.44
N ARG F 91 -24.97 6.83 -50.14
CA ARG F 91 -24.58 6.88 -51.55
C ARG F 91 -23.10 6.56 -51.73
N PHE F 92 -22.25 7.15 -50.89
CA PHE F 92 -20.80 6.99 -51.02
C PHE F 92 -20.21 6.10 -49.93
N ASN F 93 -21.05 5.46 -49.12
CA ASN F 93 -20.60 4.60 -48.00
C ASN F 93 -19.54 5.33 -47.18
N LEU F 94 -19.85 6.54 -46.77
CA LEU F 94 -18.91 7.37 -46.06
C LEU F 94 -18.77 6.92 -44.61
N ARG F 95 -17.53 6.95 -44.10
CA ARG F 95 -17.24 6.63 -42.72
C ARG F 95 -16.41 7.75 -42.12
N THR F 96 -16.43 7.82 -40.78
CA THR F 96 -15.73 8.88 -40.06
C THR F 96 -14.25 8.91 -40.45
N GLY F 97 -13.76 10.10 -40.79
CA GLY F 97 -12.40 10.29 -41.23
C GLY F 97 -12.27 10.65 -42.70
N ASP F 98 -13.36 10.63 -43.45
CA ASP F 98 -13.32 10.93 -44.88
C ASP F 98 -13.30 12.44 -45.09
N THR F 99 -12.28 12.93 -45.79
CA THR F 99 -12.22 14.34 -46.17
C THR F 99 -13.12 14.60 -47.36
N ILE F 100 -13.95 15.63 -47.28
CA ILE F 100 -14.95 15.93 -48.30
C ILE F 100 -14.82 17.39 -48.73
N SER F 101 -15.02 17.64 -50.02
CA SER F 101 -14.93 18.97 -50.60
C SER F 101 -15.99 19.11 -51.69
N GLY F 102 -16.98 19.96 -51.45
CA GLY F 102 -18.04 20.21 -52.42
C GLY F 102 -18.72 21.54 -52.13
N LYS F 103 -19.72 21.85 -52.94
CA LYS F 103 -20.42 23.13 -52.83
C LYS F 103 -21.51 23.06 -51.76
N ILE F 104 -21.57 24.10 -50.91
CA ILE F 104 -22.50 24.12 -49.78
C ILE F 104 -23.45 25.31 -49.90
N ARG F 105 -24.32 25.50 -48.91
CA ARG F 105 -25.29 26.59 -48.96
C ARG F 105 -25.67 27.02 -47.55
N PRO F 106 -26.07 28.27 -47.36
CA PRO F 106 -26.46 28.73 -46.02
C PRO F 106 -27.80 28.16 -45.61
N PRO F 107 -28.03 27.97 -44.30
CA PRO F 107 -29.30 27.39 -43.85
C PRO F 107 -30.46 28.37 -44.04
N LYS F 108 -31.61 27.83 -44.40
CA LYS F 108 -32.81 28.64 -44.60
C LYS F 108 -33.66 28.71 -43.33
N PHE F 114 -24.96 25.42 -41.97
CA PHE F 114 -24.66 25.21 -43.38
C PHE F 114 -24.95 23.77 -43.79
N ALA F 115 -25.21 23.56 -45.09
CA ALA F 115 -25.55 22.25 -45.61
C ALA F 115 -24.84 22.02 -46.93
N LEU F 116 -24.61 20.76 -47.25
CA LEU F 116 -23.89 20.34 -48.45
C LEU F 116 -24.86 19.77 -49.47
N LEU F 117 -24.79 20.26 -50.70
CA LEU F 117 -25.65 19.76 -51.78
C LEU F 117 -24.97 18.63 -52.55
N LYS F 118 -23.77 18.87 -53.05
CA LYS F 118 -23.08 17.91 -53.89
C LYS F 118 -21.59 17.89 -53.55
N VAL F 119 -21.03 16.69 -53.42
CA VAL F 119 -19.61 16.52 -53.15
C VAL F 119 -18.87 16.43 -54.48
N ASN F 120 -17.73 17.13 -54.55
CA ASN F 120 -16.90 17.07 -55.75
C ASN F 120 -15.69 16.17 -55.60
N GLU F 121 -15.32 15.81 -54.36
CA GLU F 121 -14.12 15.00 -54.15
C GLU F 121 -14.18 14.39 -52.76
N VAL F 122 -13.87 13.10 -52.68
CA VAL F 122 -13.83 12.35 -51.42
C VAL F 122 -12.42 11.82 -51.23
N ASN F 123 -11.77 12.21 -50.13
CA ASN F 123 -10.40 11.80 -49.82
C ASN F 123 -9.45 12.13 -50.96
N PHE F 124 -9.58 13.34 -51.49
CA PHE F 124 -8.73 13.85 -52.57
C PHE F 124 -8.86 13.02 -53.85
N ASP F 125 -9.95 12.26 -53.98
CA ASP F 125 -10.21 11.43 -55.14
C ASP F 125 -11.65 11.60 -55.60
N LYS F 126 -11.94 11.03 -56.76
CA LYS F 126 -13.26 11.20 -57.36
C LYS F 126 -14.29 10.39 -56.59
N PRO F 127 -15.45 10.95 -56.27
CA PRO F 127 -16.43 10.22 -55.45
C PRO F 127 -16.75 8.83 -55.96
N GLU F 128 -16.83 8.65 -57.28
CA GLU F 128 -17.24 7.37 -57.84
C GLU F 128 -16.23 6.27 -57.53
N ASN F 129 -14.94 6.53 -57.79
CA ASN F 129 -13.91 5.53 -57.54
C ASN F 129 -13.67 5.31 -56.06
N ALA F 130 -14.12 6.23 -55.21
CA ALA F 130 -13.92 6.11 -53.77
C ALA F 130 -15.05 5.37 -53.07
N ARG F 131 -16.23 5.28 -53.70
CA ARG F 131 -17.35 4.54 -53.11
C ARG F 131 -16.96 3.10 -52.80
N ASN F 132 -16.35 2.42 -53.77
CA ASN F 132 -16.00 1.02 -53.64
C ASN F 132 -14.51 0.89 -53.32
N LYS F 133 -14.21 0.38 -52.14
CA LYS F 133 -12.82 0.23 -51.70
C LYS F 133 -12.76 -0.77 -50.56
N ILE F 134 -11.59 -1.39 -50.40
CA ILE F 134 -11.41 -2.39 -49.35
C ILE F 134 -11.32 -1.70 -47.99
N LEU F 135 -11.95 -2.30 -46.99
CA LEU F 135 -11.98 -1.73 -45.66
C LEU F 135 -10.59 -1.76 -45.02
N PHE F 136 -10.41 -0.94 -43.99
CA PHE F 136 -9.13 -0.88 -43.29
C PHE F 136 -8.93 -2.11 -42.42
N GLU F 137 -9.99 -2.63 -41.82
CA GLU F 137 -9.88 -3.80 -40.96
C GLU F 137 -9.56 -5.05 -41.76
N ASN F 138 -9.99 -5.10 -43.02
CA ASN F 138 -9.74 -6.25 -43.87
C ASN F 138 -8.30 -6.30 -44.38
N LEU F 139 -7.57 -5.19 -44.31
CA LEU F 139 -6.19 -5.15 -44.79
C LEU F 139 -5.31 -6.08 -43.95
N THR F 140 -4.36 -6.75 -44.62
CA THR F 140 -3.56 -7.76 -43.93
C THR F 140 -2.27 -7.14 -43.39
N PRO F 141 -1.96 -7.36 -42.12
CA PRO F 141 -0.77 -6.74 -41.50
C PRO F 141 0.49 -7.56 -41.71
N LEU F 142 1.61 -6.84 -41.89
CA LEU F 142 2.90 -7.47 -42.12
C LEU F 142 3.98 -6.70 -41.37
N HIS F 143 5.18 -7.28 -41.35
CA HIS F 143 6.35 -6.58 -40.85
C HIS F 143 6.77 -5.51 -41.84
N ALA F 144 7.19 -4.36 -41.32
CA ALA F 144 7.71 -3.30 -42.18
C ALA F 144 8.83 -3.85 -43.04
N ASN F 145 8.74 -3.59 -44.35
CA ASN F 145 9.75 -4.06 -45.29
C ASN F 145 10.40 -2.95 -46.09
N SER F 146 9.89 -1.73 -46.02
CA SER F 146 10.44 -0.59 -46.74
C SER F 146 11.13 0.33 -45.74
N ARG F 147 12.44 0.48 -45.87
CA ARG F 147 13.23 1.26 -44.92
C ARG F 147 12.97 2.76 -45.10
N LEU F 148 12.98 3.49 -43.98
CA LEU F 148 12.80 4.94 -43.96
C LEU F 148 14.02 5.56 -43.29
N ARG F 149 15.05 5.85 -44.08
CA ARG F 149 16.27 6.42 -43.53
C ARG F 149 16.02 7.83 -43.04
N MSE F 150 16.52 8.13 -41.83
CA MSE F 150 16.24 9.40 -41.19
C MSE F 150 17.35 10.43 -41.45
O MSE F 150 17.09 11.63 -41.46
CB MSE F 150 16.04 9.20 -39.69
CG MSE F 150 14.99 8.17 -39.34
SE MSE F 150 13.23 8.58 -40.06
CE MSE F 150 12.94 10.26 -39.16
N GLU F 151 18.58 9.96 -41.65
CA GLU F 151 19.69 10.89 -41.83
C GLU F 151 19.50 11.67 -43.13
N ARG F 152 19.46 13.00 -43.01
CA ARG F 152 19.26 13.82 -44.20
C ARG F 152 20.53 13.89 -45.05
N GLY F 153 21.69 13.72 -44.44
CA GLY F 153 22.94 13.92 -45.15
C GLY F 153 23.35 15.37 -45.31
N ASN F 154 22.61 16.30 -44.72
CA ASN F 154 22.96 17.72 -44.82
C ASN F 154 24.30 18.01 -44.18
N GLY F 155 24.73 17.19 -43.22
CA GLY F 155 25.86 17.54 -42.39
C GLY F 155 25.53 18.46 -41.24
N SER F 156 24.25 18.82 -41.07
CA SER F 156 23.82 19.70 -40.01
C SER F 156 24.00 19.04 -38.65
N THR F 157 23.98 19.87 -37.60
CA THR F 157 24.10 19.36 -36.24
C THR F 157 22.92 18.47 -35.87
N GLU F 158 21.74 18.76 -36.41
CA GLU F 158 20.56 17.97 -36.09
C GLU F 158 20.64 16.57 -36.69
N ASP F 159 21.39 16.41 -37.79
CA ASP F 159 21.51 15.11 -38.44
C ASP F 159 22.11 14.06 -37.51
N LEU F 160 22.86 14.49 -36.50
CA LEU F 160 23.45 13.55 -35.56
C LEU F 160 22.38 12.68 -34.90
N THR F 161 21.24 13.29 -34.55
CA THR F 161 20.14 12.51 -33.97
C THR F 161 19.59 11.50 -34.96
N ALA F 162 19.41 11.91 -36.21
CA ALA F 162 18.87 11.01 -37.22
C ALA F 162 19.86 9.91 -37.59
N ARG F 163 21.17 10.23 -37.58
CA ARG F 163 22.18 9.22 -37.89
C ARG F 163 22.25 8.16 -36.81
N VAL F 164 22.33 8.60 -35.54
CA VAL F 164 22.32 7.65 -34.42
C VAL F 164 21.02 6.85 -34.40
N LEU F 165 19.92 7.46 -34.84
CA LEU F 165 18.65 6.75 -34.89
C LEU F 165 18.68 5.62 -35.91
N ASP F 166 19.25 5.88 -37.09
CA ASP F 166 19.32 4.86 -38.13
C ASP F 166 20.18 3.68 -37.70
N LEU F 167 21.24 3.96 -36.94
CA LEU F 167 22.13 2.89 -36.49
C LEU F 167 21.57 2.11 -35.32
N ALA F 168 20.80 2.77 -34.45
CA ALA F 168 20.28 2.12 -33.25
C ALA F 168 18.94 1.43 -33.51
N SER F 169 18.00 2.12 -34.14
CA SER F 169 16.64 1.59 -34.34
C SER F 169 16.10 2.00 -35.70
N PRO F 170 16.23 1.16 -36.72
CA PRO F 170 15.70 1.50 -38.05
C PRO F 170 14.18 1.59 -38.06
N ILE F 171 13.66 2.49 -38.90
CA ILE F 171 12.22 2.72 -39.02
C ILE F 171 11.79 2.42 -40.45
N GLY F 172 10.61 1.80 -40.59
CA GLY F 172 10.06 1.50 -41.90
C GLY F 172 8.61 1.91 -42.08
N ARG F 173 8.00 1.51 -43.20
CA ARG F 173 6.60 1.83 -43.49
C ARG F 173 5.69 0.87 -42.73
N GLY F 174 4.72 1.43 -42.02
CA GLY F 174 3.90 0.63 -41.13
C GLY F 174 4.54 0.35 -39.79
N GLN F 175 5.62 1.06 -39.46
CA GLN F 175 6.32 0.85 -38.19
C GLN F 175 5.46 1.31 -37.02
N ARG F 176 5.62 0.63 -35.88
CA ARG F 176 4.87 0.94 -34.66
C ARG F 176 5.88 1.04 -33.52
N GLY F 177 6.49 2.22 -33.39
CA GLY F 177 7.57 2.45 -32.46
C GLY F 177 7.18 3.31 -31.26
N LEU F 178 8.10 3.36 -30.30
CA LEU F 178 7.90 4.11 -29.06
C LEU F 178 9.20 4.82 -28.67
N ILE F 179 9.09 6.10 -28.36
CA ILE F 179 10.23 6.90 -27.90
C ILE F 179 10.15 6.94 -26.38
N VAL F 180 10.77 5.98 -25.73
CA VAL F 180 10.68 5.82 -24.28
C VAL F 180 11.77 6.64 -23.61
N ALA F 181 11.43 7.42 -22.59
CA ALA F 181 12.44 8.23 -21.90
C ALA F 181 11.80 8.91 -20.67
N PRO F 182 12.62 9.27 -19.69
CA PRO F 182 12.15 10.07 -18.55
C PRO F 182 11.79 11.48 -18.97
N PRO F 183 11.14 12.25 -18.09
CA PRO F 183 10.82 13.64 -18.44
C PRO F 183 12.08 14.45 -18.72
N LYS F 184 11.98 15.36 -19.68
CA LYS F 184 13.08 16.28 -20.01
C LYS F 184 14.30 15.52 -20.52
N ALA F 185 14.05 14.45 -21.28
CA ALA F 185 15.13 13.65 -21.84
C ALA F 185 15.34 13.86 -23.34
N GLY F 186 14.47 14.62 -23.99
CA GLY F 186 14.61 14.87 -25.42
C GLY F 186 13.67 14.09 -26.31
N LYS F 187 12.48 13.71 -25.83
CA LYS F 187 11.53 13.00 -26.66
C LYS F 187 10.82 13.93 -27.63
N THR F 188 10.35 15.08 -27.15
CA THR F 188 9.72 16.05 -28.03
C THR F 188 10.71 16.53 -29.09
N MSE F 189 11.96 16.73 -28.71
CA MSE F 189 13.01 17.11 -29.66
C MSE F 189 13.25 15.99 -30.66
O MSE F 189 13.63 16.25 -31.81
CB MSE F 189 14.29 17.45 -28.91
CG MSE F 189 14.21 18.74 -28.12
SE MSE F 189 14.10 20.31 -29.24
CE MSE F 189 15.12 21.54 -28.13
N LEU F 190 13.04 14.76 -30.22
CA LEU F 190 13.20 13.61 -31.11
C LEU F 190 12.18 13.67 -32.25
N LEU F 191 10.90 13.87 -31.91
CA LEU F 191 9.87 13.94 -32.94
C LEU F 191 10.09 15.12 -33.87
N GLN F 192 10.62 16.24 -33.35
CA GLN F 192 10.98 17.36 -34.20
C GLN F 192 12.05 16.95 -35.20
N ASN F 193 13.04 16.18 -34.75
CA ASN F 193 14.10 15.71 -35.65
C ASN F 193 13.56 14.66 -36.63
N ILE F 194 12.53 13.92 -36.24
CA ILE F 194 11.92 12.94 -37.13
C ILE F 194 11.09 13.62 -38.21
N ALA F 195 10.19 14.52 -37.78
CA ALA F 195 9.32 15.21 -38.74
C ALA F 195 10.14 15.95 -39.79
N GLN F 196 11.26 16.55 -39.38
CA GLN F 196 12.13 17.22 -40.34
C GLN F 196 12.76 16.22 -41.31
N SER F 197 13.09 15.02 -40.82
CA SER F 197 13.68 14.00 -41.68
C SER F 197 12.63 13.31 -42.54
N ILE F 198 11.37 13.30 -42.08
CA ILE F 198 10.30 12.73 -42.89
C ILE F 198 9.97 13.64 -44.07
N ALA F 199 9.96 14.95 -43.84
CA ALA F 199 9.66 15.88 -44.92
C ALA F 199 10.84 16.06 -45.87
N TYR F 200 12.06 15.94 -45.35
CA TYR F 200 13.25 16.12 -46.19
C TYR F 200 13.56 14.86 -47.01
N ASN F 201 13.42 13.69 -46.39
CA ASN F 201 13.80 12.44 -47.05
C ASN F 201 12.61 11.77 -47.73
N HIS F 202 11.43 11.80 -47.13
CA HIS F 202 10.24 11.12 -47.65
C HIS F 202 9.08 12.10 -47.73
N PRO F 203 9.16 13.11 -48.61
CA PRO F 203 8.03 14.04 -48.77
C PRO F 203 6.79 13.38 -49.35
N ASP F 204 6.93 12.17 -49.91
CA ASP F 204 5.80 11.46 -50.48
C ASP F 204 4.82 10.98 -49.42
N CYS F 205 5.31 10.72 -48.21
CA CYS F 205 4.47 10.19 -47.15
C CYS F 205 3.61 11.28 -46.53
N VAL F 206 2.39 10.91 -46.15
CA VAL F 206 1.47 11.83 -45.46
C VAL F 206 1.88 11.93 -44.01
N LEU F 207 2.23 13.13 -43.57
CA LEU F 207 2.75 13.37 -42.22
C LEU F 207 1.73 14.11 -41.38
N MSE F 208 1.30 13.48 -40.28
CA MSE F 208 0.41 14.10 -39.31
C MSE F 208 1.04 14.06 -37.92
O MSE F 208 1.55 13.04 -37.49
CB MSE F 208 -0.94 13.38 -39.29
CG MSE F 208 -1.74 13.51 -40.57
SE MSE F 208 -3.50 12.68 -40.46
CE MSE F 208 -2.92 10.87 -40.05
N VAL F 209 1.00 15.19 -37.22
CA VAL F 209 1.62 15.33 -35.90
C VAL F 209 0.51 15.57 -34.88
N LEU F 210 0.32 14.61 -33.98
CA LEU F 210 -0.70 14.68 -32.94
C LEU F 210 -0.06 14.94 -31.59
N LEU F 211 -0.39 16.08 -30.98
CA LEU F 211 0.13 16.48 -29.68
C LEU F 211 -1.02 16.48 -28.69
N ILE F 212 -1.00 15.53 -27.75
CA ILE F 212 -2.09 15.31 -26.82
C ILE F 212 -1.65 15.77 -25.43
N ASP F 213 -2.41 16.69 -24.85
CA ASP F 213 -2.26 17.13 -23.45
C ASP F 213 -0.82 17.53 -23.15
N GLU F 214 -0.34 18.51 -23.90
CA GLU F 214 1.04 18.96 -23.75
C GLU F 214 1.09 20.48 -23.73
N ARG F 215 2.30 20.99 -23.60
CA ARG F 215 2.51 22.41 -23.38
C ARG F 215 2.08 23.22 -24.59
N PRO F 216 1.49 24.40 -24.38
CA PRO F 216 1.01 25.20 -25.53
C PRO F 216 2.13 25.85 -26.33
N GLU F 217 3.31 26.03 -25.74
CA GLU F 217 4.43 26.54 -26.52
C GLU F 217 4.98 25.49 -27.47
N GLU F 218 4.73 24.20 -27.19
CA GLU F 218 5.25 23.13 -28.03
C GLU F 218 4.40 22.90 -29.27
N VAL F 219 3.11 23.24 -29.22
CA VAL F 219 2.26 23.09 -30.41
C VAL F 219 2.55 24.21 -31.41
N THR F 220 2.66 25.45 -30.94
CA THR F 220 2.97 26.56 -31.83
C THR F 220 4.32 26.36 -32.51
N GLU F 221 5.30 25.87 -31.76
CA GLU F 221 6.62 25.60 -32.34
C GLU F 221 6.55 24.49 -33.39
N MSE F 222 5.84 23.42 -33.08
CA MSE F 222 5.71 22.28 -33.99
C MSE F 222 5.08 22.69 -35.31
O MSE F 222 5.42 22.16 -36.37
CB MSE F 222 4.87 21.17 -33.33
CG MSE F 222 5.02 19.81 -33.99
SE MSE F 222 6.80 19.07 -33.76
CE MSE F 222 6.59 17.39 -34.72
N GLN F 223 4.16 23.66 -35.24
CA GLN F 223 3.49 24.14 -36.45
C GLN F 223 4.45 24.90 -37.35
N ARG F 224 5.33 25.70 -36.76
CA ARG F 224 6.30 26.48 -37.53
C ARG F 224 7.55 25.69 -37.90
N LEU F 225 7.79 24.55 -37.25
CA LEU F 225 9.02 23.82 -37.45
C LEU F 225 8.96 22.87 -38.63
N VAL F 226 7.87 22.12 -38.78
CA VAL F 226 7.75 21.11 -39.81
C VAL F 226 6.52 21.41 -40.68
N LYS F 227 6.66 21.16 -41.98
CA LYS F 227 5.58 21.37 -42.92
C LYS F 227 4.71 20.12 -43.00
N GLY F 228 3.41 20.30 -42.81
CA GLY F 228 2.47 19.20 -42.78
C GLY F 228 1.19 19.58 -42.05
N GLU F 229 0.61 18.63 -41.33
CA GLU F 229 -0.62 18.88 -40.56
C GLU F 229 -0.34 18.59 -39.09
N VAL F 230 -0.41 19.63 -38.27
CA VAL F 230 -0.15 19.54 -36.83
C VAL F 230 -1.49 19.67 -36.11
N VAL F 231 -2.04 18.55 -35.66
CA VAL F 231 -3.26 18.51 -34.87
C VAL F 231 -2.86 18.32 -33.41
N ALA F 232 -3.29 19.23 -32.54
CA ALA F 232 -2.84 19.21 -31.16
C ALA F 232 -3.98 19.57 -30.21
N SER F 233 -3.71 19.36 -28.92
CA SER F 233 -4.69 19.64 -27.86
C SER F 233 -3.89 19.88 -26.57
N THR F 234 -3.62 21.15 -26.29
CA THR F 234 -2.80 21.52 -25.14
C THR F 234 -3.43 21.05 -23.83
N PHE F 235 -2.66 21.18 -22.73
CA PHE F 235 -3.18 20.81 -21.43
C PHE F 235 -4.24 21.78 -20.93
N ASP F 236 -4.49 22.88 -21.65
CA ASP F 236 -5.60 23.76 -21.34
C ASP F 236 -6.94 23.13 -21.66
N GLU F 237 -6.94 22.09 -22.47
CA GLU F 237 -8.16 21.46 -22.96
C GLU F 237 -8.53 20.26 -22.08
N PRO F 238 -9.83 20.01 -21.94
CA PRO F 238 -10.29 18.89 -21.12
C PRO F 238 -9.81 17.55 -21.68
N ALA F 239 -9.86 16.54 -20.80
CA ALA F 239 -9.48 15.19 -21.23
C ALA F 239 -10.44 14.65 -22.29
N SER F 240 -11.68 15.14 -22.29
CA SER F 240 -12.64 14.72 -23.31
C SER F 240 -12.24 15.21 -24.69
N ARG F 241 -11.59 16.36 -24.76
CA ARG F 241 -11.13 16.87 -26.05
C ARG F 241 -9.92 16.10 -26.55
N HIS F 242 -9.05 15.63 -25.64
CA HIS F 242 -7.89 14.85 -26.04
C HIS F 242 -8.29 13.60 -26.82
N VAL F 243 -9.29 12.88 -26.32
CA VAL F 243 -9.72 11.65 -26.96
C VAL F 243 -10.31 11.94 -28.34
N GLN F 244 -11.29 12.83 -28.38
CA GLN F 244 -11.99 13.11 -29.63
C GLN F 244 -11.02 13.54 -30.73
N VAL F 245 -10.06 14.40 -30.39
CA VAL F 245 -9.06 14.82 -31.37
C VAL F 245 -8.27 13.62 -31.88
N ALA F 246 -7.87 12.73 -30.97
CA ALA F 246 -7.13 11.54 -31.39
C ALA F 246 -8.00 10.59 -32.20
N GLU F 247 -9.29 10.52 -31.88
CA GLU F 247 -10.19 9.66 -32.65
C GLU F 247 -10.33 10.14 -34.08
N MSE F 248 -10.43 11.45 -34.27
CA MSE F 248 -10.58 12.02 -35.61
C MSE F 248 -9.32 11.83 -36.43
O MSE F 248 -9.38 11.58 -37.64
CB MSE F 248 -10.93 13.51 -35.51
CG MSE F 248 -12.30 13.79 -34.94
SE MSE F 248 -13.74 13.25 -36.15
CE MSE F 248 -13.30 14.42 -37.65
N VAL F 249 -8.16 11.93 -35.78
CA VAL F 249 -6.88 11.80 -36.50
C VAL F 249 -6.67 10.37 -36.96
N ILE F 250 -6.94 9.39 -36.10
CA ILE F 250 -6.66 8.00 -36.43
C ILE F 250 -7.62 7.51 -37.52
N GLU F 251 -8.89 7.93 -37.45
CA GLU F 251 -9.84 7.52 -38.47
C GLU F 251 -9.50 8.12 -39.82
N LYS F 252 -9.11 9.40 -39.83
CA LYS F 252 -8.62 10.01 -41.05
C LYS F 252 -7.42 9.25 -41.61
N ALA F 253 -6.51 8.82 -40.72
CA ALA F 253 -5.36 8.03 -41.17
C ALA F 253 -5.80 6.73 -41.84
N LYS F 254 -6.75 6.02 -41.21
CA LYS F 254 -7.21 4.76 -41.78
C LYS F 254 -7.83 4.96 -43.16
N ARG F 255 -8.58 6.06 -43.34
CA ARG F 255 -9.18 6.33 -44.64
C ARG F 255 -8.12 6.55 -45.71
N LEU F 256 -7.05 7.26 -45.36
CA LEU F 256 -5.98 7.50 -46.31
C LEU F 256 -5.23 6.21 -46.64
N VAL F 257 -5.05 5.34 -45.64
CA VAL F 257 -4.41 4.05 -45.88
C VAL F 257 -5.23 3.20 -46.84
N GLU F 258 -6.56 3.32 -46.79
CA GLU F 258 -7.42 2.58 -47.71
C GLU F 258 -7.17 2.99 -49.16
N HIS F 259 -6.71 4.22 -49.38
CA HIS F 259 -6.27 4.65 -50.70
C HIS F 259 -4.82 4.28 -50.98
N LYS F 260 -4.27 3.31 -50.25
CA LYS F 260 -2.89 2.85 -50.40
C LYS F 260 -1.88 3.98 -50.18
N LYS F 261 -2.22 4.91 -49.30
CA LYS F 261 -1.31 6.00 -48.95
C LYS F 261 -0.45 5.61 -47.75
N ASP F 262 0.82 6.03 -47.79
CA ASP F 262 1.77 5.76 -46.72
C ASP F 262 1.65 6.88 -45.69
N VAL F 263 0.90 6.62 -44.62
CA VAL F 263 0.63 7.60 -43.57
C VAL F 263 1.64 7.42 -42.44
N ILE F 264 2.02 8.52 -41.79
CA ILE F 264 2.96 8.51 -40.68
C ILE F 264 2.45 9.48 -39.62
N ILE F 265 2.09 8.96 -38.46
CA ILE F 265 1.58 9.75 -37.34
C ILE F 265 2.64 9.82 -36.25
N LEU F 266 3.00 11.03 -35.84
CA LEU F 266 3.94 11.26 -34.75
C LEU F 266 3.16 11.76 -33.55
N LEU F 267 2.89 10.86 -32.60
CA LEU F 267 2.08 11.17 -31.43
C LEU F 267 2.98 11.58 -30.26
N ASP F 268 2.50 12.55 -29.48
CA ASP F 268 3.21 13.02 -28.30
C ASP F 268 2.24 13.58 -27.26
N SER F 269 1.94 12.78 -26.24
CA SER F 269 2.52 11.45 -26.09
C SER F 269 1.44 10.38 -25.94
N ILE F 270 1.86 9.11 -26.03
CA ILE F 270 0.92 8.01 -25.85
C ILE F 270 0.47 7.91 -24.41
N THR F 271 1.36 8.24 -23.46
CA THR F 271 0.99 8.19 -22.05
C THR F 271 -0.11 9.20 -21.73
N ARG F 272 0.06 10.44 -22.21
CA ARG F 272 -0.93 11.48 -21.96
C ARG F 272 -2.27 11.11 -22.58
N LEU F 273 -2.26 10.51 -23.76
CA LEU F 273 -3.50 10.06 -24.39
C LEU F 273 -4.15 8.95 -23.57
N ALA F 274 -3.35 8.02 -23.05
CA ALA F 274 -3.90 6.94 -22.23
C ALA F 274 -4.48 7.48 -20.92
N ARG F 275 -3.92 8.56 -20.38
CA ARG F 275 -4.48 9.16 -19.17
C ARG F 275 -5.80 9.85 -19.48
N ALA F 276 -5.91 10.48 -20.64
CA ALA F 276 -7.16 11.13 -21.02
C ALA F 276 -8.31 10.13 -21.10
N TYR F 277 -8.04 8.94 -21.65
CA TYR F 277 -9.08 7.91 -21.74
C TYR F 277 -9.54 7.50 -20.35
N ASN F 278 -8.59 7.20 -19.46
CA ASN F 278 -8.94 6.75 -18.11
C ASN F 278 -9.86 7.72 -17.41
N THR F 279 -9.66 9.03 -17.64
CA THR F 279 -10.51 10.03 -17.03
C THR F 279 -11.89 10.11 -17.70
N VAL F 280 -11.95 9.86 -19.00
CA VAL F 280 -13.19 9.99 -19.74
C VAL F 280 -14.04 8.73 -19.62
N VAL F 281 -13.42 7.56 -19.67
CA VAL F 281 -14.18 6.31 -19.79
C VAL F 281 -15.09 6.16 -18.56
N PRO F 282 -16.33 5.72 -18.75
CA PRO F 282 -17.18 5.43 -17.58
C PRO F 282 -16.51 4.40 -16.67
N ALA F 283 -16.66 4.61 -15.37
CA ALA F 283 -16.04 3.76 -14.35
C ALA F 283 -16.19 2.29 -14.70
N SER F 284 -15.06 1.63 -14.97
CA SER F 284 -15.09 0.22 -15.33
C SER F 284 -15.57 -0.62 -14.14
N GLY F 285 -16.08 -1.81 -14.47
CA GLY F 285 -16.50 -2.72 -13.42
C GLY F 285 -15.38 -3.04 -12.44
N LYS F 286 -14.13 -2.93 -12.89
CA LYS F 286 -12.96 -3.14 -12.05
C LYS F 286 -11.93 -2.06 -12.33
N VAL F 287 -11.20 -1.66 -11.30
CA VAL F 287 -10.15 -0.65 -11.41
C VAL F 287 -8.82 -1.30 -11.04
N LEU F 288 -7.94 -1.43 -12.03
CA LEU F 288 -6.61 -1.98 -11.78
C LEU F 288 -5.76 -0.97 -11.01
N THR F 289 -4.66 -1.46 -10.44
CA THR F 289 -3.77 -0.61 -9.65
C THR F 289 -3.08 0.42 -10.52
N GLY F 291 -3.81 4.46 -10.23
CA GLY F 291 -4.92 3.58 -10.53
C GLY F 291 -5.50 3.82 -11.91
N VAL F 292 -5.50 2.77 -12.74
CA VAL F 292 -5.98 2.85 -14.11
C VAL F 292 -7.07 1.81 -14.32
N ASP F 293 -8.10 2.19 -15.07
CA ASP F 293 -9.22 1.31 -15.32
C ASP F 293 -8.85 0.24 -16.35
N ALA F 294 -9.66 -0.82 -16.37
CA ALA F 294 -9.41 -1.96 -17.24
C ALA F 294 -9.76 -1.62 -18.69
N ASN F 295 -11.03 -1.28 -18.93
CA ASN F 295 -11.47 -0.92 -20.28
C ASN F 295 -10.85 0.38 -20.78
N ALA F 296 -10.23 1.16 -19.89
CA ALA F 296 -9.64 2.43 -20.28
C ALA F 296 -8.36 2.24 -21.09
N LEU F 297 -7.62 1.16 -20.83
CA LEU F 297 -6.36 0.93 -21.52
C LEU F 297 -6.54 0.30 -22.89
N HIS F 298 -7.72 -0.25 -23.17
CA HIS F 298 -7.95 -0.88 -24.47
C HIS F 298 -8.09 0.14 -25.58
N ARG F 299 -8.84 1.23 -25.33
CA ARG F 299 -8.97 2.30 -26.29
C ARG F 299 -7.64 2.82 -26.83
N PRO F 300 -6.64 3.16 -26.00
CA PRO F 300 -5.34 3.55 -26.56
C PRO F 300 -4.69 2.45 -27.38
N LYS F 301 -4.92 1.18 -27.02
CA LYS F 301 -4.36 0.09 -27.81
C LYS F 301 -4.99 0.03 -29.20
N ARG F 302 -6.24 0.46 -29.35
CA ARG F 302 -6.84 0.51 -30.68
C ARG F 302 -6.22 1.60 -31.54
N PHE F 303 -5.93 2.76 -30.93
CA PHE F 303 -5.26 3.83 -31.65
C PHE F 303 -3.84 3.43 -32.02
N PHE F 304 -3.09 2.93 -31.05
CA PHE F 304 -1.69 2.58 -31.28
C PHE F 304 -1.56 1.31 -32.10
N GLY F 305 -2.52 0.40 -31.99
CA GLY F 305 -2.50 -0.82 -32.77
C GLY F 305 -2.86 -0.64 -34.23
N ALA F 306 -3.41 0.51 -34.60
CA ALA F 306 -3.73 0.75 -36.00
C ALA F 306 -2.48 0.75 -36.88
N ALA F 307 -1.33 1.11 -36.32
CA ALA F 307 -0.08 1.11 -37.07
C ALA F 307 0.24 -0.30 -37.56
N ARG F 308 0.46 -0.43 -38.86
CA ARG F 308 0.73 -1.73 -39.47
C ARG F 308 1.15 -1.52 -40.92
N ASN F 309 1.78 -2.54 -41.48
CA ASN F 309 2.20 -2.54 -42.87
C ASN F 309 1.21 -3.34 -43.70
N VAL F 310 0.60 -2.70 -44.69
CA VAL F 310 -0.46 -3.31 -45.49
C VAL F 310 0.16 -4.09 -46.65
N GLU F 311 -0.22 -5.35 -46.78
CA GLU F 311 0.20 -6.15 -47.94
C GLU F 311 -0.47 -5.67 -49.22
N GLU F 312 -1.75 -5.32 -49.14
CA GLU F 312 -2.48 -4.86 -50.31
C GLU F 312 -1.86 -3.60 -50.88
N GLY F 313 -1.43 -2.69 -50.01
CA GLY F 313 -0.85 -1.43 -50.43
C GLY F 313 -0.94 -0.35 -49.38
N GLY F 314 0.01 0.58 -49.36
CA GLY F 314 0.04 1.62 -48.35
C GLY F 314 0.52 1.09 -47.01
N SER F 315 0.49 1.99 -46.02
CA SER F 315 0.95 1.64 -44.68
C SER F 315 0.57 2.75 -43.72
N LEU F 316 0.60 2.41 -42.43
CA LEU F 316 0.28 3.34 -41.34
C LEU F 316 1.39 3.26 -40.30
N THR F 317 2.24 4.29 -40.25
CA THR F 317 3.35 4.36 -39.31
C THR F 317 2.94 5.23 -38.12
N ILE F 318 3.24 4.76 -36.90
CA ILE F 318 2.93 5.49 -35.68
C ILE F 318 4.15 5.46 -34.78
N ILE F 319 4.69 6.63 -34.48
CA ILE F 319 5.85 6.79 -33.60
C ILE F 319 5.43 7.70 -32.46
N ALA F 320 4.98 7.10 -31.36
CA ALA F 320 4.56 7.84 -30.18
C ALA F 320 5.63 7.78 -29.10
N THR F 321 5.65 8.79 -28.23
CA THR F 321 6.62 8.89 -27.16
C THR F 321 6.02 8.34 -25.86
N ALA F 322 6.77 7.46 -25.20
CA ALA F 322 6.34 6.87 -23.94
C ALA F 322 7.17 7.46 -22.80
N LEU F 323 6.48 7.76 -21.69
CA LEU F 323 7.09 8.43 -20.54
C LEU F 323 7.31 7.42 -19.43
N ILE F 324 8.50 7.47 -18.81
CA ILE F 324 8.90 6.53 -17.77
C ILE F 324 9.65 7.26 -16.67
N ASP F 325 9.83 6.57 -15.55
CA ASP F 325 10.58 7.08 -14.40
C ASP F 325 10.10 8.46 -13.97
N THR F 326 8.78 8.60 -13.88
CA THR F 326 8.16 9.84 -13.45
C THR F 326 7.68 9.80 -12.01
N GLY F 327 7.90 8.69 -11.31
CA GLY F 327 7.35 8.53 -9.98
C GLY F 327 5.86 8.28 -9.93
N SER F 328 5.25 7.93 -11.06
CA SER F 328 3.81 7.72 -11.15
C SER F 328 3.56 6.28 -11.55
N LYS F 329 2.86 5.54 -10.68
CA LYS F 329 2.49 4.17 -11.00
C LYS F 329 1.64 4.10 -12.26
N MSE F 330 0.76 5.08 -12.45
CA MSE F 330 -0.12 5.14 -13.61
C MSE F 330 0.68 5.22 -14.91
O MSE F 330 0.32 4.61 -15.90
CB MSE F 330 -1.08 6.33 -13.50
CG MSE F 330 -2.13 6.38 -14.59
SE MSE F 330 -3.39 7.84 -14.31
CE MSE F 330 -4.52 7.55 -15.87
N ASP F 331 1.78 5.97 -14.88
CA ASP F 331 2.65 6.05 -16.05
C ASP F 331 3.42 4.74 -16.27
N GLU F 332 3.76 4.04 -15.18
CA GLU F 332 4.45 2.76 -15.31
C GLU F 332 3.51 1.66 -15.78
N VAL F 333 2.22 1.76 -15.45
CA VAL F 333 1.26 0.77 -15.93
C VAL F 333 0.99 0.97 -17.41
N ILE F 334 0.82 2.22 -17.86
CA ILE F 334 0.64 2.51 -19.27
C ILE F 334 1.81 1.99 -20.08
N TYR F 335 3.02 2.12 -19.53
CA TYR F 335 4.21 1.68 -20.27
C TYR F 335 4.30 0.15 -20.31
N GLU F 336 3.91 -0.53 -19.22
CA GLU F 336 3.95 -1.98 -19.21
C GLU F 336 2.99 -2.58 -20.23
N GLU F 337 1.83 -1.95 -20.41
CA GLU F 337 0.83 -2.45 -21.36
C GLU F 337 1.23 -2.17 -22.80
N PHE F 338 2.03 -1.12 -23.03
CA PHE F 338 2.50 -0.77 -24.35
C PHE F 338 3.95 -1.16 -24.59
N LYS F 339 4.59 -1.82 -23.62
CA LYS F 339 6.00 -2.18 -23.74
C LYS F 339 6.22 -3.19 -24.86
N GLY F 340 5.62 -4.38 -24.74
CA GLY F 340 5.73 -5.42 -25.73
C GLY F 340 4.85 -5.24 -26.95
N THR F 341 4.15 -4.11 -27.03
CA THR F 341 3.28 -3.83 -28.17
C THR F 341 4.07 -3.34 -29.38
N GLY F 342 4.94 -2.35 -29.17
CA GLY F 342 5.67 -1.78 -30.28
C GLY F 342 6.76 -2.70 -30.79
N ASN F 343 6.94 -2.72 -32.10
CA ASN F 343 8.02 -3.45 -32.73
C ASN F 343 9.28 -2.60 -32.90
N MSE F 344 9.27 -1.37 -32.40
CA MSE F 344 10.41 -0.46 -32.49
C MSE F 344 10.49 0.35 -31.20
O MSE F 344 9.48 0.84 -30.72
CB MSE F 344 10.27 0.44 -33.72
CG MSE F 344 11.36 1.49 -33.89
SE MSE F 344 11.09 3.13 -32.87
CE MSE F 344 12.69 4.09 -33.45
N GLU F 345 11.68 0.48 -30.63
CA GLU F 345 11.82 1.20 -29.36
C GLU F 345 13.11 2.00 -29.36
N LEU F 346 13.01 3.28 -29.03
CA LEU F 346 14.15 4.19 -28.96
C LEU F 346 14.19 4.81 -27.57
N HIS F 347 15.07 4.29 -26.72
CA HIS F 347 15.17 4.74 -25.34
C HIS F 347 16.11 5.93 -25.22
N LEU F 348 15.79 6.85 -24.33
CA LEU F 348 16.62 8.00 -24.02
C LEU F 348 16.92 8.02 -22.53
N SER F 349 18.13 8.40 -22.17
CA SER F 349 18.58 8.39 -20.79
C SER F 349 18.58 9.80 -20.20
N ARG F 350 18.13 9.91 -18.95
CA ARG F 350 18.18 11.19 -18.26
C ARG F 350 19.61 11.54 -17.84
N LYS F 351 20.42 10.53 -17.50
CA LYS F 351 21.80 10.81 -17.09
C LYS F 351 22.61 11.39 -18.25
N ILE F 352 22.34 10.93 -19.47
CA ILE F 352 22.99 11.52 -20.64
C ILE F 352 22.46 12.92 -20.88
N ALA F 353 21.18 13.17 -20.58
CA ALA F 353 20.61 14.49 -20.80
C ALA F 353 21.11 15.49 -19.77
N GLU F 354 21.31 15.04 -18.52
CA GLU F 354 21.85 15.92 -17.48
C GLU F 354 23.27 16.35 -17.79
N LYS F 355 24.05 15.48 -18.44
CA LYS F 355 25.37 15.85 -18.94
C LYS F 355 25.29 16.67 -20.22
N ARG F 356 24.08 16.98 -20.70
CA ARG F 356 23.87 17.82 -21.87
C ARG F 356 24.53 17.23 -23.12
N VAL F 357 24.46 15.91 -23.25
CA VAL F 357 25.02 15.20 -24.39
C VAL F 357 23.84 14.75 -25.25
N PHE F 358 23.62 15.46 -26.36
CA PHE F 358 22.52 15.14 -27.26
C PHE F 358 23.03 14.57 -28.59
N PRO F 359 22.28 13.63 -29.18
CA PRO F 359 21.03 13.08 -28.62
C PRO F 359 21.27 12.09 -27.49
N ALA F 360 20.54 12.27 -26.39
CA ALA F 360 20.71 11.44 -25.20
C ALA F 360 19.97 10.11 -25.42
N ILE F 361 20.57 9.24 -26.20
CA ILE F 361 19.97 7.96 -26.58
C ILE F 361 20.63 6.82 -25.79
N ASP F 362 19.82 5.85 -25.38
CA ASP F 362 20.33 4.63 -24.77
C ASP F 362 20.48 3.59 -25.86
N TYR F 363 21.71 3.48 -26.40
CA TYR F 363 21.94 2.63 -27.57
C TYR F 363 21.67 1.17 -27.28
N ASN F 364 21.93 0.72 -26.05
CA ASN F 364 21.81 -0.70 -25.74
C ASN F 364 20.35 -1.15 -25.71
N ARG F 365 19.48 -0.36 -25.08
CA ARG F 365 18.07 -0.73 -25.00
C ARG F 365 17.31 -0.45 -26.29
N SER F 366 17.86 0.38 -27.17
CA SER F 366 17.20 0.71 -28.43
C SER F 366 17.38 -0.42 -29.43
N GLY F 367 16.36 -0.63 -30.25
CA GLY F 367 16.40 -1.68 -31.26
C GLY F 367 15.02 -1.90 -31.84
N THR F 368 15.00 -2.63 -32.95
CA THR F 368 13.76 -2.90 -33.68
C THR F 368 13.64 -4.38 -34.00
N ARG F 369 12.38 -4.82 -34.15
CA ARG F 369 12.08 -6.21 -34.49
C ARG F 369 12.18 -6.42 -36.00
N LYS F 370 12.69 -7.59 -36.38
CA LYS F 370 12.81 -7.97 -37.79
C LYS F 370 13.49 -6.87 -38.60
N GLU F 371 14.57 -6.32 -38.05
CA GLU F 371 15.30 -5.25 -38.72
C GLU F 371 16.11 -5.75 -39.91
N GLU F 372 16.25 -7.07 -40.08
CA GLU F 372 16.92 -7.61 -41.26
C GLU F 372 16.13 -7.36 -42.55
N LEU F 373 14.86 -6.95 -42.43
CA LEU F 373 14.06 -6.58 -43.58
C LEU F 373 14.18 -5.11 -43.93
N LEU F 374 14.75 -4.30 -43.03
CA LEU F 374 14.92 -2.87 -43.26
C LEU F 374 16.33 -2.49 -43.66
N THR F 375 17.31 -3.33 -43.37
CA THR F 375 18.71 -3.03 -43.65
C THR F 375 19.31 -4.10 -44.57
N THR F 376 20.31 -3.70 -45.33
CA THR F 376 21.02 -4.64 -46.18
C THR F 376 21.83 -5.62 -45.32
N GLN F 377 22.20 -6.75 -45.94
CA GLN F 377 22.93 -7.78 -45.21
C GLN F 377 24.19 -7.22 -44.56
N GLU F 378 25.02 -6.53 -45.35
CA GLU F 378 26.23 -5.95 -44.81
C GLU F 378 25.92 -4.90 -43.74
N GLU F 379 24.92 -4.05 -43.99
CA GLU F 379 24.52 -3.05 -43.01
C GLU F 379 24.16 -3.69 -41.68
N LEU F 380 23.25 -4.68 -41.72
CA LEU F 380 22.85 -5.37 -40.50
C LEU F 380 24.06 -5.97 -39.78
N GLN F 381 25.03 -6.48 -40.54
CA GLN F 381 26.22 -7.06 -39.92
C GLN F 381 27.07 -6.00 -39.26
N LYS F 382 27.30 -4.87 -39.95
CA LYS F 382 28.11 -3.81 -39.38
C LYS F 382 27.40 -3.13 -38.21
N MSE F 383 26.08 -3.18 -38.18
CA MSE F 383 25.34 -2.64 -37.05
C MSE F 383 25.46 -3.58 -35.86
O MSE F 383 25.51 -3.13 -34.72
CB MSE F 383 23.86 -2.42 -37.41
CG MSE F 383 23.65 -1.37 -38.50
SE MSE F 383 21.77 -0.96 -38.80
CE MSE F 383 21.06 -2.76 -38.77
N TRP F 384 25.51 -4.89 -36.13
CA TRP F 384 25.70 -5.86 -35.05
C TRP F 384 27.10 -5.75 -34.46
N ILE F 385 28.11 -5.55 -35.31
CA ILE F 385 29.47 -5.35 -34.82
C ILE F 385 29.54 -4.08 -33.97
N LEU F 386 28.85 -3.03 -34.42
CA LEU F 386 28.86 -1.76 -33.69
C LEU F 386 28.18 -1.90 -32.33
N ARG F 387 27.10 -2.68 -32.27
CA ARG F 387 26.39 -2.88 -31.00
C ARG F 387 27.20 -3.74 -30.04
N LYS F 388 28.02 -4.66 -30.56
CA LYS F 388 28.87 -5.47 -29.69
C LYS F 388 29.95 -4.63 -29.03
N ILE F 389 30.53 -3.68 -29.77
CA ILE F 389 31.57 -2.82 -29.21
C ILE F 389 31.00 -1.89 -28.16
N ILE F 390 29.77 -1.42 -28.39
CA ILE F 390 29.16 -0.43 -27.50
C ILE F 390 28.52 -1.09 -26.28
N HIS F 391 28.05 -2.34 -26.42
CA HIS F 391 27.41 -3.06 -25.33
C HIS F 391 28.13 -2.95 -23.98
N PRO F 392 29.44 -3.22 -23.87
CA PRO F 392 30.06 -3.13 -22.54
C PRO F 392 30.06 -1.73 -21.95
N MSE F 393 30.15 -0.70 -22.78
CA MSE F 393 30.24 0.68 -22.30
C MSE F 393 28.99 1.11 -21.55
O MSE F 393 27.91 0.53 -21.73
CB MSE F 393 30.48 1.63 -23.48
CG MSE F 393 31.57 1.18 -24.44
SE MSE F 393 31.74 2.38 -25.98
CE MSE F 393 33.09 1.39 -26.99
N GLY F 394 29.13 2.11 -20.68
CA GLY F 394 27.97 2.72 -20.05
C GLY F 394 27.15 3.49 -21.06
N GLU F 395 26.00 3.99 -20.60
CA GLU F 395 25.11 4.70 -21.52
C GLU F 395 25.66 6.07 -21.89
N ILE F 396 26.35 6.75 -20.95
CA ILE F 396 26.97 8.03 -21.25
C ILE F 396 28.23 7.83 -22.10
N ASP F 397 29.06 6.85 -21.72
CA ASP F 397 30.27 6.57 -22.49
C ASP F 397 29.93 6.07 -23.89
N ALA F 398 28.82 5.34 -24.03
CA ALA F 398 28.45 4.80 -25.34
C ALA F 398 28.07 5.91 -26.31
N MSE F 399 27.32 6.89 -25.85
CA MSE F 399 26.83 7.94 -26.73
C MSE F 399 27.93 8.91 -27.11
O MSE F 399 28.07 9.26 -28.28
CB MSE F 399 25.66 8.67 -26.07
CG MSE F 399 24.86 9.54 -27.02
SE MSE F 399 24.42 8.64 -28.71
CE MSE F 399 23.69 6.96 -28.02
N GLU F 400 28.72 9.34 -26.13
CA GLU F 400 29.88 10.19 -26.43
C GLU F 400 30.83 9.49 -27.38
N PHE F 401 30.97 8.17 -27.25
CA PHE F 401 31.80 7.40 -28.16
C PHE F 401 31.20 7.36 -29.56
N LEU F 402 29.88 7.21 -29.65
CA LEU F 402 29.24 7.12 -30.96
C LEU F 402 29.22 8.48 -31.66
N ILE F 403 28.89 9.54 -30.93
CA ILE F 403 28.90 10.88 -31.51
C ILE F 403 30.28 11.22 -32.05
N ASN F 404 31.33 10.83 -31.31
CA ASN F 404 32.69 11.14 -31.73
C ASN F 404 33.03 10.45 -33.06
N LYS F 405 32.72 9.15 -33.17
CA LYS F 405 33.03 8.42 -34.38
C LYS F 405 32.25 8.97 -35.58
N LEU F 406 31.01 9.40 -35.36
CA LEU F 406 30.21 9.95 -36.43
C LEU F 406 30.60 11.38 -36.79
N ALA F 407 31.23 12.11 -35.87
CA ALA F 407 31.65 13.47 -36.17
C ALA F 407 32.70 13.51 -37.27
N MSE F 408 33.57 12.50 -37.33
CA MSE F 408 34.60 12.41 -38.36
C MSE F 408 34.00 12.29 -39.75
O MSE F 408 34.68 12.53 -40.75
CB MSE F 408 35.50 11.21 -38.08
CG MSE F 408 36.17 11.22 -36.72
SE MSE F 408 36.86 9.47 -36.21
CE MSE F 408 37.91 9.09 -37.82
N THR F 409 32.73 11.93 -39.83
CA THR F 409 32.07 11.62 -41.09
C THR F 409 30.88 12.54 -41.31
N LYS F 410 30.53 12.72 -42.58
CA LYS F 410 29.34 13.48 -42.97
C LYS F 410 28.11 12.60 -43.15
N THR F 411 28.29 11.35 -43.59
CA THR F 411 27.18 10.43 -43.81
C THR F 411 27.48 9.09 -43.16
N ASN F 412 26.43 8.39 -42.74
CA ASN F 412 26.62 7.09 -42.11
C ASN F 412 27.36 6.13 -43.04
N ASP F 413 27.09 6.20 -44.33
CA ASP F 413 27.71 5.27 -45.29
C ASP F 413 29.23 5.37 -45.24
N ASP F 414 29.77 6.57 -45.36
CA ASP F 414 31.23 6.72 -45.27
C ASP F 414 31.75 6.28 -43.92
N PHE F 415 30.92 6.37 -42.87
CA PHE F 415 31.30 5.83 -41.57
C PHE F 415 31.34 4.30 -41.59
N PHE F 416 30.45 3.67 -42.37
CA PHE F 416 30.43 2.22 -42.47
C PHE F 416 31.71 1.69 -43.13
N GLU F 417 32.12 2.32 -44.23
CA GLU F 417 33.26 1.81 -45.00
C GLU F 417 34.53 1.80 -44.17
N MSE F 418 34.67 2.70 -43.21
CA MSE F 418 35.83 2.73 -42.33
C MSE F 418 35.99 1.42 -41.57
O MSE F 418 37.10 0.93 -41.39
CB MSE F 418 35.73 3.90 -41.34
CG MSE F 418 35.90 5.27 -41.98
SE MSE F 418 35.96 6.69 -40.65
CE MSE F 418 36.35 8.20 -41.84
N MSE F 419 34.86 0.85 -41.14
CA MSE F 419 34.87 -0.42 -40.43
C MSE F 419 35.22 -1.57 -41.36
O MSE F 419 35.21 -2.73 -40.96
CB MSE F 419 33.52 -0.66 -39.76
CG MSE F 419 33.15 0.38 -38.71
SE MSE F 419 31.41 0.04 -37.89
CE MSE F 419 30.31 0.20 -39.48
PB ADP H . 11.63 25.76 2.77
O1B ADP H . 10.98 27.01 2.22
O2B ADP H . 11.04 25.28 4.06
O3B ADP H . 11.87 24.68 1.74
PA ADP H . 13.35 27.67 3.88
O1A ADP H . 12.22 27.86 4.88
O2A ADP H . 13.62 28.69 2.82
O3A ADP H . 13.11 26.25 3.17
O5' ADP H . 14.70 27.42 4.71
C5' ADP H . 14.69 27.59 6.13
C4' ADP H . 16.08 27.87 6.67
O4' ADP H . 17.10 27.42 5.77
C3' ADP H . 16.32 29.35 6.86
O3' ADP H . 16.01 29.78 8.18
C2' ADP H . 17.80 29.55 6.58
O2' ADP H . 18.52 29.64 7.81
C1' ADP H . 18.23 28.31 5.82
N9 ADP H . 18.58 28.76 4.45
C8 ADP H . 17.89 28.50 3.32
N7 ADP H . 18.49 29.07 2.25
C5 ADP H . 19.58 29.73 2.69
C6 ADP H . 20.65 30.55 2.08
N6 ADP H . 20.67 30.79 0.75
N1 ADP H . 21.60 31.05 2.90
C2 ADP H . 21.58 30.82 4.23
N3 ADP H . 20.64 30.09 4.85
C4 ADP H . 19.63 29.52 4.14
MG MG I . 9.12 27.43 2.89
BE BEF J . 9.52 24.40 4.12
F1 BEF J . 9.21 23.90 5.56
F2 BEF J . 8.87 23.47 3.05
F3 BEF J . 9.00 25.85 4.02
PB ADP K . 10.88 8.97 24.69
O1B ADP K . 10.26 10.15 25.42
O2B ADP K . 10.14 7.68 24.87
O3B ADP K . 11.29 9.29 23.27
PA ADP K . 12.37 8.84 27.06
O1A ADP K . 12.74 10.25 27.43
O2A ADP K . 11.12 8.19 27.62
O3A ADP K . 12.28 8.74 25.45
O5' ADP K . 13.61 7.87 27.39
C5' ADP K . 13.41 6.75 28.24
C4' ADP K . 14.71 6.30 28.88
O4' ADP K . 15.86 6.75 28.15
C3' ADP K . 14.87 6.87 30.28
O3' ADP K . 14.37 5.98 31.28
C2' ADP K . 16.36 7.06 30.45
O2' ADP K . 16.92 6.00 31.22
C1' ADP K . 16.93 7.05 29.04
N9 ADP K . 17.44 8.41 28.78
C8 ADP K . 16.92 9.32 27.92
N7 ADP K . 17.63 10.47 27.94
C5 ADP K . 18.62 10.33 28.83
C6 ADP K . 19.74 11.16 29.34
N6 ADP K . 19.92 12.43 28.88
N1 ADP K . 20.55 10.63 30.27
C2 ADP K . 20.38 9.38 30.74
N3 ADP K . 19.39 8.57 30.32
C4 ADP K . 18.49 8.97 29.39
MG MG L . 8.32 9.95 25.94
BE BEF M . 8.67 7.32 23.99
F1 BEF M . 8.19 5.86 24.25
F2 BEF M . 8.19 7.83 22.59
F3 BEF M . 8.10 8.20 25.13
PB ADP N . 8.39 -18.29 21.38
O1B ADP N . 9.00 -16.97 21.01
O2B ADP N . 7.58 -18.27 22.66
O3B ADP N . 7.72 -19.02 20.25
PA ADP N . 9.47 -20.56 22.62
O1A ADP N . 9.69 -20.21 24.07
O2A ADP N . 8.20 -21.23 22.17
O3A ADP N . 9.66 -19.21 21.75
O5' ADP N . 10.72 -21.46 22.12
C5' ADP N . 10.45 -22.74 21.55
C4' ADP N . 11.67 -23.66 21.64
O4' ADP N . 12.87 -22.92 21.84
C3' ADP N . 11.56 -24.58 22.85
O3' ADP N . 10.97 -25.83 22.49
C2' ADP N . 12.99 -24.79 23.30
O2' ADP N . 13.48 -26.04 22.83
C1' ADP N . 13.78 -23.64 22.68
N9 ADP N . 14.22 -22.79 23.80
C8 ADP N . 13.79 -21.56 24.08
N7 ADP N . 14.41 -21.06 25.19
C5 ADP N . 15.25 -22.01 25.64
C6 ADP N . 16.21 -22.12 26.76
N6 ADP N . 16.39 -21.12 27.65
N1 ADP N . 16.90 -23.29 26.87
C2 ADP N . 16.73 -24.29 25.99
N3 ADP N . 15.89 -24.25 24.95
C4 ADP N . 15.13 -23.14 24.72
MG MG O . 5.60 -18.61 22.48
BE BEF P . 6.43 -18.30 19.31
F1 BEF P . 6.02 -19.20 18.12
F2 BEF P . 6.16 -16.79 19.00
F3 BEF P . 5.64 -18.77 20.55
PB ADP Q . 7.88 -29.62 -4.15
O1B ADP Q . 8.42 -28.75 -3.05
O2B ADP Q . 6.87 -30.65 -3.71
O3B ADP Q . 7.49 -28.87 -5.41
PA ADP Q . 8.96 -31.85 -5.45
O1A ADP Q . 8.87 -33.01 -4.48
O2A ADP Q . 7.84 -31.62 -6.45
O3A ADP Q . 9.15 -30.50 -4.62
O5' ADP Q . 10.33 -31.96 -6.28
C5' ADP Q . 10.29 -32.00 -7.70
C4' ADP Q . 11.55 -32.64 -8.28
O4' ADP Q . 12.64 -32.60 -7.35
C3' ADP Q . 11.32 -34.11 -8.59
O3' ADP Q . 10.93 -34.29 -9.95
C2' ADP Q . 12.67 -34.76 -8.36
O2' ADP Q . 13.34 -34.96 -9.59
C1' ADP Q . 13.44 -33.78 -7.48
N9 ADP Q . 13.62 -34.43 -6.17
C8 ADP Q . 13.03 -34.07 -5.02
N7 ADP Q . 13.39 -34.89 -4.00
C5 ADP Q . 14.24 -35.81 -4.51
C6 ADP Q . 14.99 -36.97 -3.99
N6 ADP Q . 14.93 -37.33 -2.67
N1 ADP Q . 15.76 -37.67 -4.86
C2 ADP Q . 15.84 -37.33 -6.15
N3 ADP Q . 15.18 -36.28 -6.70
C4 ADP Q . 14.38 -35.50 -5.94
MG MG R . 4.99 -30.42 -4.40
BE BEF S . 6.31 -27.57 -5.38
F1 BEF S . 6.19 -26.87 -6.76
F2 BEF S . 5.96 -26.58 -4.21
F3 BEF S . 5.37 -28.79 -5.38
PB ADP T . 10.67 15.42 -23.28
O1B ADP T . 10.13 16.17 -22.09
O2B ADP T . 9.86 15.62 -24.54
O3B ADP T . 11.07 14.00 -23.01
PA ADP T . 12.08 17.58 -24.38
O1A ADP T . 10.92 18.40 -23.86
O2A ADP T . 12.22 17.30 -25.85
O3A ADP T . 12.06 16.16 -23.60
O5' ADP T . 13.44 18.25 -23.85
C5' ADP T . 13.38 19.50 -23.18
C4' ADP T . 14.72 20.23 -23.24
O4' ADP T . 15.81 19.33 -23.49
C3' ADP T . 14.75 21.25 -24.37
O3' ADP T . 14.35 22.54 -23.93
C2' ADP T . 16.18 21.26 -24.83
O2' ADP T . 16.86 22.39 -24.28
C1' ADP T . 16.80 19.98 -24.31
N9 ADP T . 17.10 19.15 -25.50
C8 ADP T . 16.48 18.00 -25.84
N7 ADP T . 17.01 17.49 -26.99
C5 ADP T . 17.98 18.34 -27.39
C6 ADP T . 18.94 18.40 -28.52
N6 ADP T . 18.95 17.43 -29.48
N1 ADP T . 19.80 19.44 -28.57
C2 ADP T . 19.79 20.39 -27.62
N3 ADP T . 18.96 20.40 -26.57
C4 ADP T . 18.04 19.41 -26.40
MG MG U . 7.95 16.23 -24.30
BE BEF V . 8.75 15.58 -21.18
F1 BEF V . 8.49 16.45 -19.91
F2 BEF V . 8.26 14.10 -20.96
F3 BEF V . 8.03 16.26 -22.36
#